data_9CBO
#
_entry.id   9CBO
#
_cell.length_a   187.769
_cell.length_b   187.769
_cell.length_c   325.547
_cell.angle_alpha   90.00
_cell.angle_beta   90.00
_cell.angle_gamma   90.00
#
_symmetry.space_group_name_H-M   'P 41 21 2'
#
loop_
_entity.id
_entity.type
_entity.pdbx_description
1 polymer 'Methionine synthase'
2 non-polymer CO-METHYLCOBALAMIN
3 non-polymer GLYCEROL
4 water water
#
_entity_poly.entity_id   1
_entity_poly.type   'polypeptide(L)'
_entity_poly.pdbx_seq_one_letter_code
;QEASLFLVGERLNATGSKRFREMLFARDLEGILALAREQVEEGAHALDLSVAWTGRDELEDLRWLLPHLATALTVPVMVD
STSPEAMELALKYLPGRVLLNSANLEDGLERFDRVASLAKAHGAALVVLAIDEKGMAKTREEKVRVALRMYERLTEHHGL
RPEDLLFDLLTFPITQGDEESRPLAKETLLAMEELRERLPGVGFVLGVSNVSFGLKPRARRVLNSVFLDEARKRGLTAAI
VDAGKILPISQIPEEAYALALDLIYDRRKEGFDPLLAFMAYFEAHKEDPGKREDAFLALPLLERLKRRVVEGRKQGLEAD
LEEALKAGHKPLDLINGPLLAGMKEVGDLFGAGKMQLPFVLQAAEVMKRAVAYLEPHMEKKGEGKGTLVLATVKGAVHDI
GKNLVDIILSNNGYRVVNLGIKVPIEEILKAVEAHKPHAVGMSGLLVKSTLVMKENLEYMRDRGYTLPVILGGAALTRSY
VEELRAIYPNVYYAEDAFEGLRLMEELTGHA
;
_entity_poly.pdbx_strand_id   A,B,C,D,E,F
#
loop_
_chem_comp.id
_chem_comp.type
_chem_comp.name
_chem_comp.formula
COB non-polymer CO-METHYLCOBALAMIN 'C63 H91 Co N13 O14 P 1'
GOL non-polymer GLYCEROL 'C3 H8 O3'
#
# COMPACT_ATOMS: atom_id res chain seq x y z
N GLN A 1 5.34 42.86 -7.19
CA GLN A 1 5.25 41.66 -8.04
C GLN A 1 3.76 41.42 -8.38
N GLU A 2 3.08 40.48 -7.69
CA GLU A 2 1.79 39.93 -8.13
C GLU A 2 0.74 41.04 -8.18
N ALA A 3 0.63 41.81 -7.08
CA ALA A 3 0.00 43.14 -7.00
C ALA A 3 0.63 43.90 -5.80
N SER A 4 0.70 45.23 -5.91
CA SER A 4 1.14 46.02 -4.78
C SER A 4 0.20 45.77 -3.60
N LEU A 5 0.76 46.12 -2.47
CA LEU A 5 0.15 45.91 -1.18
C LEU A 5 -0.62 47.15 -0.74
N PHE A 6 -1.84 46.93 -0.29
CA PHE A 6 -2.73 48.01 0.13
C PHE A 6 -2.32 48.46 1.52
N LEU A 7 -1.75 49.68 1.60
CA LEU A 7 -1.23 50.16 2.88
C LEU A 7 -2.27 50.99 3.62
N VAL A 8 -2.46 50.68 4.91
CA VAL A 8 -3.43 51.36 5.74
C VAL A 8 -2.70 52.10 6.87
N GLY A 9 -2.92 53.41 6.94
CA GLY A 9 -2.17 54.25 7.84
C GLY A 9 -2.68 54.19 9.28
N GLU A 10 -1.74 53.73 10.13
CA GLU A 10 -2.10 53.29 11.47
C GLU A 10 -2.33 54.44 12.45
N ARG A 11 -1.92 55.67 12.08
CA ARG A 11 -1.63 56.68 13.07
C ARG A 11 -2.89 57.29 13.68
N LEU A 12 -4.05 57.24 12.98
CA LEU A 12 -5.25 57.86 13.54
C LEU A 12 -5.99 56.90 14.45
N ASN A 13 -5.37 56.52 15.56
CA ASN A 13 -5.85 55.42 16.40
C ASN A 13 -5.59 55.75 17.86
N ALA A 14 -6.67 56.00 18.60
CA ALA A 14 -6.57 56.51 19.95
C ALA A 14 -5.83 55.53 20.83
N THR A 15 -6.03 54.23 20.62
CA THR A 15 -5.37 53.24 21.46
C THR A 15 -3.89 53.20 21.19
N GLY A 16 -3.50 53.31 19.90
CA GLY A 16 -2.12 53.07 19.43
C GLY A 16 -1.27 54.30 19.55
N SER A 17 -1.71 55.44 19.00
CA SER A 17 -0.93 56.67 18.96
C SER A 17 -1.29 57.57 20.13
N LYS A 18 -0.34 57.80 21.04
CA LYS A 18 -0.58 58.71 22.16
C LYS A 18 -0.83 60.09 21.56
N ARG A 19 -0.10 60.46 20.49
CA ARG A 19 -0.19 61.78 19.89
C ARG A 19 -1.57 62.07 19.33
N PHE A 20 -2.19 61.08 18.71
CA PHE A 20 -3.54 61.22 18.16
C PHE A 20 -4.56 61.31 19.29
N ARG A 21 -4.34 60.52 20.34
CA ARG A 21 -5.22 60.48 21.49
C ARG A 21 -5.36 61.89 22.01
N GLU A 22 -4.22 62.51 22.36
CA GLU A 22 -4.15 63.84 22.96
C GLU A 22 -4.74 64.88 22.01
N MET A 23 -4.58 64.68 20.70
CA MET A 23 -5.10 65.59 19.68
C MET A 23 -6.62 65.52 19.64
N LEU A 24 -7.15 64.30 19.78
CA LEU A 24 -8.57 64.04 19.74
C LEU A 24 -9.23 64.67 20.95
N PHE A 25 -8.65 64.41 22.14
CA PHE A 25 -9.16 64.93 23.40
C PHE A 25 -9.21 66.46 23.35
N ALA A 26 -8.13 67.06 22.86
CA ALA A 26 -8.01 68.51 22.80
C ALA A 26 -8.88 69.11 21.68
N ARG A 27 -9.48 68.31 20.82
CA ARG A 27 -10.25 68.82 19.71
C ARG A 27 -9.41 69.64 18.74
N ASP A 28 -8.25 69.07 18.37
CA ASP A 28 -7.29 69.65 17.45
C ASP A 28 -7.55 69.17 16.03
N LEU A 29 -8.53 69.78 15.36
CA LEU A 29 -8.95 69.33 14.05
C LEU A 29 -7.82 69.49 13.06
N GLU A 30 -7.11 70.65 13.10
CA GLU A 30 -6.08 70.94 12.12
C GLU A 30 -4.94 69.94 12.25
N GLY A 31 -4.62 69.60 13.53
CA GLY A 31 -3.62 68.61 13.86
C GLY A 31 -3.92 67.24 13.26
N ILE A 32 -5.18 66.84 13.38
CA ILE A 32 -5.64 65.53 12.91
C ILE A 32 -5.63 65.48 11.39
N LEU A 33 -6.18 66.52 10.76
CA LEU A 33 -6.22 66.54 9.30
C LEU A 33 -4.82 66.62 8.68
N ALA A 34 -3.90 67.28 9.40
CA ALA A 34 -2.50 67.29 9.02
C ALA A 34 -1.94 65.86 9.04
N LEU A 35 -2.13 65.18 10.16
CA LEU A 35 -1.68 63.81 10.34
C LEU A 35 -2.24 62.88 9.28
N ALA A 36 -3.48 63.10 8.83
CA ALA A 36 -4.07 62.22 7.82
C ALA A 36 -3.41 62.46 6.47
N ARG A 37 -3.31 63.73 6.04
CA ARG A 37 -2.72 64.09 4.77
C ARG A 37 -1.28 63.60 4.70
N GLU A 38 -0.56 63.76 5.82
CA GLU A 38 0.83 63.36 5.96
C GLU A 38 1.04 61.87 5.67
N GLN A 39 0.19 61.01 6.24
CA GLN A 39 0.27 59.58 6.03
C GLN A 39 0.05 59.23 4.56
N VAL A 40 -0.82 59.98 3.86
CA VAL A 40 -1.14 59.66 2.49
C VAL A 40 0.05 60.05 1.61
N GLU A 41 0.65 61.22 1.88
CA GLU A 41 1.85 61.65 1.18
C GLU A 41 2.95 60.60 1.34
N GLU A 42 3.09 60.08 2.56
CA GLU A 42 4.13 59.11 2.89
C GLU A 42 3.82 57.72 2.30
N GLY A 43 2.69 57.56 1.60
CA GLY A 43 2.48 56.39 0.77
C GLY A 43 1.30 55.50 1.13
N ALA A 44 0.46 55.96 2.08
CA ALA A 44 -0.73 55.21 2.53
C ALA A 44 -1.87 55.31 1.52
N HIS A 45 -2.55 54.21 1.32
CA HIS A 45 -3.64 54.07 0.36
C HIS A 45 -5.00 54.20 1.05
N ALA A 46 -4.98 54.25 2.38
CA ALA A 46 -6.17 54.32 3.23
C ALA A 46 -5.74 54.61 4.66
N LEU A 47 -6.69 54.88 5.55
CA LEU A 47 -6.40 55.33 6.90
C LEU A 47 -7.25 54.56 7.89
N ASP A 48 -6.59 53.94 8.86
CA ASP A 48 -7.30 53.32 9.96
C ASP A 48 -7.68 54.46 10.88
N LEU A 49 -8.89 54.31 11.45
CA LEU A 49 -9.49 55.31 12.32
C LEU A 49 -10.10 54.61 13.53
N SER A 50 -9.66 54.97 14.74
CA SER A 50 -10.18 54.41 15.97
C SER A 50 -10.20 55.46 17.04
N VAL A 51 -11.38 55.86 17.50
CA VAL A 51 -11.51 56.94 18.45
C VAL A 51 -12.01 56.41 19.77
N ALA A 52 -12.08 55.07 19.89
CA ALA A 52 -12.67 54.40 21.01
C ALA A 52 -11.63 54.50 22.12
N TRP A 53 -12.08 54.95 23.28
CA TRP A 53 -11.21 55.10 24.44
C TRP A 53 -12.06 54.90 25.70
N THR A 54 -11.42 54.27 26.72
CA THR A 54 -12.08 53.94 27.98
C THR A 54 -12.65 55.24 28.56
N GLY A 55 -13.94 55.32 28.82
CA GLY A 55 -14.52 56.53 29.40
C GLY A 55 -14.92 57.64 28.41
N ARG A 56 -14.89 57.41 27.12
CA ARG A 56 -15.21 58.46 26.16
C ARG A 56 -16.46 58.07 25.37
N ASP A 57 -17.26 59.04 24.91
CA ASP A 57 -18.41 58.69 24.08
C ASP A 57 -17.95 58.55 22.64
N GLU A 58 -17.73 57.28 22.19
CA GLU A 58 -17.27 56.98 20.85
C GLU A 58 -18.07 57.76 19.78
N LEU A 59 -19.38 57.67 19.89
CA LEU A 59 -20.29 58.19 18.87
C LEU A 59 -20.14 59.70 18.76
N GLU A 60 -19.92 60.36 19.91
CA GLU A 60 -19.78 61.82 19.96
C GLU A 60 -18.55 62.25 19.16
N ASP A 61 -17.41 61.64 19.53
CA ASP A 61 -16.15 61.87 18.85
C ASP A 61 -16.29 61.68 17.34
N LEU A 62 -16.90 60.59 16.89
CA LEU A 62 -17.08 60.31 15.48
C LEU A 62 -17.94 61.39 14.80
N ARG A 63 -19.01 61.82 15.51
CA ARG A 63 -19.94 62.79 14.95
C ARG A 63 -19.17 64.08 14.62
N TRP A 64 -18.17 64.38 15.46
CA TRP A 64 -17.33 65.56 15.33
C TRP A 64 -16.33 65.47 14.16
N LEU A 65 -15.61 64.34 14.10
CA LEU A 65 -14.45 64.21 13.26
C LEU A 65 -14.83 63.81 11.83
N LEU A 66 -15.85 62.94 11.69
CA LEU A 66 -16.15 62.26 10.44
C LEU A 66 -16.49 63.27 9.35
N PRO A 67 -17.35 64.28 9.61
CA PRO A 67 -17.76 65.19 8.54
C PRO A 67 -16.55 65.82 7.86
N HIS A 68 -15.50 66.11 8.67
CA HIS A 68 -14.29 66.75 8.22
C HIS A 68 -13.46 65.78 7.38
N LEU A 69 -13.18 64.58 7.92
CA LEU A 69 -12.41 63.56 7.20
C LEU A 69 -13.06 63.27 5.85
N ALA A 70 -14.41 63.37 5.83
CA ALA A 70 -15.20 63.07 4.66
C ALA A 70 -14.79 63.97 3.51
N THR A 71 -14.80 65.28 3.75
CA THR A 71 -14.50 66.27 2.72
C THR A 71 -13.00 66.40 2.52
N ALA A 72 -12.20 66.21 3.59
CA ALA A 72 -10.79 66.55 3.55
C ALA A 72 -9.88 65.43 3.04
N LEU A 73 -10.45 64.24 2.69
CA LEU A 73 -9.68 63.11 2.20
C LEU A 73 -10.37 62.48 1.01
N THR A 74 -9.56 61.93 0.10
CA THR A 74 -10.10 61.17 -1.03
C THR A 74 -10.02 59.66 -0.74
N VAL A 75 -9.07 59.25 0.12
CA VAL A 75 -8.76 57.84 0.35
C VAL A 75 -9.82 57.19 1.24
N PRO A 76 -9.94 55.84 1.21
CA PRO A 76 -10.79 55.12 2.15
C PRO A 76 -10.36 55.17 3.60
N VAL A 77 -11.31 54.87 4.47
CA VAL A 77 -11.11 54.84 5.90
C VAL A 77 -11.51 53.43 6.38
N MET A 78 -10.63 52.83 7.18
CA MET A 78 -10.92 51.58 7.83
C MET A 78 -11.39 51.92 9.24
N VAL A 79 -12.67 51.65 9.50
CA VAL A 79 -13.30 52.00 10.77
C VAL A 79 -13.08 50.91 11.81
N ASP A 80 -12.43 51.27 12.89
CA ASP A 80 -11.87 50.32 13.84
C ASP A 80 -12.68 50.44 15.11
N SER A 81 -13.64 49.53 15.25
CA SER A 81 -14.63 49.70 16.30
C SER A 81 -15.31 48.37 16.61
N THR A 82 -15.94 48.28 17.78
CA THR A 82 -16.76 47.15 18.14
C THR A 82 -18.23 47.57 18.16
N SER A 83 -18.53 48.88 18.13
CA SER A 83 -19.92 49.36 18.12
C SER A 83 -20.48 49.37 16.71
N PRO A 84 -21.55 48.61 16.41
CA PRO A 84 -22.22 48.74 15.12
C PRO A 84 -22.81 50.12 14.85
N GLU A 85 -23.30 50.80 15.89
CA GLU A 85 -23.89 52.10 15.67
C GLU A 85 -22.78 53.02 15.13
N ALA A 86 -21.56 52.86 15.67
CA ALA A 86 -20.40 53.62 15.22
C ALA A 86 -20.10 53.34 13.75
N MET A 87 -20.07 52.07 13.38
CA MET A 87 -19.85 51.68 12.01
C MET A 87 -20.91 52.27 11.08
N GLU A 88 -22.15 52.32 11.54
CA GLU A 88 -23.25 52.85 10.74
C GLU A 88 -22.97 54.32 10.47
N LEU A 89 -22.61 55.02 11.55
CA LEU A 89 -22.37 56.45 11.46
C LEU A 89 -21.27 56.73 10.45
N ALA A 90 -20.20 55.91 10.50
CA ALA A 90 -19.08 56.03 9.57
C ALA A 90 -19.51 55.74 8.15
N LEU A 91 -20.38 54.72 7.98
CA LEU A 91 -20.90 54.36 6.67
C LEU A 91 -21.81 55.45 6.12
N LYS A 92 -22.49 56.20 7.01
CA LYS A 92 -23.32 57.33 6.63
C LYS A 92 -22.44 58.40 5.98
N TYR A 93 -21.40 58.85 6.68
CA TYR A 93 -20.59 59.97 6.22
C TYR A 93 -19.60 59.62 5.10
N LEU A 94 -19.23 58.34 4.91
CA LEU A 94 -18.15 58.01 3.99
C LEU A 94 -18.63 56.90 3.07
N PRO A 95 -19.79 57.02 2.40
CA PRO A 95 -20.36 55.92 1.64
C PRO A 95 -19.38 55.50 0.56
N GLY A 96 -19.17 54.17 0.41
CA GLY A 96 -18.36 53.61 -0.67
C GLY A 96 -16.87 53.56 -0.37
N ARG A 97 -16.46 54.12 0.77
CA ARG A 97 -15.07 54.34 1.08
C ARG A 97 -14.73 53.73 2.44
N VAL A 98 -15.41 52.66 2.85
CA VAL A 98 -15.27 52.12 4.19
C VAL A 98 -14.92 50.63 4.15
N LEU A 99 -14.00 50.26 5.07
CA LEU A 99 -13.67 48.90 5.44
C LEU A 99 -13.96 48.79 6.93
N LEU A 100 -14.68 47.74 7.32
CA LEU A 100 -15.07 47.57 8.70
C LEU A 100 -14.06 46.68 9.39
N ASN A 101 -13.56 47.10 10.59
CA ASN A 101 -12.41 46.43 11.14
C ASN A 101 -12.78 45.16 11.89
N SER A 102 -13.42 45.28 13.03
CA SER A 102 -13.47 44.00 13.75
C SER A 102 -14.68 43.23 13.20
N ALA A 103 -14.54 41.97 12.80
CA ALA A 103 -15.72 41.09 12.76
C ALA A 103 -15.30 39.69 13.19
N ASN A 104 -15.81 39.19 14.34
CA ASN A 104 -15.20 38.01 14.93
C ASN A 104 -16.20 37.28 15.82
N LEU A 105 -15.79 36.09 16.29
CA LEU A 105 -16.64 35.19 17.00
C LEU A 105 -16.34 35.15 18.49
N GLU A 106 -15.76 36.21 19.04
CA GLU A 106 -15.44 36.19 20.46
C GLU A 106 -16.70 36.01 21.28
N ASP A 107 -17.77 36.74 20.96
CA ASP A 107 -19.05 36.67 21.67
C ASP A 107 -20.04 35.98 20.77
N GLY A 108 -19.58 34.92 20.08
CA GLY A 108 -20.47 34.08 19.32
C GLY A 108 -20.81 34.73 17.98
N LEU A 109 -21.85 34.15 17.38
CA LEU A 109 -22.31 34.49 16.06
C LEU A 109 -23.12 35.81 16.01
N GLU A 110 -23.67 36.20 17.16
CA GLU A 110 -24.51 37.37 17.26
C GLU A 110 -23.76 38.61 16.81
N ARG A 111 -22.61 38.88 17.39
CA ARG A 111 -21.86 40.10 17.08
C ARG A 111 -21.35 40.02 15.66
N PHE A 112 -20.87 38.82 15.29
CA PHE A 112 -20.25 38.60 14.00
C PHE A 112 -21.21 38.94 12.85
N ASP A 113 -22.43 38.37 12.91
CA ASP A 113 -23.36 38.54 11.83
C ASP A 113 -23.82 40.00 11.73
N ARG A 114 -23.89 40.70 12.88
CA ARG A 114 -24.34 42.08 12.89
C ARG A 114 -23.43 42.93 12.00
N VAL A 115 -22.12 42.73 12.19
CA VAL A 115 -21.09 43.48 11.47
C VAL A 115 -21.11 43.05 10.01
N ALA A 116 -21.06 41.73 9.78
CA ALA A 116 -21.05 41.19 8.43
C ALA A 116 -22.23 41.74 7.60
N SER A 117 -23.44 41.79 8.16
CA SER A 117 -24.64 42.26 7.47
C SER A 117 -24.42 43.68 6.97
N LEU A 118 -23.80 44.53 7.83
CA LEU A 118 -23.49 45.91 7.47
C LEU A 118 -22.56 45.92 6.27
N ALA A 119 -21.50 45.10 6.35
CA ALA A 119 -20.55 45.04 5.27
C ALA A 119 -21.26 44.69 3.99
N LYS A 120 -22.11 43.67 4.04
CA LYS A 120 -22.84 43.20 2.88
C LYS A 120 -23.76 44.29 2.36
N ALA A 121 -24.59 44.82 3.26
CA ALA A 121 -25.60 45.81 2.93
C ALA A 121 -25.02 47.09 2.37
N HIS A 122 -23.94 47.65 2.96
CA HIS A 122 -23.33 48.87 2.46
C HIS A 122 -22.17 48.56 1.52
N GLY A 123 -22.07 47.32 1.05
CA GLY A 123 -20.99 46.90 0.14
C GLY A 123 -19.62 47.37 0.60
N ALA A 124 -19.32 47.20 1.90
CA ALA A 124 -18.05 47.56 2.47
C ALA A 124 -17.16 46.31 2.54
N ALA A 125 -15.84 46.56 2.51
CA ALA A 125 -14.89 45.52 2.80
C ALA A 125 -15.01 45.10 4.28
N LEU A 126 -14.63 43.88 4.58
CA LEU A 126 -14.78 43.34 5.92
C LEU A 126 -13.47 42.69 6.36
N VAL A 127 -13.04 43.09 7.56
CA VAL A 127 -11.90 42.42 8.17
C VAL A 127 -12.46 41.42 9.15
N VAL A 128 -11.81 40.28 9.25
CA VAL A 128 -12.28 39.15 10.03
C VAL A 128 -11.11 38.71 10.90
N LEU A 129 -11.20 38.95 12.21
CA LEU A 129 -10.14 38.51 13.13
C LEU A 129 -10.35 37.03 13.44
N ALA A 130 -9.24 36.29 13.53
CA ALA A 130 -9.23 34.92 13.96
C ALA A 130 -9.28 34.86 15.49
N ILE A 131 -10.49 35.15 16.03
CA ILE A 131 -10.82 35.03 17.43
C ILE A 131 -12.20 34.39 17.56
N ASP A 132 -12.27 33.31 18.33
CA ASP A 132 -13.52 32.60 18.57
C ASP A 132 -13.82 32.64 20.07
N GLU A 133 -14.70 31.72 20.49
CA GLU A 133 -15.21 31.71 21.85
C GLU A 133 -14.11 31.31 22.84
N LYS A 134 -13.21 30.43 22.41
CA LYS A 134 -12.09 30.00 23.21
C LYS A 134 -11.00 31.09 23.14
N GLY A 135 -11.24 32.22 22.47
CA GLY A 135 -10.33 33.35 22.48
C GLY A 135 -9.47 33.39 21.22
N MET A 136 -8.35 34.08 21.35
CA MET A 136 -7.43 34.31 20.24
C MET A 136 -6.72 33.05 19.75
N ALA A 137 -6.76 32.82 18.44
CA ALA A 137 -6.07 31.71 17.84
C ALA A 137 -4.55 32.02 17.79
N LYS A 138 -3.74 31.23 18.47
CA LYS A 138 -2.30 31.49 18.63
C LYS A 138 -1.44 30.59 17.75
N THR A 139 -1.92 29.36 17.44
CA THR A 139 -1.25 28.44 16.51
C THR A 139 -1.88 28.52 15.13
N ARG A 140 -1.25 27.83 14.12
CA ARG A 140 -1.79 27.85 12.77
C ARG A 140 -3.07 27.07 12.72
N GLU A 141 -3.02 25.89 13.33
CA GLU A 141 -4.12 24.94 13.28
C GLU A 141 -5.39 25.62 13.77
N GLU A 142 -5.28 26.45 14.82
CA GLU A 142 -6.38 27.24 15.36
C GLU A 142 -6.78 28.33 14.37
N LYS A 143 -5.78 29.09 13.92
CA LYS A 143 -6.01 30.25 13.05
C LYS A 143 -6.77 29.80 11.80
N VAL A 144 -6.43 28.63 11.27
CA VAL A 144 -7.08 28.04 10.11
C VAL A 144 -8.48 27.60 10.47
N ARG A 145 -8.65 26.79 11.52
CA ARG A 145 -9.98 26.35 11.95
C ARG A 145 -10.95 27.54 11.97
N VAL A 146 -10.53 28.64 12.63
CA VAL A 146 -11.41 29.75 12.90
C VAL A 146 -11.78 30.45 11.59
N ALA A 147 -10.75 30.72 10.78
CA ALA A 147 -10.93 31.35 9.49
C ALA A 147 -11.95 30.60 8.64
N LEU A 148 -11.82 29.28 8.56
CA LEU A 148 -12.64 28.49 7.67
C LEU A 148 -14.09 28.51 8.08
N ARG A 149 -14.29 28.35 9.40
CA ARG A 149 -15.61 28.52 9.97
C ARG A 149 -16.23 29.85 9.59
N MET A 150 -15.47 30.91 9.76
CA MET A 150 -15.94 32.24 9.43
C MET A 150 -16.25 32.37 7.95
N TYR A 151 -15.34 31.88 7.12
CA TYR A 151 -15.49 31.95 5.68
C TYR A 151 -16.79 31.29 5.29
N GLU A 152 -17.07 30.09 5.82
CA GLU A 152 -18.31 29.40 5.53
C GLU A 152 -19.48 30.36 5.82
N ARG A 153 -19.55 30.89 7.03
CA ARG A 153 -20.65 31.75 7.42
C ARG A 153 -20.76 33.01 6.56
N LEU A 154 -19.66 33.67 6.25
CA LEU A 154 -19.68 34.93 5.53
C LEU A 154 -20.14 34.71 4.10
N THR A 155 -19.70 33.58 3.48
CA THR A 155 -19.97 33.35 2.08
C THR A 155 -21.36 32.74 1.91
N GLU A 156 -21.85 31.95 2.87
CA GLU A 156 -23.10 31.22 2.65
C GLU A 156 -24.28 31.97 3.26
N HIS A 157 -24.21 32.25 4.57
CA HIS A 157 -25.25 32.97 5.24
C HIS A 157 -25.34 34.44 4.78
N HIS A 158 -24.23 35.16 4.65
CA HIS A 158 -24.29 36.56 4.30
C HIS A 158 -24.11 36.74 2.80
N GLY A 159 -23.54 35.75 2.12
CA GLY A 159 -23.31 35.88 0.70
C GLY A 159 -22.27 36.92 0.35
N LEU A 160 -21.31 37.17 1.22
CA LEU A 160 -20.20 38.05 0.87
C LEU A 160 -19.33 37.34 -0.15
N ARG A 161 -18.73 38.17 -1.01
CA ARG A 161 -17.83 37.70 -2.04
C ARG A 161 -16.50 37.45 -1.37
N PRO A 162 -15.70 36.44 -1.76
CA PRO A 162 -14.35 36.27 -1.25
C PRO A 162 -13.57 37.56 -1.27
N GLU A 163 -13.69 38.27 -2.40
CA GLU A 163 -12.96 39.50 -2.65
C GLU A 163 -13.27 40.55 -1.59
N ASP A 164 -14.46 40.49 -0.96
CA ASP A 164 -14.88 41.46 0.05
C ASP A 164 -14.24 41.21 1.43
N LEU A 165 -13.47 40.11 1.60
CA LEU A 165 -12.96 39.69 2.89
C LEU A 165 -11.46 39.96 3.05
N LEU A 166 -11.07 40.25 4.31
CA LEU A 166 -9.69 40.38 4.73
C LEU A 166 -9.49 39.64 6.05
N PHE A 167 -8.75 38.52 6.01
CA PHE A 167 -8.51 37.77 7.24
C PHE A 167 -7.28 38.30 7.99
N ASP A 168 -7.51 38.75 9.26
CA ASP A 168 -6.43 39.11 10.20
C ASP A 168 -6.16 37.91 11.08
N LEU A 169 -5.28 37.01 10.63
CA LEU A 169 -4.73 35.99 11.55
C LEU A 169 -3.82 36.83 12.40
N LEU A 170 -3.58 36.58 13.65
CA LEU A 170 -3.22 37.78 14.45
C LEU A 170 -1.72 38.15 14.45
N THR A 171 -1.40 39.40 14.81
CA THR A 171 0.02 39.80 14.93
C THR A 171 0.38 40.03 16.41
N PHE A 172 1.21 39.14 16.97
CA PHE A 172 1.60 39.29 18.39
C PHE A 172 3.03 39.81 18.56
N PRO A 173 3.37 40.54 19.64
CA PRO A 173 4.75 40.93 19.86
C PRO A 173 5.61 39.76 20.24
N ILE A 174 6.80 39.73 19.62
CA ILE A 174 7.79 38.69 19.87
C ILE A 174 9.06 39.29 20.48
N THR A 175 8.91 40.45 21.14
CA THR A 175 10.05 41.28 21.51
C THR A 175 10.16 41.47 23.01
N GLN A 176 9.16 41.05 23.75
CA GLN A 176 9.21 41.11 25.20
C GLN A 176 10.05 39.99 25.76
N GLY A 177 10.30 38.94 25.03
CA GLY A 177 11.35 38.01 25.46
C GLY A 177 10.89 36.74 26.19
N ASP A 178 9.61 36.70 26.61
CA ASP A 178 9.03 35.50 27.19
C ASP A 178 9.03 34.34 26.21
N GLU A 179 9.28 33.14 26.73
CA GLU A 179 9.44 31.95 25.92
C GLU A 179 8.15 31.65 25.16
N GLU A 180 6.99 31.95 25.75
CA GLU A 180 5.72 31.46 25.24
C GLU A 180 5.42 32.11 23.89
N SER A 181 5.92 33.32 23.62
CA SER A 181 5.48 34.04 22.44
C SER A 181 6.57 34.09 21.36
N ARG A 182 7.54 33.21 21.44
CA ARG A 182 8.61 33.11 20.43
C ARG A 182 8.09 32.79 19.03
N PRO A 183 7.12 31.90 18.88
CA PRO A 183 6.64 31.50 17.58
C PRO A 183 5.33 32.07 17.09
N LEU A 184 4.87 33.15 17.70
CA LEU A 184 3.54 33.60 17.35
C LEU A 184 3.46 34.38 16.03
N ALA A 185 4.66 34.86 15.59
CA ALA A 185 4.76 35.44 14.28
C ALA A 185 4.78 34.29 13.27
N LYS A 186 5.65 33.32 13.52
CA LYS A 186 5.78 32.16 12.62
C LYS A 186 4.44 31.47 12.38
N GLU A 187 3.65 31.26 13.45
CA GLU A 187 2.40 30.51 13.31
C GLU A 187 1.39 31.30 12.45
N THR A 188 1.39 32.62 12.56
CA THR A 188 0.55 33.43 11.69
C THR A 188 0.97 33.25 10.23
N LEU A 189 2.26 33.31 9.96
CA LEU A 189 2.73 33.20 8.59
C LEU A 189 2.40 31.84 7.99
N LEU A 190 2.51 30.77 8.79
CA LEU A 190 2.16 29.46 8.30
C LEU A 190 0.67 29.38 7.95
N ALA A 191 -0.18 29.93 8.80
CA ALA A 191 -1.60 29.91 8.57
C ALA A 191 -1.94 30.63 7.28
N MET A 192 -1.29 31.77 7.08
CA MET A 192 -1.57 32.60 5.93
C MET A 192 -1.26 31.81 4.66
N GLU A 193 -0.15 31.10 4.66
CA GLU A 193 0.26 30.32 3.49
C GLU A 193 -0.77 29.23 3.23
N GLU A 194 -1.21 28.53 4.29
CA GLU A 194 -2.19 27.43 4.12
C GLU A 194 -3.55 27.99 3.66
N LEU A 195 -3.97 29.14 4.17
CA LEU A 195 -5.30 29.67 3.88
C LEU A 195 -5.30 30.32 2.50
N ARG A 196 -4.15 30.85 2.03
CA ARG A 196 -4.10 31.44 0.71
C ARG A 196 -4.45 30.37 -0.30
N GLU A 197 -3.96 29.15 -0.04
CA GLU A 197 -4.23 28.01 -0.91
C GLU A 197 -5.66 27.55 -0.78
N ARG A 198 -6.14 27.31 0.44
CA ARG A 198 -7.46 26.75 0.62
C ARG A 198 -8.62 27.71 0.37
N LEU A 199 -8.41 29.02 0.42
CA LEU A 199 -9.47 30.00 0.28
C LEU A 199 -9.04 30.99 -0.81
N PRO A 200 -9.12 30.58 -2.09
CA PRO A 200 -8.59 31.44 -3.14
C PRO A 200 -9.54 32.62 -3.26
N GLY A 201 -8.95 33.83 -3.41
CA GLY A 201 -9.73 35.02 -3.70
C GLY A 201 -10.00 35.89 -2.46
N VAL A 202 -9.73 35.38 -1.26
CA VAL A 202 -9.83 36.16 -0.04
C VAL A 202 -8.54 36.96 0.12
N GLY A 203 -8.66 38.09 0.84
CA GLY A 203 -7.53 38.91 1.19
C GLY A 203 -7.02 38.56 2.59
N PHE A 204 -5.83 39.10 2.89
CA PHE A 204 -5.21 38.97 4.21
C PHE A 204 -4.69 40.32 4.63
N VAL A 205 -4.88 40.65 5.93
CA VAL A 205 -4.35 41.88 6.49
C VAL A 205 -3.73 41.59 7.86
N LEU A 206 -2.70 42.39 8.21
CA LEU A 206 -2.00 42.29 9.48
C LEU A 206 -1.75 43.67 10.04
N GLY A 207 -1.84 43.78 11.36
CA GLY A 207 -1.35 44.98 12.01
C GLY A 207 0.15 44.92 12.29
N VAL A 208 0.93 45.26 11.27
CA VAL A 208 2.29 44.79 11.23
C VAL A 208 3.08 45.31 12.41
N SER A 209 2.86 46.57 12.81
CA SER A 209 3.71 47.19 13.83
C SER A 209 3.79 46.42 15.13
N ASN A 210 2.77 45.67 15.47
CA ASN A 210 2.74 44.97 16.74
C ASN A 210 3.89 43.99 16.92
N VAL A 211 4.38 43.37 15.85
CA VAL A 211 5.32 42.28 16.04
C VAL A 211 6.52 42.81 16.82
N SER A 212 6.82 44.13 16.68
CA SER A 212 8.07 44.72 17.15
C SER A 212 7.96 45.45 18.49
N PHE A 213 6.80 45.43 19.10
CA PHE A 213 6.47 46.36 20.16
C PHE A 213 7.49 46.35 21.31
N GLY A 214 8.01 47.58 21.55
CA GLY A 214 8.88 47.98 22.63
C GLY A 214 10.33 47.62 22.37
N LEU A 215 10.74 47.89 21.16
CA LEU A 215 12.14 47.86 20.76
C LEU A 215 12.49 49.28 20.37
N LYS A 216 13.79 49.53 20.17
CA LYS A 216 14.20 50.85 19.75
C LYS A 216 13.59 51.13 18.39
N PRO A 217 13.35 52.39 18.02
CA PRO A 217 12.82 52.80 16.72
C PRO A 217 13.41 52.16 15.49
N ARG A 218 14.75 52.16 15.46
CA ARG A 218 15.46 51.66 14.29
C ARG A 218 15.22 50.14 14.14
N ALA A 219 15.21 49.43 15.25
CA ALA A 219 15.00 48.00 15.28
C ALA A 219 13.62 47.65 14.85
N ARG A 220 12.64 48.44 15.29
CA ARG A 220 11.25 48.19 14.90
C ARG A 220 11.15 48.32 13.38
N ARG A 221 11.72 49.38 12.84
CA ARG A 221 11.59 49.65 11.42
C ARG A 221 12.04 48.42 10.64
N VAL A 222 13.17 47.85 11.05
CA VAL A 222 13.68 46.68 10.36
C VAL A 222 12.74 45.48 10.56
N LEU A 223 12.44 45.14 11.82
CA LEU A 223 11.63 43.97 12.10
C LEU A 223 10.26 44.10 11.45
N ASN A 224 9.62 45.27 11.59
CA ASN A 224 8.37 45.56 10.90
C ASN A 224 8.50 45.28 9.39
N SER A 225 9.56 45.78 8.77
CA SER A 225 9.68 45.72 7.34
C SER A 225 9.90 44.30 6.85
N VAL A 226 10.70 43.53 7.59
CA VAL A 226 10.97 42.16 7.20
C VAL A 226 9.74 41.30 7.40
N PHE A 227 9.00 41.55 8.48
CA PHE A 227 7.80 40.79 8.72
C PHE A 227 6.80 41.03 7.60
N LEU A 228 6.62 42.29 7.24
CA LEU A 228 5.70 42.70 6.21
C LEU A 228 6.01 41.95 4.93
N ASP A 229 7.29 41.98 4.51
CA ASP A 229 7.71 41.31 3.30
C ASP A 229 7.40 39.82 3.41
N GLU A 230 7.68 39.16 4.53
CA GLU A 230 7.53 37.71 4.60
C GLU A 230 6.04 37.32 4.56
N ALA A 231 5.19 38.18 5.10
CA ALA A 231 3.76 37.98 5.02
C ALA A 231 3.27 38.18 3.59
N ARG A 232 3.81 39.20 2.91
CA ARG A 232 3.49 39.48 1.51
C ARG A 232 3.73 38.23 0.71
N LYS A 233 4.92 37.66 0.89
CA LYS A 233 5.35 36.44 0.21
C LYS A 233 4.34 35.32 0.41
N ARG A 234 3.61 35.29 1.54
CA ARG A 234 2.69 34.22 1.84
C ARG A 234 1.24 34.68 1.70
N GLY A 235 1.00 35.80 1.02
CA GLY A 235 -0.33 36.09 0.49
C GLY A 235 -0.98 37.33 1.05
N LEU A 236 -0.19 38.14 1.76
CA LEU A 236 -0.75 39.32 2.38
C LEU A 236 -1.14 40.25 1.25
N THR A 237 -2.32 40.87 1.39
CA THR A 237 -2.81 41.82 0.40
C THR A 237 -2.84 43.24 0.99
N ALA A 238 -3.11 43.39 2.28
CA ALA A 238 -3.18 44.69 2.93
C ALA A 238 -2.35 44.66 4.21
N ALA A 239 -2.04 45.85 4.73
CA ALA A 239 -1.14 45.95 5.86
C ALA A 239 -1.41 47.24 6.60
N ILE A 240 -1.59 47.11 7.93
CA ILE A 240 -1.82 48.28 8.75
C ILE A 240 -0.47 48.65 9.33
N VAL A 241 0.13 49.68 8.72
CA VAL A 241 1.51 50.05 8.93
C VAL A 241 1.63 51.55 9.14
N ASP A 242 2.85 51.95 9.54
CA ASP A 242 3.25 53.34 9.41
C ASP A 242 3.94 53.51 8.06
N ALA A 243 3.20 53.98 7.03
CA ALA A 243 3.70 53.93 5.66
C ALA A 243 5.10 54.55 5.57
N GLY A 244 5.32 55.59 6.39
CA GLY A 244 6.52 56.39 6.30
C GLY A 244 7.72 55.74 6.96
N LYS A 245 7.56 54.58 7.57
CA LYS A 245 8.63 53.93 8.29
C LYS A 245 8.73 52.45 7.89
N ILE A 246 8.53 52.11 6.61
CA ILE A 246 8.74 50.75 6.14
C ILE A 246 9.82 50.84 5.06
N LEU A 247 10.86 50.07 5.27
CA LEU A 247 11.99 50.06 4.37
C LEU A 247 11.79 48.97 3.36
N PRO A 248 12.22 49.19 2.10
CA PRO A 248 12.22 48.09 1.13
C PRO A 248 13.39 47.19 1.48
N ILE A 249 13.25 45.88 1.16
CA ILE A 249 14.17 44.87 1.66
C ILE A 249 15.59 45.09 1.14
N SER A 250 15.60 45.70 -0.09
CA SER A 250 16.80 46.07 -0.79
C SER A 250 17.62 47.07 -0.02
N GLN A 251 17.03 47.81 0.93
CA GLN A 251 17.73 48.80 1.73
C GLN A 251 18.05 48.37 3.17
N ILE A 252 17.92 47.08 3.48
CA ILE A 252 18.22 46.58 4.82
C ILE A 252 19.50 45.76 4.75
N PRO A 253 20.52 46.11 5.55
CA PRO A 253 21.78 45.37 5.59
C PRO A 253 21.57 43.89 5.85
N GLU A 254 22.47 43.09 5.24
CA GLU A 254 22.28 41.65 5.13
C GLU A 254 22.20 41.02 6.51
N GLU A 255 23.00 41.55 7.44
CA GLU A 255 23.07 41.01 8.79
C GLU A 255 21.75 41.27 9.50
N ALA A 256 21.26 42.50 9.42
CA ALA A 256 20.02 42.88 10.05
C ALA A 256 18.85 42.06 9.51
N TYR A 257 18.85 41.80 8.19
CA TYR A 257 17.82 41.03 7.52
C TYR A 257 17.80 39.66 8.15
N ALA A 258 18.98 39.01 8.22
CA ALA A 258 19.06 37.65 8.72
C ALA A 258 18.68 37.61 10.19
N LEU A 259 19.08 38.60 10.96
CA LEU A 259 18.71 38.63 12.37
C LEU A 259 17.23 38.79 12.56
N ALA A 260 16.60 39.57 11.68
CA ALA A 260 15.16 39.74 11.75
C ALA A 260 14.45 38.42 11.47
N LEU A 261 14.96 37.66 10.51
CA LEU A 261 14.38 36.38 10.21
C LEU A 261 14.60 35.40 11.36
N ASP A 262 15.82 35.34 11.87
CA ASP A 262 16.16 34.53 13.05
C ASP A 262 15.09 34.74 14.10
N LEU A 263 14.69 35.99 14.36
CA LEU A 263 13.73 36.32 15.40
C LEU A 263 12.30 35.92 15.01
N ILE A 264 11.89 36.23 13.78
CA ILE A 264 10.56 35.96 13.29
C ILE A 264 10.28 34.44 13.26
N TYR A 265 11.27 33.63 12.84
CA TYR A 265 11.04 32.21 12.70
C TYR A 265 11.66 31.42 13.87
N ASP A 266 12.23 32.16 14.84
CA ASP A 266 12.74 31.57 16.08
C ASP A 266 13.77 30.51 15.74
N ARG A 267 14.82 30.95 15.03
CA ARG A 267 15.89 30.09 14.55
C ARG A 267 16.96 30.13 15.63
N ARG A 268 16.64 29.48 16.75
CA ARG A 268 17.56 29.34 17.87
C ARG A 268 18.74 28.49 17.39
N LYS A 269 19.97 28.89 17.77
CA LYS A 269 21.15 28.05 17.63
C LYS A 269 21.63 27.66 19.04
N GLU A 270 22.77 26.96 19.13
CA GLU A 270 23.37 26.61 20.39
C GLU A 270 23.60 27.87 21.24
N GLY A 271 24.49 28.77 20.77
CA GLY A 271 24.93 29.90 21.56
C GLY A 271 24.40 31.23 21.01
N PHE A 272 23.11 31.23 20.68
CA PHE A 272 22.51 32.42 20.08
C PHE A 272 21.08 32.59 20.56
N ASP A 273 20.72 33.80 21.02
CA ASP A 273 19.32 34.09 21.31
C ASP A 273 18.80 35.15 20.31
N PRO A 274 17.93 34.79 19.35
CA PRO A 274 17.56 35.68 18.25
C PRO A 274 17.22 37.09 18.66
N LEU A 275 16.35 37.19 19.67
CA LEU A 275 15.83 38.47 20.11
C LEU A 275 16.97 39.37 20.55
N LEU A 276 17.80 38.86 21.46
CA LEU A 276 18.85 39.64 22.04
C LEU A 276 19.90 40.01 20.99
N ALA A 277 20.19 39.10 20.05
CA ALA A 277 21.11 39.35 18.98
C ALA A 277 20.61 40.46 18.07
N PHE A 278 19.32 40.39 17.77
CA PHE A 278 18.67 41.39 16.95
C PHE A 278 18.75 42.75 17.66
N MET A 279 18.55 42.78 18.98
CA MET A 279 18.60 44.00 19.75
C MET A 279 20.01 44.58 19.76
N ALA A 280 20.96 43.69 19.99
CA ALA A 280 22.36 44.02 20.07
C ALA A 280 22.85 44.69 18.80
N TYR A 281 22.36 44.25 17.66
CA TYR A 281 22.81 44.77 16.37
C TYR A 281 22.68 46.28 16.30
N PHE A 282 21.60 46.83 16.89
CA PHE A 282 21.29 48.25 16.82
C PHE A 282 22.02 49.05 17.89
N GLU A 283 22.61 48.39 18.89
CA GLU A 283 23.37 49.09 19.92
C GLU A 283 24.72 49.51 19.36
N ALA A 284 25.15 50.72 19.77
CA ALA A 284 26.41 51.29 19.35
C ALA A 284 27.49 50.80 20.31
N HIS A 285 28.70 51.38 20.28
CA HIS A 285 29.80 50.95 21.14
C HIS A 285 30.08 49.44 20.98
N LYS A 286 30.02 48.98 19.73
CA LYS A 286 30.26 47.60 19.37
C LYS A 286 31.78 47.35 19.40
N GLU A 287 32.28 46.53 20.33
CA GLU A 287 33.65 46.01 20.28
C GLU A 287 33.89 44.94 19.21
N ASP A 288 35.17 44.61 18.92
CA ASP A 288 35.50 43.42 18.11
C ASP A 288 34.85 42.16 18.70
N PRO A 289 33.93 41.40 18.06
CA PRO A 289 33.21 40.31 18.76
C PRO A 289 34.24 39.39 19.43
N GLY A 290 35.31 39.09 18.68
CA GLY A 290 36.45 38.30 19.13
C GLY A 290 37.20 38.93 20.30
N LYS A 291 37.45 40.25 20.24
CA LYS A 291 38.08 41.01 21.32
C LYS A 291 37.24 40.94 22.59
N ARG A 292 35.92 41.09 22.49
CA ARG A 292 35.04 41.09 23.65
C ARG A 292 35.07 39.71 24.34
N GLU A 293 34.90 38.68 23.49
CA GLU A 293 34.90 37.28 23.91
C GLU A 293 36.21 36.94 24.63
N ASP A 294 37.36 37.38 24.09
CA ASP A 294 38.68 37.15 24.68
C ASP A 294 38.81 37.86 26.03
N ALA A 295 38.38 39.13 26.09
CA ALA A 295 38.40 39.92 27.31
C ALA A 295 37.63 39.20 28.42
N PHE A 296 36.48 38.61 28.02
CA PHE A 296 35.62 37.88 28.94
C PHE A 296 36.31 36.63 29.49
N LEU A 297 36.79 35.77 28.58
CA LEU A 297 37.40 34.48 28.90
C LEU A 297 38.66 34.68 29.75
N ALA A 298 39.29 35.85 29.62
CA ALA A 298 40.47 36.22 30.38
C ALA A 298 40.16 36.57 31.85
N LEU A 299 38.91 36.81 32.22
CA LEU A 299 38.57 37.16 33.60
C LEU A 299 38.90 36.00 34.57
N PRO A 300 39.15 36.26 35.88
CA PRO A 300 39.14 35.23 36.94
C PRO A 300 37.85 34.40 36.99
N LEU A 301 37.88 33.22 37.63
CA LEU A 301 36.77 32.28 37.57
C LEU A 301 35.52 32.91 38.20
N LEU A 302 35.67 33.43 39.42
CA LEU A 302 34.52 33.97 40.14
C LEU A 302 33.98 35.19 39.38
N GLU A 303 34.88 36.09 38.97
CA GLU A 303 34.50 37.29 38.23
C GLU A 303 33.83 36.92 36.90
N ARG A 304 34.20 35.79 36.28
CA ARG A 304 33.59 35.38 35.01
C ARG A 304 32.16 34.90 35.25
N LEU A 305 31.93 34.16 36.34
CA LEU A 305 30.58 33.73 36.72
C LEU A 305 29.65 34.94 36.88
N LYS A 306 30.14 35.95 37.59
CA LYS A 306 29.41 37.19 37.73
C LYS A 306 29.02 37.71 36.35
N ARG A 307 30.01 37.89 35.47
CA ARG A 307 29.78 38.54 34.18
C ARG A 307 28.82 37.71 33.32
N ARG A 308 28.72 36.38 33.57
CA ARG A 308 27.81 35.52 32.84
C ARG A 308 26.38 35.96 33.11
N VAL A 309 26.07 36.21 34.39
CA VAL A 309 24.75 36.67 34.80
C VAL A 309 24.45 38.02 34.15
N VAL A 310 25.39 38.96 34.21
CA VAL A 310 25.16 40.32 33.73
C VAL A 310 24.98 40.36 32.21
N GLU A 311 25.93 39.76 31.50
CA GLU A 311 25.92 39.76 30.04
C GLU A 311 24.96 38.68 29.50
N GLY A 312 24.43 37.83 30.37
CA GLY A 312 23.45 36.84 29.97
C GLY A 312 24.04 35.70 29.15
N ARG A 313 25.28 35.28 29.52
CA ARG A 313 26.04 34.30 28.77
C ARG A 313 25.77 32.89 29.28
N LYS A 314 24.85 32.21 28.58
CA LYS A 314 24.44 30.87 28.96
C LYS A 314 25.54 29.84 28.66
N GLN A 315 26.18 29.95 27.50
CA GLN A 315 26.98 28.86 26.96
C GLN A 315 28.33 28.80 27.68
N GLY A 316 28.67 27.64 28.22
CA GLY A 316 29.92 27.43 28.93
C GLY A 316 29.78 27.68 30.44
N LEU A 317 28.52 27.73 30.91
CA LEU A 317 28.21 28.01 32.30
C LEU A 317 28.46 26.76 33.13
N GLU A 318 27.93 25.63 32.66
CA GLU A 318 28.03 24.37 33.37
C GLU A 318 29.50 23.95 33.44
N ALA A 319 30.26 24.31 32.39
CA ALA A 319 31.70 24.15 32.37
C ALA A 319 32.35 24.86 33.55
N ASP A 320 32.01 26.16 33.70
CA ASP A 320 32.66 27.01 34.70
C ASP A 320 32.25 26.61 36.12
N LEU A 321 30.98 26.21 36.29
CA LEU A 321 30.49 25.81 37.59
C LEU A 321 31.16 24.50 38.01
N GLU A 322 31.22 23.55 37.07
CA GLU A 322 31.97 22.32 37.27
C GLU A 322 33.38 22.63 37.77
N GLU A 323 34.05 23.60 37.13
CA GLU A 323 35.42 23.97 37.49
C GLU A 323 35.50 24.50 38.92
N ALA A 324 34.51 25.31 39.34
CA ALA A 324 34.53 25.95 40.65
C ALA A 324 34.24 24.93 41.76
N LEU A 325 33.39 23.92 41.46
CA LEU A 325 33.18 22.82 42.39
C LEU A 325 34.46 22.00 42.54
N LYS A 326 35.27 21.89 41.49
CA LYS A 326 36.54 21.18 41.53
C LYS A 326 37.53 21.89 42.46
N ALA A 327 37.62 23.22 42.43
CA ALA A 327 38.34 23.99 43.44
C ALA A 327 37.48 24.04 44.72
N GLY A 328 37.97 24.67 45.80
CA GLY A 328 37.23 24.67 47.07
C GLY A 328 36.05 25.66 47.12
N HIS A 329 35.03 25.55 46.23
CA HIS A 329 33.90 26.48 46.22
C HIS A 329 32.59 25.74 46.47
N LYS A 330 31.80 26.25 47.42
CA LYS A 330 30.56 25.65 47.88
C LYS A 330 29.37 26.26 47.13
N PRO A 331 28.35 25.45 46.73
CA PRO A 331 27.22 25.95 45.96
C PRO A 331 26.55 27.24 46.45
N LEU A 332 26.18 27.22 47.73
CA LEU A 332 25.45 28.36 48.32
C LEU A 332 26.33 29.61 48.26
N ASP A 333 27.67 29.44 48.37
CA ASP A 333 28.62 30.55 48.31
C ASP A 333 28.68 31.15 46.91
N LEU A 334 28.64 30.29 45.89
CA LEU A 334 28.65 30.73 44.51
C LEU A 334 27.40 31.52 44.18
N ILE A 335 26.28 31.17 44.82
CA ILE A 335 25.04 31.89 44.60
C ILE A 335 25.08 33.20 45.37
N ASN A 336 25.29 33.12 46.70
CA ASN A 336 25.23 34.29 47.58
C ASN A 336 26.42 35.22 47.36
N GLY A 337 27.38 34.83 46.51
CA GLY A 337 28.53 35.67 46.21
C GLY A 337 28.47 36.19 44.78
N PRO A 338 29.25 35.61 43.82
CA PRO A 338 29.34 36.14 42.44
C PRO A 338 28.07 36.18 41.58
N LEU A 339 27.20 35.17 41.71
CA LEU A 339 25.99 35.07 40.88
C LEU A 339 24.95 36.14 41.30
N LEU A 340 24.61 36.22 42.58
CA LEU A 340 23.65 37.20 43.04
C LEU A 340 24.20 38.62 42.93
N ALA A 341 25.55 38.75 43.00
CA ALA A 341 26.20 40.05 42.85
C ALA A 341 26.02 40.54 41.41
N GLY A 342 26.03 39.58 40.47
CA GLY A 342 25.68 39.89 39.08
C GLY A 342 24.23 40.39 39.00
N MET A 343 23.33 39.72 39.72
CA MET A 343 21.92 40.03 39.67
C MET A 343 21.69 41.44 40.21
N LYS A 344 22.44 41.81 41.24
CA LYS A 344 22.38 43.17 41.76
C LYS A 344 22.79 44.20 40.69
N GLU A 345 23.89 43.92 39.98
CA GLU A 345 24.45 44.79 38.94
C GLU A 345 23.43 45.00 37.81
N VAL A 346 22.73 43.92 37.43
CA VAL A 346 21.68 44.00 36.43
C VAL A 346 20.64 45.02 36.87
N GLY A 347 20.26 44.93 38.15
CA GLY A 347 19.36 45.89 38.76
C GLY A 347 19.79 47.34 38.51
N ASP A 348 21.03 47.64 38.89
CA ASP A 348 21.59 48.99 38.80
C ASP A 348 21.65 49.47 37.34
N LEU A 349 21.95 48.57 36.42
CA LEU A 349 22.06 48.94 35.03
C LEU A 349 20.67 49.21 34.45
N PHE A 350 19.69 48.42 34.87
CA PHE A 350 18.34 48.59 34.37
C PHE A 350 17.77 49.91 34.90
N GLY A 351 18.03 50.15 36.20
CA GLY A 351 17.64 51.37 36.91
C GLY A 351 18.25 52.64 36.32
N ALA A 352 19.45 52.54 35.76
CA ALA A 352 20.12 53.68 35.16
C ALA A 352 19.71 53.90 33.69
N GLY A 353 18.89 53.00 33.14
CA GLY A 353 18.46 53.11 31.76
C GLY A 353 19.52 52.60 30.77
N LYS A 354 20.51 51.84 31.27
CA LYS A 354 21.65 51.36 30.49
C LYS A 354 21.40 49.93 29.99
N MET A 355 20.29 49.29 30.40
CA MET A 355 19.97 47.93 29.93
C MET A 355 18.47 47.81 29.73
N GLN A 356 18.07 47.20 28.61
CA GLN A 356 16.64 47.08 28.32
C GLN A 356 16.11 45.80 28.96
N LEU A 357 14.80 45.71 29.04
CA LEU A 357 14.18 44.74 29.92
C LEU A 357 14.46 43.27 29.52
N PRO A 358 14.38 42.84 28.24
CA PRO A 358 14.61 41.42 27.91
C PRO A 358 16.00 40.93 28.31
N PHE A 359 17.01 41.85 28.39
CA PHE A 359 18.35 41.47 28.82
C PHE A 359 18.35 41.11 30.30
N VAL A 360 17.48 41.79 31.06
CA VAL A 360 17.30 41.50 32.48
C VAL A 360 16.70 40.10 32.64
N LEU A 361 15.76 39.75 31.76
CA LEU A 361 15.12 38.44 31.76
C LEU A 361 16.17 37.37 31.50
N GLN A 362 17.05 37.64 30.52
CA GLN A 362 18.06 36.68 30.09
C GLN A 362 19.11 36.53 31.18
N ALA A 363 19.30 37.59 31.97
CA ALA A 363 20.17 37.50 33.13
C ALA A 363 19.58 36.52 34.13
N ALA A 364 18.28 36.68 34.38
CA ALA A 364 17.59 35.83 35.32
C ALA A 364 17.67 34.36 34.85
N GLU A 365 17.55 34.14 33.55
CA GLU A 365 17.60 32.80 32.99
C GLU A 365 18.95 32.18 33.27
N VAL A 366 20.04 32.96 33.21
CA VAL A 366 21.36 32.42 33.52
C VAL A 366 21.40 32.00 34.98
N MET A 367 20.88 32.87 35.86
CA MET A 367 20.84 32.60 37.30
C MET A 367 20.09 31.29 37.58
N LYS A 368 18.93 31.08 36.92
CA LYS A 368 18.08 29.93 37.15
C LYS A 368 18.74 28.64 36.67
N ARG A 369 19.34 28.68 35.49
CA ARG A 369 20.10 27.55 34.97
C ARG A 369 21.22 27.22 35.94
N ALA A 370 21.89 28.27 36.44
CA ALA A 370 23.06 28.11 37.32
C ALA A 370 22.66 27.36 38.58
N VAL A 371 21.53 27.79 39.17
CA VAL A 371 21.05 27.23 40.41
C VAL A 371 20.48 25.81 40.17
N ALA A 372 19.84 25.58 39.02
CA ALA A 372 19.42 24.24 38.62
C ALA A 372 20.60 23.26 38.62
N TYR A 373 21.74 23.65 38.01
CA TYR A 373 22.90 22.78 37.96
C TYR A 373 23.58 22.62 39.34
N LEU A 374 23.44 23.61 40.24
CA LEU A 374 24.08 23.58 41.56
C LEU A 374 23.20 22.86 42.59
N GLU A 375 21.88 22.74 42.37
CA GLU A 375 20.95 22.27 43.39
C GLU A 375 21.32 20.85 43.84
N PRO A 376 21.72 19.91 42.95
CA PRO A 376 22.12 18.57 43.39
C PRO A 376 23.39 18.53 44.25
N HIS A 377 24.25 19.56 44.19
CA HIS A 377 25.51 19.56 44.91
C HIS A 377 25.36 20.25 46.27
N MET A 378 24.18 20.71 46.64
CA MET A 378 23.97 21.38 47.94
C MET A 378 23.59 20.30 48.96
N GLU A 379 23.89 20.54 50.25
CA GLU A 379 23.62 19.57 51.29
C GLU A 379 22.12 19.42 51.51
N LYS A 380 21.67 18.17 51.73
CA LYS A 380 20.27 17.85 51.93
C LYS A 380 20.09 17.24 53.31
N LYS A 381 19.89 18.09 54.35
CA LYS A 381 19.86 17.66 55.74
C LYS A 381 18.42 17.72 56.28
N GLY A 382 17.99 16.65 56.98
CA GLY A 382 16.70 16.60 57.67
C GLY A 382 15.59 16.28 56.68
N GLU A 383 14.43 15.80 57.19
CA GLU A 383 13.27 15.54 56.32
C GLU A 383 11.94 15.68 57.08
N GLY A 384 10.94 16.32 56.47
CA GLY A 384 9.58 16.33 56.99
C GLY A 384 9.41 17.11 58.29
N LYS A 385 10.14 18.22 58.46
CA LYS A 385 10.06 19.02 59.68
C LYS A 385 8.81 19.90 59.72
N GLY A 386 8.19 20.12 58.55
CA GLY A 386 6.98 20.93 58.45
C GLY A 386 6.74 21.41 57.03
N THR A 387 5.68 22.23 56.86
CA THR A 387 5.25 22.66 55.52
C THR A 387 5.09 24.18 55.42
N LEU A 388 5.37 24.71 54.22
CA LEU A 388 5.33 26.14 53.95
C LEU A 388 4.65 26.36 52.61
N VAL A 389 3.57 27.16 52.61
CA VAL A 389 2.97 27.63 51.38
C VAL A 389 3.62 28.96 51.06
N LEU A 390 4.17 29.04 49.85
CA LEU A 390 5.00 30.19 49.48
C LEU A 390 4.52 30.78 48.16
N ALA A 391 4.46 32.10 48.04
CA ALA A 391 3.87 32.75 46.87
C ALA A 391 4.28 34.20 46.76
N THR A 392 4.26 34.71 45.53
CA THR A 392 4.50 36.12 45.27
C THR A 392 3.15 36.79 45.18
N VAL A 393 2.98 37.98 45.77
CA VAL A 393 1.65 38.55 45.97
C VAL A 393 1.14 39.17 44.69
N LYS A 394 -0.15 39.57 44.73
CA LYS A 394 -0.84 40.13 43.60
C LYS A 394 0.02 41.24 42.97
N GLY A 395 0.20 41.05 41.63
CA GLY A 395 0.81 42.08 40.82
C GLY A 395 2.33 42.20 40.97
N ALA A 396 2.97 41.22 41.60
CA ALA A 396 4.41 41.21 41.77
C ALA A 396 4.97 40.03 41.00
N VAL A 397 6.11 40.22 40.30
CA VAL A 397 6.58 39.22 39.35
C VAL A 397 7.94 38.65 39.71
N HIS A 398 8.69 39.36 40.57
CA HIS A 398 10.05 38.93 40.87
C HIS A 398 9.99 37.73 41.79
N ASP A 399 10.79 36.71 41.48
CA ASP A 399 10.62 35.46 42.20
C ASP A 399 11.94 34.71 42.36
N ILE A 400 13.08 35.37 42.16
CA ILE A 400 14.32 34.63 42.31
C ILE A 400 14.55 34.41 43.79
N GLY A 401 14.11 35.43 44.55
CA GLY A 401 14.19 35.36 45.99
C GLY A 401 13.35 34.19 46.50
N LYS A 402 12.06 34.25 46.16
CA LYS A 402 11.10 33.21 46.53
C LYS A 402 11.72 31.84 46.27
N ASN A 403 12.25 31.63 45.07
CA ASN A 403 12.72 30.33 44.66
C ASN A 403 13.94 29.89 45.45
N LEU A 404 14.80 30.84 45.85
CA LEU A 404 15.91 30.47 46.71
C LEU A 404 15.39 29.95 48.04
N VAL A 405 14.33 30.59 48.55
CA VAL A 405 13.71 30.21 49.82
C VAL A 405 13.23 28.75 49.70
N ASP A 406 12.54 28.44 48.59
CA ASP A 406 12.10 27.09 48.26
C ASP A 406 13.25 26.09 48.36
N ILE A 407 14.34 26.37 47.64
CA ILE A 407 15.48 25.46 47.57
C ILE A 407 16.06 25.23 48.97
N ILE A 408 16.34 26.31 49.68
CA ILE A 408 17.05 26.25 50.94
C ILE A 408 16.22 25.54 52.00
N LEU A 409 14.92 25.91 52.11
CA LEU A 409 14.05 25.28 53.08
C LEU A 409 13.81 23.82 52.69
N SER A 410 13.65 23.54 51.39
CA SER A 410 13.45 22.18 50.93
C SER A 410 14.66 21.33 51.33
N ASN A 411 15.87 21.91 51.23
CA ASN A 411 17.11 21.21 51.52
C ASN A 411 17.30 21.00 53.02
N ASN A 412 16.68 21.84 53.85
CA ASN A 412 16.75 21.69 55.30
C ASN A 412 15.52 20.98 55.88
N GLY A 413 14.80 20.22 55.05
CA GLY A 413 13.81 19.26 55.52
C GLY A 413 12.39 19.81 55.60
N TYR A 414 12.08 20.87 54.83
CA TYR A 414 10.73 21.43 54.83
C TYR A 414 10.06 21.12 53.50
N ARG A 415 8.75 20.86 53.58
CA ARG A 415 7.91 20.73 52.40
C ARG A 415 7.54 22.13 51.93
N VAL A 416 7.90 22.49 50.69
CA VAL A 416 7.60 23.82 50.21
C VAL A 416 6.63 23.73 49.05
N VAL A 417 5.46 24.34 49.21
CA VAL A 417 4.46 24.39 48.17
C VAL A 417 4.53 25.76 47.50
N ASN A 418 5.19 25.80 46.34
CA ASN A 418 5.45 27.05 45.68
C ASN A 418 4.32 27.40 44.71
N LEU A 419 3.49 28.40 45.01
CA LEU A 419 2.31 28.75 44.21
C LEU A 419 2.64 29.69 43.04
N GLY A 420 3.96 29.96 42.79
CA GLY A 420 4.33 30.82 41.67
C GLY A 420 3.99 32.28 41.95
N ILE A 421 3.59 33.07 40.93
CA ILE A 421 3.54 34.51 41.08
C ILE A 421 2.13 35.08 40.91
N LYS A 422 1.97 36.37 41.27
CA LYS A 422 0.73 37.16 41.12
C LYS A 422 -0.45 36.49 41.81
N VAL A 423 -0.17 35.79 42.91
CA VAL A 423 -1.15 34.94 43.58
C VAL A 423 -2.04 35.78 44.49
N PRO A 424 -3.36 35.81 44.25
CA PRO A 424 -4.27 36.59 45.12
C PRO A 424 -4.47 35.82 46.43
N ILE A 425 -4.91 36.56 47.45
CA ILE A 425 -4.99 36.02 48.80
C ILE A 425 -5.96 34.86 48.86
N GLU A 426 -7.01 34.92 48.04
CA GLU A 426 -7.99 33.84 47.86
C GLU A 426 -7.26 32.54 47.56
N GLU A 427 -6.45 32.58 46.51
CA GLU A 427 -5.76 31.39 46.02
C GLU A 427 -4.75 30.90 47.06
N ILE A 428 -4.07 31.85 47.77
CA ILE A 428 -3.10 31.48 48.79
C ILE A 428 -3.80 30.66 49.87
N LEU A 429 -4.90 31.21 50.40
CA LEU A 429 -5.61 30.57 51.50
C LEU A 429 -6.29 29.26 51.11
N LYS A 430 -6.62 29.13 49.81
CA LYS A 430 -7.17 27.89 49.28
C LYS A 430 -6.14 26.77 49.47
N ALA A 431 -4.87 27.10 49.12
CA ALA A 431 -3.75 26.19 49.29
C ALA A 431 -3.40 26.03 50.77
N VAL A 432 -3.66 27.01 51.60
CA VAL A 432 -3.44 26.84 53.03
C VAL A 432 -4.41 25.77 53.55
N GLU A 433 -5.68 25.81 53.11
CA GLU A 433 -6.66 24.84 53.56
C GLU A 433 -6.25 23.45 53.05
N ALA A 434 -5.80 23.38 51.79
CA ALA A 434 -5.38 22.13 51.16
C ALA A 434 -4.20 21.49 51.88
N HIS A 435 -3.10 22.23 52.11
CA HIS A 435 -1.81 21.67 52.53
C HIS A 435 -1.56 21.73 54.04
N LYS A 436 -2.43 22.45 54.76
CA LYS A 436 -2.35 22.63 56.21
C LYS A 436 -0.93 22.98 56.64
N PRO A 437 -0.35 24.10 56.14
CA PRO A 437 1.05 24.41 56.38
C PRO A 437 1.26 25.00 57.76
N HIS A 438 2.54 25.07 58.14
CA HIS A 438 2.94 25.66 59.40
C HIS A 438 3.11 27.16 59.24
N ALA A 439 3.40 27.60 57.98
CA ALA A 439 3.50 29.04 57.73
C ALA A 439 3.21 29.39 56.28
N VAL A 440 2.95 30.68 56.02
CA VAL A 440 2.70 31.16 54.68
C VAL A 440 3.76 32.20 54.43
N GLY A 441 4.33 32.13 53.23
CA GLY A 441 5.31 33.12 52.83
C GLY A 441 4.77 33.94 51.69
N MET A 442 4.95 35.25 51.78
CA MET A 442 4.46 36.18 50.77
C MET A 442 5.64 37.06 50.35
N SER A 443 6.07 36.97 49.08
CA SER A 443 7.13 37.82 48.54
C SER A 443 6.51 39.01 47.81
N GLY A 444 7.31 40.06 47.59
CA GLY A 444 6.91 41.17 46.75
C GLY A 444 7.94 42.27 46.85
N LEU A 445 8.29 42.85 45.70
CA LEU A 445 9.46 43.73 45.71
C LEU A 445 9.08 45.20 45.81
N LEU A 446 8.10 45.64 45.04
CA LEU A 446 7.82 47.07 44.92
C LEU A 446 7.00 47.60 46.11
N VAL A 447 6.84 48.91 46.17
CA VAL A 447 6.19 49.51 47.33
C VAL A 447 4.71 49.11 47.35
N LYS A 448 4.09 49.20 46.19
CA LYS A 448 2.69 48.88 46.07
C LYS A 448 2.44 47.48 46.63
N SER A 449 3.39 46.55 46.43
CA SER A 449 3.29 45.16 46.85
C SER A 449 3.21 45.05 48.38
N THR A 450 3.76 46.01 49.10
CA THR A 450 3.70 45.96 50.56
C THR A 450 2.29 46.32 51.03
N LEU A 451 1.60 47.18 50.28
CA LEU A 451 0.25 47.55 50.67
C LEU A 451 -0.73 46.41 50.39
N VAL A 452 -0.44 45.64 49.35
CA VAL A 452 -1.14 44.40 49.10
C VAL A 452 -0.93 43.47 50.29
N MET A 453 0.30 43.38 50.79
CA MET A 453 0.56 42.49 51.91
C MET A 453 -0.30 42.91 53.10
N LYS A 454 -0.45 44.22 53.30
CA LYS A 454 -1.23 44.73 54.41
C LYS A 454 -2.65 44.26 54.23
N GLU A 455 -3.22 44.48 53.02
CA GLU A 455 -4.57 44.06 52.70
C GLU A 455 -4.73 42.55 52.94
N ASN A 456 -3.77 41.78 52.43
CA ASN A 456 -3.80 40.34 52.61
C ASN A 456 -3.92 39.98 54.10
N LEU A 457 -3.15 40.62 54.95
CA LEU A 457 -3.23 40.33 56.36
C LEU A 457 -4.57 40.78 56.94
N GLU A 458 -5.10 41.92 56.50
CA GLU A 458 -6.41 42.36 56.95
C GLU A 458 -7.40 41.25 56.61
N TYR A 459 -7.38 40.78 55.35
CA TYR A 459 -8.27 39.72 54.89
C TYR A 459 -8.15 38.50 55.77
N MET A 460 -6.92 38.00 55.97
CA MET A 460 -6.67 36.80 56.76
C MET A 460 -7.21 36.98 58.19
N ARG A 461 -6.99 38.16 58.80
CA ARG A 461 -7.43 38.44 60.17
C ARG A 461 -8.95 38.27 60.28
N ASP A 462 -9.64 38.80 59.28
CA ASP A 462 -11.08 38.88 59.25
C ASP A 462 -11.75 37.51 59.07
N ARG A 463 -10.98 36.56 58.52
CA ARG A 463 -11.46 35.20 58.34
C ARG A 463 -10.81 34.23 59.34
N GLY A 464 -10.35 34.76 60.47
CA GLY A 464 -10.07 33.95 61.64
C GLY A 464 -8.65 33.39 61.64
N TYR A 465 -7.83 33.50 60.57
CA TYR A 465 -6.56 32.84 60.47
C TYR A 465 -5.60 33.41 61.53
N THR A 466 -4.68 32.53 61.99
CA THR A 466 -3.61 32.93 62.90
C THR A 466 -2.31 32.18 62.63
N LEU A 467 -2.21 31.41 61.54
CA LEU A 467 -0.94 30.76 61.29
C LEU A 467 0.11 31.80 60.91
N PRO A 468 1.41 31.59 61.22
CA PRO A 468 2.45 32.53 60.87
C PRO A 468 2.54 32.91 59.41
N VAL A 469 2.73 34.22 59.12
CA VAL A 469 2.98 34.68 57.78
C VAL A 469 4.33 35.40 57.77
N ILE A 470 5.20 34.91 56.87
CA ILE A 470 6.54 35.45 56.68
C ILE A 470 6.52 36.32 55.43
N LEU A 471 6.85 37.60 55.60
CA LEU A 471 6.83 38.57 54.51
C LEU A 471 8.28 38.89 54.17
N GLY A 472 8.54 38.99 52.88
CA GLY A 472 9.87 39.33 52.40
C GLY A 472 9.79 40.14 51.11
N GLY A 473 10.87 40.89 50.87
CA GLY A 473 10.92 41.77 49.72
C GLY A 473 11.85 42.94 49.99
N ALA A 474 12.15 43.61 48.89
CA ALA A 474 13.04 44.75 48.91
C ALA A 474 12.42 45.88 49.73
N ALA A 475 11.28 46.38 49.27
CA ALA A 475 10.74 47.61 49.86
C ALA A 475 10.23 47.35 51.28
N LEU A 476 10.09 46.08 51.64
CA LEU A 476 9.68 45.80 53.01
C LEU A 476 10.82 46.17 53.96
N THR A 477 10.43 46.77 55.09
CA THR A 477 11.34 47.06 56.19
C THR A 477 10.85 46.35 57.45
N ARG A 478 11.75 45.97 58.35
CA ARG A 478 11.32 45.29 59.55
C ARG A 478 10.35 46.16 60.39
N SER A 479 10.69 47.46 60.44
CA SER A 479 9.92 48.47 61.17
C SER A 479 8.47 48.45 60.74
N TYR A 480 8.25 48.29 59.40
CA TYR A 480 6.93 48.31 58.80
C TYR A 480 6.17 47.04 59.15
N VAL A 481 6.84 45.91 59.10
CA VAL A 481 6.17 44.64 59.41
C VAL A 481 5.86 44.61 60.90
N GLU A 482 6.70 45.23 61.74
CA GLU A 482 6.34 45.40 63.15
C GLU A 482 4.98 46.07 63.30
N GLU A 483 4.69 47.13 62.53
CA GLU A 483 3.41 47.82 62.62
C GLU A 483 2.29 46.86 62.22
N LEU A 484 2.51 46.06 61.16
CA LEU A 484 1.49 45.17 60.67
C LEU A 484 1.05 44.21 61.75
N ARG A 485 1.85 44.00 62.81
CA ARG A 485 1.46 43.04 63.85
C ARG A 485 0.18 43.48 64.57
N ALA A 486 -0.14 44.77 64.52
CA ALA A 486 -1.41 45.31 65.01
C ALA A 486 -2.60 44.74 64.27
N ILE A 487 -2.40 44.36 62.99
CA ILE A 487 -3.43 43.71 62.20
C ILE A 487 -3.39 42.21 62.48
N TYR A 488 -2.20 41.64 62.24
CA TYR A 488 -1.97 40.20 62.28
C TYR A 488 -0.78 39.97 63.18
N PRO A 489 -0.95 39.40 64.39
CA PRO A 489 0.13 39.41 65.37
C PRO A 489 1.30 38.47 65.04
N ASN A 490 1.06 37.47 64.17
CA ASN A 490 2.07 36.52 63.75
C ASN A 490 2.63 36.83 62.36
N VAL A 491 3.11 38.07 62.14
CA VAL A 491 3.84 38.29 60.91
C VAL A 491 5.29 38.36 61.33
N TYR A 492 6.13 37.97 60.35
CA TYR A 492 7.56 38.08 60.51
C TYR A 492 8.16 38.74 59.28
N TYR A 493 9.15 39.62 59.51
CA TYR A 493 10.00 40.11 58.43
C TYR A 493 11.08 39.08 58.15
N ALA A 494 11.42 38.93 56.85
CA ALA A 494 12.60 38.15 56.46
C ALA A 494 13.47 38.96 55.50
N GLU A 495 14.72 39.19 55.94
CA GLU A 495 15.69 39.95 55.18
C GLU A 495 16.10 39.11 53.97
N ASP A 496 16.43 37.83 54.24
CA ASP A 496 16.95 36.92 53.22
C ASP A 496 16.42 35.49 53.45
N ALA A 497 16.82 34.54 52.60
CA ALA A 497 16.30 33.20 52.69
C ALA A 497 16.72 32.50 53.97
N PHE A 498 17.89 32.87 54.49
CA PHE A 498 18.41 32.24 55.69
C PHE A 498 17.54 32.62 56.89
N GLU A 499 17.12 33.88 56.96
CA GLU A 499 16.19 34.32 57.99
C GLU A 499 14.90 33.52 57.87
N GLY A 500 14.40 33.31 56.64
CA GLY A 500 13.27 32.43 56.42
C GLY A 500 13.46 31.06 57.08
N LEU A 501 14.64 30.46 56.83
CA LEU A 501 14.97 29.19 57.43
C LEU A 501 14.92 29.29 58.96
N ARG A 502 15.54 30.34 59.49
CA ARG A 502 15.67 30.53 60.94
C ARG A 502 14.28 30.62 61.57
N LEU A 503 13.37 31.35 60.90
CA LEU A 503 12.01 31.55 61.37
C LEU A 503 11.29 30.20 61.35
N MET A 504 11.41 29.44 60.26
CA MET A 504 10.73 28.17 60.14
C MET A 504 11.21 27.22 61.22
N GLU A 505 12.52 27.28 61.54
CA GLU A 505 13.09 26.44 62.56
C GLU A 505 12.52 26.75 63.93
N GLU A 506 12.45 28.05 64.26
CA GLU A 506 11.92 28.52 65.53
C GLU A 506 10.45 28.11 65.62
N LEU A 507 9.72 28.27 64.52
CA LEU A 507 8.27 28.09 64.49
C LEU A 507 7.89 26.62 64.59
N THR A 508 8.68 25.71 64.01
CA THR A 508 8.39 24.28 64.10
C THR A 508 9.07 23.65 65.33
N GLY A 509 9.92 24.42 66.04
CA GLY A 509 10.45 24.00 67.33
C GLY A 509 11.73 23.17 67.22
N HIS A 510 12.66 23.59 66.32
CA HIS A 510 13.94 22.94 66.14
C HIS A 510 15.05 23.90 66.57
N GLN B 1 -26.74 -17.00 4.96
CA GLN B 1 -27.07 -16.00 6.00
C GLN B 1 -28.56 -15.97 6.46
N GLU B 2 -29.56 -16.69 5.86
CA GLU B 2 -30.91 -16.81 6.40
C GLU B 2 -31.62 -17.91 5.60
N ALA B 3 -32.36 -18.81 6.29
CA ALA B 3 -32.94 -20.06 5.78
C ALA B 3 -31.85 -20.96 5.15
N SER B 4 -32.12 -21.67 4.06
CA SER B 4 -31.07 -22.41 3.37
C SER B 4 -30.27 -21.52 2.41
N LEU B 5 -30.78 -20.32 2.06
CA LEU B 5 -30.09 -19.48 1.10
C LEU B 5 -30.55 -18.02 1.20
N PHE B 6 -29.60 -17.11 1.33
CA PHE B 6 -29.88 -15.68 1.43
C PHE B 6 -30.20 -15.12 0.05
N LEU B 7 -31.47 -14.77 -0.16
CA LEU B 7 -31.90 -14.29 -1.46
C LEU B 7 -31.86 -12.75 -1.53
N VAL B 8 -31.25 -12.25 -2.62
CA VAL B 8 -31.12 -10.82 -2.80
C VAL B 8 -31.92 -10.40 -4.03
N GLY B 9 -32.85 -9.47 -3.82
CA GLY B 9 -33.79 -9.12 -4.87
C GLY B 9 -33.16 -8.14 -5.88
N GLU B 10 -33.13 -8.65 -7.13
CA GLU B 10 -32.37 -8.03 -8.19
C GLU B 10 -33.02 -6.79 -8.79
N ARG B 11 -34.30 -6.53 -8.52
CA ARG B 11 -35.11 -5.70 -9.39
C ARG B 11 -34.83 -4.18 -9.25
N LEU B 12 -34.27 -3.75 -8.12
CA LEU B 12 -33.97 -2.32 -7.96
C LEU B 12 -32.60 -1.98 -8.54
N ASN B 13 -32.45 -2.13 -9.85
CA ASN B 13 -31.16 -2.04 -10.50
C ASN B 13 -31.34 -1.38 -11.87
N ALA B 14 -30.83 -0.15 -12.00
CA ALA B 14 -31.04 0.68 -13.16
C ALA B 14 -30.50 -0.01 -14.39
N THR B 15 -29.37 -0.71 -14.30
CA THR B 15 -28.77 -1.35 -15.47
C THR B 15 -29.64 -2.51 -15.92
N GLY B 16 -30.19 -3.28 -14.97
CA GLY B 16 -30.85 -4.55 -15.23
C GLY B 16 -32.30 -4.37 -15.59
N SER B 17 -33.06 -3.66 -14.73
CA SER B 17 -34.50 -3.51 -14.91
C SER B 17 -34.82 -2.23 -15.64
N LYS B 18 -35.37 -2.33 -16.86
CA LYS B 18 -35.76 -1.15 -17.60
C LYS B 18 -36.82 -0.44 -16.77
N ARG B 19 -37.76 -1.23 -16.16
CA ARG B 19 -38.86 -0.61 -15.40
C ARG B 19 -38.36 0.29 -14.26
N PHE B 20 -37.35 -0.20 -13.52
CA PHE B 20 -36.80 0.53 -12.39
C PHE B 20 -36.07 1.77 -12.86
N ARG B 21 -35.36 1.64 -13.98
CA ARG B 21 -34.64 2.74 -14.56
C ARG B 21 -35.60 3.91 -14.78
N GLU B 22 -36.67 3.64 -15.54
CA GLU B 22 -37.65 4.64 -15.94
C GLU B 22 -38.39 5.18 -14.70
N MET B 23 -38.54 4.35 -13.66
CA MET B 23 -39.19 4.76 -12.41
C MET B 23 -38.32 5.72 -11.64
N LEU B 24 -37.01 5.45 -11.66
CA LEU B 24 -36.01 6.27 -10.99
C LEU B 24 -35.96 7.62 -11.65
N PHE B 25 -35.83 7.64 -12.99
CA PHE B 25 -35.72 8.87 -13.75
C PHE B 25 -36.95 9.74 -13.50
N ALA B 26 -38.14 9.11 -13.52
CA ALA B 26 -39.38 9.80 -13.34
C ALA B 26 -39.61 10.25 -11.90
N ARG B 27 -38.81 9.80 -10.95
CA ARG B 27 -38.97 10.17 -9.56
C ARG B 27 -40.27 9.60 -9.03
N ASP B 28 -40.55 8.31 -9.35
CA ASP B 28 -41.77 7.58 -8.98
C ASP B 28 -41.52 6.84 -7.67
N LEU B 29 -41.59 7.53 -6.53
CA LEU B 29 -41.17 6.96 -5.26
C LEU B 29 -42.09 5.81 -4.90
N GLU B 30 -43.40 6.00 -5.12
CA GLU B 30 -44.41 5.03 -4.71
C GLU B 30 -44.24 3.74 -5.52
N GLY B 31 -43.94 3.91 -6.83
CA GLY B 31 -43.63 2.83 -7.73
C GLY B 31 -42.46 1.97 -7.26
N ILE B 32 -41.39 2.64 -6.81
CA ILE B 32 -40.16 1.98 -6.40
C ILE B 32 -40.41 1.28 -5.08
N LEU B 33 -41.05 1.94 -4.12
CA LEU B 33 -41.30 1.33 -2.82
C LEU B 33 -42.26 0.16 -2.94
N ALA B 34 -43.19 0.21 -3.91
CA ALA B 34 -44.03 -0.93 -4.24
C ALA B 34 -43.18 -2.10 -4.71
N LEU B 35 -42.33 -1.84 -5.69
CA LEU B 35 -41.42 -2.86 -6.21
C LEU B 35 -40.49 -3.45 -5.14
N ALA B 36 -40.07 -2.68 -4.15
CA ALA B 36 -39.22 -3.19 -3.08
C ALA B 36 -40.02 -4.12 -2.16
N ARG B 37 -41.19 -3.64 -1.68
CA ARG B 37 -42.05 -4.41 -0.80
C ARG B 37 -42.44 -5.73 -1.46
N GLU B 38 -42.76 -5.64 -2.75
CA GLU B 38 -43.19 -6.76 -3.57
C GLU B 38 -42.14 -7.87 -3.60
N GLN B 39 -40.88 -7.52 -3.81
CA GLN B 39 -39.79 -8.51 -3.83
C GLN B 39 -39.65 -9.20 -2.48
N VAL B 40 -39.91 -8.49 -1.38
CA VAL B 40 -39.73 -9.06 -0.07
C VAL B 40 -40.87 -10.04 0.20
N GLU B 41 -42.10 -9.66 -0.18
CA GLU B 41 -43.25 -10.56 -0.08
C GLU B 41 -43.00 -11.82 -0.88
N GLU B 42 -42.43 -11.66 -2.08
CA GLU B 42 -42.15 -12.78 -2.97
C GLU B 42 -40.95 -13.61 -2.47
N GLY B 43 -40.32 -13.25 -1.35
CA GLY B 43 -39.47 -14.16 -0.59
C GLY B 43 -38.03 -13.72 -0.45
N ALA B 44 -37.73 -12.48 -0.85
CA ALA B 44 -36.37 -11.94 -0.80
C ALA B 44 -36.01 -11.53 0.62
N HIS B 45 -34.76 -11.79 0.99
CA HIS B 45 -34.26 -11.56 2.34
C HIS B 45 -33.52 -10.23 2.41
N ALA B 46 -33.29 -9.61 1.23
CA ALA B 46 -32.51 -8.38 1.07
C ALA B 46 -32.70 -7.86 -0.36
N LEU B 47 -32.26 -6.61 -0.61
CA LEU B 47 -32.51 -5.97 -1.88
C LEU B 47 -31.22 -5.40 -2.43
N ASP B 48 -30.92 -5.77 -3.67
CA ASP B 48 -29.83 -5.12 -4.38
C ASP B 48 -30.37 -3.79 -4.86
N LEU B 49 -29.49 -2.79 -4.79
CA LEU B 49 -29.77 -1.41 -5.18
C LEU B 49 -28.66 -0.87 -6.07
N SER B 50 -28.96 -0.46 -7.30
CA SER B 50 -27.99 0.12 -8.20
C SER B 50 -28.60 1.22 -9.05
N VAL B 51 -28.15 2.46 -8.90
CA VAL B 51 -28.81 3.59 -9.51
C VAL B 51 -27.84 4.25 -10.46
N ALA B 52 -26.70 3.57 -10.70
CA ALA B 52 -25.66 4.22 -11.50
C ALA B 52 -26.10 4.07 -12.94
N TRP B 53 -26.08 5.20 -13.68
CA TRP B 53 -26.43 5.18 -15.09
C TRP B 53 -25.59 6.20 -15.85
N THR B 54 -25.27 5.94 -17.13
CA THR B 54 -24.39 6.83 -17.88
C THR B 54 -25.02 8.22 -17.95
N GLY B 55 -24.28 9.23 -17.44
CA GLY B 55 -24.76 10.59 -17.48
C GLY B 55 -25.76 10.97 -16.38
N ARG B 56 -25.86 10.21 -15.33
CA ARG B 56 -26.69 10.54 -14.20
C ARG B 56 -25.80 10.76 -12.98
N ASP B 57 -26.18 11.68 -12.09
CA ASP B 57 -25.44 11.87 -10.85
C ASP B 57 -25.89 10.82 -9.83
N GLU B 58 -25.18 9.70 -9.73
CA GLU B 58 -25.48 8.61 -8.83
C GLU B 58 -25.68 9.14 -7.40
N LEU B 59 -24.83 10.05 -6.90
CA LEU B 59 -24.93 10.50 -5.52
C LEU B 59 -26.26 11.20 -5.29
N GLU B 60 -26.72 11.97 -6.30
CA GLU B 60 -27.95 12.73 -6.21
C GLU B 60 -29.12 11.77 -6.06
N ASP B 61 -29.20 10.80 -6.98
CA ASP B 61 -30.22 9.77 -6.98
C ASP B 61 -30.30 9.09 -5.61
N LEU B 62 -29.14 8.67 -5.06
CA LEU B 62 -29.10 8.00 -3.78
C LEU B 62 -29.58 8.90 -2.65
N ARG B 63 -29.19 10.19 -2.70
CA ARG B 63 -29.53 11.14 -1.65
C ARG B 63 -31.05 11.24 -1.56
N TRP B 64 -31.70 11.10 -2.73
CA TRP B 64 -33.16 11.18 -2.87
C TRP B 64 -33.86 9.95 -2.32
N LEU B 65 -33.37 8.77 -2.75
CA LEU B 65 -34.09 7.52 -2.60
C LEU B 65 -33.86 6.89 -1.25
N LEU B 66 -32.63 6.99 -0.75
CA LEU B 66 -32.17 6.20 0.39
C LEU B 66 -32.99 6.54 1.63
N PRO B 67 -33.25 7.83 1.94
CA PRO B 67 -33.94 8.18 3.17
C PRO B 67 -35.26 7.43 3.30
N HIS B 68 -35.93 7.28 2.13
CA HIS B 68 -37.24 6.68 2.05
C HIS B 68 -37.14 5.17 2.26
N LEU B 69 -36.27 4.50 1.49
CA LEU B 69 -36.13 3.05 1.61
C LEU B 69 -35.64 2.70 3.03
N ALA B 70 -34.94 3.63 3.69
CA ALA B 70 -34.45 3.44 5.04
C ALA B 70 -35.61 3.23 6.00
N THR B 71 -36.60 4.13 5.96
CA THR B 71 -37.76 4.05 6.85
C THR B 71 -38.75 2.99 6.35
N ALA B 72 -38.87 2.81 5.03
CA ALA B 72 -39.92 1.98 4.45
C ALA B 72 -39.58 0.49 4.38
N LEU B 73 -38.38 0.04 4.79
CA LEU B 73 -37.97 -1.37 4.67
C LEU B 73 -37.29 -1.84 5.92
N THR B 74 -37.46 -3.14 6.21
CA THR B 74 -36.81 -3.72 7.39
C THR B 74 -35.56 -4.49 6.98
N VAL B 75 -35.52 -5.01 5.74
CA VAL B 75 -34.48 -5.92 5.26
C VAL B 75 -33.20 -5.14 4.92
N PRO B 76 -32.05 -5.82 4.81
CA PRO B 76 -30.81 -5.21 4.33
C PRO B 76 -30.81 -4.79 2.86
N VAL B 77 -29.88 -3.90 2.52
CA VAL B 77 -29.65 -3.43 1.18
C VAL B 77 -28.22 -3.77 0.76
N MET B 78 -28.09 -4.35 -0.42
CA MET B 78 -26.79 -4.59 -1.04
C MET B 78 -26.55 -3.45 -2.00
N VAL B 79 -25.56 -2.60 -1.67
CA VAL B 79 -25.27 -1.39 -2.41
C VAL B 79 -24.32 -1.71 -3.55
N ASP B 80 -24.77 -1.45 -4.77
CA ASP B 80 -24.13 -1.94 -5.96
C ASP B 80 -23.54 -0.74 -6.67
N SER B 81 -22.23 -0.55 -6.47
CA SER B 81 -21.61 0.69 -6.96
C SER B 81 -20.11 0.51 -7.14
N THR B 82 -19.52 1.40 -7.92
CA THR B 82 -18.06 1.49 -7.97
C THR B 82 -17.56 2.73 -7.23
N SER B 83 -18.45 3.65 -6.86
CA SER B 83 -18.10 4.83 -6.07
C SER B 83 -18.11 4.53 -4.57
N PRO B 84 -16.97 4.66 -3.87
CA PRO B 84 -16.97 4.62 -2.41
C PRO B 84 -17.78 5.72 -1.75
N GLU B 85 -17.82 6.93 -2.35
CA GLU B 85 -18.59 8.02 -1.76
C GLU B 85 -20.04 7.55 -1.68
N ALA B 86 -20.50 6.86 -2.73
CA ALA B 86 -21.85 6.29 -2.79
C ALA B 86 -22.06 5.29 -1.67
N MET B 87 -21.13 4.34 -1.54
CA MET B 87 -21.21 3.33 -0.50
C MET B 87 -21.24 4.00 0.89
N GLU B 88 -20.49 5.09 1.08
CA GLU B 88 -20.46 5.79 2.35
C GLU B 88 -21.83 6.35 2.64
N LEU B 89 -22.40 6.99 1.63
CA LEU B 89 -23.71 7.62 1.77
C LEU B 89 -24.74 6.57 2.16
N ALA B 90 -24.67 5.39 1.52
CA ALA B 90 -25.58 4.30 1.83
C ALA B 90 -25.35 3.78 3.23
N LEU B 91 -24.09 3.72 3.66
CA LEU B 91 -23.75 3.27 5.00
C LEU B 91 -24.24 4.27 6.03
N LYS B 92 -24.29 5.56 5.67
CA LYS B 92 -24.81 6.61 6.54
C LYS B 92 -26.29 6.35 6.80
N TYR B 93 -27.09 6.19 5.74
CA TYR B 93 -28.54 6.09 5.88
C TYR B 93 -29.02 4.71 6.34
N LEU B 94 -28.24 3.65 6.19
CA LEU B 94 -28.72 2.30 6.46
C LEU B 94 -27.73 1.60 7.37
N PRO B 95 -27.33 2.18 8.51
CA PRO B 95 -26.25 1.62 9.31
C PRO B 95 -26.67 0.23 9.77
N GLY B 96 -25.79 -0.75 9.67
CA GLY B 96 -26.06 -2.09 10.18
C GLY B 96 -26.72 -3.02 9.18
N ARG B 97 -27.14 -2.47 8.05
CA ARG B 97 -28.04 -3.14 7.14
C ARG B 97 -27.42 -3.16 5.74
N VAL B 98 -26.06 -3.10 5.62
CA VAL B 98 -25.47 -2.96 4.30
C VAL B 98 -24.47 -4.07 3.97
N LEU B 99 -24.54 -4.49 2.70
CA LEU B 99 -23.55 -5.33 2.05
C LEU B 99 -23.00 -4.54 0.87
N LEU B 100 -21.67 -4.44 0.78
CA LEU B 100 -21.03 -3.61 -0.23
C LEU B 100 -20.70 -4.46 -1.43
N ASN B 101 -21.07 -4.00 -2.67
CA ASN B 101 -21.11 -4.95 -3.77
C ASN B 101 -19.76 -5.14 -4.42
N SER B 102 -19.30 -4.14 -5.12
CA SER B 102 -18.08 -4.49 -5.87
C SER B 102 -16.91 -4.32 -4.90
N ALA B 103 -16.04 -5.30 -4.77
CA ALA B 103 -14.68 -5.01 -4.25
C ALA B 103 -13.69 -5.91 -4.96
N ASN B 104 -12.81 -5.29 -5.79
CA ASN B 104 -12.10 -6.10 -6.76
C ASN B 104 -10.80 -5.42 -7.14
N LEU B 105 -9.97 -6.14 -7.92
CA LEU B 105 -8.66 -5.68 -8.29
C LEU B 105 -8.58 -5.23 -9.75
N GLU B 106 -9.69 -4.83 -10.37
CA GLU B 106 -9.66 -4.44 -11.77
C GLU B 106 -8.73 -3.24 -11.91
N ASP B 107 -8.84 -2.24 -11.01
CA ASP B 107 -7.99 -1.07 -11.04
C ASP B 107 -7.01 -1.14 -9.88
N GLY B 108 -6.48 -2.33 -9.64
CA GLY B 108 -5.36 -2.47 -8.73
C GLY B 108 -5.85 -2.50 -7.29
N LEU B 109 -4.88 -2.40 -6.39
CA LEU B 109 -5.09 -2.60 -4.97
C LEU B 109 -5.71 -1.36 -4.32
N GLU B 110 -5.52 -0.21 -4.96
CA GLU B 110 -5.91 1.07 -4.42
C GLU B 110 -7.42 1.07 -4.23
N ARG B 111 -8.15 0.75 -5.28
CA ARG B 111 -9.59 0.72 -5.24
C ARG B 111 -10.09 -0.32 -4.28
N PHE B 112 -9.45 -1.50 -4.33
CA PHE B 112 -9.86 -2.68 -3.58
C PHE B 112 -9.85 -2.36 -2.09
N ASP B 113 -8.73 -1.83 -1.62
CA ASP B 113 -8.55 -1.59 -0.22
C ASP B 113 -9.52 -0.51 0.26
N ARG B 114 -9.83 0.46 -0.60
CA ARG B 114 -10.71 1.56 -0.22
C ARG B 114 -12.06 0.99 0.22
N VAL B 115 -12.58 0.08 -0.61
CA VAL B 115 -13.88 -0.53 -0.36
C VAL B 115 -13.78 -1.43 0.87
N ALA B 116 -12.78 -2.32 0.88
CA ALA B 116 -12.60 -3.26 1.96
C ALA B 116 -12.55 -2.54 3.31
N SER B 117 -11.83 -1.44 3.41
CA SER B 117 -11.65 -0.70 4.65
C SER B 117 -13.00 -0.19 5.16
N LEU B 118 -13.86 0.26 4.23
CA LEU B 118 -15.24 0.66 4.55
C LEU B 118 -15.98 -0.49 5.17
N ALA B 119 -15.89 -1.64 4.53
CA ALA B 119 -16.57 -2.82 5.02
C ALA B 119 -16.12 -3.11 6.43
N LYS B 120 -14.81 -3.08 6.65
CA LYS B 120 -14.23 -3.36 7.96
C LYS B 120 -14.72 -2.35 8.97
N ALA B 121 -14.54 -1.05 8.63
CA ALA B 121 -14.87 0.05 9.52
C ALA B 121 -16.36 0.13 9.88
N HIS B 122 -17.29 -0.07 8.94
CA HIS B 122 -18.72 -0.06 9.26
C HIS B 122 -19.25 -1.48 9.51
N GLY B 123 -18.35 -2.45 9.70
CA GLY B 123 -18.72 -3.85 9.95
C GLY B 123 -19.77 -4.36 8.96
N ALA B 124 -19.59 -4.06 7.68
CA ALA B 124 -20.52 -4.48 6.64
C ALA B 124 -19.98 -5.74 5.99
N ALA B 125 -20.92 -6.51 5.45
CA ALA B 125 -20.59 -7.60 4.58
C ALA B 125 -19.92 -7.08 3.31
N LEU B 126 -19.05 -7.90 2.72
CA LEU B 126 -18.28 -7.52 1.55
C LEU B 126 -18.47 -8.56 0.46
N VAL B 127 -18.78 -8.10 -0.73
CA VAL B 127 -18.75 -8.96 -1.90
C VAL B 127 -17.42 -8.71 -2.60
N VAL B 128 -16.84 -9.79 -3.13
CA VAL B 128 -15.52 -9.79 -3.70
C VAL B 128 -15.61 -10.41 -5.09
N LEU B 129 -15.51 -9.58 -6.14
CA LEU B 129 -15.55 -10.16 -7.50
C LEU B 129 -14.18 -10.72 -7.86
N ALA B 130 -14.19 -11.84 -8.57
CA ALA B 130 -13.01 -12.41 -9.17
C ALA B 130 -12.66 -11.69 -10.45
N ILE B 131 -12.13 -10.44 -10.30
CA ILE B 131 -11.63 -9.65 -11.41
C ILE B 131 -10.35 -8.95 -10.98
N ASP B 132 -9.27 -9.18 -11.75
CA ASP B 132 -7.98 -8.62 -11.43
C ASP B 132 -7.56 -7.70 -12.57
N GLU B 133 -6.25 -7.40 -12.63
CA GLU B 133 -5.75 -6.40 -13.54
C GLU B 133 -5.81 -6.92 -14.98
N LYS B 134 -5.60 -8.22 -15.13
CA LYS B 134 -5.73 -8.85 -16.44
C LYS B 134 -7.19 -9.15 -16.76
N GLY B 135 -8.13 -8.66 -15.94
CA GLY B 135 -9.55 -8.71 -16.25
C GLY B 135 -10.26 -9.85 -15.57
N MET B 136 -11.42 -10.22 -16.14
CA MET B 136 -12.31 -11.16 -15.49
C MET B 136 -11.80 -12.61 -15.50
N ALA B 137 -11.82 -13.29 -14.38
CA ALA B 137 -11.44 -14.69 -14.31
C ALA B 137 -12.52 -15.57 -14.95
N LYS B 138 -12.23 -16.23 -16.07
CA LYS B 138 -13.20 -16.98 -16.86
C LYS B 138 -13.11 -18.50 -16.62
N THR B 139 -11.91 -19.03 -16.33
CA THR B 139 -11.69 -20.43 -15.96
C THR B 139 -11.65 -20.60 -14.44
N ARG B 140 -11.62 -21.85 -13.98
CA ARG B 140 -11.60 -22.11 -12.54
C ARG B 140 -10.26 -21.74 -11.96
N GLU B 141 -9.22 -22.15 -12.68
CA GLU B 141 -7.86 -22.02 -12.19
C GLU B 141 -7.60 -20.53 -11.91
N GLU B 142 -8.13 -19.66 -12.79
CA GLU B 142 -8.03 -18.23 -12.63
C GLU B 142 -8.89 -17.79 -11.44
N LYS B 143 -10.16 -18.22 -11.42
CA LYS B 143 -11.12 -17.82 -10.41
C LYS B 143 -10.54 -18.10 -9.03
N VAL B 144 -9.90 -19.26 -8.87
CA VAL B 144 -9.27 -19.64 -7.61
C VAL B 144 -8.08 -18.74 -7.31
N ARG B 145 -7.13 -18.62 -8.25
CA ARG B 145 -5.96 -17.76 -8.05
C ARG B 145 -6.37 -16.37 -7.52
N VAL B 146 -7.38 -15.76 -8.15
CA VAL B 146 -7.78 -14.41 -7.85
C VAL B 146 -8.41 -14.36 -6.46
N ALA B 147 -9.34 -15.27 -6.19
CA ALA B 147 -9.99 -15.36 -4.90
C ALA B 147 -8.98 -15.45 -3.76
N LEU B 148 -7.97 -16.33 -3.92
CA LEU B 148 -7.04 -16.59 -2.83
C LEU B 148 -6.19 -15.37 -2.53
N ARG B 149 -5.72 -14.71 -3.60
CA ARG B 149 -5.05 -13.44 -3.48
C ARG B 149 -5.88 -12.45 -2.68
N MET B 150 -7.15 -12.31 -3.06
CA MET B 150 -8.04 -11.38 -2.39
C MET B 150 -8.23 -11.77 -0.94
N TYR B 151 -8.48 -13.05 -0.72
CA TYR B 151 -8.70 -13.55 0.63
C TYR B 151 -7.52 -13.18 1.50
N GLU B 152 -6.30 -13.43 1.00
CA GLU B 152 -5.11 -13.06 1.74
C GLU B 152 -5.18 -11.60 2.14
N ARG B 153 -5.39 -10.71 1.18
CA ARG B 153 -5.39 -9.29 1.45
C ARG B 153 -6.46 -8.90 2.45
N LEU B 154 -7.67 -9.43 2.28
CA LEU B 154 -8.81 -9.04 3.11
C LEU B 154 -8.57 -9.46 4.56
N THR B 155 -8.01 -10.67 4.75
CA THR B 155 -7.89 -11.26 6.07
C THR B 155 -6.66 -10.71 6.77
N GLU B 156 -5.58 -10.40 6.04
CA GLU B 156 -4.33 -10.02 6.70
C GLU B 156 -4.18 -8.51 6.80
N HIS B 157 -4.18 -7.80 5.66
CA HIS B 157 -4.11 -6.35 5.66
C HIS B 157 -5.37 -5.69 6.25
N HIS B 158 -6.59 -6.11 5.98
CA HIS B 158 -7.80 -5.46 6.51
C HIS B 158 -8.29 -6.14 7.80
N GLY B 159 -7.90 -7.39 8.00
CA GLY B 159 -8.35 -8.12 9.17
C GLY B 159 -9.84 -8.43 9.14
N LEU B 160 -10.44 -8.56 7.95
CA LEU B 160 -11.81 -8.98 7.86
C LEU B 160 -11.89 -10.45 8.21
N ARG B 161 -13.04 -10.81 8.78
CA ARG B 161 -13.32 -12.19 9.13
C ARG B 161 -13.76 -12.89 7.85
N PRO B 162 -13.44 -14.20 7.67
CA PRO B 162 -14.00 -15.00 6.58
C PRO B 162 -15.52 -14.83 6.46
N GLU B 163 -16.18 -14.87 7.61
CA GLU B 163 -17.62 -14.76 7.74
C GLU B 163 -18.15 -13.47 7.11
N ASP B 164 -17.35 -12.40 7.08
CA ASP B 164 -17.76 -11.11 6.52
C ASP B 164 -17.71 -11.08 4.99
N LEU B 165 -17.22 -12.14 4.31
CA LEU B 165 -16.96 -12.15 2.88
C LEU B 165 -17.98 -12.96 2.08
N LEU B 166 -18.20 -12.49 0.82
CA LEU B 166 -18.99 -13.19 -0.19
C LEU B 166 -18.23 -13.17 -1.51
N PHE B 167 -17.72 -14.32 -1.96
CA PHE B 167 -17.01 -14.37 -3.22
C PHE B 167 -17.97 -14.56 -4.40
N ASP B 168 -17.93 -13.58 -5.33
CA ASP B 168 -18.60 -13.69 -6.61
C ASP B 168 -17.58 -14.16 -7.66
N LEU B 169 -17.43 -15.49 -7.80
CA LEU B 169 -16.78 -16.04 -8.99
C LEU B 169 -17.81 -15.79 -10.05
N LEU B 170 -17.54 -15.54 -11.28
CA LEU B 170 -18.55 -14.73 -12.03
C LEU B 170 -19.67 -15.59 -12.69
N THR B 171 -20.77 -14.95 -13.06
CA THR B 171 -21.85 -15.61 -13.77
C THR B 171 -21.94 -15.05 -15.19
N PHE B 172 -21.56 -15.91 -16.17
CA PHE B 172 -21.60 -15.48 -17.56
C PHE B 172 -22.77 -16.06 -18.35
N PRO B 173 -23.31 -15.37 -19.36
CA PRO B 173 -24.39 -15.97 -20.17
C PRO B 173 -23.82 -17.06 -21.06
N ILE B 174 -24.58 -18.17 -21.11
CA ILE B 174 -24.25 -19.33 -21.91
C ILE B 174 -25.34 -19.54 -22.94
N THR B 175 -26.11 -18.49 -23.26
CA THR B 175 -27.33 -18.63 -24.04
C THR B 175 -27.27 -17.91 -25.39
N GLN B 176 -26.30 -17.03 -25.59
CA GLN B 176 -25.87 -16.69 -26.94
C GLN B 176 -25.01 -17.87 -27.38
N GLY B 177 -25.11 -18.36 -28.62
CA GLY B 177 -24.65 -19.72 -28.93
C GLY B 177 -23.13 -19.98 -29.11
N ASP B 178 -22.31 -18.95 -28.88
CA ASP B 178 -20.91 -18.93 -29.27
C ASP B 178 -20.11 -19.97 -28.55
N GLU B 179 -19.14 -20.55 -29.27
CA GLU B 179 -18.28 -21.60 -28.77
C GLU B 179 -17.53 -21.17 -27.51
N GLU B 180 -17.12 -19.91 -27.43
CA GLU B 180 -16.19 -19.49 -26.39
C GLU B 180 -16.86 -19.57 -25.01
N SER B 181 -18.18 -19.41 -24.94
CA SER B 181 -18.81 -19.23 -23.62
C SER B 181 -19.59 -20.48 -23.20
N ARG B 182 -19.38 -21.61 -23.88
CA ARG B 182 -20.05 -22.86 -23.51
C ARG B 182 -19.74 -23.27 -22.07
N PRO B 183 -18.51 -23.18 -21.61
CA PRO B 183 -18.12 -23.63 -20.28
C PRO B 183 -18.05 -22.69 -19.11
N LEU B 184 -18.58 -21.48 -19.28
CA LEU B 184 -18.29 -20.47 -18.29
C LEU B 184 -19.15 -20.59 -17.03
N ALA B 185 -20.28 -21.35 -17.16
CA ALA B 185 -21.04 -21.69 -15.99
C ALA B 185 -20.34 -22.82 -15.26
N LYS B 186 -19.97 -23.84 -16.01
CA LYS B 186 -19.27 -24.99 -15.41
C LYS B 186 -18.03 -24.57 -14.64
N GLU B 187 -17.20 -23.68 -15.23
CA GLU B 187 -15.93 -23.28 -14.62
C GLU B 187 -16.21 -22.53 -13.30
N THR B 188 -17.29 -21.73 -13.24
CA THR B 188 -17.67 -21.09 -11.99
C THR B 188 -18.00 -22.13 -10.91
N LEU B 189 -18.81 -23.10 -11.28
CA LEU B 189 -19.22 -24.12 -10.33
C LEU B 189 -18.04 -24.92 -9.81
N LEU B 190 -17.09 -25.25 -10.69
CA LEU B 190 -15.90 -25.97 -10.26
C LEU B 190 -15.06 -25.17 -9.28
N ALA B 191 -14.87 -23.89 -9.56
CA ALA B 191 -14.11 -23.05 -8.66
C ALA B 191 -14.76 -22.98 -7.30
N MET B 192 -16.09 -22.84 -7.29
CA MET B 192 -16.82 -22.70 -6.06
C MET B 192 -16.62 -23.94 -5.19
N GLU B 193 -16.65 -25.12 -5.81
CA GLU B 193 -16.47 -26.36 -5.10
C GLU B 193 -15.09 -26.38 -4.49
N GLU B 194 -14.07 -26.01 -5.25
CA GLU B 194 -12.68 -25.99 -4.79
C GLU B 194 -12.51 -25.05 -3.62
N LEU B 195 -13.07 -23.84 -3.78
CA LEU B 195 -12.84 -22.75 -2.83
C LEU B 195 -13.62 -22.98 -1.57
N ARG B 196 -14.77 -23.66 -1.63
CA ARG B 196 -15.53 -23.93 -0.41
C ARG B 196 -14.65 -24.72 0.54
N GLU B 197 -13.92 -25.67 -0.05
CA GLU B 197 -13.01 -26.54 0.69
C GLU B 197 -11.80 -25.75 1.18
N ARG B 198 -11.12 -25.02 0.29
CA ARG B 198 -9.88 -24.35 0.66
C ARG B 198 -10.06 -23.10 1.51
N LEU B 199 -11.24 -22.47 1.53
CA LEU B 199 -11.47 -21.24 2.26
C LEU B 199 -12.68 -21.45 3.15
N PRO B 200 -12.50 -22.18 4.27
CA PRO B 200 -13.66 -22.55 5.08
C PRO B 200 -14.13 -21.29 5.77
N GLY B 201 -15.45 -21.08 5.80
CA GLY B 201 -16.02 -19.97 6.55
C GLY B 201 -16.39 -18.76 5.71
N VAL B 202 -15.92 -18.70 4.46
CA VAL B 202 -16.30 -17.66 3.53
C VAL B 202 -17.63 -18.00 2.90
N GLY B 203 -18.34 -16.96 2.44
CA GLY B 203 -19.58 -17.10 1.70
C GLY B 203 -19.35 -17.03 0.19
N PHE B 204 -20.38 -17.39 -0.58
CA PHE B 204 -20.37 -17.30 -2.01
C PHE B 204 -21.67 -16.69 -2.48
N VAL B 205 -21.57 -15.79 -3.47
CA VAL B 205 -22.77 -15.21 -4.08
C VAL B 205 -22.62 -15.18 -5.60
N LEU B 206 -23.75 -15.27 -6.32
CA LEU B 206 -23.77 -15.21 -7.77
C LEU B 206 -24.96 -14.38 -8.21
N GLY B 207 -24.75 -13.67 -9.32
CA GLY B 207 -25.86 -13.05 -10.00
C GLY B 207 -26.57 -14.00 -10.95
N VAL B 208 -27.44 -14.82 -10.40
CA VAL B 208 -27.83 -16.05 -11.07
C VAL B 208 -28.50 -15.72 -12.39
N SER B 209 -29.29 -14.64 -12.49
CA SER B 209 -30.11 -14.41 -13.67
C SER B 209 -29.27 -14.29 -14.94
N ASN B 210 -28.03 -13.85 -14.84
CA ASN B 210 -27.21 -13.67 -16.03
C ASN B 210 -27.01 -14.94 -16.85
N VAL B 211 -27.00 -16.12 -16.22
CA VAL B 211 -26.58 -17.30 -16.95
C VAL B 211 -27.51 -17.47 -18.17
N SER B 212 -28.78 -16.97 -18.03
CA SER B 212 -29.84 -17.30 -18.96
C SER B 212 -30.13 -16.20 -19.97
N PHE B 213 -29.34 -15.12 -19.94
CA PHE B 213 -29.70 -13.86 -20.59
C PHE B 213 -30.03 -14.03 -22.06
N GLY B 214 -31.29 -13.55 -22.34
CA GLY B 214 -31.90 -13.39 -23.65
C GLY B 214 -32.44 -14.72 -24.18
N LEU B 215 -33.12 -15.41 -23.30
CA LEU B 215 -33.94 -16.56 -23.65
C LEU B 215 -35.35 -16.15 -23.30
N LYS B 216 -36.31 -16.96 -23.76
CA LYS B 216 -37.69 -16.65 -23.44
C LYS B 216 -37.87 -16.74 -21.94
N PRO B 217 -38.86 -16.05 -21.35
CA PRO B 217 -39.17 -16.10 -19.92
C PRO B 217 -39.14 -17.45 -19.22
N ARG B 218 -39.82 -18.42 -19.82
CA ARG B 218 -40.03 -19.71 -19.22
C ARG B 218 -38.70 -20.45 -19.19
N ALA B 219 -37.91 -20.31 -20.25
CA ALA B 219 -36.64 -20.98 -20.34
C ALA B 219 -35.66 -20.43 -19.32
N ARG B 220 -35.71 -19.12 -19.13
CA ARG B 220 -34.85 -18.49 -18.13
C ARG B 220 -35.21 -19.04 -16.76
N ARG B 221 -36.50 -19.09 -16.44
CA ARG B 221 -36.92 -19.49 -15.12
C ARG B 221 -36.32 -20.84 -14.82
N VAL B 222 -36.36 -21.75 -15.79
CA VAL B 222 -35.84 -23.09 -15.56
C VAL B 222 -34.32 -23.02 -15.39
N LEU B 223 -33.62 -22.44 -16.37
CA LEU B 223 -32.17 -22.41 -16.33
C LEU B 223 -31.67 -21.66 -15.09
N ASN B 224 -32.26 -20.54 -14.77
CA ASN B 224 -31.99 -19.84 -13.52
C ASN B 224 -32.11 -20.77 -12.32
N SER B 225 -33.23 -21.47 -12.23
CA SER B 225 -33.53 -22.27 -11.06
C SER B 225 -32.56 -23.45 -10.90
N VAL B 226 -32.24 -24.10 -12.03
CA VAL B 226 -31.35 -25.24 -11.99
C VAL B 226 -29.93 -24.80 -11.67
N PHE B 227 -29.51 -23.65 -12.23
CA PHE B 227 -28.17 -23.17 -11.95
C PHE B 227 -28.03 -22.86 -10.46
N LEU B 228 -29.04 -22.16 -9.92
CA LEU B 228 -29.07 -21.77 -8.53
C LEU B 228 -28.87 -23.00 -7.65
N ASP B 229 -29.68 -24.05 -7.91
CA ASP B 229 -29.59 -25.28 -7.14
C ASP B 229 -28.19 -25.87 -7.25
N GLU B 230 -27.59 -25.94 -8.45
CA GLU B 230 -26.32 -26.61 -8.59
C GLU B 230 -25.21 -25.86 -7.85
N ALA B 231 -25.33 -24.54 -7.82
CA ALA B 231 -24.39 -23.69 -7.11
C ALA B 231 -24.55 -23.88 -5.62
N ARG B 232 -25.81 -23.95 -5.16
CA ARG B 232 -26.11 -24.20 -3.76
C ARG B 232 -25.37 -25.46 -3.33
N LYS B 233 -25.51 -26.51 -4.12
CA LYS B 233 -24.90 -27.80 -3.84
C LYS B 233 -23.39 -27.67 -3.66
N ARG B 234 -22.75 -26.70 -4.31
CA ARG B 234 -21.30 -26.55 -4.23
C ARG B 234 -20.89 -25.37 -3.39
N GLY B 235 -21.81 -24.85 -2.56
CA GLY B 235 -21.44 -23.99 -1.44
C GLY B 235 -21.97 -22.59 -1.49
N LEU B 236 -22.91 -22.35 -2.40
CA LEU B 236 -23.47 -21.02 -2.53
C LEU B 236 -24.21 -20.71 -1.25
N THR B 237 -24.02 -19.48 -0.74
CA THR B 237 -24.71 -19.06 0.47
C THR B 237 -25.76 -17.98 0.17
N ALA B 238 -25.48 -17.13 -0.83
CA ALA B 238 -26.39 -16.08 -1.23
C ALA B 238 -26.58 -16.12 -2.74
N ALA B 239 -27.65 -15.48 -3.23
CA ALA B 239 -27.96 -15.47 -4.64
C ALA B 239 -28.76 -14.21 -5.00
N ILE B 240 -28.31 -13.54 -6.05
CA ILE B 240 -29.00 -12.35 -6.52
C ILE B 240 -29.93 -12.80 -7.65
N VAL B 241 -31.21 -12.92 -7.25
CA VAL B 241 -32.23 -13.54 -8.08
C VAL B 241 -33.45 -12.64 -8.10
N ASP B 242 -34.41 -13.01 -8.96
CA ASP B 242 -35.78 -12.53 -8.83
C ASP B 242 -36.55 -13.53 -8.00
N ALA B 243 -36.71 -13.28 -6.69
CA ALA B 243 -37.22 -14.30 -5.80
C ALA B 243 -38.55 -14.89 -6.31
N GLY B 244 -39.33 -14.06 -7.00
CA GLY B 244 -40.67 -14.43 -7.43
C GLY B 244 -40.67 -15.31 -8.68
N LYS B 245 -39.48 -15.56 -9.27
CA LYS B 245 -39.42 -16.36 -10.47
C LYS B 245 -38.31 -17.41 -10.36
N ILE B 246 -38.20 -18.09 -9.22
CA ILE B 246 -37.37 -19.28 -9.10
C ILE B 246 -38.30 -20.42 -8.74
N LEU B 247 -38.20 -21.52 -9.49
CA LEU B 247 -38.95 -22.72 -9.20
C LEU B 247 -38.12 -23.63 -8.29
N PRO B 248 -38.74 -24.38 -7.38
CA PRO B 248 -38.03 -25.46 -6.71
C PRO B 248 -37.89 -26.60 -7.73
N ILE B 249 -36.81 -27.37 -7.55
CA ILE B 249 -36.37 -28.32 -8.56
C ILE B 249 -37.44 -29.40 -8.79
N SER B 250 -38.19 -29.66 -7.70
CA SER B 250 -39.23 -30.65 -7.67
C SER B 250 -40.35 -30.34 -8.64
N GLN B 251 -40.48 -29.07 -9.06
CA GLN B 251 -41.57 -28.65 -9.94
C GLN B 251 -41.10 -28.35 -11.35
N ILE B 252 -39.88 -28.79 -11.71
CA ILE B 252 -39.39 -28.70 -13.07
C ILE B 252 -39.40 -30.09 -13.68
N PRO B 253 -40.10 -30.28 -14.82
CA PRO B 253 -40.15 -31.57 -15.52
C PRO B 253 -38.77 -32.14 -15.78
N GLU B 254 -38.68 -33.47 -15.71
CA GLU B 254 -37.39 -34.14 -15.68
C GLU B 254 -36.64 -33.86 -16.96
N GLU B 255 -37.36 -33.71 -18.08
CA GLU B 255 -36.71 -33.45 -19.35
C GLU B 255 -36.05 -32.07 -19.34
N ALA B 256 -36.79 -31.08 -18.88
CA ALA B 256 -36.28 -29.72 -18.80
C ALA B 256 -35.10 -29.63 -17.85
N TYR B 257 -35.17 -30.37 -16.74
CA TYR B 257 -34.11 -30.41 -15.73
C TYR B 257 -32.85 -30.91 -16.41
N ALA B 258 -32.96 -32.04 -17.11
CA ALA B 258 -31.81 -32.67 -17.76
C ALA B 258 -31.26 -31.76 -18.84
N LEU B 259 -32.14 -31.13 -19.60
CA LEU B 259 -31.68 -30.23 -20.64
C LEU B 259 -30.95 -29.03 -20.06
N ALA B 260 -31.41 -28.55 -18.92
CA ALA B 260 -30.76 -27.43 -18.26
C ALA B 260 -29.35 -27.84 -17.83
N LEU B 261 -29.20 -29.07 -17.34
CA LEU B 261 -27.91 -29.56 -16.92
C LEU B 261 -27.02 -29.72 -18.14
N ASP B 262 -27.55 -30.36 -19.21
CA ASP B 262 -26.86 -30.49 -20.49
C ASP B 262 -26.20 -29.16 -20.84
N LEU B 263 -26.95 -28.06 -20.74
CA LEU B 263 -26.49 -26.72 -21.11
C LEU B 263 -25.45 -26.15 -20.13
N ILE B 264 -25.73 -26.27 -18.83
CA ILE B 264 -24.87 -25.74 -17.78
C ILE B 264 -23.51 -26.44 -17.78
N TYR B 265 -23.48 -27.76 -17.99
CA TYR B 265 -22.23 -28.51 -17.92
C TYR B 265 -21.68 -28.82 -19.32
N ASP B 266 -22.37 -28.32 -20.36
CA ASP B 266 -21.88 -28.45 -21.72
C ASP B 266 -21.66 -29.93 -22.07
N ARG B 267 -22.77 -30.70 -21.97
CA ARG B 267 -22.75 -32.12 -22.19
C ARG B 267 -23.04 -32.36 -23.67
N ARG B 268 -22.10 -31.91 -24.52
CA ARG B 268 -22.20 -32.06 -25.96
C ARG B 268 -22.11 -33.55 -26.28
N LYS B 269 -23.00 -34.03 -27.16
CA LYS B 269 -22.91 -35.35 -27.75
C LYS B 269 -22.74 -35.08 -29.25
N GLU B 270 -22.41 -36.15 -30.00
CA GLU B 270 -22.26 -36.15 -31.44
C GLU B 270 -23.36 -35.34 -32.14
N GLY B 271 -24.63 -35.74 -32.01
CA GLY B 271 -25.71 -35.13 -32.79
C GLY B 271 -26.62 -34.21 -31.98
N PHE B 272 -26.07 -33.53 -30.98
CA PHE B 272 -26.90 -32.88 -29.97
C PHE B 272 -26.24 -31.54 -29.59
N ASP B 273 -27.03 -30.44 -29.67
CA ASP B 273 -26.52 -29.18 -29.19
C ASP B 273 -27.30 -28.71 -27.97
N PRO B 274 -26.70 -28.74 -26.75
CA PRO B 274 -27.46 -28.51 -25.51
C PRO B 274 -28.35 -27.29 -25.55
N LEU B 275 -27.77 -26.17 -25.99
CA LEU B 275 -28.43 -24.88 -25.98
C LEU B 275 -29.70 -24.96 -26.82
N LEU B 276 -29.53 -25.42 -28.08
CA LEU B 276 -30.62 -25.44 -29.03
C LEU B 276 -31.72 -26.39 -28.57
N ALA B 277 -31.33 -27.53 -27.98
CA ALA B 277 -32.26 -28.52 -27.48
C ALA B 277 -33.06 -27.95 -26.32
N PHE B 278 -32.35 -27.23 -25.45
CA PHE B 278 -32.96 -26.59 -24.29
C PHE B 278 -33.98 -25.57 -24.79
N MET B 279 -33.65 -24.81 -25.83
CA MET B 279 -34.52 -23.78 -26.37
C MET B 279 -35.76 -24.41 -26.97
N ALA B 280 -35.52 -25.47 -27.75
CA ALA B 280 -36.54 -26.17 -28.47
C ALA B 280 -37.59 -26.73 -27.51
N TYR B 281 -37.18 -27.16 -26.32
CA TYR B 281 -38.11 -27.75 -25.36
C TYR B 281 -39.30 -26.84 -25.11
N PHE B 282 -39.05 -25.53 -25.04
CA PHE B 282 -40.08 -24.56 -24.65
C PHE B 282 -40.96 -24.20 -25.84
N GLU B 283 -40.52 -24.47 -27.08
CA GLU B 283 -41.29 -24.13 -28.25
C GLU B 283 -42.44 -25.11 -28.43
N ALA B 284 -43.59 -24.59 -28.88
CA ALA B 284 -44.83 -25.35 -28.77
C ALA B 284 -45.06 -25.96 -30.14
N HIS B 285 -44.05 -26.62 -30.71
CA HIS B 285 -44.23 -27.50 -31.84
C HIS B 285 -43.06 -28.47 -31.83
N LYS B 286 -43.29 -29.75 -31.48
CA LYS B 286 -42.33 -30.81 -31.77
C LYS B 286 -42.91 -31.73 -32.85
N GLU B 287 -42.30 -31.82 -34.04
CA GLU B 287 -42.56 -32.93 -34.96
C GLU B 287 -41.83 -34.19 -34.47
N ASP B 288 -42.25 -35.38 -34.92
CA ASP B 288 -41.76 -36.64 -34.37
C ASP B 288 -40.25 -36.75 -34.62
N PRO B 289 -39.38 -36.90 -33.57
CA PRO B 289 -37.92 -36.86 -33.78
C PRO B 289 -37.44 -37.82 -34.86
N GLY B 290 -38.00 -39.04 -34.86
CA GLY B 290 -37.67 -40.07 -35.84
C GLY B 290 -38.08 -39.68 -37.28
N LYS B 291 -39.31 -39.13 -37.40
CA LYS B 291 -39.92 -38.85 -38.69
C LYS B 291 -39.11 -37.78 -39.43
N ARG B 292 -38.76 -36.70 -38.72
CA ARG B 292 -38.11 -35.56 -39.34
C ARG B 292 -36.70 -35.97 -39.80
N GLU B 293 -35.98 -36.71 -38.95
CA GLU B 293 -34.65 -37.23 -39.23
C GLU B 293 -34.62 -38.00 -40.56
N ASP B 294 -35.51 -38.93 -40.83
CA ASP B 294 -35.35 -39.67 -42.08
C ASP B 294 -35.91 -38.84 -43.25
N ALA B 295 -36.99 -38.05 -43.00
CA ALA B 295 -37.45 -37.11 -44.03
C ALA B 295 -36.25 -36.33 -44.57
N PHE B 296 -35.35 -35.93 -43.64
CA PHE B 296 -34.12 -35.22 -43.96
C PHE B 296 -33.19 -36.12 -44.78
N LEU B 297 -32.87 -37.32 -44.25
CA LEU B 297 -31.91 -38.25 -44.84
C LEU B 297 -32.39 -38.69 -46.22
N ALA B 298 -33.71 -38.66 -46.44
CA ALA B 298 -34.32 -39.02 -47.72
C ALA B 298 -34.11 -37.95 -48.80
N LEU B 299 -33.73 -36.71 -48.44
CA LEU B 299 -33.57 -35.64 -49.43
C LEU B 299 -32.47 -35.97 -50.44
N PRO B 300 -32.52 -35.43 -51.69
CA PRO B 300 -31.37 -35.44 -52.62
C PRO B 300 -30.10 -34.83 -52.04
N LEU B 301 -28.95 -35.12 -52.65
CA LEU B 301 -27.66 -34.77 -52.07
C LEU B 301 -27.54 -33.26 -51.93
N LEU B 302 -27.82 -32.54 -53.04
CA LEU B 302 -27.59 -31.11 -53.06
C LEU B 302 -28.55 -30.46 -52.07
N GLU B 303 -29.83 -30.87 -52.16
CA GLU B 303 -30.88 -30.34 -51.29
C GLU B 303 -30.58 -30.64 -49.81
N ARG B 304 -29.91 -31.76 -49.51
CA ARG B 304 -29.59 -32.13 -48.14
C ARG B 304 -28.51 -31.21 -47.58
N LEU B 305 -27.49 -30.90 -48.40
CA LEU B 305 -26.46 -29.96 -48.01
C LEU B 305 -27.05 -28.61 -47.63
N LYS B 306 -27.95 -28.11 -48.46
CA LYS B 306 -28.68 -26.90 -48.15
C LYS B 306 -29.28 -27.01 -46.76
N ARG B 307 -30.07 -28.05 -46.53
CA ARG B 307 -30.86 -28.14 -45.31
C ARG B 307 -29.95 -28.29 -44.09
N ARG B 308 -28.70 -28.75 -44.29
CA ARG B 308 -27.74 -28.87 -43.19
C ARG B 308 -27.43 -27.48 -42.63
N VAL B 309 -27.22 -26.53 -43.55
CA VAL B 309 -26.98 -25.14 -43.18
C VAL B 309 -28.17 -24.56 -42.44
N VAL B 310 -29.38 -24.76 -42.97
CA VAL B 310 -30.60 -24.17 -42.43
C VAL B 310 -30.93 -24.73 -41.05
N GLU B 311 -30.96 -26.07 -40.94
CA GLU B 311 -31.31 -26.74 -39.70
C GLU B 311 -30.11 -26.81 -38.76
N GLY B 312 -28.91 -26.42 -39.23
CA GLY B 312 -27.72 -26.37 -38.39
C GLY B 312 -27.19 -27.75 -38.05
N ARG B 313 -27.26 -28.70 -39.00
CA ARG B 313 -26.93 -30.10 -38.77
C ARG B 313 -25.47 -30.40 -39.08
N LYS B 314 -24.67 -30.38 -38.01
CA LYS B 314 -23.22 -30.54 -38.13
C LYS B 314 -22.82 -31.95 -38.51
N GLN B 315 -23.45 -32.94 -37.87
CA GLN B 315 -22.95 -34.29 -37.90
C GLN B 315 -23.33 -34.94 -39.22
N GLY B 316 -22.34 -35.53 -39.91
CA GLY B 316 -22.54 -36.23 -41.16
C GLY B 316 -22.34 -35.29 -42.36
N LEU B 317 -21.73 -34.12 -42.10
CA LEU B 317 -21.51 -33.09 -43.08
C LEU B 317 -20.35 -33.50 -43.97
N GLU B 318 -19.23 -33.89 -43.33
CA GLU B 318 -18.01 -34.24 -44.02
C GLU B 318 -18.29 -35.45 -44.92
N ALA B 319 -19.16 -36.34 -44.42
CA ALA B 319 -19.65 -37.48 -45.17
C ALA B 319 -20.30 -37.02 -46.49
N ASP B 320 -21.23 -36.07 -46.38
CA ASP B 320 -22.04 -35.64 -47.51
C ASP B 320 -21.22 -34.83 -48.51
N LEU B 321 -20.27 -34.04 -48.01
CA LEU B 321 -19.41 -33.26 -48.88
C LEU B 321 -18.50 -34.21 -49.65
N GLU B 322 -17.91 -35.17 -48.94
CA GLU B 322 -17.13 -36.24 -49.56
C GLU B 322 -17.92 -36.84 -50.71
N GLU B 323 -19.20 -37.17 -50.47
CA GLU B 323 -20.08 -37.78 -51.46
C GLU B 323 -20.24 -36.90 -52.71
N ALA B 324 -20.40 -35.58 -52.51
CA ALA B 324 -20.64 -34.66 -53.61
C ALA B 324 -19.39 -34.43 -54.44
N LEU B 325 -18.22 -34.44 -53.79
CA LEU B 325 -16.95 -34.38 -54.49
C LEU B 325 -16.75 -35.64 -55.33
N LYS B 326 -17.25 -36.80 -54.85
CA LYS B 326 -17.19 -38.06 -55.60
C LYS B 326 -18.02 -37.97 -56.88
N ALA B 327 -19.22 -37.41 -56.83
CA ALA B 327 -20.06 -37.22 -58.02
C ALA B 327 -19.56 -36.10 -58.95
N GLY B 328 -18.48 -35.39 -58.60
CA GLY B 328 -17.80 -34.51 -59.54
C GLY B 328 -18.31 -33.07 -59.45
N HIS B 329 -19.07 -32.76 -58.40
CA HIS B 329 -19.40 -31.38 -58.02
C HIS B 329 -18.11 -30.67 -57.57
N LYS B 330 -17.95 -29.41 -57.99
CA LYS B 330 -16.79 -28.57 -57.73
C LYS B 330 -16.96 -27.76 -56.43
N PRO B 331 -15.91 -27.63 -55.59
CA PRO B 331 -16.03 -26.92 -54.31
C PRO B 331 -16.72 -25.56 -54.34
N LEU B 332 -16.23 -24.67 -55.21
CA LEU B 332 -16.73 -23.31 -55.32
C LEU B 332 -18.24 -23.36 -55.66
N ASP B 333 -18.65 -24.35 -56.48
CA ASP B 333 -20.05 -24.50 -56.89
C ASP B 333 -20.95 -24.96 -55.75
N LEU B 334 -20.42 -25.84 -54.89
CA LEU B 334 -21.14 -26.28 -53.71
C LEU B 334 -21.36 -25.12 -52.75
N ILE B 335 -20.42 -24.17 -52.71
CA ILE B 335 -20.54 -23.00 -51.88
C ILE B 335 -21.53 -22.03 -52.52
N ASN B 336 -21.25 -21.60 -53.77
CA ASN B 336 -22.05 -20.58 -54.45
C ASN B 336 -23.43 -21.12 -54.85
N GLY B 337 -23.70 -22.41 -54.63
CA GLY B 337 -25.01 -22.99 -54.91
C GLY B 337 -25.75 -23.35 -53.63
N PRO B 338 -25.79 -24.65 -53.23
CA PRO B 338 -26.60 -25.12 -52.08
C PRO B 338 -26.27 -24.58 -50.69
N LEU B 339 -24.98 -24.36 -50.39
CA LEU B 339 -24.55 -23.93 -49.06
C LEU B 339 -24.95 -22.48 -48.81
N LEU B 340 -24.56 -21.58 -49.73
CA LEU B 340 -24.88 -20.17 -49.55
C LEU B 340 -26.39 -19.94 -49.66
N ALA B 341 -27.08 -20.80 -50.45
CA ALA B 341 -28.52 -20.70 -50.60
C ALA B 341 -29.20 -21.03 -49.28
N GLY B 342 -28.61 -21.97 -48.54
CA GLY B 342 -29.04 -22.23 -47.18
C GLY B 342 -28.89 -20.99 -46.30
N MET B 343 -27.73 -20.34 -46.44
CA MET B 343 -27.39 -19.22 -45.59
C MET B 343 -28.38 -18.09 -45.87
N LYS B 344 -28.76 -17.93 -47.14
CA LYS B 344 -29.75 -16.94 -47.53
C LYS B 344 -31.10 -17.19 -46.86
N GLU B 345 -31.54 -18.46 -46.87
CA GLU B 345 -32.83 -18.86 -46.30
C GLU B 345 -32.84 -18.60 -44.80
N VAL B 346 -31.73 -18.88 -44.11
CA VAL B 346 -31.59 -18.57 -42.69
C VAL B 346 -31.84 -17.08 -42.48
N GLY B 347 -31.25 -16.24 -43.35
CA GLY B 347 -31.49 -14.82 -43.38
C GLY B 347 -32.97 -14.49 -43.32
N ASP B 348 -33.69 -15.01 -44.32
CA ASP B 348 -35.11 -14.73 -44.51
C ASP B 348 -35.93 -15.21 -43.32
N LEU B 349 -35.55 -16.33 -42.73
CA LEU B 349 -36.29 -16.88 -41.59
C LEU B 349 -36.08 -16.00 -40.36
N PHE B 350 -34.84 -15.51 -40.19
CA PHE B 350 -34.51 -14.72 -39.03
C PHE B 350 -35.21 -13.37 -39.15
N GLY B 351 -35.18 -12.81 -40.37
CA GLY B 351 -35.83 -11.57 -40.73
C GLY B 351 -37.35 -11.61 -40.54
N ALA B 352 -37.97 -12.78 -40.71
CA ALA B 352 -39.41 -12.94 -40.56
C ALA B 352 -39.79 -13.21 -39.10
N GLY B 353 -38.80 -13.35 -38.21
CA GLY B 353 -39.07 -13.64 -36.81
C GLY B 353 -39.41 -15.10 -36.57
N LYS B 354 -39.08 -15.98 -37.53
CA LYS B 354 -39.41 -17.40 -37.48
C LYS B 354 -38.19 -18.21 -37.04
N MET B 355 -37.04 -17.58 -36.74
CA MET B 355 -35.86 -18.29 -36.23
C MET B 355 -35.14 -17.41 -35.21
N GLN B 356 -34.74 -18.01 -34.09
CA GLN B 356 -34.06 -17.28 -33.02
C GLN B 356 -32.57 -17.17 -33.35
N LEU B 357 -31.89 -16.20 -32.70
CA LEU B 357 -30.55 -15.83 -33.17
C LEU B 357 -29.51 -16.97 -33.03
N PRO B 358 -29.45 -17.74 -31.92
CA PRO B 358 -28.39 -18.74 -31.80
C PRO B 358 -28.47 -19.82 -32.88
N PHE B 359 -29.68 -20.04 -33.47
CA PHE B 359 -29.84 -21.00 -34.56
C PHE B 359 -29.12 -20.49 -35.80
N VAL B 360 -29.14 -19.17 -35.98
CA VAL B 360 -28.45 -18.51 -37.08
C VAL B 360 -26.94 -18.71 -36.91
N LEU B 361 -26.45 -18.60 -35.66
CA LEU B 361 -25.06 -18.79 -35.37
C LEU B 361 -24.61 -20.20 -35.72
N GLN B 362 -25.44 -21.17 -35.36
CA GLN B 362 -25.14 -22.58 -35.59
C GLN B 362 -25.20 -22.89 -37.08
N ALA B 363 -26.01 -22.13 -37.82
CA ALA B 363 -26.03 -22.24 -39.27
C ALA B 363 -24.68 -21.79 -39.81
N ALA B 364 -24.21 -20.65 -39.32
CA ALA B 364 -22.95 -20.10 -39.77
C ALA B 364 -21.81 -21.09 -39.48
N GLU B 365 -21.89 -21.76 -38.32
CA GLU B 365 -20.87 -22.73 -37.94
C GLU B 365 -20.87 -23.88 -38.94
N VAL B 366 -22.03 -24.30 -39.44
CA VAL B 366 -22.07 -25.35 -40.44
C VAL B 366 -21.39 -24.88 -41.72
N MET B 367 -21.67 -23.65 -42.13
CA MET B 367 -21.08 -23.07 -43.33
C MET B 367 -19.55 -23.05 -43.22
N LYS B 368 -19.03 -22.63 -42.05
CA LYS B 368 -17.60 -22.49 -41.86
C LYS B 368 -16.89 -23.85 -41.85
N ARG B 369 -17.48 -24.83 -41.16
CA ARG B 369 -16.96 -26.18 -41.19
C ARG B 369 -16.95 -26.70 -42.62
N ALA B 370 -18.01 -26.41 -43.37
CA ALA B 370 -18.16 -26.90 -44.74
C ALA B 370 -17.03 -26.36 -45.62
N VAL B 371 -16.76 -25.06 -45.49
CA VAL B 371 -15.73 -24.41 -46.27
C VAL B 371 -14.33 -24.86 -45.83
N ALA B 372 -14.15 -25.08 -44.52
CA ALA B 372 -12.92 -25.64 -43.98
C ALA B 372 -12.60 -26.97 -44.65
N TYR B 373 -13.60 -27.86 -44.76
CA TYR B 373 -13.40 -29.17 -45.37
C TYR B 373 -13.20 -29.08 -46.89
N LEU B 374 -13.74 -28.05 -47.55
CA LEU B 374 -13.64 -27.90 -48.99
C LEU B 374 -12.36 -27.16 -49.42
N GLU B 375 -11.73 -26.39 -48.50
CA GLU B 375 -10.61 -25.51 -48.86
C GLU B 375 -9.45 -26.28 -49.49
N PRO B 376 -9.08 -27.50 -49.00
CA PRO B 376 -8.03 -28.29 -49.62
C PRO B 376 -8.33 -28.77 -51.04
N HIS B 377 -9.60 -28.86 -51.43
CA HIS B 377 -9.98 -29.42 -52.73
C HIS B 377 -10.14 -28.31 -53.78
N MET B 378 -9.84 -27.05 -53.44
CA MET B 378 -9.96 -25.94 -54.38
C MET B 378 -8.67 -25.81 -55.20
N GLU B 379 -8.77 -25.24 -56.41
CA GLU B 379 -7.60 -25.00 -57.24
C GLU B 379 -6.68 -23.95 -56.63
N LYS B 380 -5.36 -24.18 -56.72
CA LYS B 380 -4.34 -23.29 -56.20
C LYS B 380 -3.49 -22.75 -57.35
N LYS B 381 -3.93 -21.65 -57.97
CA LYS B 381 -3.29 -21.14 -59.18
C LYS B 381 -2.54 -19.83 -58.87
N GLY B 382 -1.28 -19.71 -59.30
CA GLY B 382 -0.51 -18.46 -59.23
C GLY B 382 0.10 -18.30 -57.84
N GLU B 383 1.16 -17.45 -57.73
CA GLU B 383 1.76 -17.16 -56.43
C GLU B 383 2.37 -15.76 -56.37
N GLY B 384 2.17 -15.03 -55.26
CA GLY B 384 2.85 -13.78 -54.96
C GLY B 384 2.53 -12.65 -55.95
N LYS B 385 1.28 -12.53 -56.42
CA LYS B 385 0.88 -11.52 -57.39
C LYS B 385 0.71 -10.13 -56.76
N GLY B 386 0.57 -10.07 -55.42
CA GLY B 386 0.44 -8.83 -54.68
C GLY B 386 -0.22 -9.07 -53.32
N THR B 387 -0.59 -7.98 -52.61
CA THR B 387 -1.07 -8.06 -51.24
C THR B 387 -2.34 -7.22 -51.03
N LEU B 388 -3.23 -7.73 -50.16
CA LEU B 388 -4.50 -7.10 -49.83
C LEU B 388 -4.66 -7.11 -48.31
N VAL B 389 -4.86 -5.93 -47.72
CA VAL B 389 -5.28 -5.83 -46.34
C VAL B 389 -6.80 -5.81 -46.31
N LEU B 390 -7.35 -6.75 -45.55
CA LEU B 390 -8.78 -7.01 -45.57
C LEU B 390 -9.31 -6.99 -44.14
N ALA B 391 -10.49 -6.41 -43.96
CA ALA B 391 -11.03 -6.23 -42.63
C ALA B 391 -12.53 -5.98 -42.67
N THR B 392 -13.19 -6.34 -41.57
CA THR B 392 -14.57 -5.96 -41.34
C THR B 392 -14.54 -4.68 -40.52
N VAL B 393 -15.40 -3.71 -40.86
CA VAL B 393 -15.27 -2.38 -40.30
C VAL B 393 -15.85 -2.30 -38.89
N LYS B 394 -15.61 -1.14 -38.26
CA LYS B 394 -16.02 -0.91 -36.88
C LYS B 394 -17.47 -1.32 -36.65
N GLY B 395 -17.64 -2.16 -35.63
CA GLY B 395 -18.96 -2.53 -35.14
C GLY B 395 -19.72 -3.52 -36.02
N ALA B 396 -19.05 -4.11 -37.02
CA ALA B 396 -19.67 -5.12 -37.87
C ALA B 396 -19.04 -6.47 -37.55
N VAL B 397 -19.88 -7.51 -37.49
CA VAL B 397 -19.42 -8.81 -36.99
C VAL B 397 -19.51 -9.90 -38.05
N HIS B 398 -20.28 -9.70 -39.14
CA HIS B 398 -20.42 -10.76 -40.12
C HIS B 398 -19.14 -10.84 -40.93
N ASP B 399 -18.66 -12.07 -41.13
CA ASP B 399 -17.38 -12.22 -41.74
C ASP B 399 -17.28 -13.46 -42.62
N ILE B 400 -18.41 -14.04 -43.03
CA ILE B 400 -18.28 -15.25 -43.83
C ILE B 400 -17.87 -14.78 -45.22
N GLY B 401 -18.40 -13.60 -45.56
CA GLY B 401 -18.06 -12.99 -46.83
C GLY B 401 -16.58 -12.72 -46.90
N LYS B 402 -16.15 -11.90 -45.92
CA LYS B 402 -14.75 -11.54 -45.82
C LYS B 402 -13.86 -12.78 -46.04
N ASN B 403 -14.15 -13.84 -45.29
CA ASN B 403 -13.31 -15.02 -45.26
C ASN B 403 -13.31 -15.75 -46.59
N LEU B 404 -14.42 -15.72 -47.33
CA LEU B 404 -14.40 -16.33 -48.63
C LEU B 404 -13.45 -15.56 -49.55
N VAL B 405 -13.43 -14.23 -49.40
CA VAL B 405 -12.57 -13.36 -50.20
C VAL B 405 -11.12 -13.77 -49.92
N ASP B 406 -10.78 -13.92 -48.63
CA ASP B 406 -9.47 -14.39 -48.19
C ASP B 406 -9.08 -15.67 -48.93
N ILE B 407 -9.96 -16.69 -48.85
CA ILE B 407 -9.69 -18.01 -49.40
C ILE B 407 -9.41 -17.90 -50.90
N ILE B 408 -10.33 -17.24 -51.60
CA ILE B 408 -10.32 -17.25 -53.04
C ILE B 408 -9.12 -16.45 -53.55
N LEU B 409 -8.86 -15.28 -53.00
CA LEU B 409 -7.70 -14.49 -53.41
C LEU B 409 -6.42 -15.21 -53.03
N SER B 410 -6.38 -15.81 -51.83
CA SER B 410 -5.21 -16.55 -51.40
C SER B 410 -4.88 -17.66 -52.41
N ASN B 411 -5.93 -18.32 -52.91
CA ASN B 411 -5.78 -19.44 -53.81
C ASN B 411 -5.41 -18.97 -55.21
N ASN B 412 -5.71 -17.71 -55.55
CA ASN B 412 -5.34 -17.17 -56.85
C ASN B 412 -4.07 -16.33 -56.78
N GLY B 413 -3.25 -16.57 -55.73
CA GLY B 413 -1.86 -16.10 -55.70
C GLY B 413 -1.69 -14.73 -55.00
N TYR B 414 -2.62 -14.33 -54.15
CA TYR B 414 -2.51 -13.06 -53.44
C TYR B 414 -2.23 -13.32 -51.96
N ARG B 415 -1.42 -12.44 -51.38
CA ARG B 415 -1.21 -12.41 -49.94
C ARG B 415 -2.38 -11.64 -49.34
N VAL B 416 -3.11 -12.28 -48.42
CA VAL B 416 -4.23 -11.63 -47.76
C VAL B 416 -3.90 -11.45 -46.29
N VAL B 417 -3.89 -10.20 -45.85
CA VAL B 417 -3.68 -9.87 -44.45
C VAL B 417 -5.03 -9.60 -43.81
N ASN B 418 -5.56 -10.61 -43.13
CA ASN B 418 -6.95 -10.57 -42.69
C ASN B 418 -6.95 -10.05 -41.25
N LEU B 419 -7.40 -8.83 -41.01
CA LEU B 419 -7.30 -8.20 -39.69
C LEU B 419 -8.48 -8.59 -38.78
N GLY B 420 -9.34 -9.53 -39.22
CA GLY B 420 -10.48 -9.97 -38.42
C GLY B 420 -11.56 -8.90 -38.46
N ILE B 421 -12.30 -8.75 -37.35
CA ILE B 421 -13.53 -7.97 -37.36
C ILE B 421 -13.45 -6.75 -36.46
N LYS B 422 -14.42 -5.86 -36.58
CA LYS B 422 -14.58 -4.66 -35.74
C LYS B 422 -13.35 -3.76 -35.79
N VAL B 423 -12.66 -3.77 -36.94
CA VAL B 423 -11.36 -3.12 -37.09
C VAL B 423 -11.50 -1.64 -37.32
N PRO B 424 -10.95 -0.78 -36.44
CA PRO B 424 -11.01 0.66 -36.64
C PRO B 424 -10.09 1.08 -37.76
N ILE B 425 -10.39 2.22 -38.37
CA ILE B 425 -9.65 2.67 -39.54
C ILE B 425 -8.19 2.95 -39.18
N GLU B 426 -7.95 3.36 -37.93
CA GLU B 426 -6.60 3.58 -37.42
C GLU B 426 -5.82 2.29 -37.60
N GLU B 427 -6.35 1.19 -37.10
CA GLU B 427 -5.67 -0.09 -37.11
C GLU B 427 -5.52 -0.61 -38.55
N ILE B 428 -6.48 -0.34 -39.43
CA ILE B 428 -6.39 -0.74 -40.83
C ILE B 428 -5.19 -0.06 -41.47
N LEU B 429 -5.09 1.26 -41.31
CA LEU B 429 -4.02 2.02 -41.91
C LEU B 429 -2.63 1.69 -41.32
N LYS B 430 -2.57 1.24 -40.09
CA LYS B 430 -1.32 0.78 -39.48
C LYS B 430 -0.82 -0.44 -40.22
N ALA B 431 -1.75 -1.35 -40.53
CA ALA B 431 -1.45 -2.54 -41.32
C ALA B 431 -1.16 -2.17 -42.77
N VAL B 432 -1.73 -1.08 -43.27
CA VAL B 432 -1.36 -0.59 -44.57
C VAL B 432 0.08 -0.16 -44.53
N GLU B 433 0.50 0.53 -43.47
CA GLU B 433 1.87 1.02 -43.35
C GLU B 433 2.81 -0.15 -43.25
N ALA B 434 2.42 -1.13 -42.43
CA ALA B 434 3.25 -2.30 -42.20
C ALA B 434 3.45 -3.14 -43.46
N HIS B 435 2.38 -3.49 -44.19
CA HIS B 435 2.43 -4.50 -45.25
C HIS B 435 2.52 -3.91 -46.65
N LYS B 436 2.38 -2.59 -46.78
CA LYS B 436 2.43 -1.89 -48.07
C LYS B 436 1.60 -2.59 -49.12
N PRO B 437 0.28 -2.78 -48.90
CA PRO B 437 -0.53 -3.59 -49.79
C PRO B 437 -0.91 -2.80 -51.04
N HIS B 438 -1.42 -3.56 -52.02
CA HIS B 438 -1.85 -3.03 -53.29
C HIS B 438 -3.30 -2.51 -53.19
N ALA B 439 -4.07 -3.02 -52.22
CA ALA B 439 -5.42 -2.48 -51.97
C ALA B 439 -5.88 -2.80 -50.55
N VAL B 440 -6.96 -2.12 -50.13
CA VAL B 440 -7.58 -2.39 -48.84
C VAL B 440 -9.01 -2.82 -49.12
N GLY B 441 -9.44 -3.86 -48.41
CA GLY B 441 -10.79 -4.36 -48.53
C GLY B 441 -11.51 -4.14 -47.22
N MET B 442 -12.75 -3.64 -47.34
CA MET B 442 -13.57 -3.38 -46.17
C MET B 442 -14.91 -4.11 -46.39
N SER B 443 -15.22 -5.10 -45.53
CA SER B 443 -16.52 -5.76 -45.49
C SER B 443 -17.40 -5.11 -44.44
N GLY B 444 -18.71 -5.30 -44.63
CA GLY B 444 -19.71 -4.85 -43.66
C GLY B 444 -21.09 -5.10 -44.19
N LEU B 445 -21.98 -5.68 -43.34
CA LEU B 445 -23.22 -6.16 -43.95
C LEU B 445 -24.39 -5.21 -43.70
N LEU B 446 -24.50 -4.64 -42.50
CA LEU B 446 -25.66 -3.83 -42.19
C LEU B 446 -25.53 -2.42 -42.78
N VAL B 447 -26.63 -1.66 -42.68
CA VAL B 447 -26.64 -0.36 -43.29
C VAL B 447 -25.65 0.54 -42.55
N LYS B 448 -25.69 0.47 -41.20
CA LYS B 448 -24.86 1.37 -40.41
C LYS B 448 -23.40 1.18 -40.84
N SER B 449 -23.00 -0.06 -41.20
CA SER B 449 -21.64 -0.42 -41.55
C SER B 449 -21.21 0.29 -42.83
N THR B 450 -22.14 0.64 -43.71
CA THR B 450 -21.79 1.36 -44.93
C THR B 450 -21.47 2.82 -44.60
N LEU B 451 -22.07 3.37 -43.55
CA LEU B 451 -21.77 4.73 -43.15
C LEU B 451 -20.41 4.81 -42.48
N VAL B 452 -20.03 3.75 -41.79
CA VAL B 452 -18.67 3.59 -41.30
C VAL B 452 -17.70 3.58 -42.48
N MET B 453 -18.07 2.87 -43.53
CA MET B 453 -17.22 2.85 -44.69
C MET B 453 -16.98 4.27 -45.20
N LYS B 454 -18.06 5.07 -45.22
CA LYS B 454 -17.99 6.43 -45.69
C LYS B 454 -17.03 7.20 -44.81
N GLU B 455 -17.19 7.10 -43.50
CA GLU B 455 -16.30 7.75 -42.54
C GLU B 455 -14.86 7.34 -42.78
N ASN B 456 -14.63 6.04 -42.92
CA ASN B 456 -13.29 5.51 -43.18
C ASN B 456 -12.68 6.18 -44.41
N LEU B 457 -13.44 6.33 -45.47
CA LEU B 457 -12.90 6.99 -46.66
C LEU B 457 -12.66 8.46 -46.40
N GLU B 458 -13.54 9.13 -45.66
CA GLU B 458 -13.35 10.51 -45.30
C GLU B 458 -11.99 10.60 -44.58
N TYR B 459 -11.78 9.73 -43.57
CA TYR B 459 -10.56 9.71 -42.77
C TYR B 459 -9.36 9.53 -43.66
N MET B 460 -9.37 8.51 -44.52
CA MET B 460 -8.28 8.22 -45.42
C MET B 460 -7.96 9.41 -46.34
N ARG B 461 -9.00 10.10 -46.84
CA ARG B 461 -8.88 11.23 -47.74
C ARG B 461 -8.10 12.34 -47.04
N ASP B 462 -8.48 12.57 -45.79
CA ASP B 462 -7.99 13.69 -45.00
C ASP B 462 -6.51 13.50 -44.60
N ARG B 463 -6.03 12.26 -44.65
CA ARG B 463 -4.64 11.96 -44.35
C ARG B 463 -3.89 11.55 -45.63
N GLY B 464 -4.38 11.96 -46.78
CA GLY B 464 -3.59 11.94 -48.01
C GLY B 464 -3.51 10.58 -48.73
N TYR B 465 -4.20 9.54 -48.26
CA TYR B 465 -4.12 8.24 -48.91
C TYR B 465 -4.78 8.30 -50.28
N THR B 466 -4.32 7.43 -51.21
CA THR B 466 -4.95 7.24 -52.51
C THR B 466 -4.90 5.78 -52.98
N LEU B 467 -4.52 4.82 -52.14
CA LEU B 467 -4.45 3.44 -52.61
C LEU B 467 -5.87 2.92 -52.81
N PRO B 468 -6.10 1.97 -53.73
CA PRO B 468 -7.44 1.45 -53.94
C PRO B 468 -8.13 0.85 -52.72
N VAL B 469 -9.42 1.14 -52.55
CA VAL B 469 -10.22 0.52 -51.50
C VAL B 469 -11.39 -0.20 -52.13
N ILE B 470 -11.50 -1.49 -51.82
CA ILE B 470 -12.54 -2.37 -52.34
C ILE B 470 -13.56 -2.55 -51.24
N LEU B 471 -14.81 -2.13 -51.51
CA LEU B 471 -15.87 -2.25 -50.52
C LEU B 471 -16.79 -3.40 -50.93
N GLY B 472 -17.21 -4.20 -49.94
CA GLY B 472 -18.13 -5.31 -50.19
C GLY B 472 -19.09 -5.50 -48.99
N GLY B 473 -20.24 -6.11 -49.27
CA GLY B 473 -21.29 -6.24 -48.28
C GLY B 473 -22.67 -6.30 -48.95
N ALA B 474 -23.61 -6.73 -48.11
CA ALA B 474 -24.97 -6.92 -48.53
C ALA B 474 -25.60 -5.57 -48.86
N ALA B 475 -25.65 -4.70 -47.84
CA ALA B 475 -26.38 -3.45 -47.97
C ALA B 475 -25.72 -2.53 -49.00
N LEU B 476 -24.46 -2.81 -49.30
CA LEU B 476 -23.76 -2.01 -50.28
C LEU B 476 -24.41 -2.20 -51.64
N THR B 477 -24.54 -1.06 -52.36
CA THR B 477 -24.97 -1.04 -53.75
C THR B 477 -23.89 -0.37 -54.59
N ARG B 478 -23.75 -0.72 -55.87
CA ARG B 478 -22.75 -0.08 -56.71
C ARG B 478 -23.00 1.43 -56.83
N SER B 479 -24.28 1.78 -56.94
CA SER B 479 -24.74 3.16 -57.05
C SER B 479 -24.20 3.99 -55.90
N TYR B 480 -24.20 3.39 -54.68
CA TYR B 480 -23.78 4.06 -53.45
C TYR B 480 -22.27 4.27 -53.45
N VAL B 481 -21.55 3.23 -53.88
CA VAL B 481 -20.11 3.34 -53.87
C VAL B 481 -19.70 4.33 -54.96
N GLU B 482 -20.44 4.42 -56.08
CA GLU B 482 -20.19 5.44 -57.07
C GLU B 482 -20.16 6.83 -56.41
N GLU B 483 -21.14 7.14 -55.54
CA GLU B 483 -21.19 8.46 -54.90
C GLU B 483 -19.94 8.66 -54.03
N LEU B 484 -19.53 7.61 -53.31
CA LEU B 484 -18.42 7.72 -52.41
C LEU B 484 -17.17 8.18 -53.16
N ARG B 485 -17.11 7.99 -54.49
CA ARG B 485 -15.91 8.35 -55.23
C ARG B 485 -15.64 9.87 -55.16
N ALA B 486 -16.68 10.67 -54.88
CA ALA B 486 -16.53 12.10 -54.66
C ALA B 486 -15.71 12.39 -53.40
N ILE B 487 -15.70 11.46 -52.44
CA ILE B 487 -14.82 11.58 -51.29
C ILE B 487 -13.45 10.99 -51.61
N TYR B 488 -13.44 9.73 -52.06
CA TYR B 488 -12.24 8.96 -52.33
C TYR B 488 -12.37 8.36 -53.74
N PRO B 489 -11.58 8.81 -54.73
CA PRO B 489 -11.85 8.46 -56.11
C PRO B 489 -11.55 7.02 -56.49
N ASN B 490 -10.72 6.34 -55.69
CA ASN B 490 -10.34 4.95 -55.92
C ASN B 490 -11.12 3.99 -55.02
N VAL B 491 -12.45 4.07 -55.02
CA VAL B 491 -13.20 3.01 -54.35
C VAL B 491 -13.76 2.14 -55.45
N TYR B 492 -13.99 0.88 -55.10
CA TYR B 492 -14.61 -0.06 -56.01
C TYR B 492 -15.66 -0.87 -55.28
N TYR B 493 -16.81 -1.10 -55.96
CA TYR B 493 -17.81 -2.03 -55.44
C TYR B 493 -17.42 -3.45 -55.82
N ALA B 494 -17.69 -4.39 -54.92
CA ALA B 494 -17.57 -5.82 -55.21
C ALA B 494 -18.85 -6.53 -54.77
N GLU B 495 -19.50 -7.16 -55.76
CA GLU B 495 -20.74 -7.90 -55.59
C GLU B 495 -20.47 -9.13 -54.73
N ASP B 496 -19.43 -9.87 -55.14
CA ASP B 496 -19.03 -11.15 -54.60
C ASP B 496 -17.51 -11.25 -54.59
N ALA B 497 -17.00 -12.38 -54.10
CA ALA B 497 -15.56 -12.55 -53.96
C ALA B 497 -14.86 -12.59 -55.31
N PHE B 498 -15.58 -13.03 -56.35
CA PHE B 498 -14.98 -13.15 -57.67
C PHE B 498 -14.70 -11.77 -58.24
N GLU B 499 -15.63 -10.83 -58.01
CA GLU B 499 -15.41 -9.45 -58.41
C GLU B 499 -14.20 -8.88 -57.68
N GLY B 500 -14.06 -9.20 -56.39
CA GLY B 500 -12.87 -8.85 -55.65
C GLY B 500 -11.59 -9.32 -56.36
N LEU B 501 -11.60 -10.60 -56.78
CA LEU B 501 -10.47 -11.16 -57.51
C LEU B 501 -10.24 -10.36 -58.78
N ARG B 502 -11.32 -10.07 -59.52
CA ARG B 502 -11.20 -9.40 -60.81
C ARG B 502 -10.60 -8.02 -60.63
N LEU B 503 -10.98 -7.32 -59.55
CA LEU B 503 -10.49 -5.97 -59.25
C LEU B 503 -9.00 -6.07 -58.93
N MET B 504 -8.62 -7.03 -58.09
CA MET B 504 -7.23 -7.18 -57.70
C MET B 504 -6.38 -7.51 -58.92
N GLU B 505 -6.93 -8.30 -59.85
CA GLU B 505 -6.24 -8.71 -61.07
C GLU B 505 -6.00 -7.47 -61.92
N GLU B 506 -7.02 -6.63 -62.11
CA GLU B 506 -6.92 -5.42 -62.92
C GLU B 506 -5.90 -4.49 -62.27
N LEU B 507 -5.93 -4.37 -60.94
CA LEU B 507 -5.13 -3.40 -60.20
C LEU B 507 -3.66 -3.81 -60.19
N THR B 508 -3.34 -5.11 -60.12
CA THR B 508 -1.95 -5.56 -60.14
C THR B 508 -1.47 -5.83 -61.57
N GLY B 509 -2.37 -5.75 -62.56
CA GLY B 509 -1.99 -5.78 -63.96
C GLY B 509 -1.90 -7.19 -64.55
N HIS B 510 -2.90 -8.02 -64.24
CA HIS B 510 -3.07 -9.37 -64.78
C HIS B 510 -4.41 -9.31 -65.57
N GLN C 1 9.46 30.23 -44.53
CA GLN C 1 9.38 30.28 -46.01
C GLN C 1 10.05 31.49 -46.66
N GLU C 2 10.96 32.25 -46.00
CA GLU C 2 11.57 33.43 -46.64
C GLU C 2 13.09 33.44 -46.52
N ALA C 3 13.76 34.37 -47.25
CA ALA C 3 15.20 34.60 -47.28
C ALA C 3 15.63 35.47 -46.09
N SER C 4 16.92 35.88 -46.02
CA SER C 4 17.50 36.46 -44.79
C SER C 4 16.92 35.74 -43.58
N LEU C 5 16.19 36.44 -42.70
CA LEU C 5 15.45 35.74 -41.66
C LEU C 5 14.01 36.17 -41.75
N PHE C 6 13.12 35.19 -41.97
CA PHE C 6 11.68 35.40 -41.85
C PHE C 6 11.30 35.47 -40.38
N LEU C 7 10.95 36.66 -39.89
CA LEU C 7 10.66 36.89 -38.48
C LEU C 7 9.18 36.73 -38.20
N VAL C 8 8.85 35.95 -37.16
CA VAL C 8 7.46 35.67 -36.81
C VAL C 8 7.19 36.22 -35.42
N GLY C 9 6.20 37.12 -35.34
CA GLY C 9 5.94 37.87 -34.14
C GLY C 9 5.19 37.06 -33.08
N GLU C 10 5.88 36.85 -31.95
CA GLU C 10 5.48 35.90 -30.94
C GLU C 10 4.34 36.39 -30.05
N ARG C 11 4.01 37.69 -30.08
CA ARG C 11 3.32 38.32 -28.97
C ARG C 11 1.83 37.96 -28.92
N LEU C 12 1.22 37.56 -30.06
CA LEU C 12 -0.19 37.19 -30.05
C LEU C 12 -0.37 35.75 -29.61
N ASN C 13 -0.04 35.48 -28.34
CA ASN C 13 0.05 34.12 -27.84
C ASN C 13 -0.44 34.09 -26.39
N ALA C 14 -1.61 33.47 -26.20
CA ALA C 14 -2.28 33.48 -24.92
C ALA C 14 -1.40 32.88 -23.84
N THR C 15 -0.66 31.81 -24.16
CA THR C 15 0.18 31.17 -23.15
C THR C 15 1.37 32.05 -22.79
N GLY C 16 1.95 32.74 -23.78
CA GLY C 16 3.21 33.47 -23.61
C GLY C 16 2.99 34.87 -23.02
N SER C 17 2.15 35.67 -23.68
CA SER C 17 1.97 37.08 -23.32
C SER C 17 0.77 37.24 -22.39
N LYS C 18 1.04 37.63 -21.14
CA LYS C 18 -0.05 37.86 -20.19
C LYS C 18 -0.94 39.00 -20.74
N ARG C 19 -0.32 40.02 -21.34
CA ARG C 19 -1.02 41.18 -21.87
C ARG C 19 -2.02 40.81 -22.97
N PHE C 20 -1.63 39.90 -23.87
CA PHE C 20 -2.51 39.44 -24.95
C PHE C 20 -3.64 38.60 -24.37
N ARG C 21 -3.30 37.75 -23.38
CA ARG C 21 -4.26 36.89 -22.71
C ARG C 21 -5.44 37.72 -22.23
N GLU C 22 -5.13 38.71 -21.39
CA GLU C 22 -6.11 39.57 -20.73
C GLU C 22 -6.90 40.38 -21.76
N MET C 23 -6.25 40.75 -22.86
CA MET C 23 -6.91 41.52 -23.91
C MET C 23 -7.91 40.65 -24.65
N LEU C 24 -7.55 39.37 -24.86
CA LEU C 24 -8.39 38.40 -25.53
C LEU C 24 -9.63 38.15 -24.71
N PHE C 25 -9.43 37.85 -23.40
CA PHE C 25 -10.52 37.52 -22.50
C PHE C 25 -11.50 38.69 -22.43
N ALA C 26 -10.96 39.92 -22.33
CA ALA C 26 -11.77 41.12 -22.26
C ALA C 26 -12.42 41.50 -23.60
N ARG C 27 -12.09 40.84 -24.69
CA ARG C 27 -12.64 41.16 -26.00
C ARG C 27 -12.24 42.57 -26.44
N ASP C 28 -10.94 42.89 -26.30
CA ASP C 28 -10.37 44.19 -26.63
C ASP C 28 -9.80 44.15 -28.05
N LEU C 29 -10.68 44.30 -29.05
CA LEU C 29 -10.28 44.12 -30.43
C LEU C 29 -9.20 45.15 -30.82
N GLU C 30 -9.42 46.42 -30.42
CA GLU C 30 -8.55 47.51 -30.85
C GLU C 30 -7.18 47.35 -30.21
N GLY C 31 -7.17 46.89 -28.95
CA GLY C 31 -5.93 46.56 -28.23
C GLY C 31 -5.09 45.50 -28.96
N ILE C 32 -5.75 44.46 -29.45
CA ILE C 32 -5.10 43.35 -30.12
C ILE C 32 -4.60 43.82 -31.49
N LEU C 33 -5.42 44.51 -32.25
CA LEU C 33 -5.01 45.02 -33.55
C LEU C 33 -3.85 46.01 -33.45
N ALA C 34 -3.82 46.78 -32.38
CA ALA C 34 -2.67 47.64 -32.09
C ALA C 34 -1.41 46.81 -31.90
N LEU C 35 -1.48 45.81 -31.01
CA LEU C 35 -0.36 44.93 -30.74
C LEU C 35 0.12 44.18 -32.00
N ALA C 36 -0.76 43.88 -32.94
CA ALA C 36 -0.38 43.20 -34.18
C ALA C 36 0.38 44.15 -35.07
N ARG C 37 -0.20 45.34 -35.32
CA ARG C 37 0.41 46.36 -36.16
C ARG C 37 1.79 46.73 -35.63
N GLU C 38 1.89 46.85 -34.29
CA GLU C 38 3.11 47.20 -33.57
C GLU C 38 4.23 46.23 -33.90
N GLN C 39 3.96 44.93 -33.83
CA GLN C 39 4.96 43.92 -34.13
C GLN C 39 5.46 44.02 -35.57
N VAL C 40 4.59 44.40 -36.51
CA VAL C 40 4.97 44.47 -37.90
C VAL C 40 5.86 45.69 -38.12
N GLU C 41 5.49 46.82 -37.50
CA GLU C 41 6.32 48.02 -37.56
C GLU C 41 7.70 47.74 -36.98
N GLU C 42 7.73 46.98 -35.88
CA GLU C 42 8.97 46.61 -35.20
C GLU C 42 9.76 45.55 -35.96
N GLY C 43 9.29 45.12 -37.14
CA GLY C 43 10.11 44.43 -38.13
C GLY C 43 9.73 42.97 -38.40
N ALA C 44 8.56 42.54 -37.88
CA ALA C 44 8.06 41.18 -38.06
C ALA C 44 7.47 41.04 -39.47
N HIS C 45 7.72 39.87 -40.07
CA HIS C 45 7.31 39.56 -41.43
C HIS C 45 6.01 38.77 -41.43
N ALA C 46 5.60 38.30 -40.23
CA ALA C 46 4.42 37.47 -40.02
C ALA C 46 4.11 37.40 -38.52
N LEU C 47 2.96 36.82 -38.15
CA LEU C 47 2.50 36.85 -36.75
C LEU C 47 2.07 35.47 -36.30
N ASP C 48 2.67 34.98 -35.21
CA ASP C 48 2.24 33.75 -34.58
C ASP C 48 0.99 34.10 -33.82
N LEU C 49 0.05 33.16 -33.86
CA LEU C 49 -1.26 33.34 -33.25
C LEU C 49 -1.63 32.08 -32.50
N SER C 50 -1.86 32.19 -31.17
CA SER C 50 -2.27 31.05 -30.37
C SER C 50 -3.21 31.50 -29.28
N VAL C 51 -4.46 31.00 -29.33
CA VAL C 51 -5.49 31.53 -28.44
C VAL C 51 -5.97 30.43 -27.51
N ALA C 52 -5.19 29.33 -27.48
CA ALA C 52 -5.65 28.18 -26.74
C ALA C 52 -5.35 28.46 -25.30
N TRP C 53 -6.35 28.32 -24.42
CA TRP C 53 -6.11 28.49 -22.98
C TRP C 53 -6.99 27.54 -22.19
N THR C 54 -6.44 27.00 -21.10
CA THR C 54 -7.10 25.96 -20.28
C THR C 54 -8.53 26.40 -19.92
N GLY C 55 -9.52 25.61 -20.29
CA GLY C 55 -10.90 25.93 -19.97
C GLY C 55 -11.67 26.70 -21.05
N ARG C 56 -11.02 27.25 -22.07
CA ARG C 56 -11.70 28.10 -23.02
C ARG C 56 -11.88 27.44 -24.39
N ASP C 57 -12.91 27.81 -25.11
CA ASP C 57 -13.23 27.23 -26.40
C ASP C 57 -12.40 27.91 -27.49
N GLU C 58 -11.29 27.26 -27.86
CA GLU C 58 -10.36 27.77 -28.86
C GLU C 58 -11.12 28.20 -30.15
N LEU C 59 -12.03 27.35 -30.65
CA LEU C 59 -12.71 27.66 -31.90
C LEU C 59 -13.48 28.98 -31.80
N GLU C 60 -14.10 29.22 -30.63
CA GLU C 60 -14.92 30.40 -30.40
C GLU C 60 -14.07 31.67 -30.54
N ASP C 61 -12.97 31.68 -29.78
CA ASP C 61 -12.02 32.78 -29.78
C ASP C 61 -11.57 33.09 -31.21
N LEU C 62 -11.18 32.05 -31.96
CA LEU C 62 -10.71 32.23 -33.33
C LEU C 62 -11.80 32.79 -34.23
N ARG C 63 -13.04 32.29 -34.06
CA ARG C 63 -14.15 32.70 -34.91
C ARG C 63 -14.35 34.21 -34.77
N TRP C 64 -14.08 34.73 -33.55
CA TRP C 64 -14.23 36.14 -33.23
C TRP C 64 -13.14 37.00 -33.86
N LEU C 65 -11.87 36.55 -33.66
CA LEU C 65 -10.71 37.37 -33.90
C LEU C 65 -10.28 37.33 -35.38
N LEU C 66 -10.40 36.15 -36.00
CA LEU C 66 -9.80 35.89 -37.31
C LEU C 66 -10.37 36.84 -38.36
N PRO C 67 -11.70 37.06 -38.42
CA PRO C 67 -12.28 37.87 -39.50
C PRO C 67 -11.64 39.25 -39.55
N HIS C 68 -11.32 39.77 -38.34
CA HIS C 68 -10.74 41.10 -38.17
C HIS C 68 -9.29 41.10 -38.63
N LEU C 69 -8.47 40.16 -38.11
CA LEU C 69 -7.06 40.02 -38.49
C LEU C 69 -6.92 39.87 -40.01
N ALA C 70 -7.93 39.22 -40.60
CA ALA C 70 -7.96 38.94 -42.02
C ALA C 70 -7.90 40.24 -42.81
N THR C 71 -8.84 41.15 -42.50
CA THR C 71 -8.96 42.41 -43.23
C THR C 71 -7.90 43.41 -42.76
N ALA C 72 -7.54 43.37 -41.47
CA ALA C 72 -6.72 44.41 -40.86
C ALA C 72 -5.22 44.22 -41.03
N LEU C 73 -4.73 43.14 -41.68
CA LEU C 73 -3.30 42.87 -41.82
C LEU C 73 -3.00 42.37 -43.24
N THR C 74 -1.81 42.68 -43.75
CA THR C 74 -1.40 42.14 -45.05
C THR C 74 -0.46 40.94 -44.85
N VAL C 75 0.24 40.86 -43.71
CA VAL C 75 1.26 39.86 -43.47
C VAL C 75 0.63 38.49 -43.18
N PRO C 76 1.38 37.38 -43.37
CA PRO C 76 0.88 36.05 -43.02
C PRO C 76 0.70 35.81 -41.53
N VAL C 77 -0.06 34.75 -41.21
CA VAL C 77 -0.29 34.31 -39.85
C VAL C 77 0.20 32.87 -39.72
N MET C 78 0.95 32.61 -38.65
CA MET C 78 1.34 31.26 -38.29
C MET C 78 0.36 30.81 -37.22
N VAL C 79 -0.49 29.84 -37.59
CA VAL C 79 -1.53 29.37 -36.70
C VAL C 79 -0.98 28.27 -35.80
N ASP C 80 -1.06 28.52 -34.51
CA ASP C 80 -0.40 27.70 -33.52
C ASP C 80 -1.48 26.93 -32.76
N SER C 81 -1.70 25.69 -33.17
CA SER C 81 -2.79 24.91 -32.62
C SER C 81 -2.54 23.41 -32.72
N THR C 82 -3.26 22.63 -31.92
CA THR C 82 -3.27 21.19 -32.06
C THR C 82 -4.60 20.71 -32.67
N SER C 83 -5.61 21.58 -32.76
CA SER C 83 -6.88 21.22 -33.40
C SER C 83 -6.82 21.44 -34.90
N PRO C 84 -6.99 20.41 -35.74
CA PRO C 84 -7.13 20.64 -37.17
C PRO C 84 -8.36 21.44 -37.55
N GLU C 85 -9.46 21.30 -36.80
CA GLU C 85 -10.66 22.07 -37.11
C GLU C 85 -10.31 23.57 -36.99
N ALA C 86 -9.49 23.91 -35.98
CA ALA C 86 -8.98 25.27 -35.78
C ALA C 86 -8.17 25.73 -36.98
N MET C 87 -7.24 24.90 -37.41
CA MET C 87 -6.41 25.21 -38.57
C MET C 87 -7.28 25.43 -39.81
N GLU C 88 -8.34 24.62 -39.95
CA GLU C 88 -9.21 24.75 -41.11
C GLU C 88 -9.89 26.11 -41.08
N LEU C 89 -10.41 26.46 -39.90
CA LEU C 89 -11.08 27.73 -39.71
C LEU C 89 -10.15 28.89 -40.09
N ALA C 90 -8.88 28.81 -39.66
CA ALA C 90 -7.89 29.82 -39.97
C ALA C 90 -7.59 29.87 -41.45
N LEU C 91 -7.53 28.70 -42.08
CA LEU C 91 -7.28 28.59 -43.51
C LEU C 91 -8.46 29.13 -44.32
N LYS C 92 -9.69 29.05 -43.75
CA LYS C 92 -10.88 29.62 -44.36
C LYS C 92 -10.72 31.14 -44.46
N TYR C 93 -10.44 31.78 -43.32
CA TYR C 93 -10.44 33.24 -43.27
C TYR C 93 -9.16 33.87 -43.87
N LEU C 94 -8.04 33.13 -43.98
CA LEU C 94 -6.78 33.75 -44.37
C LEU C 94 -6.14 32.98 -45.51
N PRO C 95 -6.87 32.69 -46.60
CA PRO C 95 -6.35 31.79 -47.63
C PRO C 95 -5.09 32.40 -48.23
N GLY C 96 -4.07 31.57 -48.45
CA GLY C 96 -2.85 32.00 -49.12
C GLY C 96 -1.77 32.47 -48.13
N ARG C 97 -2.16 32.72 -46.88
CA ARG C 97 -1.35 33.51 -45.96
C ARG C 97 -1.15 32.74 -44.64
N VAL C 98 -1.14 31.39 -44.66
CA VAL C 98 -1.08 30.62 -43.43
C VAL C 98 0.11 29.65 -43.43
N LEU C 99 0.75 29.56 -42.24
CA LEU C 99 1.74 28.56 -41.90
C LEU C 99 1.19 27.79 -40.72
N LEU C 100 1.20 26.45 -40.83
CA LEU C 100 0.54 25.63 -39.83
C LEU C 100 1.58 25.20 -38.83
N ASN C 101 1.32 25.41 -37.51
CA ASN C 101 2.26 25.04 -36.47
C ASN C 101 1.94 23.61 -36.08
N SER C 102 2.56 23.06 -35.06
CA SER C 102 2.37 21.66 -34.80
C SER C 102 2.93 20.73 -35.88
N ALA C 103 2.10 19.79 -36.39
CA ALA C 103 2.54 18.74 -37.30
C ALA C 103 3.67 17.81 -36.84
N ASN C 104 3.40 17.01 -35.81
CA ASN C 104 4.39 16.06 -35.26
C ASN C 104 3.84 14.63 -34.99
N LEU C 105 4.73 13.74 -34.50
CA LEU C 105 4.41 12.33 -34.35
C LEU C 105 4.20 11.94 -32.90
N GLU C 106 3.85 12.91 -32.04
CA GLU C 106 3.68 12.58 -30.63
C GLU C 106 2.59 11.58 -30.50
N ASP C 107 1.47 11.78 -31.21
CA ASP C 107 0.32 10.89 -31.15
C ASP C 107 0.26 10.08 -32.44
N GLY C 108 1.41 9.69 -32.96
CA GLY C 108 1.47 8.73 -34.03
C GLY C 108 1.24 9.44 -35.35
N LEU C 109 1.07 8.60 -36.39
CA LEU C 109 1.07 9.10 -37.75
C LEU C 109 -0.28 9.72 -38.14
N GLU C 110 -1.38 9.28 -37.47
CA GLU C 110 -2.69 9.78 -37.84
C GLU C 110 -2.78 11.29 -37.71
N ARG C 111 -2.40 11.83 -36.57
CA ARG C 111 -2.44 13.28 -36.36
C ARG C 111 -1.53 14.01 -37.34
N PHE C 112 -0.34 13.46 -37.55
CA PHE C 112 0.68 14.07 -38.37
C PHE C 112 0.18 14.23 -39.81
N ASP C 113 -0.35 13.15 -40.36
CA ASP C 113 -0.80 13.17 -41.74
C ASP C 113 -1.98 14.12 -41.91
N ARG C 114 -2.84 14.22 -40.90
CA ARG C 114 -4.01 15.06 -40.99
C ARG C 114 -3.57 16.51 -41.26
N VAL C 115 -2.59 16.97 -40.48
CA VAL C 115 -2.07 18.32 -40.60
C VAL C 115 -1.34 18.48 -41.93
N ALA C 116 -0.43 17.56 -42.22
CA ALA C 116 0.33 17.62 -43.46
C ALA C 116 -0.57 17.73 -44.69
N SER C 117 -1.66 16.94 -44.74
CA SER C 117 -2.57 16.92 -45.87
C SER C 117 -3.20 18.30 -46.05
N LEU C 118 -3.54 18.97 -44.94
CA LEU C 118 -4.07 20.33 -44.97
C LEU C 118 -3.05 21.25 -45.61
N ALA C 119 -1.80 21.15 -45.16
CA ALA C 119 -0.75 21.99 -45.69
C ALA C 119 -0.65 21.80 -47.18
N LYS C 120 -0.67 20.54 -47.61
CA LYS C 120 -0.57 20.20 -49.03
C LYS C 120 -1.76 20.79 -49.78
N ALA C 121 -2.96 20.47 -49.29
CA ALA C 121 -4.21 20.84 -49.93
C ALA C 121 -4.44 22.35 -50.01
N HIS C 122 -4.15 23.11 -48.95
CA HIS C 122 -4.31 24.58 -48.97
C HIS C 122 -3.00 25.26 -49.35
N GLY C 123 -2.01 24.51 -49.84
CA GLY C 123 -0.70 25.08 -50.20
C GLY C 123 -0.14 26.00 -49.11
N ALA C 124 -0.18 25.52 -47.88
CA ALA C 124 0.32 26.27 -46.75
C ALA C 124 1.70 25.74 -46.41
N ALA C 125 2.48 26.60 -45.75
CA ALA C 125 3.72 26.18 -45.16
C ALA C 125 3.41 25.28 -43.99
N LEU C 126 4.32 24.35 -43.69
CA LEU C 126 4.16 23.40 -42.59
C LEU C 126 5.36 23.49 -41.65
N VAL C 127 5.07 23.58 -40.37
CA VAL C 127 6.10 23.43 -39.36
C VAL C 127 6.07 21.99 -38.88
N VAL C 128 7.25 21.45 -38.62
CA VAL C 128 7.42 20.07 -38.24
C VAL C 128 8.24 20.01 -36.97
N LEU C 129 7.60 19.72 -35.81
CA LEU C 129 8.34 19.60 -34.56
C LEU C 129 8.97 18.23 -34.47
N ALA C 130 10.19 18.20 -33.92
CA ALA C 130 10.91 16.97 -33.70
C ALA C 130 10.44 16.36 -32.40
N ILE C 131 9.22 15.76 -32.45
CA ILE C 131 8.64 15.03 -31.34
C ILE C 131 7.96 13.76 -31.86
N ASP C 132 8.37 12.59 -31.33
CA ASP C 132 7.82 11.33 -31.78
C ASP C 132 7.09 10.67 -30.60
N GLU C 133 6.84 9.38 -30.73
CA GLU C 133 6.04 8.65 -29.77
C GLU C 133 6.74 8.52 -28.43
N LYS C 134 8.06 8.41 -28.47
CA LYS C 134 8.89 8.37 -27.28
C LYS C 134 9.09 9.79 -26.75
N GLY C 135 8.45 10.80 -27.33
CA GLY C 135 8.49 12.16 -26.82
C GLY C 135 9.55 12.99 -27.55
N MET C 136 9.96 14.06 -26.86
CA MET C 136 10.73 15.13 -27.49
C MET C 136 12.16 14.70 -27.76
N ALA C 137 12.63 15.02 -28.95
CA ALA C 137 14.04 14.81 -29.25
C ALA C 137 14.90 15.87 -28.52
N LYS C 138 15.75 15.44 -27.57
CA LYS C 138 16.58 16.32 -26.77
C LYS C 138 18.02 16.42 -27.30
N THR C 139 18.56 15.30 -27.85
CA THR C 139 19.88 15.23 -28.45
C THR C 139 19.85 15.41 -29.97
N ARG C 140 21.01 15.52 -30.61
CA ARG C 140 21.09 15.71 -32.05
C ARG C 140 20.67 14.42 -32.73
N GLU C 141 21.22 13.32 -32.22
CA GLU C 141 21.05 12.01 -32.83
C GLU C 141 19.55 11.73 -33.01
N GLU C 142 18.79 12.10 -31.94
CA GLU C 142 17.36 11.97 -31.92
C GLU C 142 16.73 12.95 -32.90
N LYS C 143 17.11 14.21 -32.79
CA LYS C 143 16.53 15.29 -33.58
C LYS C 143 16.64 14.96 -35.06
N VAL C 144 17.78 14.40 -35.47
CA VAL C 144 18.01 14.02 -36.85
C VAL C 144 17.13 12.83 -37.21
N ARG C 145 17.19 11.74 -36.43
CA ARG C 145 16.34 10.58 -36.67
C ARG C 145 14.91 11.00 -36.98
N VAL C 146 14.34 11.86 -36.12
CA VAL C 146 12.93 12.18 -36.16
C VAL C 146 12.64 12.99 -37.42
N ALA C 147 13.47 14.00 -37.66
CA ALA C 147 13.32 14.84 -38.82
C ALA C 147 13.29 14.00 -40.10
N LEU C 148 14.21 13.06 -40.22
CA LEU C 148 14.38 12.33 -41.46
C LEU C 148 13.18 11.44 -41.72
N ARG C 149 12.71 10.78 -40.67
CA ARG C 149 11.48 10.01 -40.71
C ARG C 149 10.33 10.87 -41.24
N MET C 150 10.18 12.04 -40.63
CA MET C 150 9.11 12.94 -41.01
C MET C 150 9.27 13.38 -42.46
N TYR C 151 10.49 13.78 -42.83
CA TYR C 151 10.77 14.25 -44.16
C TYR C 151 10.36 13.17 -45.16
N GLU C 152 10.75 11.92 -44.90
CA GLU C 152 10.36 10.81 -45.75
C GLU C 152 8.85 10.83 -45.95
N ARG C 153 8.09 10.83 -44.85
CA ARG C 153 6.65 10.78 -44.94
C ARG C 153 6.05 11.96 -45.67
N LEU C 154 6.54 13.17 -45.40
CA LEU C 154 5.98 14.37 -45.97
C LEU C 154 6.22 14.40 -47.49
N THR C 155 7.41 13.96 -47.95
CA THR C 155 7.78 14.08 -49.34
C THR C 155 7.20 12.92 -50.12
N GLU C 156 7.06 11.73 -49.55
CA GLU C 156 6.67 10.56 -50.32
C GLU C 156 5.17 10.31 -50.21
N HIS C 157 4.66 10.11 -49.00
CA HIS C 157 3.22 9.94 -48.81
C HIS C 157 2.40 11.21 -49.14
N HIS C 158 2.81 12.41 -48.74
CA HIS C 158 2.01 13.62 -48.97
C HIS C 158 2.47 14.35 -50.22
N GLY C 159 3.69 14.09 -50.67
CA GLY C 159 4.22 14.81 -51.82
C GLY C 159 4.44 16.30 -51.58
N LEU C 160 4.73 16.70 -50.35
CA LEU C 160 5.08 18.09 -50.11
C LEU C 160 6.46 18.35 -50.69
N ARG C 161 6.64 19.60 -51.09
CA ARG C 161 7.93 20.07 -51.58
C ARG C 161 8.80 20.37 -50.36
N PRO C 162 10.12 20.14 -50.41
CA PRO C 162 11.04 20.59 -49.37
C PRO C 162 10.81 22.02 -48.95
N GLU C 163 10.64 22.88 -49.96
CA GLU C 163 10.47 24.31 -49.78
C GLU C 163 9.24 24.62 -48.92
N ASP C 164 8.22 23.73 -48.89
CA ASP C 164 7.01 23.93 -48.10
C ASP C 164 7.19 23.62 -46.60
N LEU C 165 8.40 23.12 -46.17
CA LEU C 165 8.61 22.66 -44.80
C LEU C 165 9.45 23.61 -43.96
N LEU C 166 9.18 23.62 -42.63
CA LEU C 166 10.01 24.27 -41.62
C LEU C 166 10.22 23.33 -40.43
N PHE C 167 11.44 22.83 -40.23
CA PHE C 167 11.71 21.94 -39.11
C PHE C 167 12.08 22.75 -37.85
N ASP C 168 11.28 22.51 -36.79
CA ASP C 168 11.52 23.03 -35.45
C ASP C 168 12.19 21.91 -34.67
N LEU C 169 13.54 21.85 -34.74
CA LEU C 169 14.29 21.02 -33.79
C LEU C 169 14.14 21.82 -32.54
N LEU C 170 14.10 21.30 -31.34
CA LEU C 170 13.40 22.15 -30.35
C LEU C 170 14.29 23.23 -29.68
N THR C 171 13.69 24.23 -29.05
CA THR C 171 14.44 25.22 -28.27
C THR C 171 14.13 25.05 -26.79
N PHE C 172 15.10 24.54 -26.03
CA PHE C 172 14.87 24.34 -24.59
C PHE C 172 15.58 25.38 -23.71
N PRO C 173 15.05 25.73 -22.53
CA PRO C 173 15.73 26.69 -21.67
C PRO C 173 16.95 26.04 -21.05
N ILE C 174 18.03 26.86 -21.04
CA ILE C 174 19.31 26.45 -20.53
C ILE C 174 19.71 27.31 -19.35
N THR C 175 18.71 27.84 -18.64
CA THR C 175 18.94 28.85 -17.63
C THR C 175 18.60 28.35 -16.23
N GLN C 176 18.07 27.15 -16.08
CA GLN C 176 17.62 26.73 -14.77
C GLN C 176 18.81 26.25 -13.92
N GLY C 177 19.88 25.86 -14.58
CA GLY C 177 21.08 25.52 -13.83
C GLY C 177 21.29 24.02 -13.68
N ASP C 178 20.23 23.23 -13.84
CA ASP C 178 20.31 21.77 -13.69
C ASP C 178 21.26 21.20 -14.74
N GLU C 179 21.97 20.15 -14.33
CA GLU C 179 23.02 19.52 -15.12
C GLU C 179 22.44 18.99 -16.45
N GLU C 180 21.21 18.51 -16.40
CA GLU C 180 20.67 17.73 -17.49
C GLU C 180 20.43 18.64 -18.70
N SER C 181 20.19 19.94 -18.52
CA SER C 181 19.72 20.74 -19.66
C SER C 181 20.80 21.71 -20.12
N ARG C 182 22.04 21.54 -19.68
CA ARG C 182 23.13 22.43 -20.14
C ARG C 182 23.32 22.41 -21.67
N PRO C 183 23.25 21.24 -22.29
CA PRO C 183 23.47 21.08 -23.71
C PRO C 183 22.34 21.09 -24.69
N LEU C 184 21.17 21.52 -24.26
CA LEU C 184 20.01 21.32 -25.14
C LEU C 184 19.88 22.42 -26.21
N ALA C 185 20.64 23.52 -26.02
CA ALA C 185 20.78 24.50 -27.08
C ALA C 185 21.78 23.97 -28.08
N LYS C 186 22.92 23.53 -27.55
CA LYS C 186 24.00 23.00 -28.41
C LYS C 186 23.49 21.88 -29.32
N GLU C 187 22.70 20.94 -28.76
CA GLU C 187 22.29 19.76 -29.50
C GLU C 187 21.34 20.18 -30.64
N THR C 188 20.50 21.20 -30.42
CA THR C 188 19.66 21.70 -31.50
C THR C 188 20.51 22.28 -32.63
N LEU C 189 21.50 23.10 -32.26
CA LEU C 189 22.34 23.74 -33.27
C LEU C 189 23.12 22.71 -34.08
N LEU C 190 23.61 21.65 -33.44
CA LEU C 190 24.33 20.63 -34.16
C LEU C 190 23.41 19.90 -35.13
N ALA C 191 22.21 19.58 -34.69
CA ALA C 191 21.28 18.89 -35.56
C ALA C 191 20.97 19.75 -36.79
N MET C 192 20.80 21.04 -36.55
CA MET C 192 20.42 21.96 -37.61
C MET C 192 21.51 21.97 -38.68
N GLU C 193 22.77 22.00 -38.25
CA GLU C 193 23.90 22.01 -39.17
C GLU C 193 23.87 20.72 -39.98
N GLU C 194 23.68 19.57 -39.32
CA GLU C 194 23.66 18.26 -39.97
C GLU C 194 22.55 18.22 -41.01
N LEU C 195 21.35 18.65 -40.60
CA LEU C 195 20.15 18.48 -41.40
C LEU C 195 20.14 19.48 -42.55
N ARG C 196 20.76 20.65 -42.40
CA ARG C 196 20.78 21.59 -43.50
C ARG C 196 21.53 20.95 -44.67
N GLU C 197 22.58 20.20 -44.37
CA GLU C 197 23.34 19.46 -45.36
C GLU C 197 22.54 18.27 -45.89
N ARG C 198 22.00 17.43 -45.04
CA ARG C 198 21.28 16.22 -45.47
C ARG C 198 19.91 16.44 -46.12
N LEU C 199 19.26 17.56 -45.87
CA LEU C 199 17.92 17.83 -46.41
C LEU C 199 17.97 19.18 -47.08
N PRO C 200 18.56 19.28 -48.27
CA PRO C 200 18.74 20.60 -48.88
C PRO C 200 17.36 21.05 -49.32
N GLY C 201 17.05 22.33 -49.09
CA GLY C 201 15.79 22.88 -49.61
C GLY C 201 14.73 23.06 -48.54
N VAL C 202 14.88 22.39 -47.40
CA VAL C 202 13.95 22.52 -46.29
C VAL C 202 14.35 23.75 -45.49
N GLY C 203 13.36 24.32 -44.79
CA GLY C 203 13.57 25.44 -43.89
C GLY C 203 13.72 24.98 -42.45
N PHE C 204 14.17 25.91 -41.60
CA PHE C 204 14.29 25.67 -40.17
C PHE C 204 13.72 26.86 -39.41
N VAL C 205 12.99 26.56 -38.32
CA VAL C 205 12.44 27.61 -37.47
C VAL C 205 12.62 27.22 -36.02
N LEU C 206 12.77 28.25 -35.16
CA LEU C 206 12.99 28.06 -33.73
C LEU C 206 12.18 29.11 -32.97
N GLY C 207 11.67 28.68 -31.81
CA GLY C 207 11.08 29.63 -30.88
C GLY C 207 12.16 30.24 -30.00
N VAL C 208 12.81 31.26 -30.50
CA VAL C 208 14.12 31.60 -29.99
C VAL C 208 14.03 32.01 -28.52
N SER C 209 12.95 32.71 -28.12
CA SER C 209 12.87 33.29 -26.77
C SER C 209 13.04 32.23 -25.68
N ASN C 210 12.65 31.01 -25.95
CA ASN C 210 12.69 29.97 -24.94
C ASN C 210 14.08 29.71 -24.36
N VAL C 211 15.12 29.89 -25.13
CA VAL C 211 16.43 29.43 -24.67
C VAL C 211 16.75 30.15 -23.34
N SER C 212 16.20 31.39 -23.19
CA SER C 212 16.60 32.29 -22.14
C SER C 212 15.65 32.31 -20.96
N PHE C 213 14.62 31.48 -20.95
CA PHE C 213 13.50 31.62 -20.03
C PHE C 213 13.95 31.57 -18.57
N GLY C 214 13.55 32.64 -17.86
CA GLY C 214 13.72 32.86 -16.43
C GLY C 214 15.06 33.52 -16.16
N LEU C 215 15.45 34.46 -17.03
CA LEU C 215 16.59 35.33 -16.75
C LEU C 215 16.01 36.72 -16.76
N LYS C 216 16.82 37.66 -16.22
CA LYS C 216 16.34 39.03 -16.21
C LYS C 216 16.23 39.55 -17.65
N PRO C 217 15.42 40.58 -17.89
CA PRO C 217 15.21 41.15 -19.22
C PRO C 217 16.40 41.35 -20.13
N ARG C 218 17.41 42.01 -19.58
CA ARG C 218 18.52 42.43 -20.44
C ARG C 218 19.35 41.20 -20.79
N ALA C 219 19.47 40.24 -19.88
CA ALA C 219 20.22 39.03 -20.15
C ALA C 219 19.52 38.19 -21.21
N ARG C 220 18.20 38.15 -21.19
CA ARG C 220 17.46 37.43 -22.20
C ARG C 220 17.73 38.06 -23.56
N ARG C 221 17.66 39.39 -23.63
CA ARG C 221 17.81 40.08 -24.88
C ARG C 221 19.10 39.63 -25.55
N VAL C 222 20.18 39.59 -24.75
CA VAL C 222 21.47 39.21 -25.29
C VAL C 222 21.43 37.72 -25.70
N LEU C 223 21.07 36.83 -24.78
CA LEU C 223 21.12 35.42 -25.04
C LEU C 223 20.22 35.07 -26.22
N ASN C 224 19.01 35.60 -26.25
CA ASN C 224 18.12 35.45 -27.40
C ASN C 224 18.84 35.83 -28.70
N SER C 225 19.47 37.00 -28.71
CA SER C 225 20.03 37.54 -29.92
C SER C 225 21.20 36.69 -30.42
N VAL C 226 22.03 36.23 -29.49
CA VAL C 226 23.19 35.44 -29.84
C VAL C 226 22.77 34.06 -30.30
N PHE C 227 21.77 33.49 -29.68
CA PHE C 227 21.27 32.19 -30.12
C PHE C 227 20.74 32.27 -31.54
N LEU C 228 19.95 33.31 -31.79
CA LEU C 228 19.34 33.54 -33.08
C LEU C 228 20.40 33.53 -34.14
N ASP C 229 21.45 34.35 -33.92
CA ASP C 229 22.54 34.47 -34.86
C ASP C 229 23.19 33.10 -35.07
N GLU C 230 23.47 32.33 -34.01
CA GLU C 230 24.21 31.09 -34.18
C GLU C 230 23.42 30.06 -34.97
N ALA C 231 22.11 30.10 -34.79
CA ALA C 231 21.21 29.23 -35.51
C ALA C 231 21.16 29.63 -36.96
N ARG C 232 21.13 30.95 -37.20
CA ARG C 232 21.12 31.49 -38.56
C ARG C 232 22.30 30.91 -39.30
N LYS C 233 23.49 31.02 -38.66
CA LYS C 233 24.74 30.55 -39.25
C LYS C 233 24.67 29.07 -39.60
N ARG C 234 23.81 28.27 -38.95
CA ARG C 234 23.71 26.84 -39.24
C ARG C 234 22.43 26.51 -39.99
N GLY C 235 21.76 27.52 -40.58
CA GLY C 235 20.76 27.29 -41.62
C GLY C 235 19.34 27.70 -41.24
N LEU C 236 19.20 28.45 -40.16
CA LEU C 236 17.90 28.90 -39.73
C LEU C 236 17.34 29.80 -40.82
N THR C 237 16.07 29.62 -41.19
CA THR C 237 15.41 30.44 -42.20
C THR C 237 14.35 31.35 -41.58
N ALA C 238 13.69 30.88 -40.53
CA ALA C 238 12.67 31.64 -39.84
C ALA C 238 12.91 31.60 -38.34
N ALA C 239 12.23 32.49 -37.61
CA ALA C 239 12.45 32.61 -36.19
C ALA C 239 11.23 33.24 -35.54
N ILE C 240 10.77 32.60 -34.46
CA ILE C 240 9.63 33.12 -33.71
C ILE C 240 10.20 33.90 -32.53
N VAL C 241 10.21 35.24 -32.73
CA VAL C 241 10.91 36.16 -31.87
C VAL C 241 9.99 37.31 -31.52
N ASP C 242 10.50 38.12 -30.57
CA ASP C 242 9.97 39.46 -30.37
C ASP C 242 10.84 40.40 -31.19
N ALA C 243 10.33 40.74 -32.39
CA ALA C 243 11.13 41.46 -33.38
C ALA C 243 11.77 42.70 -32.76
N GLY C 244 11.04 43.34 -31.84
CA GLY C 244 11.44 44.64 -31.33
C GLY C 244 12.59 44.55 -30.33
N LYS C 245 12.95 43.34 -29.88
CA LYS C 245 13.83 43.19 -28.73
C LYS C 245 14.91 42.13 -29.03
N ILE C 246 15.44 42.19 -30.27
CA ILE C 246 16.61 41.44 -30.67
C ILE C 246 17.64 42.49 -31.05
N LEU C 247 18.80 42.35 -30.45
CA LEU C 247 19.90 43.26 -30.66
C LEU C 247 20.75 42.74 -31.83
N PRO C 248 21.32 43.66 -32.63
CA PRO C 248 22.32 43.23 -33.62
C PRO C 248 23.62 42.97 -32.86
N ILE C 249 24.40 41.99 -33.36
CA ILE C 249 25.54 41.48 -32.61
C ILE C 249 26.61 42.57 -32.48
N SER C 250 26.59 43.51 -33.42
CA SER C 250 27.43 44.69 -33.40
C SER C 250 27.19 45.59 -32.22
N GLN C 251 26.05 45.46 -31.53
CA GLN C 251 25.78 46.27 -30.34
C GLN C 251 25.90 45.50 -29.03
N ILE C 252 26.50 44.30 -29.07
CA ILE C 252 26.63 43.49 -27.89
C ILE C 252 28.09 43.47 -27.49
N PRO C 253 28.44 43.93 -26.28
CA PRO C 253 29.83 43.99 -25.85
C PRO C 253 30.48 42.61 -25.94
N GLU C 254 31.79 42.61 -26.23
CA GLU C 254 32.50 41.42 -26.61
C GLU C 254 32.45 40.42 -25.46
N GLU C 255 32.50 40.88 -24.22
CA GLU C 255 32.48 39.98 -23.10
C GLU C 255 31.10 39.31 -22.97
N ALA C 256 30.03 40.09 -23.10
CA ALA C 256 28.69 39.55 -23.06
C ALA C 256 28.45 38.53 -24.17
N TYR C 257 29.01 38.80 -25.36
CA TYR C 257 28.92 37.91 -26.50
C TYR C 257 29.58 36.58 -26.11
N ALA C 258 30.79 36.65 -25.58
CA ALA C 258 31.55 35.46 -25.20
C ALA C 258 30.82 34.68 -24.15
N LEU C 259 30.27 35.39 -23.17
CA LEU C 259 29.56 34.71 -22.10
C LEU C 259 28.32 34.02 -22.62
N ALA C 260 27.66 34.63 -23.60
CA ALA C 260 26.50 34.03 -24.21
C ALA C 260 26.87 32.74 -24.92
N LEU C 261 28.01 32.73 -25.58
CA LEU C 261 28.48 31.54 -26.29
C LEU C 261 28.87 30.47 -25.27
N ASP C 262 29.65 30.88 -24.25
CA ASP C 262 30.01 30.01 -23.14
C ASP C 262 28.76 29.22 -22.69
N LEU C 263 27.63 29.92 -22.51
CA LEU C 263 26.40 29.33 -22.00
C LEU C 263 25.71 28.43 -23.02
N ILE C 264 25.61 28.90 -24.27
CA ILE C 264 24.93 28.19 -25.32
C ILE C 264 25.63 26.88 -25.63
N TYR C 265 26.95 26.90 -25.65
CA TYR C 265 27.74 25.74 -26.06
C TYR C 265 28.32 25.02 -24.83
N ASP C 266 28.00 25.49 -23.64
CA ASP C 266 28.36 24.80 -22.42
C ASP C 266 29.87 24.60 -22.38
N ARG C 267 30.58 25.74 -22.42
CA ARG C 267 32.04 25.74 -22.45
C ARG C 267 32.54 25.79 -21.01
N ARG C 268 32.26 24.74 -20.25
CA ARG C 268 32.68 24.60 -18.87
C ARG C 268 34.21 24.55 -18.82
N LYS C 269 34.81 25.29 -17.88
CA LYS C 269 36.20 25.15 -17.50
C LYS C 269 36.25 24.68 -16.04
N GLU C 270 37.44 24.66 -15.41
CA GLU C 270 37.64 24.18 -14.05
C GLU C 270 36.80 25.04 -13.11
N GLY C 271 37.11 26.34 -12.98
CA GLY C 271 36.44 27.17 -11.98
C GLY C 271 35.32 28.04 -12.52
N PHE C 272 34.61 27.59 -13.54
CA PHE C 272 33.77 28.49 -14.32
C PHE C 272 32.47 27.78 -14.62
N ASP C 273 31.36 28.45 -14.22
CA ASP C 273 30.07 27.96 -14.63
C ASP C 273 29.44 28.99 -15.57
N PRO C 274 29.29 28.66 -16.87
CA PRO C 274 28.85 29.62 -17.88
C PRO C 274 27.62 30.39 -17.49
N LEU C 275 26.60 29.67 -17.02
CA LEU C 275 25.31 30.25 -16.73
C LEU C 275 25.46 31.32 -15.68
N LEU C 276 26.13 30.96 -14.57
CA LEU C 276 26.27 31.86 -13.45
C LEU C 276 27.06 33.12 -13.84
N ALA C 277 28.10 32.92 -14.63
CA ALA C 277 28.95 34.00 -15.08
C ALA C 277 28.17 34.93 -16.01
N PHE C 278 27.36 34.34 -16.89
CA PHE C 278 26.52 35.07 -17.82
C PHE C 278 25.54 35.92 -17.02
N MET C 279 24.97 35.34 -15.94
CA MET C 279 23.99 36.04 -15.13
C MET C 279 24.63 37.19 -14.40
N ALA C 280 25.79 36.88 -13.81
CA ALA C 280 26.55 37.83 -13.02
C ALA C 280 26.91 39.06 -13.84
N TYR C 281 27.18 38.91 -15.13
CA TYR C 281 27.61 40.04 -15.95
C TYR C 281 26.62 41.19 -15.89
N PHE C 282 25.31 40.85 -15.83
CA PHE C 282 24.23 41.83 -15.82
C PHE C 282 23.88 42.26 -14.39
N GLU C 283 24.41 41.59 -13.37
CA GLU C 283 24.12 41.87 -11.98
C GLU C 283 24.90 43.12 -11.58
N ALA C 284 24.36 43.81 -10.57
CA ALA C 284 25.08 44.86 -9.87
C ALA C 284 26.09 44.24 -8.91
N HIS C 285 26.95 45.04 -8.28
CA HIS C 285 27.77 44.62 -7.13
C HIS C 285 28.84 43.53 -7.29
N LYS C 286 29.88 43.79 -8.07
CA LYS C 286 30.89 42.81 -8.45
C LYS C 286 32.18 42.89 -7.61
N GLU C 287 32.47 44.08 -7.05
CA GLU C 287 33.73 44.29 -6.34
C GLU C 287 34.85 44.02 -7.37
N ASP C 288 36.06 43.66 -6.91
CA ASP C 288 37.07 43.13 -7.82
C ASP C 288 36.84 41.64 -7.92
N PRO C 289 36.62 41.00 -9.10
CA PRO C 289 36.38 39.55 -9.12
C PRO C 289 37.63 38.81 -8.61
N GLY C 290 38.81 39.44 -8.81
CA GLY C 290 40.09 38.85 -8.43
C GLY C 290 40.47 38.97 -6.95
N LYS C 291 40.45 40.20 -6.43
CA LYS C 291 40.81 40.45 -5.03
C LYS C 291 39.92 39.62 -4.10
N ARG C 292 38.72 39.29 -4.60
CA ARG C 292 37.80 38.39 -3.90
C ARG C 292 38.41 37.00 -3.75
N GLU C 293 39.00 36.43 -4.82
CA GLU C 293 39.67 35.13 -4.78
C GLU C 293 40.75 35.07 -3.69
N ASP C 294 41.59 36.12 -3.58
CA ASP C 294 42.67 36.18 -2.58
C ASP C 294 42.06 36.27 -1.17
N ALA C 295 41.06 37.16 -1.02
CA ALA C 295 40.35 37.36 0.23
C ALA C 295 39.76 36.05 0.73
N PHE C 296 39.24 35.25 -0.21
CA PHE C 296 38.61 33.96 0.04
C PHE C 296 39.65 32.99 0.60
N LEU C 297 40.75 32.79 -0.14
CA LEU C 297 41.78 31.82 0.19
C LEU C 297 42.41 32.14 1.54
N ALA C 298 42.40 33.42 1.90
CA ALA C 298 42.96 33.87 3.17
C ALA C 298 42.08 33.50 4.37
N LEU C 299 40.79 33.17 4.16
CA LEU C 299 39.87 32.88 5.25
C LEU C 299 40.31 31.66 6.06
N PRO C 300 39.96 31.59 7.39
CA PRO C 300 40.12 30.38 8.19
C PRO C 300 39.40 29.17 7.60
N LEU C 301 39.75 27.97 8.06
CA LEU C 301 39.35 26.73 7.42
C LEU C 301 37.84 26.60 7.46
N LEU C 302 37.28 26.74 8.67
CA LEU C 302 35.86 26.52 8.84
C LEU C 302 35.08 27.57 8.06
N GLU C 303 35.50 28.84 8.21
CA GLU C 303 34.86 29.96 7.53
C GLU C 303 34.96 29.79 6.01
N ARG C 304 36.02 29.16 5.50
CA ARG C 304 36.21 28.98 4.07
C ARG C 304 35.23 27.94 3.54
N LEU C 305 35.03 26.86 4.30
CA LEU C 305 34.06 25.84 3.95
C LEU C 305 32.66 26.45 3.81
N LYS C 306 32.28 27.26 4.80
CA LYS C 306 31.02 27.97 4.72
C LYS C 306 30.96 28.73 3.39
N ARG C 307 31.97 29.56 3.10
CA ARG C 307 31.91 30.46 1.95
C ARG C 307 31.83 29.67 0.66
N ARG C 308 32.32 28.41 0.68
CA ARG C 308 32.26 27.56 -0.51
C ARG C 308 30.82 27.27 -0.89
N VAL C 309 30.00 26.98 0.12
CA VAL C 309 28.58 26.73 -0.09
C VAL C 309 27.89 27.98 -0.65
N VAL C 310 28.17 29.13 -0.04
CA VAL C 310 27.49 30.36 -0.42
C VAL C 310 27.87 30.82 -1.82
N GLU C 311 29.18 30.90 -2.05
CA GLU C 311 29.73 31.38 -3.30
C GLU C 311 29.74 30.27 -4.35
N GLY C 312 29.37 29.05 -3.97
CA GLY C 312 29.18 27.97 -4.92
C GLY C 312 30.50 27.46 -5.49
N ARG C 313 31.55 27.43 -4.65
CA ARG C 313 32.91 27.16 -5.10
C ARG C 313 33.21 25.67 -4.98
N LYS C 314 33.04 24.97 -6.12
CA LYS C 314 33.16 23.52 -6.14
C LYS C 314 34.63 23.12 -6.03
N GLN C 315 35.49 23.85 -6.76
CA GLN C 315 36.85 23.42 -6.96
C GLN C 315 37.66 23.71 -5.70
N GLY C 316 38.36 22.70 -5.21
CA GLY C 316 39.22 22.79 -4.04
C GLY C 316 38.46 22.41 -2.77
N LEU C 317 37.27 21.80 -2.92
CA LEU C 317 36.41 21.48 -1.81
C LEU C 317 36.95 20.25 -1.09
N GLU C 318 37.23 19.21 -1.87
CA GLU C 318 37.65 17.94 -1.31
C GLU C 318 39.00 18.13 -0.63
N ALA C 319 39.81 19.05 -1.20
CA ALA C 319 41.05 19.48 -0.57
C ALA C 319 40.80 20.00 0.85
N ASP C 320 39.85 20.93 0.99
CA ASP C 320 39.61 21.62 2.25
C ASP C 320 38.96 20.70 3.28
N LEU C 321 38.10 19.79 2.82
CA LEU C 321 37.46 18.84 3.71
C LEU C 321 38.50 17.86 4.23
N GLU C 322 39.36 17.36 3.32
CA GLU C 322 40.50 16.54 3.68
C GLU C 322 41.28 17.23 4.81
N GLU C 323 41.55 18.54 4.66
CA GLU C 323 42.32 19.31 5.63
C GLU C 323 41.63 19.34 6.99
N ALA C 324 40.29 19.47 7.02
CA ALA C 324 39.54 19.60 8.26
C ALA C 324 39.44 18.27 8.98
N LEU C 325 39.37 17.17 8.22
CA LEU C 325 39.44 15.84 8.79
C LEU C 325 40.82 15.61 9.39
N LYS C 326 41.90 16.18 8.82
CA LYS C 326 43.25 16.10 9.36
C LYS C 326 43.31 16.75 10.76
N ALA C 327 42.69 17.93 10.98
CA ALA C 327 42.53 18.47 12.33
C ALA C 327 41.38 17.72 13.01
N GLY C 328 40.95 18.10 14.24
CA GLY C 328 40.03 17.29 15.02
C GLY C 328 38.62 17.01 14.42
N HIS C 329 38.27 17.67 13.31
CA HIS C 329 36.90 18.01 12.97
C HIS C 329 36.17 16.77 12.49
N LYS C 330 34.96 16.56 13.06
CA LYS C 330 34.17 15.35 12.84
C LYS C 330 33.16 15.58 11.72
N PRO C 331 32.90 14.61 10.83
CA PRO C 331 31.97 14.82 9.70
C PRO C 331 30.64 15.51 10.01
N LEU C 332 29.93 14.93 10.99
CA LEU C 332 28.62 15.42 11.38
C LEU C 332 28.68 16.89 11.80
N ASP C 333 29.80 17.26 12.45
CA ASP C 333 30.02 18.60 12.98
C ASP C 333 30.24 19.59 11.84
N LEU C 334 30.98 19.15 10.82
CA LEU C 334 31.25 19.98 9.64
C LEU C 334 29.96 20.26 8.87
N ILE C 335 29.03 19.30 8.91
CA ILE C 335 27.75 19.49 8.25
C ILE C 335 26.88 20.40 9.12
N ASN C 336 26.64 20.01 10.39
CA ASN C 336 25.70 20.69 11.27
C ASN C 336 26.23 22.06 11.66
N GLY C 337 27.49 22.37 11.29
CA GLY C 337 28.08 23.67 11.61
C GLY C 337 28.26 24.52 10.36
N PRO C 338 29.50 24.62 9.79
CA PRO C 338 29.83 25.52 8.69
C PRO C 338 29.10 25.33 7.37
N LEU C 339 28.85 24.07 6.99
CA LEU C 339 28.26 23.75 5.69
C LEU C 339 26.78 24.14 5.67
N LEU C 340 26.01 23.66 6.65
CA LEU C 340 24.59 23.98 6.66
C LEU C 340 24.39 25.47 6.95
N ALA C 341 25.34 26.11 7.67
CA ALA C 341 25.26 27.53 7.97
C ALA C 341 25.40 28.32 6.69
N GLY C 342 26.19 27.79 5.76
CA GLY C 342 26.26 28.38 4.44
C GLY C 342 24.92 28.29 3.74
N MET C 343 24.30 27.12 3.86
CA MET C 343 23.07 26.85 3.17
C MET C 343 22.00 27.79 3.70
N LYS C 344 22.05 28.08 5.01
CA LYS C 344 21.14 29.01 5.66
C LYS C 344 21.28 30.40 5.04
N GLU C 345 22.53 30.86 4.87
CA GLU C 345 22.83 32.17 4.34
C GLU C 345 22.28 32.30 2.92
N VAL C 346 22.46 31.25 2.12
CA VAL C 346 21.94 31.22 0.76
C VAL C 346 20.44 31.45 0.80
N GLY C 347 19.77 30.77 1.72
CA GLY C 347 18.34 30.94 1.96
C GLY C 347 17.99 32.41 2.11
N ASP C 348 18.64 33.08 3.07
CA ASP C 348 18.36 34.45 3.41
C ASP C 348 18.65 35.38 2.23
N LEU C 349 19.63 35.06 1.44
CA LEU C 349 19.97 35.92 0.32
C LEU C 349 18.90 35.78 -0.76
N PHE C 350 18.44 34.54 -0.96
CA PHE C 350 17.45 34.28 -2.00
C PHE C 350 16.13 34.90 -1.59
N GLY C 351 15.79 34.76 -0.31
CA GLY C 351 14.62 35.35 0.34
C GLY C 351 14.57 36.86 0.25
N ALA C 352 15.73 37.50 0.24
CA ALA C 352 15.83 38.96 0.16
C ALA C 352 15.85 39.44 -1.28
N GLY C 353 15.90 38.51 -2.22
CA GLY C 353 15.95 38.87 -3.64
C GLY C 353 17.32 39.27 -4.12
N LYS C 354 18.35 38.97 -3.34
CA LYS C 354 19.72 39.36 -3.57
C LYS C 354 20.50 38.21 -4.23
N MET C 355 19.90 37.05 -4.44
CA MET C 355 20.52 35.92 -5.11
C MET C 355 19.48 35.25 -6.02
N GLN C 356 19.95 34.94 -7.24
CA GLN C 356 19.09 34.36 -8.26
C GLN C 356 19.01 32.87 -8.05
N LEU C 357 17.98 32.23 -8.60
CA LEU C 357 17.72 30.84 -8.19
C LEU C 357 18.83 29.86 -8.59
N PRO C 358 19.43 29.91 -9.80
CA PRO C 358 20.49 29.01 -10.18
C PRO C 358 21.65 28.96 -9.19
N PHE C 359 21.93 30.09 -8.53
CA PHE C 359 23.04 30.18 -7.60
C PHE C 359 22.72 29.36 -6.35
N VAL C 360 21.42 29.32 -6.00
CA VAL C 360 20.94 28.52 -4.88
C VAL C 360 21.17 27.04 -5.17
N LEU C 361 20.88 26.66 -6.43
CA LEU C 361 21.05 25.29 -6.85
C LEU C 361 22.51 24.87 -6.78
N GLN C 362 23.40 25.78 -7.21
CA GLN C 362 24.84 25.50 -7.26
C GLN C 362 25.39 25.47 -5.84
N ALA C 363 24.74 26.17 -4.92
CA ALA C 363 25.11 26.06 -3.51
C ALA C 363 24.76 24.67 -3.00
N ALA C 364 23.57 24.21 -3.35
CA ALA C 364 23.13 22.89 -2.92
C ALA C 364 24.06 21.81 -3.49
N GLU C 365 24.53 22.01 -4.73
CA GLU C 365 25.44 21.08 -5.36
C GLU C 365 26.76 21.01 -4.56
N VAL C 366 27.21 22.13 -4.02
CA VAL C 366 28.41 22.12 -3.18
C VAL C 366 28.15 21.28 -1.94
N MET C 367 27.00 21.51 -1.30
CA MET C 367 26.63 20.78 -0.11
C MET C 367 26.59 19.26 -0.35
N LYS C 368 26.03 18.84 -1.48
CA LYS C 368 25.84 17.44 -1.80
C LYS C 368 27.19 16.75 -2.05
N ARG C 369 28.07 17.43 -2.80
CA ARG C 369 29.41 16.94 -3.01
C ARG C 369 30.12 16.81 -1.68
N ALA C 370 29.94 17.80 -0.81
CA ALA C 370 30.62 17.85 0.48
C ALA C 370 30.22 16.66 1.35
N VAL C 371 28.93 16.36 1.39
CA VAL C 371 28.38 15.28 2.20
C VAL C 371 28.76 13.94 1.59
N ALA C 372 28.79 13.85 0.25
CA ALA C 372 29.24 12.65 -0.44
C ALA C 372 30.67 12.31 -0.01
N TYR C 373 31.56 13.31 0.04
CA TYR C 373 32.93 13.09 0.42
C TYR C 373 33.09 12.76 1.91
N LEU C 374 32.16 13.23 2.76
CA LEU C 374 32.21 12.99 4.19
C LEU C 374 31.55 11.66 4.60
N GLU C 375 30.67 11.12 3.76
CA GLU C 375 29.86 9.94 4.08
C GLU C 375 30.72 8.74 4.49
N PRO C 376 31.84 8.44 3.81
CA PRO C 376 32.72 7.32 4.21
C PRO C 376 33.36 7.46 5.57
N HIS C 377 33.52 8.69 6.07
CA HIS C 377 34.25 8.92 7.31
C HIS C 377 33.28 8.97 8.50
N MET C 378 32.00 8.70 8.30
CA MET C 378 31.03 8.74 9.39
C MET C 378 30.99 7.37 10.08
N GLU C 379 30.68 7.34 11.39
CA GLU C 379 30.65 6.10 12.16
C GLU C 379 29.49 5.22 11.70
N LYS C 380 29.74 3.92 11.59
CA LYS C 380 28.78 2.96 11.09
C LYS C 380 28.50 1.93 12.18
N LYS C 381 27.49 2.19 13.03
CA LYS C 381 27.13 1.35 14.16
C LYS C 381 25.86 0.54 13.88
N GLY C 382 25.84 -0.75 14.18
CA GLY C 382 24.63 -1.59 14.14
C GLY C 382 24.31 -2.08 12.73
N GLU C 383 23.51 -3.17 12.54
CA GLU C 383 23.14 -3.60 11.20
C GLU C 383 21.78 -4.30 11.12
N GLY C 384 20.97 -3.94 10.11
CA GLY C 384 19.73 -4.61 9.73
C GLY C 384 18.64 -4.52 10.79
N LYS C 385 18.56 -3.40 11.53
CA LYS C 385 17.71 -3.24 12.70
C LYS C 385 16.24 -3.07 12.30
N GLY C 386 16.00 -2.71 11.02
CA GLY C 386 14.67 -2.51 10.46
C GLY C 386 14.78 -1.76 9.14
N THR C 387 13.60 -1.43 8.58
CA THR C 387 13.51 -0.81 7.26
C THR C 387 12.59 0.40 7.29
N LEU C 388 12.97 1.41 6.48
CA LEU C 388 12.24 2.66 6.36
C LEU C 388 12.08 2.98 4.88
N VAL C 389 10.84 3.19 4.44
CA VAL C 389 10.59 3.80 3.15
C VAL C 389 10.52 5.32 3.34
N LEU C 390 11.35 6.02 2.59
CA LEU C 390 11.56 7.45 2.79
C LEU C 390 11.39 8.17 1.47
N ALA C 391 10.73 9.33 1.50
CA ALA C 391 10.38 10.01 0.25
C ALA C 391 10.00 11.46 0.52
N THR C 392 10.21 12.27 -0.51
CA THR C 392 9.75 13.64 -0.52
C THR C 392 8.40 13.64 -1.19
N VAL C 393 7.43 14.36 -0.65
CA VAL C 393 6.05 14.19 -1.09
C VAL C 393 5.81 14.94 -2.40
N LYS C 394 4.60 14.72 -2.96
CA LYS C 394 4.22 15.29 -4.23
C LYS C 394 4.53 16.79 -4.30
N GLY C 395 5.23 17.10 -5.40
CA GLY C 395 5.57 18.47 -5.74
C GLY C 395 6.58 19.20 -4.84
N ALA C 396 7.29 18.50 -3.97
CA ALA C 396 8.32 19.09 -3.11
C ALA C 396 9.68 18.60 -3.60
N VAL C 397 10.64 19.53 -3.68
CA VAL C 397 11.85 19.24 -4.42
C VAL C 397 13.10 19.30 -3.55
N HIS C 398 12.98 19.91 -2.37
CA HIS C 398 14.14 20.00 -1.50
C HIS C 398 14.28 18.63 -0.85
N ASP C 399 15.53 18.18 -0.79
CA ASP C 399 15.76 16.84 -0.36
C ASP C 399 17.08 16.71 0.37
N ILE C 400 17.67 17.83 0.83
CA ILE C 400 18.98 17.61 1.45
C ILE C 400 18.69 17.11 2.85
N GLY C 401 17.55 17.57 3.38
CA GLY C 401 17.09 17.06 4.66
C GLY C 401 16.87 15.55 4.59
N LYS C 402 15.99 15.18 3.64
CA LYS C 402 15.66 13.78 3.43
C LYS C 402 16.94 12.95 3.42
N ASN C 403 17.89 13.37 2.61
CA ASN C 403 19.10 12.59 2.36
C ASN C 403 19.98 12.50 3.60
N LEU C 404 19.99 13.52 4.46
CA LEU C 404 20.71 13.38 5.70
C LEU C 404 20.07 12.30 6.57
N VAL C 405 18.73 12.22 6.55
CA VAL C 405 18.02 11.24 7.32
C VAL C 405 18.45 9.85 6.85
N ASP C 406 18.49 9.67 5.51
CA ASP C 406 18.94 8.43 4.88
C ASP C 406 20.32 8.04 5.43
N ILE C 407 21.28 8.97 5.37
CA ILE C 407 22.66 8.71 5.75
C ILE C 407 22.72 8.27 7.20
N ILE C 408 22.07 9.05 8.07
CA ILE C 408 22.21 8.87 9.48
C ILE C 408 21.56 7.55 9.90
N LEU C 409 20.35 7.30 9.42
CA LEU C 409 19.68 6.04 9.75
C LEU C 409 20.44 4.85 9.15
N SER C 410 20.93 5.01 7.91
CA SER C 410 21.67 3.96 7.25
C SER C 410 22.89 3.59 8.07
N ASN C 411 23.56 4.60 8.64
CA ASN C 411 24.77 4.41 9.40
C ASN C 411 24.48 3.84 10.78
N ASN C 412 23.27 4.02 11.29
CA ASN C 412 22.90 3.43 12.58
C ASN C 412 22.10 2.13 12.41
N GLY C 413 22.26 1.46 11.25
CA GLY C 413 21.85 0.07 11.09
C GLY C 413 20.46 -0.10 10.49
N TYR C 414 19.92 0.89 9.80
CA TYR C 414 18.59 0.78 9.20
C TYR C 414 18.72 0.69 7.68
N ARG C 415 17.86 -0.14 7.08
CA ARG C 415 17.71 -0.16 5.64
C ARG C 415 16.82 0.99 5.23
N VAL C 416 17.32 1.89 4.39
CA VAL C 416 16.52 3.03 3.95
C VAL C 416 16.27 2.89 2.45
N VAL C 417 15.01 2.82 2.08
CA VAL C 417 14.57 2.75 0.70
C VAL C 417 14.14 4.16 0.30
N ASN C 418 15.08 4.85 -0.37
CA ASN C 418 14.90 6.26 -0.64
C ASN C 418 14.25 6.43 -2.01
N LEU C 419 12.97 6.80 -2.07
CA LEU C 419 12.22 6.85 -3.31
C LEU C 419 12.46 8.16 -4.07
N GLY C 420 13.36 9.02 -3.60
CA GLY C 420 13.66 10.27 -4.29
C GLY C 420 12.55 11.27 -4.02
N ILE C 421 12.24 12.13 -4.99
CA ILE C 421 11.39 13.28 -4.73
C ILE C 421 10.09 13.22 -5.52
N LYS C 422 9.16 14.10 -5.17
CA LYS C 422 7.90 14.27 -5.86
C LYS C 422 7.07 12.98 -5.91
N VAL C 423 7.25 12.13 -4.89
CA VAL C 423 6.73 10.78 -4.87
C VAL C 423 5.26 10.78 -4.47
N PRO C 424 4.36 10.27 -5.33
CA PRO C 424 2.94 10.24 -4.98
C PRO C 424 2.71 9.13 -3.97
N ILE C 425 1.59 9.26 -3.25
CA ILE C 425 1.30 8.33 -2.17
C ILE C 425 1.11 6.92 -2.72
N GLU C 426 0.61 6.83 -3.96
CA GLU C 426 0.43 5.56 -4.67
C GLU C 426 1.78 4.85 -4.69
N GLU C 427 2.79 5.56 -5.20
CA GLU C 427 4.10 4.97 -5.37
C GLU C 427 4.76 4.64 -4.02
N ILE C 428 4.51 5.44 -2.98
CA ILE C 428 5.04 5.18 -1.65
C ILE C 428 4.50 3.86 -1.15
N LEU C 429 3.18 3.69 -1.21
CA LEU C 429 2.54 2.51 -0.69
C LEU C 429 2.89 1.25 -1.51
N LYS C 430 3.23 1.46 -2.79
CA LYS C 430 3.68 0.36 -3.64
C LYS C 430 4.95 -0.24 -3.04
N ALA C 431 5.87 0.66 -2.66
CA ALA C 431 7.11 0.31 -2.02
C ALA C 431 6.88 -0.22 -0.60
N VAL C 432 5.83 0.23 0.07
CA VAL C 432 5.49 -0.32 1.37
C VAL C 432 5.14 -1.79 1.20
N GLU C 433 4.36 -2.12 0.16
CA GLU C 433 3.95 -3.50 -0.07
C GLU C 433 5.17 -4.34 -0.39
N ALA C 434 6.03 -3.79 -1.24
CA ALA C 434 7.23 -4.48 -1.69
C ALA C 434 8.19 -4.76 -0.54
N HIS C 435 8.55 -3.78 0.28
CA HIS C 435 9.66 -3.89 1.21
C HIS C 435 9.21 -4.22 2.64
N LYS C 436 7.91 -4.18 2.90
CA LYS C 436 7.34 -4.45 4.22
C LYS C 436 8.11 -3.68 5.30
N PRO C 437 8.17 -2.34 5.23
CA PRO C 437 9.00 -1.58 6.15
C PRO C 437 8.32 -1.42 7.50
N HIS C 438 9.10 -0.93 8.47
CA HIS C 438 8.67 -0.71 9.83
C HIS C 438 8.02 0.66 9.95
N ALA C 439 8.36 1.58 9.03
CA ALA C 439 7.80 2.92 9.04
C ALA C 439 7.97 3.59 7.67
N VAL C 440 7.24 4.70 7.48
CA VAL C 440 7.34 5.51 6.29
C VAL C 440 7.76 6.90 6.75
N GLY C 441 8.70 7.47 6.00
CA GLY C 441 9.15 8.82 6.27
C GLY C 441 8.76 9.71 5.11
N MET C 442 8.19 10.86 5.43
CA MET C 442 7.73 11.80 4.43
C MET C 442 8.39 13.15 4.73
N SER C 443 9.23 13.66 3.81
CA SER C 443 9.78 15.01 3.92
C SER C 443 8.95 15.98 3.10
N GLY C 444 9.05 17.25 3.46
CA GLY C 444 8.43 18.33 2.70
C GLY C 444 8.65 19.66 3.41
N LEU C 445 9.07 20.70 2.65
CA LEU C 445 9.57 21.86 3.35
C LEU C 445 8.56 22.94 3.42
N LEU C 446 7.87 23.15 2.28
CA LEU C 446 6.95 24.29 2.24
C LEU C 446 5.64 23.96 2.95
N VAL C 447 4.81 24.98 3.14
CA VAL C 447 3.56 24.70 3.83
C VAL C 447 2.71 23.79 2.96
N LYS C 448 2.69 24.09 1.65
CA LYS C 448 1.96 23.33 0.65
C LYS C 448 2.17 21.83 0.91
N SER C 449 3.44 21.47 1.14
CA SER C 449 3.88 20.10 1.19
C SER C 449 3.34 19.43 2.47
N THR C 450 3.01 20.20 3.50
CA THR C 450 2.42 19.62 4.72
C THR C 450 0.98 19.24 4.44
N LEU C 451 0.32 19.96 3.53
CA LEU C 451 -1.06 19.67 3.21
C LEU C 451 -1.13 18.38 2.41
N VAL C 452 -0.12 18.15 1.58
CA VAL C 452 0.05 16.88 0.90
C VAL C 452 0.21 15.77 1.93
N MET C 453 0.99 16.03 2.96
CA MET C 453 1.17 15.03 3.99
C MET C 453 -0.19 14.66 4.57
N LYS C 454 -1.02 15.65 4.79
CA LYS C 454 -2.34 15.45 5.36
C LYS C 454 -3.15 14.55 4.43
N GLU C 455 -3.19 14.90 3.14
CA GLU C 455 -3.86 14.11 2.12
C GLU C 455 -3.33 12.69 2.13
N ASN C 456 -2.00 12.53 2.14
CA ASN C 456 -1.37 11.23 2.13
C ASN C 456 -1.88 10.40 3.31
N LEU C 457 -1.98 11.00 4.49
CA LEU C 457 -2.48 10.26 5.63
C LEU C 457 -3.96 9.92 5.48
N GLU C 458 -4.75 10.85 4.92
CA GLU C 458 -6.13 10.56 4.64
C GLU C 458 -6.19 9.30 3.77
N TYR C 459 -5.44 9.30 2.66
CA TYR C 459 -5.41 8.19 1.72
C TYR C 459 -5.06 6.89 2.43
N MET C 460 -3.97 6.88 3.19
CA MET C 460 -3.52 5.68 3.88
C MET C 460 -4.57 5.17 4.86
N ARG C 461 -5.25 6.08 5.58
CA ARG C 461 -6.28 5.72 6.55
C ARG C 461 -7.41 4.99 5.83
N ASP C 462 -7.79 5.52 4.66
CA ASP C 462 -8.94 5.04 3.90
C ASP C 462 -8.71 3.64 3.32
N ARG C 463 -7.43 3.27 3.17
CA ARG C 463 -7.05 1.95 2.67
C ARG C 463 -6.49 1.06 3.77
N GLY C 464 -6.83 1.36 5.03
CA GLY C 464 -6.61 0.42 6.12
C GLY C 464 -5.17 0.33 6.66
N TYR C 465 -4.24 1.15 6.20
CA TYR C 465 -2.88 1.09 6.70
C TYR C 465 -2.82 1.58 8.16
N THR C 466 -1.82 1.07 8.91
CA THR C 466 -1.60 1.54 10.29
C THR C 466 -0.11 1.58 10.63
N LEU C 467 0.79 1.42 9.65
CA LEU C 467 2.20 1.43 10.01
C LEU C 467 2.61 2.83 10.37
N PRO C 468 3.62 3.03 11.24
CA PRO C 468 4.01 4.39 11.64
C PRO C 468 4.45 5.24 10.46
N VAL C 469 4.09 6.54 10.50
CA VAL C 469 4.58 7.51 9.54
C VAL C 469 5.30 8.62 10.31
N ILE C 470 6.57 8.84 9.93
CA ILE C 470 7.39 9.91 10.50
C ILE C 470 7.42 11.08 9.51
N LEU C 471 6.94 12.23 9.96
CA LEU C 471 6.82 13.42 9.12
C LEU C 471 7.88 14.41 9.58
N GLY C 472 8.54 15.06 8.62
CA GLY C 472 9.59 16.02 8.89
C GLY C 472 9.62 17.12 7.84
N GLY C 473 10.19 18.26 8.25
CA GLY C 473 10.19 19.41 7.37
C GLY C 473 10.19 20.71 8.17
N ALA C 474 10.48 21.76 7.43
CA ALA C 474 10.64 23.07 8.01
C ALA C 474 9.33 23.56 8.59
N ALA C 475 8.36 23.73 7.72
CA ALA C 475 7.12 24.39 8.07
C ALA C 475 6.30 23.51 9.01
N LEU C 476 6.69 22.20 9.07
CA LEU C 476 6.01 21.30 9.99
C LEU C 476 6.28 21.79 11.38
N THR C 477 5.19 21.75 12.19
CA THR C 477 5.22 21.97 13.60
C THR C 477 4.70 20.73 14.29
N ARG C 478 5.19 20.44 15.49
CA ARG C 478 4.70 19.29 16.25
C ARG C 478 3.20 19.43 16.52
N SER C 479 2.75 20.65 16.84
CA SER C 479 1.37 21.00 17.10
C SER C 479 0.48 20.55 15.98
N TYR C 480 0.94 20.75 14.74
CA TYR C 480 0.18 20.42 13.55
C TYR C 480 0.13 18.91 13.34
N VAL C 481 1.24 18.22 13.58
CA VAL C 481 1.26 16.79 13.42
C VAL C 481 0.37 16.18 14.52
N GLU C 482 0.33 16.78 15.70
CA GLU C 482 -0.61 16.36 16.73
C GLU C 482 -2.03 16.29 16.20
N GLU C 483 -2.47 17.31 15.47
CA GLU C 483 -3.82 17.33 14.89
C GLU C 483 -4.00 16.20 13.88
N LEU C 484 -2.98 15.95 13.08
CA LEU C 484 -3.08 14.95 12.07
C LEU C 484 -3.34 13.59 12.72
N ARG C 485 -3.05 13.39 14.02
CA ARG C 485 -3.27 12.08 14.63
C ARG C 485 -4.76 11.71 14.63
N ALA C 486 -5.64 12.69 14.58
CA ALA C 486 -7.06 12.47 14.38
C ALA C 486 -7.40 11.77 13.07
N ILE C 487 -6.55 11.96 12.06
CA ILE C 487 -6.67 11.26 10.79
C ILE C 487 -6.01 9.88 10.89
N TYR C 488 -4.74 9.90 11.26
CA TYR C 488 -3.88 8.73 11.30
C TYR C 488 -3.21 8.73 12.67
N PRO C 489 -3.54 7.79 13.57
CA PRO C 489 -3.09 7.92 14.95
C PRO C 489 -1.60 7.69 15.16
N ASN C 490 -0.94 7.01 14.18
CA ASN C 490 0.47 6.70 14.24
C ASN C 490 1.32 7.64 13.40
N VAL C 491 1.16 8.98 13.56
CA VAL C 491 2.13 9.87 12.96
C VAL C 491 3.03 10.36 14.07
N TYR C 492 4.26 10.71 13.68
CA TYR C 492 5.20 11.34 14.61
C TYR C 492 5.88 12.53 13.92
N TYR C 493 6.07 13.61 14.70
CA TYR C 493 6.89 14.73 14.25
C TYR C 493 8.36 14.41 14.48
N ALA C 494 9.22 14.84 13.54
CA ALA C 494 10.67 14.80 13.68
C ALA C 494 11.25 16.17 13.34
N GLU C 495 11.93 16.75 14.32
CA GLU C 495 12.54 18.07 14.22
C GLU C 495 13.71 18.03 13.23
N ASP C 496 14.55 17.01 13.43
CA ASP C 496 15.79 16.81 12.72
C ASP C 496 15.95 15.30 12.51
N ALA C 497 17.05 14.95 11.85
CA ALA C 497 17.32 13.57 11.51
C ALA C 497 17.51 12.69 12.75
N PHE C 498 18.03 13.26 13.82
CA PHE C 498 18.35 12.48 15.01
C PHE C 498 17.06 12.08 15.70
N GLU C 499 16.05 12.96 15.71
CA GLU C 499 14.74 12.60 16.24
C GLU C 499 14.15 11.46 15.40
N GLY C 500 14.34 11.51 14.08
CA GLY C 500 13.99 10.40 13.21
C GLY C 500 14.63 9.09 13.66
N LEU C 501 15.93 9.14 13.95
CA LEU C 501 16.64 7.98 14.45
C LEU C 501 15.99 7.52 15.75
N ARG C 502 15.72 8.45 16.66
CA ARG C 502 15.18 8.12 17.98
C ARG C 502 13.83 7.42 17.83
N LEU C 503 12.99 7.91 16.91
CA LEU C 503 11.68 7.33 16.65
C LEU C 503 11.83 5.92 16.10
N MET C 504 12.74 5.73 15.14
CA MET C 504 12.95 4.42 14.54
C MET C 504 13.47 3.45 15.59
N GLU C 505 14.29 3.95 16.53
CA GLU C 505 14.85 3.14 17.60
C GLU C 505 13.72 2.68 18.50
N GLU C 506 12.83 3.60 18.90
CA GLU C 506 11.71 3.27 19.77
C GLU C 506 10.79 2.27 19.07
N LEU C 507 10.56 2.47 17.78
CA LEU C 507 9.58 1.71 17.03
C LEU C 507 10.09 0.30 16.75
N THR C 508 11.39 0.10 16.55
CA THR C 508 11.94 -1.24 16.35
C THR C 508 12.39 -1.87 17.67
N GLY C 509 12.32 -1.12 18.78
CA GLY C 509 12.52 -1.66 20.12
C GLY C 509 13.98 -1.70 20.58
N HIS C 510 14.69 -0.60 20.33
CA HIS C 510 16.06 -0.38 20.77
C HIS C 510 16.01 0.83 21.74
N SER D 4 30.70 79.35 -12.42
CA SER D 4 29.36 78.79 -12.62
C SER D 4 29.24 77.52 -11.80
N LEU D 5 30.27 76.62 -11.77
CA LEU D 5 30.11 75.33 -11.12
C LEU D 5 31.17 75.05 -10.04
N PHE D 6 30.71 74.87 -8.79
CA PHE D 6 31.59 74.67 -7.65
C PHE D 6 32.03 73.21 -7.63
N LEU D 7 33.30 72.96 -7.95
CA LEU D 7 33.80 71.60 -8.08
C LEU D 7 34.45 71.11 -6.79
N VAL D 8 34.07 69.90 -6.35
CA VAL D 8 34.57 69.33 -5.11
C VAL D 8 35.35 68.06 -5.42
N GLY D 9 36.60 68.04 -4.98
CA GLY D 9 37.54 66.99 -5.35
C GLY D 9 37.34 65.71 -4.55
N GLU D 10 36.98 64.66 -5.30
CA GLU D 10 36.47 63.42 -4.74
C GLU D 10 37.54 62.53 -4.12
N ARG D 11 38.81 62.76 -4.39
CA ARG D 11 39.85 61.72 -4.28
C ARG D 11 40.24 61.45 -2.82
N LEU D 12 40.03 62.40 -1.88
CA LEU D 12 40.40 62.16 -0.50
C LEU D 12 39.29 61.44 0.24
N ASN D 13 39.02 60.20 -0.16
CA ASN D 13 37.84 59.48 0.30
C ASN D 13 38.21 58.01 0.45
N ALA D 14 38.26 57.55 1.71
CA ALA D 14 38.72 56.22 2.03
C ALA D 14 37.90 55.15 1.29
N THR D 15 36.58 55.35 1.21
CA THR D 15 35.71 54.37 0.59
C THR D 15 35.95 54.34 -0.92
N GLY D 16 36.16 55.50 -1.55
CA GLY D 16 36.19 55.65 -2.99
C GLY D 16 37.56 55.34 -3.56
N SER D 17 38.62 56.00 -3.05
CA SER D 17 39.96 55.89 -3.60
C SER D 17 40.77 54.86 -2.83
N LYS D 18 41.14 53.76 -3.52
CA LYS D 18 42.01 52.77 -2.92
C LYS D 18 43.33 53.41 -2.51
N ARG D 19 43.83 54.31 -3.39
CA ARG D 19 45.11 54.97 -3.21
C ARG D 19 45.14 55.80 -1.93
N PHE D 20 44.06 56.53 -1.66
CA PHE D 20 43.95 57.36 -0.47
C PHE D 20 43.86 56.50 0.78
N ARG D 21 43.08 55.42 0.67
CA ARG D 21 42.87 54.49 1.76
C ARG D 21 44.23 54.02 2.28
N GLU D 22 45.04 53.44 1.38
CA GLU D 22 46.33 52.86 1.71
C GLU D 22 47.31 53.94 2.23
N MET D 23 47.17 55.17 1.73
CA MET D 23 48.02 56.28 2.17
C MET D 23 47.66 56.69 3.59
N LEU D 24 46.35 56.68 3.89
CA LEU D 24 45.83 57.00 5.22
C LEU D 24 46.34 55.99 6.23
N PHE D 25 46.15 54.69 5.91
CA PHE D 25 46.53 53.60 6.79
C PHE D 25 48.02 53.67 7.08
N ALA D 26 48.82 53.91 6.04
CA ALA D 26 50.27 53.99 6.18
C ALA D 26 50.74 55.28 6.86
N ARG D 27 49.86 56.24 7.10
CA ARG D 27 50.22 57.51 7.71
C ARG D 27 51.19 58.30 6.82
N ASP D 28 50.87 58.38 5.51
CA ASP D 28 51.70 59.05 4.50
C ASP D 28 51.24 60.50 4.31
N LEU D 29 51.71 61.40 5.19
CA LEU D 29 51.18 62.77 5.21
C LEU D 29 51.47 63.48 3.90
N GLU D 30 52.72 63.34 3.41
CA GLU D 30 53.16 64.06 2.22
C GLU D 30 52.42 63.55 1.00
N GLY D 31 52.15 62.24 0.95
CA GLY D 31 51.35 61.63 -0.09
C GLY D 31 49.93 62.20 -0.19
N ILE D 32 49.32 62.39 0.99
CA ILE D 32 47.95 62.88 1.06
C ILE D 32 47.92 64.37 0.69
N LEU D 33 48.84 65.16 1.24
CA LEU D 33 48.89 66.56 0.92
C LEU D 33 49.20 66.81 -0.56
N ALA D 34 49.99 65.92 -1.16
CA ALA D 34 50.25 65.95 -2.59
C ALA D 34 48.95 65.76 -3.36
N LEU D 35 48.22 64.70 -3.01
CA LEU D 35 46.95 64.39 -3.67
C LEU D 35 45.95 65.53 -3.54
N ALA D 36 45.97 66.27 -2.42
CA ALA D 36 45.06 67.39 -2.24
C ALA D 36 45.43 68.56 -3.15
N ARG D 37 46.72 68.97 -3.12
CA ARG D 37 47.21 70.08 -3.92
C ARG D 37 46.97 69.80 -5.41
N GLU D 38 47.21 68.55 -5.81
CA GLU D 38 47.05 68.06 -7.18
C GLU D 38 45.63 68.32 -7.68
N GLN D 39 44.63 67.95 -6.88
CA GLN D 39 43.24 68.14 -7.22
C GLN D 39 42.89 69.61 -7.42
N VAL D 40 43.52 70.49 -6.62
CA VAL D 40 43.19 71.91 -6.69
C VAL D 40 43.79 72.49 -7.96
N GLU D 41 45.02 72.09 -8.29
CA GLU D 41 45.64 72.51 -9.54
C GLU D 41 44.80 72.05 -10.73
N GLU D 42 44.28 70.82 -10.67
CA GLU D 42 43.48 70.26 -11.74
C GLU D 42 42.07 70.86 -11.79
N GLY D 43 41.75 71.84 -10.93
CA GLY D 43 40.62 72.73 -11.14
C GLY D 43 39.55 72.66 -10.06
N ALA D 44 39.82 71.94 -8.95
CA ALA D 44 38.89 71.80 -7.83
C ALA D 44 38.85 73.07 -6.98
N HIS D 45 37.65 73.43 -6.56
CA HIS D 45 37.38 74.62 -5.78
C HIS D 45 37.31 74.27 -4.28
N ALA D 46 37.29 72.95 -3.98
CA ALA D 46 37.13 72.44 -2.62
C ALA D 46 37.47 70.95 -2.66
N LEU D 47 37.56 70.32 -1.48
CA LEU D 47 37.97 68.93 -1.36
C LEU D 47 37.02 68.17 -0.44
N ASP D 48 36.45 67.07 -0.95
CA ASP D 48 35.72 66.16 -0.10
C ASP D 48 36.77 65.38 0.68
N LEU D 49 36.43 65.13 1.95
CA LEU D 49 37.23 64.35 2.87
C LEU D 49 36.34 63.31 3.55
N SER D 50 36.71 62.02 3.45
CA SER D 50 36.07 60.97 4.22
C SER D 50 37.06 59.91 4.67
N VAL D 51 37.22 59.72 5.97
CA VAL D 51 38.25 58.84 6.47
C VAL D 51 37.63 57.65 7.18
N ALA D 52 36.31 57.49 7.02
CA ALA D 52 35.64 56.48 7.80
C ALA D 52 35.92 55.15 7.11
N TRP D 53 36.39 54.14 7.85
CA TRP D 53 36.59 52.81 7.29
C TRP D 53 36.28 51.75 8.35
N THR D 54 35.72 50.61 7.88
CA THR D 54 35.27 49.51 8.75
C THR D 54 36.44 49.09 9.66
N GLY D 55 36.21 49.10 10.95
CA GLY D 55 37.25 48.70 11.89
C GLY D 55 37.96 49.88 12.54
N ARG D 56 37.92 51.10 11.99
CA ARG D 56 38.90 52.12 12.37
C ARG D 56 38.25 53.25 13.15
N ASP D 57 38.98 53.87 14.07
CA ASP D 57 38.48 55.01 14.81
C ASP D 57 38.56 56.29 13.97
N GLU D 58 37.45 56.65 13.34
CA GLU D 58 37.32 57.86 12.51
C GLU D 58 37.88 59.10 13.24
N LEU D 59 37.52 59.30 14.51
CA LEU D 59 37.92 60.50 15.24
C LEU D 59 39.45 60.58 15.32
N GLU D 60 40.10 59.44 15.52
CA GLU D 60 41.54 59.41 15.65
C GLU D 60 42.22 59.82 14.36
N ASP D 61 41.81 59.21 13.25
CA ASP D 61 42.29 59.55 11.92
C ASP D 61 42.15 61.06 11.66
N LEU D 62 40.98 61.63 11.96
CA LEU D 62 40.73 63.05 11.74
C LEU D 62 41.61 63.91 12.62
N ARG D 63 41.82 63.49 13.88
CA ARG D 63 42.61 64.23 14.83
C ARG D 63 44.03 64.42 14.26
N TRP D 64 44.49 63.39 13.55
CA TRP D 64 45.81 63.35 12.95
C TRP D 64 45.92 64.26 11.72
N LEU D 65 44.94 64.14 10.81
CA LEU D 65 45.01 64.67 9.46
C LEU D 65 44.60 66.14 9.42
N LEU D 66 43.59 66.50 10.21
CA LEU D 66 42.92 67.78 10.06
C LEU D 66 43.88 68.94 10.32
N PRO D 67 44.70 68.89 11.40
CA PRO D 67 45.56 70.03 11.73
C PRO D 67 46.45 70.41 10.55
N HIS D 68 46.90 69.39 9.81
CA HIS D 68 47.80 69.54 8.67
C HIS D 68 47.06 70.17 7.48
N LEU D 69 45.92 69.59 7.09
CA LEU D 69 45.10 70.11 5.99
C LEU D 69 44.73 71.56 6.25
N ALA D 70 44.55 71.89 7.55
CA ALA D 70 44.16 73.22 7.96
C ALA D 70 45.17 74.27 7.51
N THR D 71 46.45 74.04 7.85
CA THR D 71 47.52 74.97 7.52
C THR D 71 47.93 74.83 6.05
N ALA D 72 47.88 73.62 5.50
CA ALA D 72 48.48 73.33 4.20
C ALA D 72 47.57 73.64 3.00
N LEU D 73 46.32 74.11 3.18
CA LEU D 73 45.39 74.35 2.08
C LEU D 73 44.64 75.66 2.28
N THR D 74 44.23 76.31 1.19
CA THR D 74 43.42 77.52 1.29
C THR D 74 41.95 77.20 1.03
N VAL D 75 41.68 76.14 0.24
CA VAL D 75 40.33 75.84 -0.24
C VAL D 75 39.48 75.22 0.86
N PRO D 76 38.13 75.26 0.73
CA PRO D 76 37.26 74.59 1.69
C PRO D 76 37.33 73.07 1.66
N VAL D 77 36.86 72.45 2.74
CA VAL D 77 36.79 71.01 2.87
C VAL D 77 35.32 70.64 3.12
N MET D 78 34.82 69.66 2.35
CA MET D 78 33.51 69.08 2.59
C MET D 78 33.73 67.84 3.44
N VAL D 79 33.24 67.88 4.68
CA VAL D 79 33.44 66.81 5.65
C VAL D 79 32.34 65.79 5.49
N ASP D 80 32.75 64.57 5.19
CA ASP D 80 31.85 63.53 4.73
C ASP D 80 31.83 62.49 5.85
N SER D 81 30.77 62.57 6.65
CA SER D 81 30.69 61.75 7.84
C SER D 81 29.25 61.66 8.28
N THR D 82 28.99 60.67 9.13
CA THR D 82 27.72 60.52 9.79
C THR D 82 27.83 60.90 11.27
N SER D 83 29.06 61.02 11.80
CA SER D 83 29.29 61.35 13.19
C SER D 83 29.28 62.86 13.39
N PRO D 84 28.37 63.42 14.20
CA PRO D 84 28.46 64.83 14.57
C PRO D 84 29.73 65.20 15.33
N GLU D 85 30.25 64.30 16.17
CA GLU D 85 31.47 64.59 16.92
C GLU D 85 32.57 64.86 15.89
N ALA D 86 32.60 64.05 14.81
CA ALA D 86 33.57 64.20 13.72
C ALA D 86 33.43 65.58 13.07
N MET D 87 32.20 65.93 12.71
CA MET D 87 31.93 67.22 12.09
C MET D 87 32.37 68.37 13.01
N GLU D 88 32.17 68.22 14.32
CA GLU D 88 32.56 69.26 15.27
C GLU D 88 34.06 69.44 15.22
N LEU D 89 34.76 68.30 15.28
CA LEU D 89 36.21 68.32 15.26
C LEU D 89 36.72 69.04 14.01
N ALA D 90 36.11 68.74 12.85
CA ALA D 90 36.48 69.37 11.59
C ALA D 90 36.15 70.86 11.59
N LEU D 91 35.03 71.23 12.19
CA LEU D 91 34.62 72.63 12.31
C LEU D 91 35.54 73.38 13.27
N LYS D 92 36.12 72.68 14.25
CA LYS D 92 37.11 73.26 15.15
C LYS D 92 38.34 73.66 14.34
N TYR D 93 38.91 72.73 13.57
CA TYR D 93 40.19 72.95 12.89
C TYR D 93 40.06 73.80 11.62
N LEU D 94 38.88 73.91 11.02
CA LEU D 94 38.76 74.56 9.71
C LEU D 94 37.62 75.56 9.77
N PRO D 95 37.59 76.49 10.74
CA PRO D 95 36.44 77.38 10.89
C PRO D 95 36.26 78.21 9.62
N GLY D 96 35.02 78.33 9.13
CA GLY D 96 34.69 79.15 7.99
C GLY D 96 34.84 78.47 6.64
N ARG D 97 35.42 77.26 6.65
CA ARG D 97 35.87 76.61 5.44
C ARG D 97 35.28 75.21 5.34
N VAL D 98 34.06 74.99 5.91
CA VAL D 98 33.51 73.66 5.98
C VAL D 98 32.12 73.62 5.36
N LEU D 99 31.88 72.53 4.64
CA LEU D 99 30.55 72.09 4.22
C LEU D 99 30.33 70.74 4.87
N LEU D 100 29.19 70.59 5.54
CA LEU D 100 28.88 69.36 6.23
C LEU D 100 28.10 68.45 5.27
N ASN D 101 28.51 67.16 5.17
CA ASN D 101 28.01 66.34 4.08
C ASN D 101 26.67 65.74 4.42
N SER D 102 26.62 64.83 5.35
CA SER D 102 25.34 64.17 5.46
C SER D 102 24.44 65.05 6.33
N ALA D 103 23.25 65.44 5.90
CA ALA D 103 22.17 65.73 6.85
C ALA D 103 20.87 65.17 6.28
N ASN D 104 20.31 64.16 6.97
CA ASN D 104 19.21 63.39 6.37
C ASN D 104 18.32 62.79 7.45
N LEU D 105 17.21 62.18 7.02
CA LEU D 105 16.18 61.65 7.90
C LEU D 105 16.20 60.12 7.95
N GLU D 106 17.33 59.49 7.62
CA GLU D 106 17.38 58.05 7.61
C GLU D 106 17.02 57.49 8.99
N ASP D 107 17.56 58.02 10.07
CA ASP D 107 17.26 57.53 11.43
C ASP D 107 16.54 58.69 12.12
N GLY D 108 15.66 59.36 11.38
CA GLY D 108 14.67 60.22 12.01
C GLY D 108 15.18 61.64 12.10
N LEU D 109 14.40 62.44 12.84
CA LEU D 109 14.56 63.88 12.93
C LEU D 109 15.69 64.24 13.88
N GLU D 110 15.96 63.37 14.85
CA GLU D 110 16.94 63.66 15.88
C GLU D 110 18.29 63.84 15.20
N ARG D 111 18.73 62.90 14.37
CA ARG D 111 20.04 62.99 13.73
C ARG D 111 20.10 64.23 12.85
N PHE D 112 19.02 64.48 12.12
CA PHE D 112 18.94 65.54 11.12
C PHE D 112 19.15 66.88 11.80
N ASP D 113 18.39 67.12 12.88
CA ASP D 113 18.44 68.39 13.58
C ASP D 113 19.83 68.62 14.18
N ARG D 114 20.46 67.54 14.66
CA ARG D 114 21.76 67.63 15.31
C ARG D 114 22.76 68.28 14.34
N VAL D 115 22.78 67.75 13.12
CA VAL D 115 23.68 68.21 12.08
C VAL D 115 23.29 69.62 11.66
N ALA D 116 22.01 69.84 11.36
CA ALA D 116 21.54 71.14 10.88
C ALA D 116 21.93 72.24 11.87
N SER D 117 21.76 72.00 13.18
CA SER D 117 22.06 73.00 14.20
C SER D 117 23.56 73.34 14.18
N LEU D 118 24.44 72.35 13.95
CA LEU D 118 25.86 72.56 13.75
C LEU D 118 26.11 73.50 12.58
N ALA D 119 25.46 73.20 11.46
CA ALA D 119 25.62 73.99 10.26
C ALA D 119 25.24 75.42 10.56
N LYS D 120 24.09 75.60 11.22
CA LYS D 120 23.58 76.92 11.57
C LYS D 120 24.57 77.62 12.47
N ALA D 121 24.93 76.94 13.57
CA ALA D 121 25.78 77.49 14.62
C ALA D 121 27.18 77.86 14.12
N HIS D 122 27.85 77.01 13.33
CA HIS D 122 29.17 77.32 12.80
C HIS D 122 29.08 77.91 11.40
N GLY D 123 27.89 78.39 11.01
CA GLY D 123 27.68 79.03 9.71
C GLY D 123 28.29 78.26 8.56
N ALA D 124 28.08 76.95 8.53
CA ALA D 124 28.64 76.10 7.50
C ALA D 124 27.56 75.82 6.47
N ALA D 125 28.02 75.51 5.25
CA ALA D 125 27.15 75.02 4.22
C ALA D 125 26.66 73.64 4.61
N LEU D 126 25.45 73.29 4.15
CA LEU D 126 24.84 72.02 4.51
C LEU D 126 24.42 71.26 3.26
N VAL D 127 24.84 70.01 3.18
CA VAL D 127 24.31 69.12 2.16
C VAL D 127 23.17 68.33 2.79
N VAL D 128 22.12 68.12 1.98
CA VAL D 128 20.89 67.51 2.43
C VAL D 128 20.57 66.35 1.49
N LEU D 129 20.76 65.10 1.99
CA LEU D 129 20.50 63.96 1.14
C LEU D 129 19.02 63.67 1.18
N ALA D 130 18.48 63.26 0.02
CA ALA D 130 17.10 62.84 -0.08
C ALA D 130 16.95 61.39 0.41
N ILE D 131 17.05 61.20 1.73
CA ILE D 131 16.91 59.91 2.39
C ILE D 131 16.10 60.05 3.66
N ASP D 132 14.99 59.33 3.74
CA ASP D 132 14.08 59.35 4.88
C ASP D 132 14.00 57.96 5.50
N GLU D 133 12.98 57.71 6.30
CA GLU D 133 12.91 56.46 7.02
C GLU D 133 12.49 55.35 6.06
N LYS D 134 11.80 55.65 4.96
CA LYS D 134 11.52 54.70 3.90
C LYS D 134 12.76 54.48 3.01
N GLY D 135 13.88 55.13 3.36
CA GLY D 135 15.16 54.88 2.72
C GLY D 135 15.41 55.95 1.65
N MET D 136 16.24 55.58 0.70
CA MET D 136 16.63 56.44 -0.39
C MET D 136 15.53 56.72 -1.38
N ALA D 137 15.35 58.00 -1.71
CA ALA D 137 14.36 58.37 -2.69
C ALA D 137 14.88 58.00 -4.07
N LYS D 138 14.23 57.07 -4.78
CA LYS D 138 14.67 56.63 -6.11
C LYS D 138 13.86 57.26 -7.25
N THR D 139 12.57 57.63 -7.05
CA THR D 139 11.76 58.31 -8.06
C THR D 139 11.75 59.83 -7.81
N ARG D 140 11.21 60.61 -8.76
CA ARG D 140 11.24 62.07 -8.64
C ARG D 140 10.23 62.48 -7.56
N GLU D 141 9.08 61.85 -7.62
CA GLU D 141 7.97 62.21 -6.75
C GLU D 141 8.44 62.11 -5.30
N GLU D 142 9.22 61.07 -5.00
CA GLU D 142 9.80 60.85 -3.67
C GLU D 142 10.87 61.90 -3.40
N LYS D 143 11.78 62.06 -4.35
CA LYS D 143 12.91 62.95 -4.20
C LYS D 143 12.40 64.34 -3.81
N VAL D 144 11.33 64.78 -4.49
CA VAL D 144 10.74 66.07 -4.23
C VAL D 144 10.09 66.09 -2.84
N ARG D 145 9.19 65.14 -2.57
CA ARG D 145 8.55 65.07 -1.26
C ARG D 145 9.57 65.26 -0.12
N VAL D 146 10.68 64.51 -0.18
CA VAL D 146 11.62 64.44 0.92
C VAL D 146 12.37 65.75 1.03
N ALA D 147 12.83 66.27 -0.12
CA ALA D 147 13.50 67.56 -0.15
C ALA D 147 12.66 68.66 0.52
N LEU D 148 11.38 68.73 0.16
CA LEU D 148 10.53 69.82 0.61
C LEU D 148 10.31 69.74 2.11
N ARG D 149 10.07 68.53 2.62
CA ARG D 149 9.96 68.29 4.04
C ARG D 149 11.21 68.81 4.73
N MET D 150 12.37 68.45 4.21
CA MET D 150 13.63 68.87 4.81
C MET D 150 13.79 70.37 4.74
N TYR D 151 13.48 70.94 3.57
CA TYR D 151 13.59 72.38 3.39
C TYR D 151 12.75 73.08 4.43
N GLU D 152 11.50 72.62 4.63
CA GLU D 152 10.62 73.19 5.65
C GLU D 152 11.37 73.20 6.98
N ARG D 153 11.86 72.05 7.42
CA ARG D 153 12.50 71.94 8.72
C ARG D 153 13.73 72.81 8.82
N LEU D 154 14.56 72.85 7.78
CA LEU D 154 15.81 73.60 7.81
C LEU D 154 15.53 75.09 7.92
N THR D 155 14.53 75.57 7.18
CA THR D 155 14.28 77.01 7.08
C THR D 155 13.44 77.48 8.26
N GLU D 156 12.55 76.66 8.81
CA GLU D 156 11.65 77.15 9.85
C GLU D 156 12.14 76.79 11.23
N HIS D 157 12.38 75.52 11.53
CA HIS D 157 12.92 75.11 12.82
C HIS D 157 14.35 75.59 13.03
N HIS D 158 15.25 75.47 12.04
CA HIS D 158 16.65 75.83 12.23
C HIS D 158 16.94 77.25 11.76
N GLY D 159 16.07 77.80 10.90
CA GLY D 159 16.29 79.12 10.37
C GLY D 159 17.54 79.22 9.47
N LEU D 160 17.89 78.17 8.78
CA LEU D 160 18.94 78.28 7.76
C LEU D 160 18.41 79.07 6.57
N ARG D 161 19.35 79.74 5.90
CA ARG D 161 19.06 80.48 4.69
C ARG D 161 19.02 79.48 3.53
N PRO D 162 18.14 79.65 2.52
CA PRO D 162 18.16 78.79 1.33
C PRO D 162 19.55 78.64 0.75
N GLU D 163 20.23 79.81 0.68
CA GLU D 163 21.57 79.90 0.12
C GLU D 163 22.56 79.00 0.85
N ASP D 164 22.33 78.66 2.12
CA ASP D 164 23.22 77.80 2.90
C ASP D 164 23.04 76.30 2.61
N LEU D 165 22.07 75.92 1.76
CA LEU D 165 21.73 74.51 1.51
C LEU D 165 22.20 73.98 0.14
N LEU D 166 22.50 72.67 0.08
CA LEU D 166 22.82 71.91 -1.11
C LEU D 166 22.07 70.58 -1.11
N PHE D 167 21.08 70.42 -1.99
CA PHE D 167 20.29 69.19 -2.04
C PHE D 167 20.97 68.17 -2.97
N ASP D 168 21.30 66.99 -2.35
CA ASP D 168 21.79 65.83 -3.08
C ASP D 168 20.60 64.92 -3.29
N LEU D 169 19.86 65.16 -4.38
CA LEU D 169 18.91 64.16 -4.84
C LEU D 169 19.86 63.11 -5.38
N LEU D 170 19.59 61.82 -5.35
CA LEU D 170 20.78 60.96 -5.33
C LEU D 170 21.38 60.61 -6.70
N THR D 171 22.63 60.11 -6.71
CA THR D 171 23.24 59.65 -7.97
C THR D 171 23.40 58.13 -7.95
N PHE D 172 22.62 57.42 -8.74
CA PHE D 172 22.69 55.97 -8.81
C PHE D 172 23.35 55.49 -10.11
N PRO D 173 24.06 54.33 -10.07
CA PRO D 173 24.60 53.75 -11.27
C PRO D 173 23.48 53.21 -12.15
N ILE D 174 23.65 53.47 -13.46
CA ILE D 174 22.77 52.99 -14.48
C ILE D 174 23.42 51.97 -15.39
N THR D 175 24.57 51.42 -14.97
CA THR D 175 25.55 50.85 -15.89
C THR D 175 25.86 49.38 -15.57
N GLN D 176 25.49 48.93 -14.38
CA GLN D 176 25.41 47.51 -14.11
C GLN D 176 24.12 47.11 -14.81
N GLY D 177 24.06 45.96 -15.48
CA GLY D 177 22.96 45.75 -16.42
C GLY D 177 21.56 45.57 -15.81
N ASP D 178 21.36 45.73 -14.50
CA ASP D 178 20.12 45.32 -13.86
C ASP D 178 18.96 46.15 -14.35
N GLU D 179 17.78 45.53 -14.50
CA GLU D 179 16.65 46.23 -15.08
C GLU D 179 16.23 47.41 -14.19
N GLU D 180 16.36 47.23 -12.86
CA GLU D 180 15.71 48.09 -11.89
C GLU D 180 16.26 49.50 -11.98
N SER D 181 17.53 49.68 -12.41
CA SER D 181 18.15 51.00 -12.26
C SER D 181 18.26 51.76 -13.58
N ARG D 182 17.51 51.33 -14.61
CA ARG D 182 17.55 52.02 -15.91
C ARG D 182 17.24 53.51 -15.75
N PRO D 183 16.15 53.88 -15.06
CA PRO D 183 15.75 55.28 -14.92
C PRO D 183 16.16 56.26 -13.81
N LEU D 184 17.13 55.81 -13.03
CA LEU D 184 17.40 56.49 -11.78
C LEU D 184 18.24 57.76 -11.91
N ALA D 185 18.92 57.89 -13.07
CA ALA D 185 19.58 59.13 -13.40
C ALA D 185 18.50 60.10 -13.87
N LYS D 186 17.65 59.62 -14.79
CA LYS D 186 16.58 60.47 -15.29
C LYS D 186 15.74 61.07 -14.17
N GLU D 187 15.35 60.23 -13.20
CA GLU D 187 14.46 60.65 -12.11
C GLU D 187 15.13 61.76 -11.28
N THR D 188 16.44 61.66 -11.05
CA THR D 188 17.14 62.71 -10.33
C THR D 188 17.11 64.02 -11.12
N LEU D 189 17.38 63.96 -12.42
CA LEU D 189 17.38 65.16 -13.25
C LEU D 189 16.00 65.83 -13.28
N LEU D 190 14.94 65.04 -13.38
CA LEU D 190 13.59 65.61 -13.38
C LEU D 190 13.30 66.29 -12.04
N ALA D 191 13.65 65.65 -10.93
CA ALA D 191 13.41 66.22 -9.63
C ALA D 191 14.15 67.54 -9.47
N MET D 192 15.38 67.58 -9.96
CA MET D 192 16.21 68.77 -9.84
C MET D 192 15.54 69.93 -10.57
N GLU D 193 14.99 69.67 -11.76
CA GLU D 193 14.30 70.69 -12.52
C GLU D 193 13.11 71.18 -11.72
N GLU D 194 12.31 70.28 -11.16
CA GLU D 194 11.12 70.64 -10.39
C GLU D 194 11.50 71.50 -9.18
N LEU D 195 12.53 71.04 -8.46
CA LEU D 195 12.89 71.64 -7.21
C LEU D 195 13.60 72.99 -7.42
N ARG D 196 14.31 73.16 -8.53
CA ARG D 196 14.95 74.44 -8.79
C ARG D 196 13.87 75.51 -8.85
N GLU D 197 12.72 75.15 -9.45
CA GLU D 197 11.62 76.06 -9.55
C GLU D 197 10.96 76.28 -8.19
N ARG D 198 10.60 75.20 -7.49
CA ARG D 198 9.85 75.31 -6.23
C ARG D 198 10.65 75.85 -5.05
N LEU D 199 11.99 75.74 -5.07
CA LEU D 199 12.82 76.14 -3.96
C LEU D 199 13.87 77.09 -4.51
N PRO D 200 13.51 78.35 -4.79
CA PRO D 200 14.45 79.25 -5.46
C PRO D 200 15.52 79.59 -4.42
N GLY D 201 16.78 79.58 -4.81
CA GLY D 201 17.85 80.03 -3.93
C GLY D 201 18.60 78.90 -3.22
N VAL D 202 18.08 77.67 -3.27
CA VAL D 202 18.80 76.51 -2.78
C VAL D 202 19.77 76.03 -3.86
N GLY D 203 20.83 75.36 -3.41
CA GLY D 203 21.81 74.75 -4.30
C GLY D 203 21.51 73.26 -4.49
N PHE D 204 22.21 72.68 -5.46
CA PHE D 204 22.13 71.27 -5.76
C PHE D 204 23.53 70.72 -5.98
N VAL D 205 23.78 69.52 -5.42
CA VAL D 205 25.05 68.84 -5.60
C VAL D 205 24.81 67.35 -5.87
N LEU D 206 25.73 66.74 -6.63
CA LEU D 206 25.66 65.35 -7.04
C LEU D 206 27.05 64.74 -7.01
N GLY D 207 27.12 63.47 -6.62
CA GLY D 207 28.32 62.69 -6.72
C GLY D 207 28.44 62.04 -8.10
N VAL D 208 28.93 62.82 -9.05
CA VAL D 208 28.65 62.54 -10.43
C VAL D 208 29.22 61.16 -10.84
N SER D 209 30.39 60.77 -10.33
CA SER D 209 31.11 59.58 -10.82
C SER D 209 30.24 58.33 -10.72
N ASN D 210 29.35 58.26 -9.75
CA ASN D 210 28.57 57.06 -9.54
C ASN D 210 27.73 56.65 -10.73
N VAL D 211 27.28 57.59 -11.56
CA VAL D 211 26.32 57.23 -12.58
C VAL D 211 26.91 56.14 -13.47
N SER D 212 28.24 56.12 -13.61
CA SER D 212 28.94 55.34 -14.62
C SER D 212 29.53 54.03 -14.06
N PHE D 213 29.31 53.74 -12.78
CA PHE D 213 30.08 52.75 -12.05
C PHE D 213 30.06 51.39 -12.71
N GLY D 214 31.28 50.88 -12.98
CA GLY D 214 31.57 49.54 -13.50
C GLY D 214 31.52 49.51 -15.02
N LEU D 215 31.99 50.58 -15.65
CA LEU D 215 32.20 50.62 -17.08
C LEU D 215 33.68 50.83 -17.27
N LYS D 216 34.19 50.59 -18.49
CA LYS D 216 35.57 50.85 -18.78
C LYS D 216 35.85 52.32 -18.55
N PRO D 217 37.11 52.68 -18.21
CA PRO D 217 37.52 54.07 -18.02
C PRO D 217 37.06 55.08 -19.05
N ARG D 218 37.15 54.74 -20.37
CA ARG D 218 36.87 55.79 -21.35
C ARG D 218 35.38 56.10 -21.40
N ALA D 219 34.59 55.04 -21.26
CA ALA D 219 33.14 55.17 -21.25
C ALA D 219 32.67 55.96 -20.03
N ARG D 220 33.28 55.72 -18.88
CA ARG D 220 32.93 56.46 -17.68
C ARG D 220 33.14 57.95 -17.89
N ARG D 221 34.31 58.29 -18.41
CA ARG D 221 34.67 59.69 -18.54
C ARG D 221 33.60 60.40 -19.34
N VAL D 222 33.15 59.76 -20.42
CA VAL D 222 32.13 60.35 -21.27
C VAL D 222 30.81 60.45 -20.52
N LEU D 223 30.31 59.35 -19.99
CA LEU D 223 29.01 59.33 -19.32
C LEU D 223 29.02 60.30 -18.14
N ASN D 224 30.06 60.25 -17.30
CA ASN D 224 30.23 61.24 -16.24
C ASN D 224 30.10 62.67 -16.76
N SER D 225 30.82 62.98 -17.84
CA SER D 225 30.90 64.35 -18.32
C SER D 225 29.56 64.83 -18.87
N VAL D 226 28.85 63.94 -19.59
CA VAL D 226 27.56 64.29 -20.16
C VAL D 226 26.51 64.45 -19.04
N PHE D 227 26.56 63.58 -18.04
CA PHE D 227 25.63 63.67 -16.94
C PHE D 227 25.81 64.99 -16.20
N LEU D 228 27.08 65.35 -15.94
CA LEU D 228 27.41 66.57 -15.24
C LEU D 228 26.78 67.76 -15.96
N ASP D 229 27.02 67.83 -17.27
CA ASP D 229 26.45 68.89 -18.09
C ASP D 229 24.92 68.90 -17.99
N GLU D 230 24.25 67.76 -18.09
CA GLU D 230 22.79 67.73 -18.13
C GLU D 230 22.21 68.16 -16.79
N ALA D 231 22.92 67.85 -15.71
CA ALA D 231 22.51 68.26 -14.38
C ALA D 231 22.66 69.76 -14.22
N ARG D 232 23.78 70.28 -14.76
CA ARG D 232 24.04 71.71 -14.75
C ARG D 232 22.84 72.41 -15.37
N LYS D 233 22.43 71.92 -16.54
CA LYS D 233 21.32 72.46 -17.30
C LYS D 233 20.04 72.49 -16.49
N ARG D 234 19.88 71.64 -15.48
CA ARG D 234 18.65 71.63 -14.68
C ARG D 234 18.88 72.20 -13.28
N GLY D 235 20.03 72.89 -13.06
CA GLY D 235 20.18 73.76 -11.90
C GLY D 235 21.28 73.32 -10.93
N LEU D 236 22.17 72.43 -11.37
CA LEU D 236 23.23 71.94 -10.49
C LEU D 236 24.14 73.11 -10.21
N THR D 237 24.55 73.26 -8.94
CA THR D 237 25.46 74.32 -8.55
C THR D 237 26.84 73.76 -8.18
N ALA D 238 26.89 72.59 -7.56
CA ALA D 238 28.13 71.98 -7.14
C ALA D 238 28.18 70.54 -7.62
N ALA D 239 29.38 69.97 -7.57
CA ALA D 239 29.57 68.64 -8.11
C ALA D 239 30.76 67.98 -7.46
N ILE D 240 30.57 66.74 -7.02
CA ILE D 240 31.66 65.97 -6.46
C ILE D 240 32.22 65.08 -7.55
N VAL D 241 33.34 65.56 -8.10
CA VAL D 241 33.89 65.03 -9.33
C VAL D 241 35.37 64.83 -9.15
N ASP D 242 35.95 64.14 -10.14
CA ASP D 242 37.39 64.18 -10.37
C ASP D 242 37.67 65.29 -11.37
N ALA D 243 38.04 66.48 -10.86
CA ALA D 243 38.14 67.67 -11.67
C ALA D 243 39.03 67.41 -12.87
N GLY D 244 40.07 66.57 -12.70
CA GLY D 244 41.08 66.39 -13.73
C GLY D 244 40.60 65.51 -14.88
N LYS D 245 39.42 64.89 -14.76
CA LYS D 245 39.02 63.86 -15.71
C LYS D 245 37.57 64.07 -16.12
N ILE D 246 37.21 65.34 -16.37
CA ILE D 246 35.90 65.67 -16.92
C ILE D 246 36.17 66.37 -18.24
N LEU D 247 35.54 65.88 -19.29
CA LEU D 247 35.71 66.42 -20.61
C LEU D 247 34.63 67.46 -20.85
N PRO D 248 34.89 68.55 -21.57
CA PRO D 248 33.80 69.40 -22.03
C PRO D 248 33.12 68.65 -23.18
N ILE D 249 31.82 68.89 -23.30
CA ILE D 249 30.92 68.25 -24.23
C ILE D 249 31.38 68.49 -25.67
N SER D 250 32.04 69.65 -25.87
CA SER D 250 32.58 70.04 -27.16
C SER D 250 33.67 69.09 -27.63
N GLN D 251 34.27 68.29 -26.74
CA GLN D 251 35.33 67.36 -27.12
C GLN D 251 34.88 65.90 -27.13
N ILE D 252 33.56 65.66 -27.09
CA ILE D 252 33.02 64.32 -27.10
C ILE D 252 32.38 64.04 -28.46
N PRO D 253 32.81 62.97 -29.16
CA PRO D 253 32.26 62.60 -30.47
C PRO D 253 30.75 62.52 -30.50
N GLU D 254 30.15 62.93 -31.62
CA GLU D 254 28.73 63.21 -31.65
C GLU D 254 27.91 61.97 -31.35
N GLU D 255 28.41 60.84 -31.85
CA GLU D 255 27.74 59.57 -31.63
C GLU D 255 27.81 59.17 -30.15
N ALA D 256 28.98 59.29 -29.53
CA ALA D 256 29.13 58.99 -28.11
C ALA D 256 28.24 59.89 -27.25
N TYR D 257 28.12 61.18 -27.63
CA TYR D 257 27.29 62.14 -26.91
C TYR D 257 25.86 61.63 -26.93
N ALA D 258 25.37 61.30 -28.13
CA ALA D 258 24.00 60.83 -28.29
C ALA D 258 23.78 59.54 -27.51
N LEU D 259 24.74 58.63 -27.58
CA LEU D 259 24.61 57.38 -26.88
C LEU D 259 24.58 57.59 -25.36
N ALA D 260 25.34 58.56 -24.86
CA ALA D 260 25.34 58.85 -23.44
C ALA D 260 23.98 59.39 -23.03
N LEU D 261 23.36 60.21 -23.87
CA LEU D 261 22.05 60.75 -23.54
C LEU D 261 21.02 59.61 -23.61
N ASP D 262 21.07 58.78 -24.67
CA ASP D 262 20.24 57.59 -24.79
C ASP D 262 20.25 56.82 -23.45
N LEU D 263 21.42 56.64 -22.83
CA LEU D 263 21.60 55.87 -21.60
C LEU D 263 21.06 56.62 -20.39
N ILE D 264 21.37 57.91 -20.28
CA ILE D 264 20.96 58.74 -19.15
C ILE D 264 19.44 58.87 -19.07
N TYR D 265 18.79 59.06 -20.23
CA TYR D 265 17.35 59.28 -20.27
C TYR D 265 16.60 58.01 -20.70
N ASP D 266 17.34 56.91 -20.87
CA ASP D 266 16.79 55.58 -21.11
C ASP D 266 15.87 55.61 -22.30
N ARG D 267 16.41 56.00 -23.45
CA ARG D 267 15.66 56.28 -24.66
C ARG D 267 15.63 55.00 -25.46
N ARG D 268 14.85 54.02 -24.97
CA ARG D 268 14.71 52.72 -25.61
C ARG D 268 14.13 52.86 -27.02
N LYS D 269 14.75 52.19 -27.99
CA LYS D 269 14.30 52.20 -29.39
C LYS D 269 14.27 50.74 -29.79
N GLU D 270 13.48 50.40 -30.83
CA GLU D 270 13.41 49.03 -31.38
C GLU D 270 14.79 48.56 -31.78
N GLY D 271 15.30 47.48 -31.15
CA GLY D 271 16.56 46.86 -31.56
C GLY D 271 17.81 47.62 -31.11
N PHE D 272 17.67 48.29 -29.98
CA PHE D 272 18.76 49.05 -29.40
C PHE D 272 18.67 48.96 -27.88
N ASP D 273 19.82 48.65 -27.25
CA ASP D 273 19.88 48.73 -25.78
C ASP D 273 20.85 49.83 -25.40
N PRO D 274 20.41 50.97 -24.86
CA PRO D 274 21.30 52.12 -24.68
C PRO D 274 22.65 51.78 -24.06
N LEU D 275 22.59 51.05 -22.94
CA LEU D 275 23.77 50.74 -22.16
C LEU D 275 24.78 49.98 -23.03
N LEU D 276 24.32 48.89 -23.63
CA LEU D 276 25.19 48.00 -24.37
C LEU D 276 25.75 48.72 -25.60
N ALA D 277 24.94 49.54 -26.26
CA ALA D 277 25.35 50.32 -27.41
C ALA D 277 26.42 51.33 -27.02
N PHE D 278 26.23 51.96 -25.87
CA PHE D 278 27.19 52.91 -25.35
C PHE D 278 28.49 52.19 -25.02
N MET D 279 28.43 50.98 -24.49
CA MET D 279 29.64 50.22 -24.16
C MET D 279 30.37 49.83 -25.44
N ALA D 280 29.59 49.36 -26.41
CA ALA D 280 30.08 48.89 -27.69
C ALA D 280 30.83 49.97 -28.43
N TYR D 281 30.38 51.22 -28.30
CA TYR D 281 31.01 52.33 -29.00
C TYR D 281 32.50 52.39 -28.74
N PHE D 282 32.93 52.12 -27.49
CA PHE D 282 34.31 52.29 -27.09
C PHE D 282 35.13 51.08 -27.50
N GLU D 283 34.49 49.92 -27.77
CA GLU D 283 35.19 48.74 -28.26
C GLU D 283 35.43 48.95 -29.73
N ALA D 284 34.48 49.57 -30.42
CA ALA D 284 34.50 49.74 -31.86
C ALA D 284 35.46 50.84 -32.27
N HIS D 285 35.31 52.02 -31.66
CA HIS D 285 36.20 53.14 -31.94
C HIS D 285 37.40 53.03 -31.01
N LYS D 286 38.53 52.44 -31.46
CA LYS D 286 39.74 52.37 -30.66
C LYS D 286 40.49 53.70 -30.77
N GLU D 287 41.53 53.95 -29.97
CA GLU D 287 42.19 55.26 -29.90
C GLU D 287 43.44 55.32 -30.81
N ASP D 288 44.35 56.26 -30.56
CA ASP D 288 45.52 56.47 -31.39
C ASP D 288 46.41 55.23 -31.30
N PRO D 289 46.99 54.81 -32.46
CA PRO D 289 47.84 53.62 -32.54
C PRO D 289 48.95 53.58 -31.48
N GLY D 290 49.59 54.77 -31.26
CA GLY D 290 50.69 54.93 -30.33
C GLY D 290 50.28 54.63 -28.88
N LYS D 291 49.09 55.12 -28.49
CA LYS D 291 48.55 54.89 -27.16
C LYS D 291 48.30 53.39 -26.95
N ARG D 292 47.75 52.73 -27.97
CA ARG D 292 47.47 51.31 -27.91
C ARG D 292 48.74 50.47 -27.75
N GLU D 293 49.80 50.78 -28.50
CA GLU D 293 51.10 50.12 -28.36
C GLU D 293 51.62 50.12 -26.91
N ASP D 294 51.54 51.31 -26.26
CA ASP D 294 51.99 51.50 -24.90
C ASP D 294 51.11 50.69 -23.93
N ALA D 295 49.78 50.78 -24.14
CA ALA D 295 48.81 50.03 -23.36
C ALA D 295 49.10 48.53 -23.40
N PHE D 296 49.50 48.02 -24.59
CA PHE D 296 49.84 46.61 -24.80
C PHE D 296 51.05 46.23 -23.92
N LEU D 297 52.16 46.97 -24.11
CA LEU D 297 53.44 46.69 -23.47
C LEU D 297 53.31 46.79 -21.94
N ALA D 298 52.36 47.60 -21.47
CA ALA D 298 52.09 47.78 -20.05
C ALA D 298 51.36 46.60 -19.41
N LEU D 299 50.74 45.69 -20.19
CA LEU D 299 49.92 44.63 -19.63
C LEU D 299 50.75 43.68 -18.76
N PRO D 300 50.15 42.97 -17.75
CA PRO D 300 50.79 41.85 -17.06
C PRO D 300 51.27 40.74 -18.02
N LEU D 301 52.16 39.88 -17.52
CA LEU D 301 52.88 38.94 -18.36
C LEU D 301 51.91 37.98 -19.06
N LEU D 302 51.06 37.35 -18.24
CA LEU D 302 50.17 36.31 -18.75
C LEU D 302 49.19 36.98 -19.72
N GLU D 303 48.59 38.11 -19.30
CA GLU D 303 47.63 38.85 -20.11
C GLU D 303 48.27 39.31 -21.44
N ARG D 304 49.59 39.60 -21.45
CA ARG D 304 50.25 40.06 -22.66
C ARG D 304 50.41 38.91 -23.66
N LEU D 305 50.74 37.72 -23.14
CA LEU D 305 50.83 36.53 -23.98
C LEU D 305 49.51 36.25 -24.69
N LYS D 306 48.42 36.32 -23.94
CA LYS D 306 47.11 36.19 -24.52
C LYS D 306 46.98 37.16 -25.71
N ARG D 307 47.22 38.44 -25.45
CA ARG D 307 46.94 39.48 -26.44
C ARG D 307 47.81 39.28 -27.69
N ARG D 308 48.96 38.59 -27.53
CA ARG D 308 49.85 38.34 -28.65
C ARG D 308 49.15 37.44 -29.66
N VAL D 309 48.47 36.40 -29.16
CA VAL D 309 47.72 35.48 -30.00
C VAL D 309 46.62 36.23 -30.72
N VAL D 310 45.85 37.06 -30.00
CA VAL D 310 44.69 37.71 -30.58
C VAL D 310 45.08 38.75 -31.63
N GLU D 311 46.00 39.64 -31.24
CA GLU D 311 46.42 40.74 -32.10
C GLU D 311 47.45 40.23 -33.11
N GLY D 312 47.91 38.98 -32.96
CA GLY D 312 48.79 38.38 -33.94
C GLY D 312 50.21 38.92 -33.89
N ARG D 313 50.69 39.21 -32.66
CA ARG D 313 51.94 39.92 -32.44
C ARG D 313 53.05 38.92 -32.28
N LYS D 314 53.74 38.65 -33.41
CA LYS D 314 54.80 37.67 -33.46
C LYS D 314 56.03 38.20 -32.70
N GLN D 315 56.35 39.48 -32.90
CA GLN D 315 57.65 39.96 -32.48
C GLN D 315 57.72 40.17 -30.99
N GLY D 316 58.72 39.58 -30.32
CA GLY D 316 58.91 39.72 -28.89
C GLY D 316 58.18 38.64 -28.10
N LEU D 317 57.78 37.57 -28.82
CA LEU D 317 57.03 36.46 -28.27
C LEU D 317 57.97 35.60 -27.45
N GLU D 318 59.11 35.24 -28.07
CA GLU D 318 60.04 34.30 -27.48
C GLU D 318 60.63 34.95 -26.24
N ALA D 319 60.77 36.29 -26.30
CA ALA D 319 61.19 37.10 -25.17
C ALA D 319 60.24 36.86 -23.99
N ASP D 320 58.93 37.02 -24.24
CA ASP D 320 57.93 36.97 -23.19
C ASP D 320 57.76 35.57 -22.62
N LEU D 321 57.87 34.55 -23.49
CA LEU D 321 57.74 33.16 -23.05
C LEU D 321 58.94 32.82 -22.16
N GLU D 322 60.14 33.20 -22.63
CA GLU D 322 61.36 33.06 -21.85
C GLU D 322 61.14 33.64 -20.45
N GLU D 323 60.56 34.85 -20.38
CA GLU D 323 60.31 35.54 -19.12
C GLU D 323 59.40 34.73 -18.20
N ALA D 324 58.34 34.12 -18.77
CA ALA D 324 57.35 33.41 -17.97
C ALA D 324 57.88 32.08 -17.45
N LEU D 325 58.76 31.43 -18.24
CA LEU D 325 59.46 30.25 -17.78
C LEU D 325 60.40 30.61 -16.63
N LYS D 326 61.00 31.81 -16.65
CA LYS D 326 61.90 32.28 -15.61
C LYS D 326 61.13 32.45 -14.29
N ALA D 327 59.92 33.03 -14.33
CA ALA D 327 59.05 33.04 -13.15
C ALA D 327 58.45 31.66 -12.89
N GLY D 328 58.84 30.63 -13.66
CA GLY D 328 58.58 29.24 -13.35
C GLY D 328 57.14 28.86 -13.66
N HIS D 329 56.43 29.59 -14.53
CA HIS D 329 55.17 29.12 -15.09
C HIS D 329 55.48 27.89 -15.94
N LYS D 330 54.64 26.84 -15.81
CA LYS D 330 54.88 25.55 -16.48
C LYS D 330 54.34 25.60 -17.93
N PRO D 331 55.09 25.07 -18.92
CA PRO D 331 54.67 25.14 -20.32
C PRO D 331 53.23 24.78 -20.63
N LEU D 332 52.78 23.60 -20.14
CA LEU D 332 51.43 23.12 -20.35
C LEU D 332 50.42 24.17 -19.89
N ASP D 333 50.73 24.83 -18.76
CA ASP D 333 49.85 25.79 -18.10
C ASP D 333 49.77 27.08 -18.93
N LEU D 334 50.89 27.49 -19.53
CA LEU D 334 50.91 28.65 -20.42
C LEU D 334 50.07 28.41 -21.68
N ILE D 335 50.02 27.16 -22.13
CA ILE D 335 49.19 26.80 -23.27
C ILE D 335 47.73 26.72 -22.83
N ASN D 336 47.43 25.87 -21.85
CA ASN D 336 46.07 25.60 -21.41
C ASN D 336 45.48 26.79 -20.67
N GLY D 337 46.24 27.85 -20.47
CA GLY D 337 45.75 29.07 -19.82
C GLY D 337 45.71 30.22 -20.82
N PRO D 338 46.69 31.16 -20.78
CA PRO D 338 46.69 32.39 -21.59
C PRO D 338 46.66 32.26 -23.12
N LEU D 339 47.41 31.28 -23.65
CA LEU D 339 47.57 31.14 -25.09
C LEU D 339 46.28 30.61 -25.73
N LEU D 340 45.77 29.49 -25.23
CA LEU D 340 44.57 28.92 -25.80
C LEU D 340 43.37 29.83 -25.53
N ALA D 341 43.41 30.62 -24.44
CA ALA D 341 42.33 31.54 -24.11
C ALA D 341 42.30 32.64 -25.16
N GLY D 342 43.49 33.01 -25.67
CA GLY D 342 43.60 33.92 -26.80
C GLY D 342 42.91 33.33 -28.03
N MET D 343 43.19 32.07 -28.25
CA MET D 343 42.70 31.40 -29.43
C MET D 343 41.18 31.34 -29.37
N LYS D 344 40.63 31.10 -28.15
CA LYS D 344 39.20 31.09 -27.93
C LYS D 344 38.61 32.44 -28.30
N GLU D 345 39.24 33.54 -27.85
CA GLU D 345 38.75 34.89 -28.07
C GLU D 345 38.72 35.22 -29.56
N VAL D 346 39.73 34.80 -30.29
CA VAL D 346 39.76 34.96 -31.74
C VAL D 346 38.53 34.29 -32.36
N GLY D 347 38.22 33.09 -31.89
CA GLY D 347 37.01 32.38 -32.28
C GLY D 347 35.77 33.26 -32.14
N ASP D 348 35.57 33.77 -30.92
CA ASP D 348 34.39 34.56 -30.58
C ASP D 348 34.33 35.84 -31.43
N LEU D 349 35.48 36.42 -31.72
CA LEU D 349 35.52 37.65 -32.50
C LEU D 349 35.14 37.36 -33.93
N PHE D 350 35.62 36.24 -34.45
CA PHE D 350 35.36 35.89 -35.83
C PHE D 350 33.90 35.55 -35.99
N GLY D 351 33.36 34.80 -34.99
CA GLY D 351 31.96 34.42 -34.88
C GLY D 351 31.02 35.62 -34.86
N ALA D 352 31.46 36.72 -34.24
CA ALA D 352 30.66 37.93 -34.14
C ALA D 352 30.78 38.82 -35.39
N GLY D 353 31.67 38.49 -36.30
CA GLY D 353 31.89 39.31 -37.47
C GLY D 353 32.81 40.49 -37.21
N LYS D 354 33.50 40.47 -36.05
CA LYS D 354 34.34 41.55 -35.56
C LYS D 354 35.81 41.29 -35.86
N MET D 355 36.17 40.22 -36.56
CA MET D 355 37.54 39.91 -36.98
C MET D 355 37.45 39.10 -38.27
N GLN D 356 38.29 39.47 -39.27
CA GLN D 356 38.25 38.78 -40.55
C GLN D 356 39.04 37.49 -40.51
N LEU D 357 38.84 36.63 -41.53
CA LEU D 357 39.40 35.29 -41.44
C LEU D 357 40.95 35.28 -41.41
N PRO D 358 41.68 36.07 -42.24
CA PRO D 358 43.11 35.96 -42.24
C PRO D 358 43.74 36.28 -40.89
N PHE D 359 43.07 37.11 -40.08
CA PHE D 359 43.58 37.50 -38.76
C PHE D 359 43.52 36.31 -37.83
N VAL D 360 42.51 35.44 -38.05
CA VAL D 360 42.35 34.18 -37.35
C VAL D 360 43.54 33.28 -37.62
N LEU D 361 43.94 33.24 -38.90
CA LEU D 361 45.04 32.40 -39.32
C LEU D 361 46.33 32.86 -38.68
N GLN D 362 46.51 34.20 -38.65
CA GLN D 362 47.72 34.81 -38.11
C GLN D 362 47.78 34.56 -36.61
N ALA D 363 46.61 34.48 -35.98
CA ALA D 363 46.55 34.14 -34.57
C ALA D 363 47.04 32.73 -34.37
N ALA D 364 46.57 31.81 -35.23
CA ALA D 364 46.97 30.42 -35.13
C ALA D 364 48.48 30.28 -35.30
N GLU D 365 49.05 31.08 -36.21
CA GLU D 365 50.49 31.04 -36.45
C GLU D 365 51.23 31.45 -35.17
N VAL D 366 50.70 32.43 -34.42
CA VAL D 366 51.33 32.83 -33.17
C VAL D 366 51.29 31.66 -32.19
N MET D 367 50.13 31.01 -32.08
CA MET D 367 49.94 29.87 -31.18
C MET D 367 50.94 28.76 -31.49
N LYS D 368 51.14 28.44 -32.79
CA LYS D 368 51.98 27.32 -33.15
C LYS D 368 53.46 27.63 -32.92
N ARG D 369 53.88 28.86 -33.22
CA ARG D 369 55.22 29.32 -32.86
C ARG D 369 55.41 29.18 -31.36
N ALA D 370 54.41 29.59 -30.59
CA ALA D 370 54.47 29.60 -29.13
C ALA D 370 54.69 28.20 -28.58
N VAL D 371 53.93 27.24 -29.12
CA VAL D 371 53.98 25.86 -28.69
C VAL D 371 55.28 25.20 -29.15
N ALA D 372 55.75 25.56 -30.35
CA ALA D 372 57.05 25.10 -30.84
C ALA D 372 58.15 25.51 -29.87
N TYR D 373 58.16 26.77 -29.40
CA TYR D 373 59.17 27.24 -28.46
C TYR D 373 59.03 26.60 -27.07
N LEU D 374 57.83 26.20 -26.67
CA LEU D 374 57.59 25.64 -25.35
C LEU D 374 57.79 24.12 -25.31
N GLU D 375 57.72 23.44 -26.48
CA GLU D 375 57.68 21.98 -26.53
C GLU D 375 58.92 21.38 -25.89
N PRO D 376 60.16 21.92 -26.10
CA PRO D 376 61.35 21.37 -25.46
C PRO D 376 61.40 21.53 -23.94
N HIS D 377 60.64 22.45 -23.36
CA HIS D 377 60.72 22.69 -21.94
C HIS D 377 59.65 21.88 -21.18
N MET D 378 58.89 21.03 -21.88
CA MET D 378 57.87 20.25 -21.21
C MET D 378 58.46 18.97 -20.63
N GLU D 379 57.88 18.50 -19.50
CA GLU D 379 58.44 17.33 -18.83
C GLU D 379 58.15 16.09 -19.67
N LYS D 380 59.14 15.18 -19.76
CA LYS D 380 59.04 13.98 -20.55
C LYS D 380 59.11 12.75 -19.63
N LYS D 381 57.97 12.28 -19.17
CA LYS D 381 57.82 11.23 -18.17
C LYS D 381 57.31 9.96 -18.86
N GLY D 382 57.99 8.83 -18.62
CA GLY D 382 57.64 7.55 -19.24
C GLY D 382 58.20 7.48 -20.65
N GLU D 383 58.42 6.27 -21.18
CA GLU D 383 58.79 6.07 -22.57
C GLU D 383 58.29 4.71 -23.06
N GLY D 384 57.78 4.64 -24.29
CA GLY D 384 57.45 3.38 -24.94
C GLY D 384 56.30 2.61 -24.26
N LYS D 385 55.28 3.31 -23.74
CA LYS D 385 54.14 2.68 -23.11
C LYS D 385 53.17 2.07 -24.13
N GLY D 386 53.24 2.51 -25.40
CA GLY D 386 52.39 2.03 -26.49
C GLY D 386 52.34 3.05 -27.62
N THR D 387 51.49 2.81 -28.62
CA THR D 387 51.47 3.58 -29.86
C THR D 387 50.06 3.99 -30.28
N LEU D 388 49.95 5.18 -30.86
CA LEU D 388 48.72 5.80 -31.33
C LEU D 388 48.94 6.35 -32.73
N VAL D 389 48.12 5.93 -33.68
CA VAL D 389 48.01 6.61 -34.96
C VAL D 389 46.92 7.66 -34.85
N LEU D 390 47.28 8.90 -35.16
CA LEU D 390 46.46 10.06 -34.91
C LEU D 390 46.34 10.86 -36.19
N ALA D 391 45.15 11.38 -36.46
CA ALA D 391 44.91 12.07 -37.71
C ALA D 391 43.66 12.93 -37.62
N THR D 392 43.63 13.92 -38.48
CA THR D 392 42.45 14.73 -38.70
C THR D 392 41.75 14.13 -39.90
N VAL D 393 40.43 14.03 -39.83
CA VAL D 393 39.72 13.23 -40.83
C VAL D 393 39.55 14.01 -42.13
N LYS D 394 39.05 13.31 -43.13
CA LYS D 394 38.84 13.90 -44.43
C LYS D 394 38.14 15.27 -44.36
N GLY D 395 38.80 16.23 -45.00
CA GLY D 395 38.27 17.54 -45.23
C GLY D 395 38.27 18.46 -44.01
N ALA D 396 38.91 18.04 -42.92
CA ALA D 396 38.96 18.85 -41.71
C ALA D 396 40.37 19.38 -41.55
N VAL D 397 40.44 20.67 -41.20
CA VAL D 397 41.69 21.38 -41.35
C VAL D 397 42.22 21.90 -40.01
N HIS D 398 41.37 21.98 -38.99
CA HIS D 398 41.81 22.45 -37.70
C HIS D 398 42.62 21.34 -37.07
N ASP D 399 43.77 21.78 -36.53
CA ASP D 399 44.71 20.80 -36.08
C ASP D 399 45.48 21.26 -34.87
N ILE D 400 45.04 22.34 -34.19
CA ILE D 400 45.87 22.73 -33.07
C ILE D 400 45.57 21.76 -31.95
N GLY D 401 44.30 21.33 -31.94
CA GLY D 401 43.89 20.33 -30.97
C GLY D 401 44.69 19.05 -31.13
N LYS D 402 44.63 18.48 -32.35
CA LYS D 402 45.30 17.25 -32.67
C LYS D 402 46.75 17.34 -32.19
N ASN D 403 47.41 18.44 -32.53
CA ASN D 403 48.81 18.59 -32.22
C ASN D 403 49.08 18.64 -30.71
N LEU D 404 48.15 19.22 -29.95
CA LEU D 404 48.32 19.21 -28.51
C LEU D 404 48.24 17.79 -27.98
N VAL D 405 47.36 16.98 -28.57
CA VAL D 405 47.21 15.59 -28.17
C VAL D 405 48.53 14.87 -28.39
N ASP D 406 49.14 15.10 -29.58
CA ASP D 406 50.43 14.55 -29.93
C ASP D 406 51.46 14.88 -28.86
N ILE D 407 51.58 16.17 -28.53
CA ILE D 407 52.57 16.64 -27.57
C ILE D 407 52.40 15.95 -26.22
N ILE D 408 51.16 15.99 -25.71
CA ILE D 408 50.87 15.53 -24.37
C ILE D 408 51.11 14.02 -24.26
N LEU D 409 50.58 13.27 -25.22
CA LEU D 409 50.77 11.84 -25.19
C LEU D 409 52.25 11.48 -25.37
N SER D 410 52.93 12.20 -26.30
CA SER D 410 54.32 11.95 -26.57
C SER D 410 55.13 12.13 -25.29
N ASN D 411 54.78 13.15 -24.53
CA ASN D 411 55.52 13.50 -23.33
C ASN D 411 55.18 12.55 -22.18
N ASN D 412 54.04 11.87 -22.22
CA ASN D 412 53.70 10.89 -21.20
C ASN D 412 54.01 9.46 -21.67
N GLY D 413 54.90 9.31 -22.64
CA GLY D 413 55.52 8.03 -22.93
C GLY D 413 54.87 7.23 -24.04
N TYR D 414 54.10 7.89 -24.91
CA TYR D 414 53.44 7.22 -26.01
C TYR D 414 54.12 7.59 -27.32
N ARG D 415 54.18 6.61 -28.23
CA ARG D 415 54.56 6.87 -29.61
C ARG D 415 53.34 7.38 -30.32
N VAL D 416 53.40 8.59 -30.87
CA VAL D 416 52.29 9.15 -31.65
C VAL D 416 52.74 9.28 -33.10
N VAL D 417 52.05 8.60 -33.99
CA VAL D 417 52.25 8.70 -35.42
C VAL D 417 51.21 9.66 -36.00
N ASN D 418 51.64 10.92 -36.18
CA ASN D 418 50.73 12.01 -36.50
C ASN D 418 50.67 12.13 -38.01
N LEU D 419 49.51 11.70 -38.62
CA LEU D 419 49.38 11.61 -40.07
C LEU D 419 49.02 12.96 -40.69
N GLY D 420 48.94 14.04 -39.88
CA GLY D 420 48.61 15.35 -40.44
C GLY D 420 47.11 15.42 -40.67
N ILE D 421 46.70 16.17 -41.70
CA ILE D 421 45.28 16.50 -41.84
C ILE D 421 44.67 15.91 -43.12
N LYS D 422 43.36 15.96 -43.20
CA LYS D 422 42.62 15.54 -44.36
C LYS D 422 42.86 14.08 -44.73
N VAL D 423 43.15 13.26 -43.71
CA VAL D 423 43.62 11.90 -43.91
C VAL D 423 42.46 10.97 -44.14
N PRO D 424 42.39 10.28 -45.30
CA PRO D 424 41.30 9.35 -45.54
C PRO D 424 41.45 8.08 -44.71
N ILE D 425 40.33 7.39 -44.53
CA ILE D 425 40.33 6.19 -43.70
C ILE D 425 41.27 5.12 -44.27
N GLU D 426 41.36 5.07 -45.61
CA GLU D 426 42.24 4.13 -46.28
C GLU D 426 43.68 4.33 -45.75
N GLU D 427 44.14 5.59 -45.78
CA GLU D 427 45.50 5.93 -45.40
C GLU D 427 45.70 5.70 -43.90
N ILE D 428 44.68 5.95 -43.07
CA ILE D 428 44.77 5.73 -41.63
C ILE D 428 45.05 4.27 -41.37
N LEU D 429 44.22 3.40 -41.97
CA LEU D 429 44.35 1.97 -41.75
C LEU D 429 45.65 1.41 -42.33
N LYS D 430 46.20 2.07 -43.36
CA LYS D 430 47.47 1.66 -43.92
C LYS D 430 48.56 1.83 -42.87
N ALA D 431 48.50 2.93 -42.14
CA ALA D 431 49.40 3.24 -41.02
C ALA D 431 49.13 2.34 -39.84
N VAL D 432 47.89 1.91 -39.68
CA VAL D 432 47.57 0.97 -38.63
C VAL D 432 48.31 -0.33 -38.92
N GLU D 433 48.28 -0.77 -40.19
CA GLU D 433 48.93 -2.02 -40.56
C GLU D 433 50.43 -1.88 -40.35
N ALA D 434 50.97 -0.74 -40.75
CA ALA D 434 52.40 -0.48 -40.64
C ALA D 434 52.90 -0.46 -39.21
N HIS D 435 52.28 0.29 -38.33
CA HIS D 435 52.83 0.61 -37.02
C HIS D 435 52.24 -0.23 -35.89
N LYS D 436 51.23 -1.05 -36.19
CA LYS D 436 50.59 -1.94 -35.24
C LYS D 436 50.26 -1.19 -33.95
N PRO D 437 49.44 -0.14 -33.98
CA PRO D 437 49.22 0.72 -32.81
C PRO D 437 48.18 0.09 -31.91
N HIS D 438 48.11 0.64 -30.70
CA HIS D 438 47.20 0.20 -29.67
C HIS D 438 45.85 0.90 -29.84
N ALA D 439 45.83 2.06 -30.51
CA ALA D 439 44.61 2.82 -30.75
C ALA D 439 44.74 3.77 -31.94
N VAL D 440 43.61 4.23 -32.45
CA VAL D 440 43.55 5.23 -33.50
C VAL D 440 42.83 6.44 -32.94
N GLY D 441 43.36 7.62 -33.27
CA GLY D 441 42.75 8.86 -32.86
C GLY D 441 42.29 9.62 -34.09
N MET D 442 41.07 10.14 -34.03
CA MET D 442 40.52 10.91 -35.14
C MET D 442 40.03 12.25 -34.57
N SER D 443 40.63 13.37 -35.01
CA SER D 443 40.13 14.72 -34.71
C SER D 443 39.23 15.23 -35.82
N GLY D 444 38.38 16.19 -35.45
CA GLY D 444 37.53 16.90 -36.39
C GLY D 444 36.64 17.86 -35.66
N LEU D 445 36.54 19.12 -36.14
CA LEU D 445 35.88 20.11 -35.29
C LEU D 445 34.46 20.39 -35.72
N LEU D 446 34.23 20.46 -37.04
CA LEU D 446 32.90 20.79 -37.51
C LEU D 446 31.97 19.59 -37.47
N VAL D 447 30.68 19.86 -37.67
CA VAL D 447 29.74 18.77 -37.60
C VAL D 447 30.01 17.81 -38.76
N LYS D 448 30.27 18.38 -39.95
CA LYS D 448 30.57 17.63 -41.16
C LYS D 448 31.54 16.47 -40.81
N SER D 449 32.56 16.86 -40.03
CA SER D 449 33.71 16.02 -39.74
C SER D 449 33.30 14.86 -38.84
N THR D 450 32.22 14.99 -38.08
CA THR D 450 31.73 13.89 -37.24
C THR D 450 31.06 12.84 -38.11
N LEU D 451 30.48 13.26 -39.23
CA LEU D 451 29.82 12.32 -40.12
C LEU D 451 30.87 11.51 -40.88
N VAL D 452 31.99 12.13 -41.18
CA VAL D 452 33.15 11.41 -41.68
C VAL D 452 33.62 10.38 -40.65
N MET D 453 33.63 10.76 -39.39
CA MET D 453 34.02 9.81 -38.35
C MET D 453 33.11 8.58 -38.41
N LYS D 454 31.81 8.83 -38.61
CA LYS D 454 30.83 7.77 -38.67
C LYS D 454 31.18 6.86 -39.84
N GLU D 455 31.39 7.45 -41.02
CA GLU D 455 31.78 6.72 -42.21
C GLU D 455 33.02 5.87 -41.93
N ASN D 456 34.04 6.51 -41.33
CA ASN D 456 35.28 5.85 -41.03
C ASN D 456 35.02 4.58 -40.20
N LEU D 457 34.15 4.69 -39.21
CA LEU D 457 33.85 3.53 -38.38
C LEU D 457 33.09 2.48 -39.17
N GLU D 458 32.16 2.91 -40.04
CA GLU D 458 31.46 1.98 -40.92
C GLU D 458 32.52 1.17 -41.67
N TYR D 459 33.46 1.89 -42.29
CA TYR D 459 34.50 1.26 -43.09
C TYR D 459 35.28 0.25 -42.28
N MET D 460 35.74 0.67 -41.12
CA MET D 460 36.54 -0.17 -40.24
C MET D 460 35.78 -1.44 -39.83
N ARG D 461 34.49 -1.27 -39.55
CA ARG D 461 33.64 -2.37 -39.13
C ARG D 461 33.59 -3.43 -40.22
N ASP D 462 33.42 -2.95 -41.46
CA ASP D 462 33.17 -3.78 -42.62
C ASP D 462 34.43 -4.57 -43.00
N ARG D 463 35.61 -4.13 -42.55
CA ARG D 463 36.85 -4.84 -42.82
C ARG D 463 37.40 -5.48 -41.55
N GLY D 464 36.54 -5.75 -40.56
CA GLY D 464 36.86 -6.65 -39.47
C GLY D 464 37.77 -6.04 -38.37
N TYR D 465 38.05 -4.73 -38.41
CA TYR D 465 38.92 -4.14 -37.41
C TYR D 465 38.24 -4.15 -36.06
N THR D 466 39.04 -4.18 -34.97
CA THR D 466 38.48 -4.08 -33.63
C THR D 466 39.31 -3.25 -32.66
N LEU D 467 40.37 -2.61 -33.13
CA LEU D 467 41.24 -1.88 -32.20
C LEU D 467 40.52 -0.61 -31.75
N PRO D 468 40.80 -0.10 -30.55
CA PRO D 468 40.16 1.12 -30.06
C PRO D 468 40.29 2.33 -30.98
N VAL D 469 39.24 3.13 -31.06
CA VAL D 469 39.29 4.41 -31.73
C VAL D 469 38.84 5.47 -30.74
N ILE D 470 39.68 6.47 -30.54
CA ILE D 470 39.39 7.64 -29.74
C ILE D 470 39.02 8.79 -30.66
N LEU D 471 37.80 9.31 -30.48
CA LEU D 471 37.32 10.43 -31.29
C LEU D 471 37.33 11.68 -30.40
N GLY D 472 37.71 12.81 -30.99
CA GLY D 472 37.70 14.09 -30.32
C GLY D 472 37.36 15.22 -31.29
N GLY D 473 36.86 16.32 -30.73
CA GLY D 473 36.39 17.42 -31.52
C GLY D 473 35.34 18.22 -30.76
N ALA D 474 35.13 19.43 -31.26
CA ALA D 474 34.20 20.35 -30.69
C ALA D 474 32.78 19.81 -30.81
N ALA D 475 32.34 19.62 -32.03
CA ALA D 475 30.95 19.30 -32.29
C ALA D 475 30.63 17.87 -31.81
N LEU D 476 31.68 17.09 -31.54
CA LEU D 476 31.44 15.77 -30.97
C LEU D 476 30.86 15.96 -29.58
N THR D 477 29.87 15.11 -29.27
CA THR D 477 29.29 14.98 -27.93
C THR D 477 29.47 13.52 -27.51
N ARG D 478 29.58 13.25 -26.20
CA ARG D 478 29.73 11.86 -25.78
C ARG D 478 28.51 11.02 -26.20
N SER D 479 27.32 11.64 -26.09
CA SER D 479 26.05 11.04 -26.44
C SER D 479 26.09 10.50 -27.85
N TYR D 480 26.72 11.27 -28.76
CA TYR D 480 26.80 10.94 -30.18
C TYR D 480 27.76 9.77 -30.40
N VAL D 481 28.89 9.79 -29.70
CA VAL D 481 29.86 8.73 -29.82
C VAL D 481 29.27 7.45 -29.24
N GLU D 482 28.45 7.57 -28.19
CA GLU D 482 27.74 6.41 -27.67
C GLU D 482 26.95 5.73 -28.79
N GLU D 483 26.25 6.49 -29.64
CA GLU D 483 25.46 5.90 -30.73
C GLU D 483 26.38 5.19 -31.71
N LEU D 484 27.53 5.80 -32.00
CA LEU D 484 28.44 5.21 -32.96
C LEU D 484 28.85 3.81 -32.51
N ARG D 485 28.74 3.49 -31.20
CA ARG D 485 29.15 2.17 -30.72
C ARG D 485 28.35 1.04 -31.36
N ALA D 486 27.14 1.35 -31.84
CA ALA D 486 26.31 0.44 -32.60
C ALA D 486 26.98 0.03 -33.90
N ILE D 487 27.83 0.90 -34.47
CA ILE D 487 28.59 0.57 -35.66
C ILE D 487 29.88 -0.12 -35.24
N TYR D 488 30.65 0.55 -34.37
CA TYR D 488 31.97 0.11 -33.93
C TYR D 488 31.98 0.15 -32.41
N PRO D 489 32.00 -1.02 -31.72
CA PRO D 489 31.79 -1.01 -30.29
C PRO D 489 32.92 -0.41 -29.45
N ASN D 490 34.14 -0.31 -30.01
CA ASN D 490 35.31 0.23 -29.33
C ASN D 490 35.59 1.69 -29.70
N VAL D 491 34.59 2.57 -29.61
CA VAL D 491 34.92 3.98 -29.77
C VAL D 491 34.87 4.60 -28.39
N TYR D 492 35.62 5.67 -28.21
CA TYR D 492 35.58 6.44 -26.98
C TYR D 492 35.60 7.94 -27.31
N TYR D 493 34.81 8.69 -26.53
CA TYR D 493 34.85 10.15 -26.64
C TYR D 493 35.98 10.68 -25.80
N ALA D 494 36.62 11.74 -26.28
CA ALA D 494 37.58 12.53 -25.52
C ALA D 494 37.20 14.02 -25.59
N GLU D 495 36.97 14.57 -24.38
CA GLU D 495 36.59 15.97 -24.21
C GLU D 495 37.73 16.87 -24.62
N ASP D 496 38.91 16.50 -24.09
CA ASP D 496 40.15 17.23 -24.27
C ASP D 496 41.30 16.22 -24.40
N ALA D 497 42.51 16.77 -24.53
CA ALA D 497 43.69 15.93 -24.76
C ALA D 497 43.97 15.05 -23.55
N PHE D 498 43.61 15.54 -22.35
CA PHE D 498 43.94 14.82 -21.14
C PHE D 498 43.09 13.57 -21.03
N GLU D 499 41.82 13.65 -21.45
CA GLU D 499 40.96 12.48 -21.51
C GLU D 499 41.55 11.47 -22.49
N GLY D 500 42.09 11.96 -23.62
CA GLY D 500 42.83 11.11 -24.54
C GLY D 500 43.95 10.35 -23.82
N LEU D 501 44.74 11.08 -23.01
CA LEU D 501 45.79 10.46 -22.23
C LEU D 501 45.20 9.38 -21.31
N ARG D 502 44.11 9.73 -20.62
CA ARG D 502 43.49 8.83 -19.65
C ARG D 502 43.05 7.54 -20.34
N LEU D 503 42.47 7.69 -21.54
CA LEU D 503 41.99 6.56 -22.32
C LEU D 503 43.16 5.67 -22.75
N MET D 504 44.24 6.30 -23.21
CA MET D 504 45.41 5.55 -23.65
C MET D 504 46.00 4.79 -22.46
N GLU D 505 45.95 5.41 -21.27
CA GLU D 505 46.48 4.80 -20.06
C GLU D 505 45.66 3.56 -19.73
N GLU D 506 44.32 3.68 -19.78
CA GLU D 506 43.42 2.57 -19.47
C GLU D 506 43.64 1.45 -20.48
N LEU D 507 43.80 1.82 -21.75
CA LEU D 507 43.83 0.86 -22.81
C LEU D 507 45.15 0.11 -22.86
N THR D 508 46.27 0.73 -22.48
CA THR D 508 47.55 0.02 -22.40
C THR D 508 47.77 -0.57 -21.01
N GLY D 509 46.91 -0.30 -20.05
CA GLY D 509 46.95 -0.96 -18.76
C GLY D 509 47.83 -0.27 -17.71
N HIS D 510 47.75 1.07 -17.63
CA HIS D 510 48.52 1.88 -16.69
C HIS D 510 47.53 2.58 -15.75
N GLU E 2 45.12 -34.31 9.87
CA GLU E 2 45.22 -35.77 10.17
C GLU E 2 43.93 -36.25 10.83
N ALA E 3 43.63 -35.73 12.04
CA ALA E 3 42.35 -35.86 12.74
C ALA E 3 41.20 -35.31 11.89
N SER E 4 41.27 -34.00 11.59
CA SER E 4 40.25 -33.28 10.85
C SER E 4 38.84 -33.88 11.10
N LEU E 5 38.58 -34.16 12.38
CA LEU E 5 37.35 -34.78 12.87
C LEU E 5 36.18 -33.80 12.66
N PHE E 6 35.10 -34.31 12.08
CA PHE E 6 33.95 -33.48 11.79
C PHE E 6 33.13 -33.23 13.06
N LEU E 7 33.17 -31.98 13.58
CA LEU E 7 32.54 -31.68 14.85
C LEU E 7 31.15 -31.11 14.63
N VAL E 8 30.16 -31.66 15.36
CA VAL E 8 28.78 -31.24 15.22
C VAL E 8 28.31 -30.63 16.53
N GLY E 9 27.85 -29.37 16.46
CA GLY E 9 27.55 -28.59 17.64
C GLY E 9 26.19 -28.96 18.24
N GLU E 10 26.25 -29.49 19.47
CA GLU E 10 25.14 -30.21 20.08
C GLU E 10 24.06 -29.26 20.62
N ARG E 11 24.36 -27.96 20.77
CA ARG E 11 23.67 -27.12 21.74
C ARG E 11 22.27 -26.72 21.29
N LEU E 12 21.97 -26.78 19.96
CA LEU E 12 20.64 -26.46 19.46
C LEU E 12 19.70 -27.65 19.56
N ASN E 13 19.42 -28.09 20.80
CA ASN E 13 18.74 -29.34 21.05
C ASN E 13 17.81 -29.17 22.25
N ALA E 14 16.50 -29.17 21.96
CA ALA E 14 15.51 -28.85 22.97
C ALA E 14 15.58 -29.84 24.14
N THR E 15 15.84 -31.12 23.89
CA THR E 15 15.90 -32.10 24.97
C THR E 15 17.12 -31.86 25.85
N GLY E 16 18.26 -31.54 25.21
CA GLY E 16 19.55 -31.48 25.90
C GLY E 16 19.76 -30.14 26.61
N SER E 17 19.63 -29.02 25.88
CA SER E 17 19.92 -27.70 26.42
C SER E 17 18.65 -27.03 26.94
N LYS E 18 18.58 -26.82 28.25
CA LYS E 18 17.44 -26.11 28.83
C LYS E 18 17.40 -24.69 28.24
N ARG E 19 18.57 -24.08 28.04
CA ARG E 19 18.73 -22.71 27.53
C ARG E 19 18.12 -22.56 26.14
N PHE E 20 18.36 -23.55 25.26
CA PHE E 20 17.83 -23.53 23.91
C PHE E 20 16.31 -23.73 23.94
N ARG E 21 15.87 -24.65 24.81
CA ARG E 21 14.47 -24.99 24.98
C ARG E 21 13.68 -23.70 25.22
N GLU E 22 14.06 -22.97 26.26
CA GLU E 22 13.35 -21.78 26.70
C GLU E 22 13.46 -20.67 25.66
N MET E 23 14.55 -20.64 24.89
CA MET E 23 14.73 -19.66 23.83
C MET E 23 13.78 -19.95 22.67
N LEU E 24 13.59 -21.24 22.38
CA LEU E 24 12.68 -21.71 21.34
C LEU E 24 11.24 -21.36 21.70
N PHE E 25 10.85 -21.71 22.93
CA PHE E 25 9.50 -21.46 23.44
C PHE E 25 9.19 -19.95 23.37
N ALA E 26 10.14 -19.14 23.79
CA ALA E 26 9.98 -17.70 23.81
C ALA E 26 10.04 -17.06 22.40
N ARG E 27 10.42 -17.82 21.37
CA ARG E 27 10.56 -17.29 20.02
C ARG E 27 11.65 -16.23 19.96
N ASP E 28 12.82 -16.56 20.56
CA ASP E 28 13.97 -15.67 20.68
C ASP E 28 14.93 -15.95 19.53
N LEU E 29 14.64 -15.38 18.36
CA LEU E 29 15.38 -15.68 17.15
C LEU E 29 16.85 -15.26 17.32
N GLU E 30 17.06 -14.05 17.88
CA GLU E 30 18.40 -13.49 17.96
C GLU E 30 19.25 -14.28 18.94
N GLY E 31 18.60 -14.74 20.03
CA GLY E 31 19.23 -15.62 21.00
C GLY E 31 19.76 -16.93 20.37
N ILE E 32 18.93 -17.52 19.52
CA ILE E 32 19.23 -18.78 18.88
C ILE E 32 20.33 -18.58 17.84
N LEU E 33 20.20 -17.54 17.00
CA LEU E 33 21.21 -17.25 15.98
C LEU E 33 22.58 -16.95 16.60
N ALA E 34 22.57 -16.30 17.78
CA ALA E 34 23.78 -16.08 18.54
C ALA E 34 24.43 -17.41 18.94
N LEU E 35 23.63 -18.29 19.56
CA LEU E 35 24.09 -19.60 20.02
C LEU E 35 24.64 -20.43 18.87
N ALA E 36 24.09 -20.29 17.65
CA ALA E 36 24.58 -21.05 16.51
C ALA E 36 25.94 -20.54 16.07
N ARG E 37 26.06 -19.22 15.86
CA ARG E 37 27.31 -18.61 15.43
C ARG E 37 28.42 -18.88 16.44
N GLU E 38 28.07 -18.82 17.74
CA GLU E 38 28.99 -19.07 18.85
C GLU E 38 29.64 -20.46 18.74
N GLN E 39 28.82 -21.49 18.49
CA GLN E 39 29.31 -22.86 18.35
C GLN E 39 30.29 -22.99 17.18
N VAL E 40 30.04 -22.23 16.09
CA VAL E 40 30.87 -22.34 14.90
C VAL E 40 32.22 -21.66 15.18
N GLU E 41 32.19 -20.49 15.84
CA GLU E 41 33.40 -19.81 16.25
C GLU E 41 34.24 -20.73 17.14
N GLU E 42 33.58 -21.45 18.06
CA GLU E 42 34.26 -22.34 18.99
C GLU E 42 34.73 -23.64 18.35
N GLY E 43 34.56 -23.77 17.00
CA GLY E 43 35.29 -24.75 16.20
C GLY E 43 34.41 -25.83 15.57
N ALA E 44 33.06 -25.67 15.66
CA ALA E 44 32.11 -26.62 15.10
C ALA E 44 32.03 -26.48 13.58
N HIS E 45 31.95 -27.63 12.92
CA HIS E 45 31.90 -27.71 11.47
C HIS E 45 30.47 -27.83 10.97
N ALA E 46 29.52 -28.07 11.90
CA ALA E 46 28.11 -28.24 11.61
C ALA E 46 27.30 -28.15 12.90
N LEU E 47 25.96 -28.11 12.79
CA LEU E 47 25.10 -27.92 13.95
C LEU E 47 23.99 -28.95 14.00
N ASP E 48 23.90 -29.64 15.13
CA ASP E 48 22.81 -30.56 15.40
C ASP E 48 21.64 -29.68 15.78
N LEU E 49 20.46 -30.08 15.28
CA LEU E 49 19.23 -29.32 15.48
C LEU E 49 18.12 -30.30 15.84
N SER E 50 17.50 -30.11 17.01
CA SER E 50 16.38 -30.95 17.42
C SER E 50 15.39 -30.13 18.24
N VAL E 51 14.16 -30.01 17.71
CA VAL E 51 13.20 -29.10 18.35
C VAL E 51 12.03 -29.89 18.92
N ALA E 52 12.22 -31.20 19.00
CA ALA E 52 11.22 -32.11 19.49
C ALA E 52 11.07 -31.91 20.99
N TRP E 53 9.85 -31.65 21.45
CA TRP E 53 9.53 -31.58 22.87
C TRP E 53 8.23 -32.32 23.18
N THR E 54 8.05 -32.70 24.44
CA THR E 54 6.89 -33.42 24.96
C THR E 54 5.56 -32.93 24.40
N GLY E 55 5.27 -31.64 24.29
CA GLY E 55 3.92 -31.25 23.89
C GLY E 55 3.89 -30.16 22.82
N ARG E 56 4.89 -30.08 21.97
CA ARG E 56 4.98 -29.00 21.00
C ARG E 56 4.82 -29.58 19.58
N ASP E 57 4.33 -28.78 18.64
CA ASP E 57 4.29 -29.21 17.23
C ASP E 57 5.66 -29.01 16.56
N GLU E 58 6.45 -30.09 16.48
CA GLU E 58 7.76 -30.08 15.83
C GLU E 58 7.76 -29.35 14.48
N LEU E 59 6.81 -29.68 13.60
CA LEU E 59 6.79 -29.16 12.25
C LEU E 59 6.64 -27.64 12.28
N GLU E 60 5.81 -27.14 13.22
CA GLU E 60 5.54 -25.72 13.31
C GLU E 60 6.81 -24.95 13.69
N ASP E 61 7.47 -25.43 14.76
CA ASP E 61 8.74 -24.89 15.22
C ASP E 61 9.75 -24.80 14.08
N LEU E 62 9.90 -25.89 13.31
CA LEU E 62 10.86 -25.95 12.23
C LEU E 62 10.49 -24.96 11.13
N ARG E 63 9.18 -24.85 10.82
CA ARG E 63 8.70 -23.96 9.77
C ARG E 63 9.16 -22.54 10.08
N TRP E 64 9.17 -22.20 11.38
CA TRP E 64 9.54 -20.88 11.87
C TRP E 64 11.04 -20.62 11.77
N LEU E 65 11.84 -21.58 12.26
CA LEU E 65 13.26 -21.38 12.54
C LEU E 65 14.11 -21.60 11.28
N LEU E 66 13.73 -22.60 10.47
CA LEU E 66 14.59 -23.10 9.41
C LEU E 66 14.90 -22.00 8.39
N PRO E 67 13.89 -21.22 7.92
CA PRO E 67 14.15 -20.26 6.85
C PRO E 67 15.28 -19.30 7.24
N HIS E 68 15.32 -18.95 8.55
CA HIS E 68 16.26 -17.99 9.09
C HIS E 68 17.66 -18.61 9.13
N LEU E 69 17.80 -19.80 9.76
CA LEU E 69 19.10 -20.43 9.89
C LEU E 69 19.66 -20.75 8.50
N ALA E 70 18.75 -20.94 7.52
CA ALA E 70 19.13 -21.23 6.15
C ALA E 70 19.99 -20.10 5.59
N THR E 71 19.49 -18.86 5.68
CA THR E 71 20.20 -17.70 5.16
C THR E 71 21.30 -17.26 6.13
N ALA E 72 21.11 -17.43 7.44
CA ALA E 72 22.00 -16.89 8.46
C ALA E 72 23.21 -17.77 8.80
N LEU E 73 23.40 -18.94 8.15
CA LEU E 73 24.55 -19.81 8.40
C LEU E 73 25.11 -20.34 7.08
N THR E 74 26.41 -20.63 7.02
CA THR E 74 26.99 -21.32 5.87
C THR E 74 27.17 -22.81 6.16
N VAL E 75 27.32 -23.20 7.44
CA VAL E 75 27.66 -24.57 7.80
C VAL E 75 26.46 -25.51 7.67
N PRO E 76 26.68 -26.84 7.52
CA PRO E 76 25.58 -27.80 7.44
C PRO E 76 24.79 -27.96 8.75
N VAL E 77 23.60 -28.56 8.60
CA VAL E 77 22.77 -28.87 9.75
C VAL E 77 22.49 -30.37 9.78
N MET E 78 22.65 -30.97 10.97
CA MET E 78 22.25 -32.35 11.19
C MET E 78 20.86 -32.33 11.81
N VAL E 79 19.88 -32.82 11.04
CA VAL E 79 18.49 -32.74 11.45
C VAL E 79 18.12 -33.97 12.28
N ASP E 80 17.72 -33.70 13.53
CA ASP E 80 17.67 -34.73 14.55
C ASP E 80 16.19 -34.95 14.85
N SER E 81 15.64 -35.99 14.22
CA SER E 81 14.20 -36.18 14.29
C SER E 81 13.86 -37.62 13.97
N THR E 82 12.67 -38.00 14.40
CA THR E 82 12.08 -39.28 14.06
C THR E 82 10.93 -39.07 13.06
N SER E 83 10.49 -37.83 12.82
CA SER E 83 9.52 -37.54 11.75
C SER E 83 10.22 -37.37 10.41
N PRO E 84 9.93 -38.22 9.40
CA PRO E 84 10.43 -37.96 8.05
C PRO E 84 9.89 -36.68 7.43
N GLU E 85 8.65 -36.30 7.75
CA GLU E 85 8.11 -35.08 7.18
C GLU E 85 8.98 -33.91 7.65
N ALA E 86 9.45 -33.96 8.91
CA ALA E 86 10.37 -32.96 9.47
C ALA E 86 11.66 -32.89 8.64
N MET E 87 12.26 -34.07 8.42
CA MET E 87 13.47 -34.17 7.64
C MET E 87 13.27 -33.57 6.23
N GLU E 88 12.09 -33.81 5.64
CA GLU E 88 11.80 -33.33 4.30
C GLU E 88 11.79 -31.80 4.32
N LEU E 89 11.10 -31.26 5.32
CA LEU E 89 10.98 -29.82 5.47
C LEU E 89 12.38 -29.18 5.56
N ALA E 90 13.26 -29.82 6.35
CA ALA E 90 14.62 -29.35 6.52
C ALA E 90 15.40 -29.46 5.20
N LEU E 91 15.18 -30.56 4.46
CA LEU E 91 15.82 -30.77 3.17
C LEU E 91 15.38 -29.74 2.16
N LYS E 92 14.12 -29.26 2.30
CA LYS E 92 13.59 -28.23 1.43
C LYS E 92 14.38 -26.95 1.64
N TYR E 93 14.50 -26.49 2.89
CA TYR E 93 15.10 -25.19 3.18
C TYR E 93 16.64 -25.19 3.11
N LEU E 94 17.31 -26.34 3.24
CA LEU E 94 18.75 -26.36 3.34
C LEU E 94 19.34 -27.34 2.33
N PRO E 95 18.99 -27.24 1.04
CA PRO E 95 19.43 -28.24 0.07
C PRO E 95 20.96 -28.23 0.02
N GLY E 96 21.58 -29.40 -0.04
CA GLY E 96 23.03 -29.52 -0.18
C GLY E 96 23.75 -29.63 1.17
N ARG E 97 23.04 -29.31 2.27
CA ARG E 97 23.70 -29.02 3.52
C ARG E 97 23.12 -29.84 4.67
N VAL E 98 22.58 -31.05 4.37
CA VAL E 98 21.86 -31.77 5.41
C VAL E 98 22.42 -33.18 5.64
N LEU E 99 22.47 -33.54 6.94
CA LEU E 99 22.73 -34.91 7.40
C LEU E 99 21.49 -35.31 8.19
N LEU E 100 20.95 -36.50 7.87
CA LEU E 100 19.71 -36.95 8.48
C LEU E 100 20.06 -37.83 9.68
N ASN E 101 19.44 -37.57 10.86
CA ASN E 101 19.97 -38.16 12.07
C ASN E 101 19.49 -39.59 12.28
N SER E 102 18.24 -39.76 12.58
CA SER E 102 17.87 -41.12 12.93
C SER E 102 17.67 -41.91 11.63
N ALA E 103 18.33 -43.07 11.48
CA ALA E 103 17.80 -44.09 10.56
C ALA E 103 18.05 -45.46 11.13
N ASN E 104 16.99 -46.18 11.51
CA ASN E 104 17.13 -47.35 12.36
C ASN E 104 15.94 -48.29 12.17
N LEU E 105 16.07 -49.47 12.79
CA LEU E 105 15.11 -50.55 12.62
C LEU E 105 14.28 -50.75 13.89
N GLU E 106 14.15 -49.72 14.73
CA GLU E 106 13.41 -49.88 15.97
C GLU E 106 11.98 -50.25 15.63
N ASP E 107 11.37 -49.56 14.65
CA ASP E 107 10.00 -49.83 14.24
C ASP E 107 9.99 -50.58 12.90
N GLY E 108 10.95 -51.47 12.69
CA GLY E 108 10.89 -52.35 11.53
C GLY E 108 11.38 -51.64 10.26
N LEU E 109 11.16 -52.29 9.09
CA LEU E 109 11.94 -52.03 7.88
C LEU E 109 11.36 -50.79 7.17
N GLU E 110 10.05 -50.62 7.39
CA GLU E 110 9.29 -49.65 6.64
C GLU E 110 9.83 -48.28 7.02
N ARG E 111 10.00 -47.96 8.31
CA ARG E 111 10.49 -46.64 8.67
C ARG E 111 11.90 -46.41 8.17
N PHE E 112 12.74 -47.45 8.30
CA PHE E 112 14.16 -47.38 7.95
C PHE E 112 14.31 -47.00 6.49
N ASP E 113 13.61 -47.72 5.61
CA ASP E 113 13.74 -47.50 4.19
C ASP E 113 13.25 -46.10 3.80
N ARG E 114 12.22 -45.61 4.49
CA ARG E 114 11.66 -44.32 4.15
C ARG E 114 12.73 -43.24 4.32
N VAL E 115 13.46 -43.30 5.44
CA VAL E 115 14.52 -42.36 5.74
C VAL E 115 15.67 -42.55 4.75
N ALA E 116 16.12 -43.79 4.60
CA ALA E 116 17.26 -44.10 3.73
C ALA E 116 17.02 -43.55 2.31
N SER E 117 15.80 -43.77 1.76
CA SER E 117 15.46 -43.34 0.41
C SER E 117 15.58 -41.82 0.30
N LEU E 118 15.19 -41.08 1.34
CA LEU E 118 15.33 -39.62 1.40
C LEU E 118 16.82 -39.26 1.28
N ALA E 119 17.64 -39.92 2.08
CA ALA E 119 19.06 -39.67 2.08
C ALA E 119 19.62 -39.88 0.68
N LYS E 120 19.24 -41.01 0.08
CA LYS E 120 19.69 -41.36 -1.26
C LYS E 120 19.22 -40.31 -2.27
N ALA E 121 17.91 -40.03 -2.26
CA ALA E 121 17.27 -39.13 -3.20
C ALA E 121 17.78 -37.68 -3.11
N HIS E 122 17.96 -37.13 -1.89
CA HIS E 122 18.50 -35.79 -1.73
C HIS E 122 20.02 -35.81 -1.56
N GLY E 123 20.68 -36.94 -1.84
CA GLY E 123 22.11 -37.10 -1.72
C GLY E 123 22.64 -36.57 -0.40
N ALA E 124 21.96 -36.86 0.72
CA ALA E 124 22.35 -36.36 2.03
C ALA E 124 23.12 -37.45 2.75
N ALA E 125 23.94 -37.01 3.71
CA ALA E 125 24.59 -37.93 4.62
C ALA E 125 23.54 -38.57 5.52
N LEU E 126 23.80 -39.82 5.94
CA LEU E 126 22.85 -40.59 6.71
C LEU E 126 23.53 -41.09 7.98
N VAL E 127 22.89 -40.85 9.12
CA VAL E 127 23.32 -41.47 10.35
C VAL E 127 22.48 -42.72 10.57
N VAL E 128 23.11 -43.77 11.06
CA VAL E 128 22.50 -45.07 11.23
C VAL E 128 22.70 -45.52 12.67
N LEU E 129 21.64 -45.47 13.49
CA LEU E 129 21.74 -45.91 14.88
C LEU E 129 21.65 -47.43 14.93
N ALA E 130 22.46 -48.03 15.80
CA ALA E 130 22.44 -49.45 16.03
C ALA E 130 21.30 -49.80 17.01
N ILE E 131 20.06 -49.74 16.47
CA ILE E 131 18.85 -50.09 17.21
C ILE E 131 17.90 -50.87 16.28
N ASP E 132 17.52 -52.09 16.71
CA ASP E 132 16.64 -52.94 15.94
C ASP E 132 15.37 -53.18 16.75
N GLU E 133 14.63 -54.21 16.37
CA GLU E 133 13.31 -54.44 16.96
C GLU E 133 13.46 -54.94 18.40
N LYS E 134 14.54 -55.70 18.67
CA LYS E 134 14.86 -56.13 20.02
C LYS E 134 15.44 -54.96 20.83
N GLY E 135 15.53 -53.76 20.24
CA GLY E 135 15.96 -52.58 20.94
C GLY E 135 17.43 -52.30 20.72
N MET E 136 17.99 -51.57 21.69
CA MET E 136 19.32 -50.99 21.59
C MET E 136 20.37 -52.08 21.71
N ALA E 137 21.34 -52.03 20.79
CA ALA E 137 22.47 -52.94 20.87
C ALA E 137 23.42 -52.50 21.98
N LYS E 138 23.59 -53.32 23.04
CA LYS E 138 24.36 -52.89 24.21
C LYS E 138 25.80 -53.42 24.23
N THR E 139 25.98 -54.65 23.69
CA THR E 139 27.29 -55.28 23.50
C THR E 139 27.85 -55.06 22.09
N ARG E 140 29.10 -55.49 21.86
CA ARG E 140 29.73 -55.33 20.55
C ARG E 140 29.08 -56.26 19.57
N GLU E 141 28.91 -57.51 20.02
CA GLU E 141 28.42 -58.57 19.17
C GLU E 141 27.09 -58.14 18.54
N GLU E 142 26.24 -57.50 19.37
CA GLU E 142 24.96 -56.96 18.93
C GLU E 142 25.18 -55.79 17.97
N LYS E 143 26.02 -54.83 18.41
CA LYS E 143 26.25 -53.59 17.67
C LYS E 143 26.69 -53.92 16.26
N VAL E 144 27.57 -54.93 16.13
CA VAL E 144 28.08 -55.38 14.85
C VAL E 144 26.96 -56.05 14.05
N ARG E 145 26.27 -57.06 14.62
CA ARG E 145 25.17 -57.72 13.92
C ARG E 145 24.23 -56.71 13.27
N VAL E 146 23.81 -55.71 14.03
CA VAL E 146 22.78 -54.78 13.59
C VAL E 146 23.35 -53.88 12.50
N ALA E 147 24.56 -53.35 12.70
CA ALA E 147 25.24 -52.53 11.71
C ALA E 147 25.34 -53.24 10.37
N LEU E 148 25.74 -54.50 10.38
CA LEU E 148 25.99 -55.25 9.16
C LEU E 148 24.69 -55.45 8.39
N ARG E 149 23.65 -55.85 9.11
CA ARG E 149 22.31 -55.93 8.54
C ARG E 149 21.93 -54.62 7.87
N MET E 150 22.11 -53.50 8.57
CA MET E 150 21.75 -52.19 8.04
C MET E 150 22.60 -51.88 6.82
N TYR E 151 23.90 -52.11 6.92
CA TYR E 151 24.81 -51.85 5.82
C TYR E 151 24.36 -52.61 4.58
N GLU E 152 24.03 -53.90 4.74
CA GLU E 152 23.49 -54.70 3.64
C GLU E 152 22.33 -53.96 2.99
N ARG E 153 21.32 -53.59 3.78
CA ARG E 153 20.13 -52.99 3.23
C ARG E 153 20.42 -51.67 2.53
N LEU E 154 21.24 -50.82 3.15
CA LEU E 154 21.53 -49.49 2.64
C LEU E 154 22.28 -49.59 1.31
N THR E 155 23.24 -50.52 1.19
CA THR E 155 24.10 -50.60 0.03
C THR E 155 23.42 -51.39 -1.09
N GLU E 156 22.57 -52.38 -0.80
CA GLU E 156 22.07 -53.25 -1.86
C GLU E 156 20.67 -52.79 -2.27
N HIS E 157 19.71 -52.73 -1.35
CA HIS E 157 18.37 -52.25 -1.67
C HIS E 157 18.36 -50.75 -2.03
N HIS E 158 19.05 -49.86 -1.29
CA HIS E 158 19.00 -48.44 -1.55
C HIS E 158 20.14 -47.97 -2.46
N GLY E 159 21.21 -48.77 -2.55
CA GLY E 159 22.35 -48.37 -3.35
C GLY E 159 23.13 -47.18 -2.79
N LEU E 160 23.07 -46.89 -1.49
CA LEU E 160 23.89 -45.82 -0.94
C LEU E 160 25.35 -46.24 -0.95
N ARG E 161 26.21 -45.24 -1.10
CA ARG E 161 27.65 -45.44 -1.06
C ARG E 161 28.08 -45.56 0.40
N PRO E 162 29.06 -46.41 0.75
CA PRO E 162 29.65 -46.41 2.09
C PRO E 162 29.95 -45.02 2.62
N GLU E 163 30.54 -44.19 1.77
CA GLU E 163 30.95 -42.83 2.10
C GLU E 163 29.77 -41.99 2.57
N ASP E 164 28.53 -42.32 2.15
CA ASP E 164 27.33 -41.56 2.53
C ASP E 164 26.82 -41.89 3.94
N LEU E 165 27.43 -42.87 4.63
CA LEU E 165 26.93 -43.39 5.90
C LEU E 165 27.76 -42.95 7.11
N LEU E 166 27.09 -42.82 8.27
CA LEU E 166 27.70 -42.58 9.59
C LEU E 166 27.04 -43.48 10.62
N PHE E 167 27.74 -44.51 11.11
CA PHE E 167 27.18 -45.42 12.09
C PHE E 167 27.35 -44.87 13.52
N ASP E 168 26.22 -44.69 14.22
CA ASP E 168 26.17 -44.40 15.67
C ASP E 168 25.98 -45.73 16.40
N LEU E 169 27.08 -46.44 16.71
CA LEU E 169 27.00 -47.48 17.72
C LEU E 169 26.82 -46.70 18.99
N LEU E 170 26.13 -47.14 20.02
CA LEU E 170 25.57 -46.10 20.89
C LEU E 170 26.52 -45.53 21.98
N THR E 171 26.23 -44.35 22.51
CA THR E 171 26.99 -43.79 23.63
C THR E 171 26.13 -43.77 24.89
N PHE E 172 26.43 -44.64 25.86
CA PHE E 172 25.65 -44.70 27.09
C PHE E 172 26.41 -44.10 28.28
N PRO E 173 25.73 -43.55 29.30
CA PRO E 173 26.40 -43.05 30.48
C PRO E 173 26.96 -44.21 31.32
N ILE E 174 28.20 -43.99 31.78
CA ILE E 174 28.90 -44.94 32.64
C ILE E 174 29.18 -44.29 33.99
N THR E 175 28.42 -43.26 34.35
CA THR E 175 28.77 -42.39 35.48
C THR E 175 27.75 -42.44 36.61
N GLN E 176 26.55 -42.94 36.35
CA GLN E 176 25.66 -43.42 37.40
C GLN E 176 26.24 -44.76 37.82
N GLY E 177 26.18 -45.08 39.13
CA GLY E 177 27.10 -46.11 39.65
C GLY E 177 26.77 -47.60 39.38
N ASP E 178 25.70 -47.87 38.64
CA ASP E 178 25.13 -49.20 38.52
C ASP E 178 26.07 -50.14 37.82
N GLU E 179 26.07 -51.40 38.28
CA GLU E 179 26.97 -52.45 37.80
C GLU E 179 26.72 -52.69 36.32
N GLU E 180 25.45 -52.61 35.89
CA GLU E 180 25.04 -53.06 34.56
C GLU E 180 25.74 -52.26 33.47
N SER E 181 26.06 -50.98 33.70
CA SER E 181 26.45 -50.13 32.58
C SER E 181 27.95 -49.78 32.65
N ARG E 182 28.74 -50.52 33.43
CA ARG E 182 30.18 -50.28 33.54
C ARG E 182 30.87 -50.38 32.16
N PRO E 183 30.54 -51.38 31.35
CA PRO E 183 31.15 -51.58 30.06
C PRO E 183 30.54 -51.06 28.78
N LEU E 184 29.59 -50.15 28.87
CA LEU E 184 28.84 -49.78 27.67
C LEU E 184 29.57 -48.79 26.77
N ALA E 185 30.58 -48.13 27.32
CA ALA E 185 31.50 -47.34 26.53
C ALA E 185 32.46 -48.31 25.81
N LYS E 186 33.05 -49.21 26.58
CA LYS E 186 33.99 -50.18 26.06
C LYS E 186 33.40 -50.97 24.89
N GLU E 187 32.13 -51.44 25.03
CA GLU E 187 31.58 -52.32 24.01
C GLU E 187 31.35 -51.52 22.72
N THR E 188 31.00 -50.23 22.82
CA THR E 188 30.89 -49.39 21.63
C THR E 188 32.23 -49.27 20.91
N LEU E 189 33.29 -49.00 21.68
CA LEU E 189 34.58 -48.83 21.09
C LEU E 189 35.07 -50.12 20.43
N LEU E 190 34.78 -51.29 21.01
CA LEU E 190 35.17 -52.53 20.41
C LEU E 190 34.47 -52.73 19.09
N ALA E 191 33.18 -52.46 19.05
CA ALA E 191 32.42 -52.66 17.83
C ALA E 191 32.96 -51.75 16.74
N MET E 192 33.28 -50.50 17.10
CA MET E 192 33.77 -49.53 16.14
C MET E 192 35.06 -50.03 15.50
N GLU E 193 35.97 -50.58 16.31
CA GLU E 193 37.21 -51.13 15.81
C GLU E 193 36.91 -52.27 14.83
N GLU E 194 36.00 -53.18 15.20
CA GLU E 194 35.66 -54.34 14.38
C GLU E 194 35.10 -53.88 13.04
N LEU E 195 34.17 -52.93 13.11
CA LEU E 195 33.39 -52.52 11.95
C LEU E 195 34.24 -51.65 11.04
N ARG E 196 35.21 -50.90 11.56
CA ARG E 196 36.05 -50.10 10.69
C ARG E 196 36.81 -51.02 9.77
N GLU E 197 37.23 -52.18 10.27
CA GLU E 197 37.91 -53.21 9.50
C GLU E 197 36.95 -53.85 8.50
N ARG E 198 35.80 -54.34 8.94
CA ARG E 198 34.93 -55.09 8.07
C ARG E 198 34.11 -54.25 7.09
N LEU E 199 33.94 -52.95 7.33
CA LEU E 199 33.14 -52.08 6.47
C LEU E 199 34.01 -50.89 6.09
N PRO E 200 34.99 -51.06 5.19
CA PRO E 200 35.90 -49.96 4.88
C PRO E 200 35.11 -48.91 4.11
N GLY E 201 35.34 -47.64 4.48
CA GLY E 201 34.81 -46.48 3.77
C GLY E 201 33.55 -45.91 4.40
N VAL E 202 32.97 -46.60 5.40
CA VAL E 202 31.86 -46.06 6.16
C VAL E 202 32.40 -45.12 7.23
N GLY E 203 31.56 -44.19 7.66
CA GLY E 203 31.89 -43.27 8.73
C GLY E 203 31.34 -43.74 10.07
N PHE E 204 31.81 -43.12 11.17
CA PHE E 204 31.30 -43.37 12.50
C PHE E 204 31.06 -42.05 13.22
N VAL E 205 29.95 -41.97 13.96
CA VAL E 205 29.63 -40.79 14.75
C VAL E 205 29.12 -41.21 16.13
N LEU E 206 29.36 -40.37 17.14
CA LEU E 206 28.95 -40.64 18.52
C LEU E 206 28.48 -39.35 19.17
N GLY E 207 27.51 -39.50 20.06
CA GLY E 207 27.05 -38.39 20.88
C GLY E 207 27.88 -38.31 22.15
N VAL E 208 29.04 -37.70 22.04
CA VAL E 208 30.11 -38.01 22.98
C VAL E 208 29.70 -37.64 24.39
N SER E 209 28.97 -36.52 24.55
CA SER E 209 28.72 -35.95 25.87
C SER E 209 27.99 -36.94 26.79
N ASN E 210 27.22 -37.86 26.24
CA ASN E 210 26.44 -38.77 27.06
C ASN E 210 27.27 -39.66 28.00
N VAL E 211 28.50 -39.99 27.61
CA VAL E 211 29.23 -40.97 28.38
C VAL E 211 29.37 -40.48 29.82
N SER E 212 29.42 -39.14 29.98
CA SER E 212 29.84 -38.51 31.22
C SER E 212 28.68 -38.03 32.09
N PHE E 213 27.44 -38.28 31.66
CA PHE E 213 26.29 -37.55 32.20
C PHE E 213 26.19 -37.68 33.72
N GLY E 214 26.17 -36.48 34.35
CA GLY E 214 25.88 -36.27 35.76
C GLY E 214 27.16 -36.35 36.58
N LEU E 215 28.24 -35.83 36.02
CA LEU E 215 29.46 -35.56 36.74
C LEU E 215 29.61 -34.07 36.73
N LYS E 216 30.49 -33.60 37.60
CA LYS E 216 30.76 -32.17 37.65
C LYS E 216 31.35 -31.74 36.30
N PRO E 217 31.22 -30.44 35.96
CA PRO E 217 31.81 -29.85 34.76
C PRO E 217 33.19 -30.31 34.30
N ARG E 218 34.13 -30.24 35.25
CA ARG E 218 35.53 -30.44 34.89
C ARG E 218 35.75 -31.91 34.61
N ALA E 219 35.08 -32.78 35.36
CA ALA E 219 35.24 -34.21 35.15
C ALA E 219 34.64 -34.63 33.83
N ARG E 220 33.52 -34.04 33.45
CA ARG E 220 32.90 -34.36 32.17
C ARG E 220 33.87 -33.99 31.07
N ARG E 221 34.43 -32.78 31.13
CA ARG E 221 35.26 -32.30 30.05
C ARG E 221 36.37 -33.31 29.80
N VAL E 222 36.98 -33.82 30.87
CA VAL E 222 38.07 -34.77 30.73
C VAL E 222 37.52 -36.08 30.14
N LEU E 223 36.51 -36.67 30.78
CA LEU E 223 36.02 -37.96 30.34
C LEU E 223 35.51 -37.87 28.90
N ASN E 224 34.73 -36.83 28.59
CA ASN E 224 34.31 -36.56 27.22
C ASN E 224 35.52 -36.56 26.28
N SER E 225 36.57 -35.81 26.64
CA SER E 225 37.68 -35.58 25.74
C SER E 225 38.46 -36.88 25.48
N VAL E 226 38.63 -37.67 26.53
CA VAL E 226 39.38 -38.91 26.41
C VAL E 226 38.58 -39.93 25.63
N PHE E 227 37.27 -39.97 25.84
CA PHE E 227 36.43 -40.90 25.09
C PHE E 227 36.50 -40.56 23.61
N LEU E 228 36.35 -39.27 23.31
CA LEU E 228 36.38 -38.79 21.94
C LEU E 228 37.66 -39.26 21.24
N ASP E 229 38.80 -39.00 21.89
CA ASP E 229 40.10 -39.38 21.34
C ASP E 229 40.15 -40.90 21.12
N GLU E 230 39.69 -41.72 22.06
CA GLU E 230 39.83 -43.16 21.94
C GLU E 230 38.98 -43.70 20.80
N ALA E 231 37.82 -43.07 20.59
CA ALA E 231 36.93 -43.41 19.51
C ALA E 231 37.58 -43.02 18.18
N ARG E 232 38.19 -41.84 18.15
CA ARG E 232 38.88 -41.35 16.97
C ARG E 232 39.88 -42.40 16.54
N LYS E 233 40.69 -42.85 17.49
CA LYS E 233 41.73 -43.83 17.24
C LYS E 233 41.14 -45.11 16.64
N ARG E 234 39.88 -45.44 16.90
CA ARG E 234 39.28 -46.66 16.39
C ARG E 234 38.27 -46.38 15.27
N GLY E 235 38.33 -45.16 14.68
CA GLY E 235 37.72 -44.93 13.38
C GLY E 235 36.66 -43.86 13.34
N LEU E 236 36.53 -43.13 14.42
CA LEU E 236 35.50 -42.11 14.51
C LEU E 236 35.83 -41.03 13.51
N THR E 237 34.81 -40.60 12.75
CA THR E 237 34.96 -39.58 11.74
C THR E 237 34.25 -38.29 12.13
N ALA E 238 33.09 -38.41 12.80
CA ALA E 238 32.35 -37.26 13.26
C ALA E 238 31.99 -37.42 14.73
N ALA E 239 31.56 -36.32 15.35
CA ALA E 239 31.28 -36.35 16.77
C ALA E 239 30.33 -35.22 17.12
N ILE E 240 29.29 -35.58 17.88
CA ILE E 240 28.32 -34.60 18.34
C ILE E 240 28.74 -34.19 19.75
N VAL E 241 29.38 -33.02 19.80
CA VAL E 241 30.07 -32.54 20.98
C VAL E 241 29.68 -31.10 21.22
N ASP E 242 30.12 -30.62 22.39
CA ASP E 242 30.04 -29.22 22.72
C ASP E 242 31.40 -28.63 22.44
N ALA E 243 31.68 -28.31 21.18
CA ALA E 243 33.02 -27.83 20.79
C ALA E 243 33.43 -26.68 21.71
N GLY E 244 34.70 -26.74 22.10
CA GLY E 244 35.17 -25.75 23.06
C GLY E 244 34.94 -26.16 24.52
N LYS E 245 34.32 -27.31 24.74
CA LYS E 245 34.40 -27.99 26.04
C LYS E 245 35.07 -29.34 25.83
N ILE E 246 35.83 -29.47 24.71
CA ILE E 246 36.71 -30.57 24.48
C ILE E 246 38.12 -30.05 24.68
N LEU E 247 38.83 -30.76 25.56
CA LEU E 247 40.21 -30.44 25.87
C LEU E 247 41.10 -31.22 24.92
N PRO E 248 42.25 -30.66 24.54
CA PRO E 248 43.25 -31.48 23.85
C PRO E 248 43.92 -32.37 24.91
N ILE E 249 44.29 -33.60 24.47
CA ILE E 249 44.79 -34.59 25.40
C ILE E 249 46.12 -34.16 26.03
N SER E 250 46.84 -33.32 25.29
CA SER E 250 48.08 -32.72 25.73
C SER E 250 47.91 -31.84 26.95
N GLN E 251 46.70 -31.39 27.27
CA GLN E 251 46.50 -30.54 28.43
C GLN E 251 45.75 -31.23 29.56
N ILE E 252 45.71 -32.58 29.52
CA ILE E 252 45.11 -33.36 30.57
C ILE E 252 46.22 -34.04 31.34
N PRO E 253 46.35 -33.81 32.66
CA PRO E 253 47.36 -34.46 33.47
C PRO E 253 47.26 -35.98 33.36
N GLU E 254 48.43 -36.61 33.48
CA GLU E 254 48.59 -38.00 33.11
C GLU E 254 47.74 -38.85 34.03
N GLU E 255 47.58 -38.44 35.31
CA GLU E 255 46.79 -39.24 36.22
C GLU E 255 45.31 -39.17 35.85
N ALA E 256 44.82 -38.00 35.52
CA ALA E 256 43.45 -37.84 35.08
C ALA E 256 43.16 -38.64 33.82
N TYR E 257 44.14 -38.64 32.89
CA TYR E 257 44.03 -39.38 31.64
C TYR E 257 43.85 -40.88 32.00
N ALA E 258 44.71 -41.39 32.88
CA ALA E 258 44.70 -42.79 33.28
C ALA E 258 43.40 -43.13 33.96
N LEU E 259 42.94 -42.25 34.84
CA LEU E 259 41.68 -42.49 35.52
C LEU E 259 40.50 -42.53 34.55
N ALA E 260 40.56 -41.68 33.52
CA ALA E 260 39.52 -41.67 32.53
C ALA E 260 39.49 -42.99 31.77
N LEU E 261 40.68 -43.53 31.46
CA LEU E 261 40.76 -44.79 30.74
C LEU E 261 40.27 -45.92 31.64
N ASP E 262 40.72 -45.93 32.90
CA ASP E 262 40.26 -46.87 33.90
C ASP E 262 38.74 -46.97 33.84
N LEU E 263 38.05 -45.81 33.78
CA LEU E 263 36.60 -45.73 33.81
C LEU E 263 35.98 -46.21 32.51
N ILE E 264 36.52 -45.74 31.38
CA ILE E 264 36.01 -46.06 30.07
C ILE E 264 36.09 -47.55 29.80
N TYR E 265 37.21 -48.19 30.16
CA TYR E 265 37.42 -49.59 29.86
C TYR E 265 37.17 -50.49 31.08
N ASP E 266 36.72 -49.91 32.19
CA ASP E 266 36.32 -50.68 33.36
C ASP E 266 37.49 -51.53 33.84
N ARG E 267 38.62 -50.87 34.15
CA ARG E 267 39.85 -51.56 34.49
C ARG E 267 39.92 -51.75 36.00
N ARG E 268 39.00 -52.56 36.51
CA ARG E 268 38.82 -52.70 37.95
C ARG E 268 40.06 -53.37 38.56
N LYS E 269 40.53 -52.86 39.69
CA LYS E 269 41.65 -53.43 40.45
C LYS E 269 41.31 -53.58 41.94
N GLU E 270 40.46 -54.56 42.32
CA GLU E 270 40.06 -54.79 43.71
C GLU E 270 39.44 -53.51 44.31
N GLY E 271 39.95 -53.06 45.47
CA GLY E 271 39.41 -51.92 46.20
C GLY E 271 39.22 -50.70 45.30
N PHE E 272 40.13 -50.49 44.35
CA PHE E 272 39.91 -49.45 43.36
C PHE E 272 38.57 -49.60 42.60
N ASP E 273 37.72 -48.56 42.67
CA ASP E 273 36.55 -48.49 41.81
C ASP E 273 36.73 -47.34 40.83
N PRO E 274 36.92 -47.60 39.52
CA PRO E 274 37.29 -46.57 38.55
C PRO E 274 36.51 -45.28 38.66
N LEU E 275 35.17 -45.44 38.70
CA LEU E 275 34.26 -44.32 38.63
C LEU E 275 34.55 -43.37 39.79
N LEU E 276 34.56 -43.98 41.00
CA LEU E 276 34.65 -43.20 42.19
C LEU E 276 36.03 -42.52 42.28
N ALA E 277 37.07 -43.23 41.83
CA ALA E 277 38.41 -42.71 41.83
C ALA E 277 38.52 -41.53 40.86
N PHE E 278 37.86 -41.67 39.70
CA PHE E 278 37.86 -40.63 38.70
C PHE E 278 37.15 -39.42 39.27
N MET E 279 36.07 -39.62 40.02
CA MET E 279 35.33 -38.52 40.61
C MET E 279 36.18 -37.82 41.66
N ALA E 280 36.79 -38.64 42.51
CA ALA E 280 37.60 -38.18 43.61
C ALA E 280 38.75 -37.30 43.14
N TYR E 281 39.32 -37.59 41.98
CA TYR E 281 40.46 -36.83 41.49
C TYR E 281 40.17 -35.33 41.45
N PHE E 282 38.93 -34.98 41.04
CA PHE E 282 38.52 -33.59 40.86
C PHE E 282 38.00 -32.99 42.16
N GLU E 283 37.72 -33.83 43.16
CA GLU E 283 37.16 -33.38 44.43
C GLU E 283 38.27 -32.84 45.30
N ALA E 284 37.94 -31.87 46.15
CA ALA E 284 38.85 -31.33 47.14
C ALA E 284 38.70 -32.14 48.42
N HIS E 285 39.32 -31.64 49.51
CA HIS E 285 39.29 -32.27 50.82
C HIS E 285 39.78 -33.70 50.62
N LYS E 286 40.93 -33.81 49.99
CA LYS E 286 41.56 -35.09 49.71
C LYS E 286 42.97 -35.04 50.34
N GLU E 287 43.22 -35.88 51.34
CA GLU E 287 44.52 -35.95 52.01
C GLU E 287 45.36 -37.05 51.34
N ASP E 288 46.52 -37.41 51.93
CA ASP E 288 47.41 -38.35 51.25
C ASP E 288 46.74 -39.73 51.19
N PRO E 289 46.49 -40.38 50.01
CA PRO E 289 45.71 -41.63 50.00
C PRO E 289 46.30 -42.72 50.90
N GLY E 290 47.65 -42.81 50.88
CA GLY E 290 48.41 -43.75 51.69
C GLY E 290 48.26 -43.51 53.19
N LYS E 291 48.26 -42.23 53.62
CA LYS E 291 48.07 -41.86 55.02
C LYS E 291 46.69 -42.30 55.47
N ARG E 292 45.67 -42.05 54.63
CA ARG E 292 44.28 -42.36 54.96
C ARG E 292 44.09 -43.87 55.09
N GLU E 293 44.65 -44.68 54.19
CA GLU E 293 44.58 -46.14 54.25
C GLU E 293 45.11 -46.68 55.59
N ASP E 294 46.26 -46.15 56.07
CA ASP E 294 46.88 -46.58 57.31
C ASP E 294 45.99 -46.17 58.49
N ALA E 295 45.51 -44.91 58.46
CA ALA E 295 44.63 -44.36 59.47
C ALA E 295 43.38 -45.22 59.60
N PHE E 296 42.86 -45.72 58.46
CA PHE E 296 41.68 -46.56 58.37
C PHE E 296 41.92 -47.88 59.11
N LEU E 297 42.97 -48.59 58.69
CA LEU E 297 43.28 -49.93 59.20
C LEU E 297 43.57 -49.86 60.70
N ALA E 298 44.04 -48.71 61.18
CA ALA E 298 44.33 -48.49 62.60
C ALA E 298 43.05 -48.32 63.45
N LEU E 299 41.87 -48.05 62.86
CA LEU E 299 40.66 -47.80 63.63
C LEU E 299 40.24 -49.05 64.43
N PRO E 300 39.53 -48.92 65.58
CA PRO E 300 38.85 -50.05 66.25
C PRO E 300 37.87 -50.80 65.36
N LEU E 301 37.51 -52.03 65.76
CA LEU E 301 36.79 -52.96 64.89
C LEU E 301 35.44 -52.36 64.49
N LEU E 302 34.67 -51.92 65.50
CA LEU E 302 33.32 -51.47 65.26
C LEU E 302 33.39 -50.19 64.41
N GLU E 303 34.27 -49.25 64.81
CA GLU E 303 34.41 -47.99 64.11
C GLU E 303 34.91 -48.22 62.66
N ARG E 304 35.67 -49.29 62.41
CA ARG E 304 36.16 -49.57 61.06
C ARG E 304 35.02 -50.05 60.17
N LEU E 305 34.14 -50.89 60.73
CA LEU E 305 32.95 -51.33 60.01
C LEU E 305 32.11 -50.13 59.56
N LYS E 306 31.89 -49.19 60.47
CA LYS E 306 31.20 -47.96 60.14
C LYS E 306 31.87 -47.33 58.92
N ARG E 307 33.18 -47.09 59.00
CA ARG E 307 33.88 -46.32 57.99
C ARG E 307 33.83 -47.05 56.65
N ARG E 308 33.66 -48.39 56.67
CA ARG E 308 33.55 -49.18 55.45
C ARG E 308 32.32 -48.76 54.67
N VAL E 309 31.21 -48.60 55.37
CA VAL E 309 29.96 -48.15 54.77
C VAL E 309 30.12 -46.75 54.17
N VAL E 310 30.70 -45.83 54.93
CA VAL E 310 30.80 -44.44 54.50
C VAL E 310 31.74 -44.28 53.31
N GLU E 311 32.95 -44.82 53.45
CA GLU E 311 33.96 -44.69 52.42
C GLU E 311 33.76 -45.73 51.33
N GLY E 312 32.80 -46.65 51.52
CA GLY E 312 32.43 -47.60 50.47
C GLY E 312 33.49 -48.67 50.24
N ARG E 313 34.11 -49.15 51.32
CA ARG E 313 35.22 -50.09 51.25
C ARG E 313 34.73 -51.54 51.28
N LYS E 314 34.54 -52.15 50.09
CA LYS E 314 33.98 -53.48 50.03
C LYS E 314 34.99 -54.56 50.45
N GLN E 315 36.24 -54.41 50.04
CA GLN E 315 37.21 -55.52 50.15
C GLN E 315 37.69 -55.63 51.59
N GLY E 316 37.59 -56.83 52.18
CA GLY E 316 38.06 -57.09 53.53
C GLY E 316 36.93 -56.91 54.56
N LEU E 317 35.70 -56.87 54.04
CA LEU E 317 34.50 -56.67 54.85
C LEU E 317 34.17 -57.97 55.57
N GLU E 318 34.16 -59.06 54.80
CA GLU E 318 33.79 -60.37 55.31
C GLU E 318 34.80 -60.77 56.38
N ALA E 319 36.06 -60.37 56.17
CA ALA E 319 37.12 -60.53 57.15
C ALA E 319 36.73 -59.87 58.48
N ASP E 320 36.32 -58.60 58.43
CA ASP E 320 36.06 -57.80 59.62
C ASP E 320 34.80 -58.27 60.34
N LEU E 321 33.79 -58.70 59.56
CA LEU E 321 32.54 -59.19 60.13
C LEU E 321 32.81 -60.51 60.84
N GLU E 322 33.55 -61.40 60.17
CA GLU E 322 34.01 -62.65 60.76
C GLU E 322 34.66 -62.37 62.12
N GLU E 323 35.54 -61.36 62.18
CA GLU E 323 36.25 -61.01 63.40
C GLU E 323 35.30 -60.60 64.53
N ALA E 324 34.26 -59.82 64.18
CA ALA E 324 33.36 -59.29 65.19
C ALA E 324 32.41 -60.38 65.71
N LEU E 325 32.04 -61.33 64.84
CA LEU E 325 31.28 -62.49 65.26
C LEU E 325 32.09 -63.34 66.21
N LYS E 326 33.43 -63.40 66.02
CA LYS E 326 34.31 -64.16 66.89
C LYS E 326 34.32 -63.58 68.31
N ALA E 327 34.37 -62.25 68.45
CA ALA E 327 34.14 -61.61 69.75
C ALA E 327 32.65 -61.63 70.04
N GLY E 328 32.21 -61.10 71.19
CA GLY E 328 30.80 -61.14 71.56
C GLY E 328 29.93 -60.09 70.86
N HIS E 329 29.84 -60.09 69.50
CA HIS E 329 29.02 -59.12 68.77
C HIS E 329 27.96 -59.86 67.94
N LYS E 330 26.69 -59.46 68.10
CA LYS E 330 25.54 -60.16 67.51
C LYS E 330 25.19 -59.51 66.16
N PRO E 331 24.81 -60.27 65.11
CA PRO E 331 24.44 -59.70 63.81
C PRO E 331 23.53 -58.49 63.82
N LEU E 332 22.39 -58.60 64.50
CA LEU E 332 21.40 -57.51 64.56
C LEU E 332 22.04 -56.25 65.15
N ASP E 333 22.93 -56.43 66.15
CA ASP E 333 23.61 -55.31 66.82
C ASP E 333 24.60 -54.63 65.89
N LEU E 334 25.31 -55.42 65.07
CA LEU E 334 26.24 -54.88 64.09
C LEU E 334 25.51 -54.07 63.03
N ILE E 335 24.27 -54.47 62.71
CA ILE E 335 23.47 -53.73 61.76
C ILE E 335 22.90 -52.48 62.43
N ASN E 336 22.14 -52.67 63.53
CA ASN E 336 21.42 -51.58 64.19
C ASN E 336 22.39 -50.64 64.89
N GLY E 337 23.69 -50.94 64.91
CA GLY E 337 24.69 -50.07 65.51
C GLY E 337 25.61 -49.46 64.47
N PRO E 338 26.85 -49.99 64.30
CA PRO E 338 27.86 -49.36 63.44
C PRO E 338 27.59 -49.26 61.94
N LEU E 339 26.90 -50.27 61.37
CA LEU E 339 26.63 -50.28 59.94
C LEU E 339 25.58 -49.23 59.57
N LEU E 340 24.43 -49.24 60.26
CA LEU E 340 23.39 -48.29 59.95
C LEU E 340 23.83 -46.87 60.32
N ALA E 341 24.72 -46.75 61.31
CA ALA E 341 25.27 -45.45 61.74
C ALA E 341 26.12 -44.87 60.60
N GLY E 342 26.80 -45.76 59.89
CA GLY E 342 27.50 -45.37 58.68
C GLY E 342 26.52 -44.83 57.64
N MET E 343 25.42 -45.57 57.48
CA MET E 343 24.45 -45.26 56.45
C MET E 343 23.83 -43.90 56.77
N LYS E 344 23.63 -43.59 58.06
CA LYS E 344 23.12 -42.31 58.49
C LYS E 344 24.08 -41.19 58.08
N GLU E 345 25.39 -41.40 58.30
CA GLU E 345 26.41 -40.42 58.01
C GLU E 345 26.42 -40.11 56.52
N VAL E 346 26.30 -41.15 55.70
CA VAL E 346 26.24 -40.97 54.25
C VAL E 346 25.07 -40.04 53.92
N GLY E 347 23.92 -40.26 54.55
CA GLY E 347 22.76 -39.39 54.43
C GLY E 347 23.10 -37.92 54.65
N ASP E 348 23.72 -37.64 55.81
CA ASP E 348 24.06 -36.29 56.19
C ASP E 348 25.07 -35.67 55.21
N LEU E 349 25.99 -36.46 54.68
CA LEU E 349 27.00 -35.96 53.78
C LEU E 349 26.37 -35.62 52.43
N PHE E 350 25.42 -36.45 52.01
CA PHE E 350 24.77 -36.24 50.73
C PHE E 350 23.89 -35.02 50.81
N GLY E 351 23.18 -34.91 51.94
CA GLY E 351 22.33 -33.78 52.29
C GLY E 351 23.09 -32.46 52.35
N ALA E 352 24.36 -32.49 52.72
CA ALA E 352 25.20 -31.29 52.83
C ALA E 352 25.82 -30.92 51.48
N GLY E 353 25.66 -31.76 50.48
CA GLY E 353 26.29 -31.56 49.18
C GLY E 353 27.76 -31.92 49.19
N LYS E 354 28.23 -32.64 50.21
CA LYS E 354 29.63 -32.96 50.42
C LYS E 354 29.95 -34.36 49.93
N MET E 355 28.97 -35.08 49.38
CA MET E 355 29.17 -36.39 48.77
C MET E 355 28.20 -36.51 47.61
N GLN E 356 28.76 -37.05 46.50
CA GLN E 356 28.05 -37.17 45.23
C GLN E 356 27.24 -38.44 45.26
N LEU E 357 26.31 -38.54 44.32
CA LEU E 357 25.33 -39.62 44.37
C LEU E 357 25.90 -41.04 44.26
N PRO E 358 26.82 -41.32 43.32
CA PRO E 358 27.35 -42.67 43.15
C PRO E 358 28.01 -43.23 44.40
N PHE E 359 28.59 -42.33 45.24
CA PHE E 359 29.28 -42.77 46.43
C PHE E 359 28.25 -43.31 47.44
N VAL E 360 27.05 -42.69 47.44
CA VAL E 360 25.96 -43.12 48.29
C VAL E 360 25.52 -44.52 47.87
N LEU E 361 25.48 -44.76 46.56
CA LEU E 361 25.08 -46.06 46.04
C LEU E 361 26.06 -47.14 46.48
N GLN E 362 27.36 -46.80 46.41
CA GLN E 362 28.42 -47.74 46.73
C GLN E 362 28.43 -48.00 48.24
N ALA E 363 27.97 -47.03 49.01
CA ALA E 363 27.79 -47.23 50.44
C ALA E 363 26.70 -48.27 50.65
N ALA E 364 25.59 -48.10 49.94
CA ALA E 364 24.47 -49.03 50.09
C ALA E 364 24.91 -50.44 49.68
N GLU E 365 25.75 -50.55 48.65
CA GLU E 365 26.23 -51.85 48.21
C GLU E 365 27.03 -52.50 49.35
N VAL E 366 27.81 -51.72 50.11
CA VAL E 366 28.56 -52.28 51.22
C VAL E 366 27.59 -52.82 52.26
N MET E 367 26.55 -52.04 52.57
CA MET E 367 25.53 -52.42 53.53
C MET E 367 24.87 -53.75 53.14
N LYS E 368 24.52 -53.90 51.86
CA LYS E 368 23.81 -55.08 51.38
C LYS E 368 24.69 -56.32 51.43
N ARG E 369 25.96 -56.18 51.02
CA ARG E 369 26.91 -57.26 51.13
C ARG E 369 27.06 -57.66 52.59
N ALA E 370 27.10 -56.66 53.48
CA ALA E 370 27.31 -56.89 54.90
C ALA E 370 26.18 -57.72 55.49
N VAL E 371 24.94 -57.34 55.12
CA VAL E 371 23.75 -58.01 55.61
C VAL E 371 23.62 -59.40 54.99
N ALA E 372 24.00 -59.55 53.72
CA ALA E 372 24.08 -60.85 53.06
C ALA E 372 24.98 -61.81 53.86
N TYR E 373 26.17 -61.36 54.27
CA TYR E 373 27.09 -62.20 55.03
C TYR E 373 26.60 -62.48 56.45
N LEU E 374 25.81 -61.58 57.04
CA LEU E 374 25.32 -61.73 58.41
C LEU E 374 24.02 -62.54 58.48
N GLU E 375 23.25 -62.64 57.37
CA GLU E 375 21.91 -63.23 57.39
C GLU E 375 21.94 -64.68 57.91
N PRO E 376 22.93 -65.52 57.51
CA PRO E 376 23.02 -66.90 58.00
C PRO E 376 23.29 -67.02 59.50
N HIS E 377 23.87 -65.99 60.13
CA HIS E 377 24.24 -66.08 61.55
C HIS E 377 23.12 -65.52 62.44
N MET E 378 21.96 -65.17 61.88
CA MET E 378 20.85 -64.66 62.67
C MET E 378 19.99 -65.81 63.17
N GLU E 379 19.32 -65.62 64.33
CA GLU E 379 18.49 -66.66 64.92
C GLU E 379 17.29 -66.95 64.05
N LYS E 380 16.90 -68.23 63.96
CA LYS E 380 15.79 -68.65 63.11
C LYS E 380 14.70 -69.30 63.97
N LYS E 381 13.78 -68.48 64.52
CA LYS E 381 12.80 -68.91 65.51
C LYS E 381 11.40 -68.98 64.88
N GLY E 382 10.68 -70.10 65.07
CA GLY E 382 9.29 -70.26 64.63
C GLY E 382 9.22 -70.59 63.13
N GLU E 383 8.09 -71.14 62.66
CA GLU E 383 7.94 -71.48 61.25
C GLU E 383 6.47 -71.46 60.81
N GLY E 384 6.20 -70.88 59.61
CA GLY E 384 4.90 -71.01 58.96
C GLY E 384 3.79 -70.25 59.67
N LYS E 385 4.08 -69.10 60.31
CA LYS E 385 3.13 -68.43 61.19
C LYS E 385 2.09 -67.62 60.39
N GLY E 386 2.42 -67.31 59.13
CA GLY E 386 1.55 -66.56 58.22
C GLY E 386 2.37 -65.95 57.10
N THR E 387 1.71 -65.11 56.27
CA THR E 387 2.32 -64.58 55.06
C THR E 387 2.11 -63.06 54.93
N LEU E 388 3.15 -62.40 54.39
CA LEU E 388 3.17 -60.96 54.21
C LEU E 388 3.63 -60.65 52.79
N VAL E 389 2.82 -59.90 52.04
CA VAL E 389 3.25 -59.32 50.79
C VAL E 389 3.83 -57.94 51.09
N LEU E 390 5.09 -57.76 50.66
CA LEU E 390 5.87 -56.60 51.03
C LEU E 390 6.45 -55.94 49.78
N ALA E 391 6.41 -54.61 49.74
CA ALA E 391 6.79 -53.91 48.53
C ALA E 391 7.10 -52.45 48.84
N THR E 392 7.95 -51.89 47.98
CA THR E 392 8.21 -50.46 47.94
C THR E 392 7.27 -49.85 46.91
N VAL E 393 6.64 -48.72 47.25
CA VAL E 393 5.53 -48.24 46.43
C VAL E 393 6.05 -47.51 45.19
N LYS E 394 5.09 -47.14 44.31
CA LYS E 394 5.39 -46.52 43.04
C LYS E 394 6.39 -45.39 43.18
N GLY E 395 7.45 -45.49 42.38
CA GLY E 395 8.45 -44.44 42.27
C GLY E 395 9.40 -44.27 43.46
N ALA E 396 9.40 -45.21 44.40
CA ALA E 396 10.29 -45.18 45.55
C ALA E 396 11.34 -46.28 45.39
N VAL E 397 12.60 -45.93 45.68
CA VAL E 397 13.71 -46.78 45.28
C VAL E 397 14.52 -47.24 46.49
N HIS E 398 14.39 -46.59 47.66
CA HIS E 398 15.15 -47.04 48.81
C HIS E 398 14.50 -48.31 49.33
N ASP E 399 15.33 -49.30 49.64
CA ASP E 399 14.77 -50.59 49.97
C ASP E 399 15.61 -51.32 51.01
N ILE E 400 16.52 -50.64 51.70
CA ILE E 400 17.30 -51.38 52.68
C ILE E 400 16.40 -51.63 53.87
N GLY E 401 15.50 -50.67 54.11
CA GLY E 401 14.51 -50.83 55.17
C GLY E 401 13.64 -52.06 54.90
N LYS E 402 12.98 -52.02 53.74
CA LYS E 402 12.10 -53.10 53.31
C LYS E 402 12.80 -54.43 53.52
N ASN E 403 14.04 -54.53 53.05
CA ASN E 403 14.76 -55.79 53.05
C ASN E 403 15.08 -56.26 54.46
N LEU E 404 15.32 -55.33 55.38
CA LEU E 404 15.54 -55.75 56.76
C LEU E 404 14.25 -56.35 57.32
N VAL E 405 13.09 -55.79 56.94
CA VAL E 405 11.78 -56.27 57.36
C VAL E 405 11.62 -57.71 56.88
N ASP E 406 11.96 -57.95 55.61
CA ASP E 406 11.93 -59.28 55.01
C ASP E 406 12.74 -60.26 55.86
N ILE E 407 14.01 -59.91 56.14
CA ILE E 407 14.92 -60.79 56.84
C ILE E 407 14.37 -61.12 58.21
N ILE E 408 13.97 -60.09 58.96
CA ILE E 408 13.59 -60.24 60.35
C ILE E 408 12.30 -61.04 60.44
N LEU E 409 11.30 -60.70 59.63
CA LEU E 409 10.05 -61.46 59.64
C LEU E 409 10.29 -62.90 59.17
N SER E 410 11.12 -63.07 58.13
CA SER E 410 11.43 -64.39 57.62
C SER E 410 12.03 -65.24 58.72
N ASN E 411 12.90 -64.63 59.54
CA ASN E 411 13.61 -65.33 60.59
C ASN E 411 12.71 -65.61 61.79
N ASN E 412 11.63 -64.85 61.95
CA ASN E 412 10.67 -65.10 63.03
C ASN E 412 9.44 -65.88 62.54
N GLY E 413 9.58 -66.62 61.42
CA GLY E 413 8.65 -67.67 61.03
C GLY E 413 7.56 -67.22 60.05
N TYR E 414 7.78 -66.09 59.35
CA TYR E 414 6.79 -65.60 58.40
C TYR E 414 7.27 -65.80 56.98
N ARG E 415 6.33 -66.12 56.09
CA ARG E 415 6.58 -66.16 54.65
C ARG E 415 6.50 -64.72 54.15
N VAL E 416 7.57 -64.23 53.53
CA VAL E 416 7.60 -62.89 53.01
C VAL E 416 7.69 -62.95 51.49
N VAL E 417 6.68 -62.37 50.83
CA VAL E 417 6.68 -62.25 49.38
C VAL E 417 7.12 -60.84 49.03
N ASN E 418 8.40 -60.68 48.72
CA ASN E 418 9.03 -59.39 48.53
C ASN E 418 8.93 -59.04 47.05
N LEU E 419 8.07 -58.08 46.69
CA LEU E 419 7.81 -57.75 45.29
C LEU E 419 8.84 -56.77 44.72
N GLY E 420 9.91 -56.45 45.48
CA GLY E 420 10.93 -55.51 45.01
C GLY E 420 10.38 -54.09 45.06
N ILE E 421 10.79 -53.25 44.11
CA ILE E 421 10.57 -51.81 44.23
C ILE E 421 9.66 -51.27 43.13
N LYS E 422 9.22 -50.02 43.30
CA LYS E 422 8.43 -49.27 42.34
C LYS E 422 7.14 -49.98 41.96
N VAL E 423 6.58 -50.77 42.90
CA VAL E 423 5.50 -51.68 42.64
C VAL E 423 4.17 -50.94 42.65
N PRO E 424 3.40 -50.93 41.54
CA PRO E 424 2.10 -50.25 41.53
C PRO E 424 1.09 -51.09 42.31
N ILE E 425 0.03 -50.41 42.75
CA ILE E 425 -0.97 -51.02 43.61
C ILE E 425 -1.65 -52.19 42.92
N GLU E 426 -1.81 -52.09 41.59
CA GLU E 426 -2.36 -53.15 40.76
C GLU E 426 -1.57 -54.44 41.01
N GLU E 427 -0.25 -54.34 40.84
CA GLU E 427 0.63 -55.51 40.94
C GLU E 427 0.67 -56.04 42.37
N ILE E 428 0.58 -55.15 43.39
CA ILE E 428 0.57 -55.57 44.78
C ILE E 428 -0.64 -56.45 45.03
N LEU E 429 -1.82 -55.94 44.64
CA LEU E 429 -3.07 -56.66 44.87
C LEU E 429 -3.16 -57.95 44.05
N LYS E 430 -2.45 -58.01 42.92
CA LYS E 430 -2.37 -59.21 42.11
C LYS E 430 -1.69 -60.32 42.92
N ALA E 431 -0.62 -59.95 43.61
CA ALA E 431 0.11 -60.85 44.51
C ALA E 431 -0.69 -61.13 45.78
N VAL E 432 -1.56 -60.20 46.20
CA VAL E 432 -2.44 -60.47 47.32
C VAL E 432 -3.37 -61.60 46.92
N GLU E 433 -3.92 -61.54 45.70
CA GLU E 433 -4.85 -62.57 45.23
C GLU E 433 -4.11 -63.91 45.14
N ALA E 434 -2.91 -63.87 44.61
CA ALA E 434 -2.12 -65.08 44.40
C ALA E 434 -1.77 -65.77 45.73
N HIS E 435 -1.23 -65.04 46.71
CA HIS E 435 -0.60 -65.64 47.88
C HIS E 435 -1.52 -65.65 49.11
N LYS E 436 -2.69 -64.99 49.01
CA LYS E 436 -3.69 -64.93 50.07
C LYS E 436 -3.04 -64.58 51.40
N PRO E 437 -2.33 -63.42 51.53
CA PRO E 437 -1.50 -63.13 52.70
C PRO E 437 -2.38 -62.60 53.82
N HIS E 438 -1.75 -62.52 55.00
CA HIS E 438 -2.37 -62.02 56.21
C HIS E 438 -2.29 -60.49 56.26
N ALA E 439 -1.32 -59.90 55.57
CA ALA E 439 -1.17 -58.44 55.56
C ALA E 439 -0.32 -57.96 54.38
N VAL E 440 -0.39 -56.65 54.12
CA VAL E 440 0.42 -56.05 53.08
C VAL E 440 1.30 -55.01 53.75
N GLY E 441 2.57 -55.00 53.36
CA GLY E 441 3.49 -54.01 53.86
C GLY E 441 3.93 -53.12 52.71
N MET E 442 3.89 -51.80 52.96
CA MET E 442 4.26 -50.82 51.95
C MET E 442 5.34 -49.93 52.55
N SER E 443 6.55 -49.96 51.94
CA SER E 443 7.64 -49.07 52.32
C SER E 443 7.64 -47.87 51.39
N GLY E 444 8.24 -46.79 51.90
CA GLY E 444 8.47 -45.59 51.09
C GLY E 444 9.11 -44.53 51.95
N LEU E 445 10.17 -43.88 51.45
CA LEU E 445 10.95 -43.04 52.36
C LEU E 445 10.59 -41.59 52.20
N LEU E 446 10.42 -41.13 50.95
CA LEU E 446 10.20 -39.70 50.76
C LEU E 446 8.76 -39.31 51.03
N VAL E 447 8.54 -37.99 51.04
CA VAL E 447 7.20 -37.55 51.39
C VAL E 447 6.24 -37.96 50.29
N LYS E 448 6.69 -37.77 49.04
CA LYS E 448 5.84 -38.08 47.89
C LYS E 448 5.35 -39.52 47.99
N SER E 449 6.18 -40.41 48.50
CA SER E 449 5.89 -41.84 48.59
C SER E 449 4.76 -42.10 49.61
N THR E 450 4.57 -41.20 50.57
CA THR E 450 3.48 -41.34 51.52
C THR E 450 2.15 -40.97 50.84
N LEU E 451 2.21 -40.09 49.84
CA LEU E 451 1.01 -39.68 49.12
C LEU E 451 0.55 -40.81 48.22
N VAL E 452 1.53 -41.55 47.68
CA VAL E 452 1.24 -42.78 46.95
C VAL E 452 0.57 -43.76 47.89
N MET E 453 1.05 -43.87 49.12
CA MET E 453 0.44 -44.77 50.07
C MET E 453 -1.03 -44.41 50.25
N LYS E 454 -1.31 -43.11 50.31
CA LYS E 454 -2.68 -42.64 50.50
C LYS E 454 -3.51 -43.09 49.30
N GLU E 455 -3.01 -42.84 48.10
CA GLU E 455 -3.69 -43.27 46.87
C GLU E 455 -3.94 -44.77 46.90
N ASN E 456 -2.91 -45.54 47.24
CA ASN E 456 -3.00 -46.99 47.31
C ASN E 456 -4.15 -47.39 48.23
N LEU E 457 -4.27 -46.75 49.39
CA LEU E 457 -5.36 -47.09 50.30
C LEU E 457 -6.71 -46.67 49.72
N GLU E 458 -6.77 -45.51 49.05
CA GLU E 458 -7.99 -45.11 48.39
C GLU E 458 -8.40 -46.23 47.43
N TYR E 459 -7.47 -46.67 46.57
CA TYR E 459 -7.72 -47.70 45.57
C TYR E 459 -8.23 -48.97 46.24
N MET E 460 -7.53 -49.45 47.28
CA MET E 460 -7.91 -50.67 47.98
C MET E 460 -9.30 -50.55 48.59
N ARG E 461 -9.64 -49.38 49.15
CA ARG E 461 -10.94 -49.13 49.76
C ARG E 461 -12.04 -49.28 48.72
N ASP E 462 -11.78 -48.73 47.54
CA ASP E 462 -12.75 -48.64 46.46
C ASP E 462 -13.01 -50.01 45.82
N ARG E 463 -12.11 -50.98 46.02
CA ARG E 463 -12.28 -52.35 45.56
C ARG E 463 -12.54 -53.29 46.74
N GLY E 464 -13.02 -52.75 47.86
CA GLY E 464 -13.67 -53.53 48.90
C GLY E 464 -12.71 -54.19 49.88
N TYR E 465 -11.40 -54.05 49.75
CA TYR E 465 -10.47 -54.81 50.58
C TYR E 465 -10.58 -54.36 52.03
N THR E 466 -10.21 -55.28 52.95
CA THR E 466 -10.11 -54.95 54.36
C THR E 466 -8.92 -55.63 55.04
N LEU E 467 -8.04 -56.31 54.28
CA LEU E 467 -6.95 -57.01 54.95
C LEU E 467 -5.93 -55.99 55.44
N PRO E 468 -5.23 -56.23 56.56
CA PRO E 468 -4.41 -55.19 57.20
C PRO E 468 -3.29 -54.67 56.29
N VAL E 469 -3.00 -53.36 56.38
CA VAL E 469 -1.87 -52.77 55.70
C VAL E 469 -0.94 -52.14 56.73
N ILE E 470 0.34 -52.55 56.67
CA ILE E 470 1.38 -51.97 57.51
C ILE E 470 2.19 -51.00 56.66
N LEU E 471 2.20 -49.72 57.09
CA LEU E 471 2.96 -48.69 56.38
C LEU E 471 4.21 -48.36 57.18
N GLY E 472 5.33 -48.21 56.47
CA GLY E 472 6.61 -47.88 57.08
C GLY E 472 7.44 -46.97 56.19
N GLY E 473 8.33 -46.19 56.82
CA GLY E 473 9.08 -45.19 56.12
C GLY E 473 9.50 -44.06 57.03
N ALA E 474 10.49 -43.32 56.52
CA ALA E 474 11.07 -42.23 57.27
C ALA E 474 10.05 -41.13 57.46
N ALA E 475 9.58 -40.57 56.35
CA ALA E 475 8.74 -39.41 56.36
C ALA E 475 7.36 -39.74 56.96
N LEU E 476 7.04 -41.05 57.05
CA LEU E 476 5.79 -41.43 57.68
C LEU E 476 5.86 -41.05 59.14
N THR E 477 4.73 -40.52 59.66
CA THR E 477 4.54 -40.25 61.07
C THR E 477 3.33 -41.05 61.55
N ARG E 478 3.30 -41.44 62.82
CA ARG E 478 2.15 -42.20 63.31
C ARG E 478 0.86 -41.39 63.15
N SER E 479 0.98 -40.08 63.47
CA SER E 479 -0.11 -39.12 63.41
C SER E 479 -0.76 -39.13 62.04
N TYR E 480 0.07 -39.23 60.99
CA TYR E 480 -0.36 -39.21 59.59
C TYR E 480 -1.07 -40.50 59.22
N VAL E 481 -0.52 -41.63 59.66
CA VAL E 481 -1.15 -42.91 59.37
C VAL E 481 -2.49 -42.99 60.12
N GLU E 482 -2.56 -42.40 61.32
CA GLU E 482 -3.83 -42.31 62.02
C GLU E 482 -4.90 -41.66 61.14
N GLU E 483 -4.58 -40.57 60.43
CA GLU E 483 -5.54 -39.91 59.53
C GLU E 483 -5.96 -40.85 58.42
N LEU E 484 -5.00 -41.60 57.87
CA LEU E 484 -5.31 -42.46 56.75
C LEU E 484 -6.39 -43.50 57.15
N ARG E 485 -6.59 -43.75 58.46
CA ARG E 485 -7.58 -44.74 58.88
C ARG E 485 -9.00 -44.32 58.46
N ALA E 486 -9.23 -43.03 58.26
CA ALA E 486 -10.48 -42.53 57.73
C ALA E 486 -10.75 -43.05 56.32
N ILE E 487 -9.70 -43.34 55.55
CA ILE E 487 -9.84 -43.96 54.25
C ILE E 487 -9.96 -45.47 54.40
N TYR E 488 -8.96 -46.06 55.07
CA TYR E 488 -8.84 -47.51 55.25
C TYR E 488 -8.62 -47.77 56.73
N PRO E 489 -9.57 -48.39 57.45
CA PRO E 489 -9.50 -48.42 58.91
C PRO E 489 -8.43 -49.34 59.49
N ASN E 490 -7.95 -50.30 58.68
CA ASN E 490 -6.94 -51.28 59.10
C ASN E 490 -5.55 -50.91 58.59
N VAL E 491 -5.10 -49.68 58.85
CA VAL E 491 -3.71 -49.36 58.56
C VAL E 491 -2.99 -49.31 59.90
N TYR E 492 -1.69 -49.59 59.89
CA TYR E 492 -0.86 -49.48 61.08
C TYR E 492 0.48 -48.83 60.72
N TYR E 493 0.96 -47.94 61.62
CA TYR E 493 2.28 -47.36 61.48
C TYR E 493 3.33 -48.34 62.02
N ALA E 494 4.49 -48.39 61.36
CA ALA E 494 5.64 -49.11 61.87
C ALA E 494 6.88 -48.21 61.83
N GLU E 495 7.48 -48.01 63.01
CA GLU E 495 8.65 -47.17 63.18
C GLU E 495 9.84 -47.85 62.50
N ASP E 496 10.00 -49.13 62.82
CA ASP E 496 11.15 -49.94 62.45
C ASP E 496 10.66 -51.37 62.17
N ALA E 497 11.60 -52.24 61.80
CA ALA E 497 11.25 -53.59 61.42
C ALA E 497 10.66 -54.38 62.59
N PHE E 498 11.08 -54.04 63.81
CA PHE E 498 10.69 -54.78 65.00
C PHE E 498 9.20 -54.53 65.26
N GLU E 499 8.76 -53.28 65.08
CA GLU E 499 7.35 -52.95 65.21
C GLU E 499 6.54 -53.71 64.16
N GLY E 500 7.07 -53.82 62.94
CA GLY E 500 6.47 -54.65 61.91
C GLY E 500 6.26 -56.08 62.40
N LEU E 501 7.30 -56.67 63.02
CA LEU E 501 7.20 -58.00 63.58
C LEU E 501 6.09 -58.03 64.64
N ARG E 502 6.08 -57.04 65.53
CA ARG E 502 5.13 -57.02 66.62
C ARG E 502 3.69 -56.97 66.08
N LEU E 503 3.48 -56.17 65.03
CA LEU E 503 2.18 -56.05 64.39
C LEU E 503 1.76 -57.38 63.76
N MET E 504 2.68 -58.04 63.05
CA MET E 504 2.38 -59.31 62.42
C MET E 504 2.05 -60.35 63.48
N GLU E 505 2.74 -60.29 64.63
CA GLU E 505 2.51 -61.21 65.74
C GLU E 505 1.09 -61.02 66.27
N GLU E 506 0.70 -59.76 66.52
CA GLU E 506 -0.63 -59.44 67.05
C GLU E 506 -1.68 -59.88 66.05
N LEU E 507 -1.42 -59.64 64.76
CA LEU E 507 -2.40 -59.86 63.69
C LEU E 507 -2.59 -61.35 63.42
N THR E 508 -1.56 -62.19 63.55
CA THR E 508 -1.72 -63.63 63.36
C THR E 508 -2.03 -64.33 64.67
N GLY E 509 -2.00 -63.61 65.81
CA GLY E 509 -2.46 -64.12 67.09
C GLY E 509 -1.40 -64.90 67.87
N HIS E 510 -0.18 -64.34 67.93
CA HIS E 510 0.94 -64.93 68.66
C HIS E 510 1.30 -64.01 69.84
N GLN F 1 -74.97 -23.44 7.71
CA GLN F 1 -75.68 -22.27 7.12
C GLN F 1 -76.03 -22.66 5.67
N GLU F 2 -75.12 -22.33 4.74
CA GLU F 2 -75.30 -22.39 3.29
C GLU F 2 -75.53 -23.86 2.90
N ALA F 3 -74.64 -24.76 3.38
CA ALA F 3 -74.70 -26.20 3.19
C ALA F 3 -74.69 -26.51 1.68
N SER F 4 -75.60 -27.36 1.18
CA SER F 4 -75.89 -27.48 -0.24
C SER F 4 -74.63 -27.25 -1.11
N LEU F 5 -73.51 -27.83 -0.65
CA LEU F 5 -72.23 -27.80 -1.32
C LEU F 5 -72.35 -28.16 -2.79
N PHE F 6 -71.80 -27.36 -3.69
CA PHE F 6 -71.91 -27.55 -5.14
C PHE F 6 -70.97 -28.68 -5.57
N LEU F 7 -71.53 -29.84 -5.90
CA LEU F 7 -70.75 -31.02 -6.19
C LEU F 7 -70.50 -31.16 -7.69
N VAL F 8 -69.23 -31.39 -8.05
CA VAL F 8 -68.84 -31.46 -9.45
C VAL F 8 -68.30 -32.85 -9.73
N GLY F 9 -68.89 -33.51 -10.72
CA GLY F 9 -68.62 -34.91 -10.97
C GLY F 9 -67.33 -35.11 -11.77
N GLU F 10 -66.39 -35.79 -11.07
CA GLU F 10 -65.01 -35.84 -11.50
C GLU F 10 -64.77 -36.82 -12.65
N ARG F 11 -65.72 -37.72 -12.95
CA ARG F 11 -65.42 -38.93 -13.70
C ARG F 11 -65.17 -38.67 -15.19
N LEU F 12 -65.66 -37.56 -15.79
CA LEU F 12 -65.43 -37.30 -17.21
C LEU F 12 -64.07 -36.63 -17.42
N ASN F 13 -63.00 -37.35 -17.10
CA ASN F 13 -61.67 -36.77 -17.04
C ASN F 13 -60.66 -37.79 -17.56
N ALA F 14 -60.09 -37.51 -18.73
CA ALA F 14 -59.22 -38.44 -19.40
C ALA F 14 -58.01 -38.83 -18.55
N THR F 15 -57.45 -37.87 -17.82
CA THR F 15 -56.30 -38.15 -16.97
C THR F 15 -56.71 -39.01 -15.78
N GLY F 16 -57.88 -38.76 -15.19
CA GLY F 16 -58.30 -39.33 -13.92
C GLY F 16 -58.94 -40.71 -14.10
N SER F 17 -59.97 -40.81 -14.95
CA SER F 17 -60.73 -42.05 -15.12
C SER F 17 -60.20 -42.85 -16.30
N LYS F 18 -59.65 -44.05 -16.01
CA LYS F 18 -59.21 -44.95 -17.06
C LYS F 18 -60.37 -45.27 -17.99
N ARG F 19 -61.53 -45.51 -17.37
CA ARG F 19 -62.75 -45.94 -18.05
C ARG F 19 -63.22 -44.89 -19.07
N PHE F 20 -63.16 -43.61 -18.68
CA PHE F 20 -63.57 -42.51 -19.55
C PHE F 20 -62.58 -42.36 -20.71
N ARG F 21 -61.29 -42.51 -20.39
CA ARG F 21 -60.22 -42.39 -21.36
C ARG F 21 -60.49 -43.33 -22.53
N GLU F 22 -60.65 -44.63 -22.21
CA GLU F 22 -60.84 -45.69 -23.18
C GLU F 22 -62.14 -45.48 -23.96
N MET F 23 -63.16 -44.91 -23.31
CA MET F 23 -64.45 -44.64 -23.94
C MET F 23 -64.32 -43.50 -24.95
N LEU F 24 -63.51 -42.50 -24.59
CA LEU F 24 -63.25 -41.34 -25.44
C LEU F 24 -62.51 -41.79 -26.69
N PHE F 25 -61.43 -42.56 -26.50
CA PHE F 25 -60.59 -43.05 -27.60
C PHE F 25 -61.45 -43.88 -28.55
N ALA F 26 -62.28 -44.75 -28.00
CA ALA F 26 -63.14 -45.63 -28.79
C ALA F 26 -64.29 -44.87 -29.46
N ARG F 27 -64.53 -43.61 -29.12
CA ARG F 27 -65.64 -42.86 -29.67
C ARG F 27 -66.96 -43.50 -29.25
N ASP F 28 -67.10 -43.85 -27.97
CA ASP F 28 -68.27 -44.50 -27.39
C ASP F 28 -69.20 -43.44 -26.80
N LEU F 29 -70.01 -42.80 -27.66
CA LEU F 29 -70.80 -41.64 -27.24
C LEU F 29 -71.80 -42.05 -26.17
N GLU F 30 -72.46 -43.21 -26.39
CA GLU F 30 -73.54 -43.65 -25.52
C GLU F 30 -72.99 -44.01 -24.15
N GLY F 31 -71.79 -44.61 -24.14
CA GLY F 31 -71.05 -44.91 -22.92
C GLY F 31 -70.77 -43.68 -22.06
N ILE F 32 -70.34 -42.60 -22.73
CA ILE F 32 -69.98 -41.36 -22.07
C ILE F 32 -71.25 -40.67 -21.54
N LEU F 33 -72.28 -40.59 -22.36
CA LEU F 33 -73.52 -39.96 -21.92
C LEU F 33 -74.19 -40.73 -20.78
N ALA F 34 -74.02 -42.06 -20.76
CA ALA F 34 -74.44 -42.87 -19.63
C ALA F 34 -73.70 -42.47 -18.36
N LEU F 35 -72.37 -42.40 -18.44
CA LEU F 35 -71.52 -42.03 -17.33
C LEU F 35 -71.86 -40.63 -16.80
N ALA F 36 -72.28 -39.72 -17.67
CA ALA F 36 -72.63 -38.37 -17.24
C ALA F 36 -73.95 -38.37 -16.47
N ARG F 37 -74.98 -38.98 -17.05
CA ARG F 37 -76.30 -39.08 -16.42
C ARG F 37 -76.20 -39.76 -15.05
N GLU F 38 -75.37 -40.81 -15.00
CA GLU F 38 -75.13 -41.59 -13.79
C GLU F 38 -74.63 -40.70 -12.64
N GLN F 39 -73.63 -39.86 -12.93
CA GLN F 39 -73.08 -38.96 -11.92
C GLN F 39 -74.12 -37.97 -11.40
N VAL F 40 -75.06 -37.54 -12.26
CA VAL F 40 -76.06 -36.57 -11.85
C VAL F 40 -77.08 -37.24 -10.94
N GLU F 41 -77.48 -38.47 -11.29
CA GLU F 41 -78.38 -39.23 -10.44
C GLU F 41 -77.74 -39.45 -9.07
N GLU F 42 -76.42 -39.74 -9.07
CA GLU F 42 -75.68 -40.00 -7.84
C GLU F 42 -75.44 -38.72 -7.03
N GLY F 43 -75.93 -37.56 -7.49
CA GLY F 43 -76.06 -36.39 -6.63
C GLY F 43 -75.24 -35.18 -7.07
N ALA F 44 -74.61 -35.28 -8.26
CA ALA F 44 -73.76 -34.23 -8.80
C ALA F 44 -74.58 -33.08 -9.36
N HIS F 45 -74.13 -31.87 -9.12
CA HIS F 45 -74.77 -30.63 -9.51
C HIS F 45 -74.16 -30.09 -10.80
N ALA F 46 -73.03 -30.68 -11.22
CA ALA F 46 -72.28 -30.26 -12.40
C ALA F 46 -71.30 -31.37 -12.76
N LEU F 47 -70.66 -31.24 -13.93
CA LEU F 47 -69.71 -32.25 -14.40
C LEU F 47 -68.42 -31.60 -14.85
N ASP F 48 -67.31 -32.09 -14.29
CA ASP F 48 -66.00 -31.69 -14.77
C ASP F 48 -65.78 -32.46 -16.05
N LEU F 49 -65.15 -31.78 -17.01
CA LEU F 49 -64.84 -32.33 -18.31
C LEU F 49 -63.39 -32.02 -18.66
N SER F 50 -62.58 -33.05 -18.92
CA SER F 50 -61.21 -32.85 -19.37
C SER F 50 -60.81 -33.95 -20.36
N VAL F 51 -60.53 -33.55 -21.60
CA VAL F 51 -60.29 -34.50 -22.65
C VAL F 51 -58.88 -34.33 -23.16
N ALA F 52 -58.06 -33.63 -22.38
CA ALA F 52 -56.69 -33.40 -22.78
C ALA F 52 -55.95 -34.70 -22.51
N TRP F 53 -55.22 -35.21 -23.52
CA TRP F 53 -54.45 -36.44 -23.36
C TRP F 53 -53.00 -36.24 -23.80
N THR F 54 -52.20 -37.29 -23.69
CA THR F 54 -50.80 -37.24 -24.07
C THR F 54 -50.66 -36.84 -25.55
N GLY F 55 -51.44 -37.39 -26.48
CA GLY F 55 -51.37 -36.91 -27.85
C GLY F 55 -52.71 -36.41 -28.40
N ARG F 56 -53.19 -37.03 -29.47
CA ARG F 56 -54.53 -36.73 -29.99
C ARG F 56 -54.61 -35.25 -30.31
N ASP F 57 -55.75 -34.62 -30.04
CA ASP F 57 -55.98 -33.21 -30.36
C ASP F 57 -57.17 -32.75 -29.52
N GLU F 58 -56.90 -32.08 -28.38
CA GLU F 58 -57.95 -31.61 -27.47
C GLU F 58 -59.13 -30.94 -28.21
N LEU F 59 -58.86 -30.02 -29.13
CA LEU F 59 -59.92 -29.28 -29.80
C LEU F 59 -60.82 -30.21 -30.60
N GLU F 60 -60.21 -31.22 -31.24
CA GLU F 60 -60.95 -32.16 -32.08
C GLU F 60 -61.91 -32.98 -31.21
N ASP F 61 -61.36 -33.56 -30.12
CA ASP F 61 -62.14 -34.32 -29.17
C ASP F 61 -63.35 -33.51 -28.68
N LEU F 62 -63.12 -32.25 -28.29
CA LEU F 62 -64.18 -31.39 -27.79
C LEU F 62 -65.22 -31.12 -28.86
N ARG F 63 -64.77 -30.89 -30.11
CA ARG F 63 -65.66 -30.56 -31.21
C ARG F 63 -66.66 -31.71 -31.39
N TRP F 64 -66.17 -32.94 -31.13
CA TRP F 64 -66.97 -34.15 -31.25
C TRP F 64 -68.00 -34.30 -30.13
N LEU F 65 -67.53 -34.13 -28.88
CA LEU F 65 -68.28 -34.54 -27.70
C LEU F 65 -69.26 -33.45 -27.25
N LEU F 66 -68.85 -32.18 -27.35
CA LEU F 66 -69.55 -31.06 -26.74
C LEU F 66 -70.96 -30.94 -27.30
N PRO F 67 -71.19 -31.01 -28.63
CA PRO F 67 -72.53 -30.78 -29.17
C PRO F 67 -73.55 -31.70 -28.51
N HIS F 68 -73.11 -32.93 -28.23
CA HIS F 68 -73.94 -33.98 -27.65
C HIS F 68 -74.23 -33.68 -26.18
N LEU F 69 -73.18 -33.43 -25.38
CA LEU F 69 -73.31 -33.08 -23.97
C LEU F 69 -74.25 -31.89 -23.80
N ALA F 70 -74.20 -30.99 -24.79
CA ALA F 70 -74.98 -29.76 -24.77
C ALA F 70 -76.47 -30.08 -24.69
N THR F 71 -76.94 -30.90 -25.64
CA THR F 71 -78.34 -31.25 -25.75
C THR F 71 -78.71 -32.31 -24.71
N ALA F 72 -77.80 -33.24 -24.39
CA ALA F 72 -78.13 -34.40 -23.58
C ALA F 72 -78.08 -34.18 -22.05
N LEU F 73 -77.75 -32.97 -21.55
CA LEU F 73 -77.62 -32.70 -20.11
C LEU F 73 -78.23 -31.35 -19.76
N THR F 74 -78.73 -31.18 -18.53
CA THR F 74 -79.23 -29.88 -18.08
C THR F 74 -78.19 -29.17 -17.20
N VAL F 75 -77.34 -29.94 -16.52
CA VAL F 75 -76.44 -29.39 -15.49
C VAL F 75 -75.26 -28.66 -16.13
N PRO F 76 -74.57 -27.76 -15.40
CA PRO F 76 -73.37 -27.09 -15.90
C PRO F 76 -72.19 -28.02 -16.12
N VAL F 77 -71.23 -27.52 -16.91
CA VAL F 77 -69.98 -28.21 -17.17
C VAL F 77 -68.83 -27.32 -16.72
N MET F 78 -67.90 -27.90 -15.97
CA MET F 78 -66.66 -27.25 -15.62
C MET F 78 -65.61 -27.70 -16.62
N VAL F 79 -65.15 -26.77 -17.46
CA VAL F 79 -64.23 -27.08 -18.53
C VAL F 79 -62.80 -27.00 -18.01
N ASP F 80 -62.10 -28.13 -18.11
CA ASP F 80 -60.83 -28.32 -17.45
C ASP F 80 -59.77 -28.37 -18.54
N SER F 81 -59.10 -27.23 -18.69
CA SER F 81 -58.20 -27.08 -19.82
C SER F 81 -57.23 -25.95 -19.55
N THR F 82 -56.12 -26.00 -20.29
CA THR F 82 -55.16 -24.92 -20.30
C THR F 82 -55.21 -24.14 -21.62
N SER F 83 -55.93 -24.65 -22.63
CA SER F 83 -56.11 -23.93 -23.89
C SER F 83 -57.28 -22.97 -23.81
N PRO F 84 -57.08 -21.65 -24.00
CA PRO F 84 -58.20 -20.74 -24.15
C PRO F 84 -59.10 -21.04 -25.34
N GLU F 85 -58.53 -21.49 -26.46
CA GLU F 85 -59.37 -21.74 -27.61
C GLU F 85 -60.35 -22.86 -27.26
N ALA F 86 -59.88 -23.84 -26.49
CA ALA F 86 -60.73 -24.91 -25.99
C ALA F 86 -61.88 -24.37 -25.14
N MET F 87 -61.54 -23.50 -24.18
CA MET F 87 -62.55 -22.89 -23.34
C MET F 87 -63.57 -22.12 -24.19
N GLU F 88 -63.11 -21.43 -25.25
CA GLU F 88 -64.00 -20.65 -26.10
C GLU F 88 -64.98 -21.61 -26.77
N LEU F 89 -64.46 -22.70 -27.31
CA LEU F 89 -65.27 -23.69 -27.98
C LEU F 89 -66.35 -24.22 -27.04
N ALA F 90 -65.98 -24.51 -25.79
CA ALA F 90 -66.92 -24.99 -24.78
C ALA F 90 -67.94 -23.92 -24.45
N LEU F 91 -67.52 -22.65 -24.38
CA LEU F 91 -68.41 -21.54 -24.11
C LEU F 91 -69.37 -21.31 -25.27
N LYS F 92 -68.94 -21.65 -26.50
CA LYS F 92 -69.80 -21.57 -27.68
C LYS F 92 -70.93 -22.58 -27.52
N TYR F 93 -70.63 -23.85 -27.25
CA TYR F 93 -71.64 -24.88 -27.24
C TYR F 93 -72.46 -24.92 -25.94
N LEU F 94 -72.01 -24.34 -24.84
CA LEU F 94 -72.68 -24.49 -23.55
C LEU F 94 -72.89 -23.13 -22.91
N PRO F 95 -73.46 -22.14 -23.63
CA PRO F 95 -73.54 -20.78 -23.08
C PRO F 95 -74.39 -20.81 -21.81
N GLY F 96 -73.95 -20.07 -20.78
CA GLY F 96 -74.72 -19.91 -19.54
C GLY F 96 -74.39 -20.98 -18.49
N ARG F 97 -73.69 -22.04 -18.90
CA ARG F 97 -73.60 -23.26 -18.12
C ARG F 97 -72.14 -23.65 -17.96
N VAL F 98 -71.21 -22.68 -17.94
CA VAL F 98 -69.79 -23.03 -17.93
C VAL F 98 -69.07 -22.40 -16.73
N LEU F 99 -68.18 -23.19 -16.13
CA LEU F 99 -67.18 -22.77 -15.18
C LEU F 99 -65.84 -23.09 -15.81
N LEU F 100 -64.96 -22.09 -15.86
CA LEU F 100 -63.66 -22.25 -16.50
C LEU F 100 -62.65 -22.70 -15.45
N ASN F 101 -61.85 -23.76 -15.75
CA ASN F 101 -61.09 -24.39 -14.69
C ASN F 101 -59.80 -23.67 -14.38
N SER F 102 -58.84 -23.71 -15.26
CA SER F 102 -57.56 -23.22 -14.74
C SER F 102 -57.58 -21.72 -14.99
N ALA F 103 -57.32 -20.89 -13.98
CA ALA F 103 -56.81 -19.54 -14.27
C ALA F 103 -55.76 -19.22 -13.24
N ASN F 104 -54.50 -19.05 -13.67
CA ASN F 104 -53.39 -19.01 -12.72
C ASN F 104 -52.23 -18.20 -13.28
N LEU F 105 -51.23 -17.97 -12.44
CA LEU F 105 -50.09 -17.14 -12.78
C LEU F 105 -48.82 -17.96 -13.01
N GLU F 106 -48.94 -19.23 -13.38
CA GLU F 106 -47.77 -20.04 -13.60
C GLU F 106 -46.86 -19.41 -14.66
N ASP F 107 -47.44 -19.01 -15.79
CA ASP F 107 -46.69 -18.36 -16.87
C ASP F 107 -47.12 -16.91 -16.92
N GLY F 108 -47.23 -16.30 -15.75
CA GLY F 108 -47.36 -14.85 -15.70
C GLY F 108 -48.80 -14.43 -15.91
N LEU F 109 -48.96 -13.14 -16.11
CA LEU F 109 -50.23 -12.44 -16.14
C LEU F 109 -50.90 -12.64 -17.48
N GLU F 110 -50.11 -12.90 -18.53
CA GLU F 110 -50.66 -12.94 -19.87
C GLU F 110 -51.71 -14.06 -19.91
N ARG F 111 -51.35 -15.28 -19.53
CA ARG F 111 -52.29 -16.38 -19.65
C ARG F 111 -53.49 -16.17 -18.71
N PHE F 112 -53.21 -15.63 -17.51
CA PHE F 112 -54.21 -15.43 -16.47
C PHE F 112 -55.31 -14.52 -16.96
N ASP F 113 -54.91 -13.38 -17.50
CA ASP F 113 -55.87 -12.39 -17.95
C ASP F 113 -56.70 -12.92 -19.10
N ARG F 114 -56.09 -13.73 -19.97
CA ARG F 114 -56.76 -14.25 -21.15
C ARG F 114 -58.00 -15.02 -20.70
N VAL F 115 -57.80 -15.91 -19.72
CA VAL F 115 -58.85 -16.75 -19.19
C VAL F 115 -59.87 -15.90 -18.43
N ALA F 116 -59.39 -15.06 -17.52
CA ALA F 116 -60.28 -14.21 -16.73
C ALA F 116 -61.20 -13.37 -17.62
N SER F 117 -60.68 -12.78 -18.71
CA SER F 117 -61.47 -11.94 -19.61
C SER F 117 -62.58 -12.77 -20.25
N LEU F 118 -62.31 -14.04 -20.59
CA LEU F 118 -63.33 -14.96 -21.10
C LEU F 118 -64.43 -15.13 -20.07
N ALA F 119 -64.04 -15.38 -18.84
CA ALA F 119 -64.99 -15.57 -17.76
C ALA F 119 -65.87 -14.35 -17.65
N LYS F 120 -65.23 -13.16 -17.66
CA LYS F 120 -65.94 -11.89 -17.57
C LYS F 120 -66.89 -11.73 -18.74
N ALA F 121 -66.35 -11.87 -19.95
CA ALA F 121 -67.07 -11.67 -21.21
C ALA F 121 -68.24 -12.62 -21.40
N HIS F 122 -68.09 -13.90 -21.12
CA HIS F 122 -69.16 -14.88 -21.27
C HIS F 122 -69.85 -15.12 -19.91
N GLY F 123 -69.65 -14.21 -18.94
CA GLY F 123 -70.29 -14.29 -17.63
C GLY F 123 -70.23 -15.70 -17.02
N ALA F 124 -69.04 -16.31 -17.06
CA ALA F 124 -68.84 -17.65 -16.54
C ALA F 124 -68.22 -17.54 -15.16
N ALA F 125 -68.39 -18.61 -14.38
CA ALA F 125 -67.65 -18.80 -13.15
C ALA F 125 -66.21 -19.06 -13.47
N LEU F 126 -65.31 -18.66 -12.55
CA LEU F 126 -63.88 -18.80 -12.75
C LEU F 126 -63.27 -19.54 -11.56
N VAL F 127 -62.48 -20.56 -11.87
CA VAL F 127 -61.65 -21.19 -10.86
C VAL F 127 -60.25 -20.58 -10.96
N VAL F 128 -59.64 -20.37 -9.79
CA VAL F 128 -58.37 -19.69 -9.66
C VAL F 128 -57.46 -20.58 -8.86
N LEU F 129 -56.45 -21.18 -9.51
CA LEU F 129 -55.50 -22.00 -8.76
C LEU F 129 -54.48 -21.09 -8.10
N ALA F 130 -54.10 -21.45 -6.86
CA ALA F 130 -52.99 -20.81 -6.21
C ALA F 130 -51.65 -21.37 -6.74
N ILE F 131 -51.29 -20.97 -7.95
CA ILE F 131 -50.01 -21.27 -8.58
C ILE F 131 -49.46 -20.01 -9.29
N ASP F 132 -48.24 -19.61 -8.92
CA ASP F 132 -47.60 -18.43 -9.45
C ASP F 132 -46.33 -18.86 -10.14
N GLU F 133 -45.47 -17.87 -10.37
CA GLU F 133 -44.26 -18.05 -11.14
C GLU F 133 -43.27 -18.94 -10.40
N LYS F 134 -43.26 -18.90 -9.07
CA LYS F 134 -42.47 -19.78 -8.24
C LYS F 134 -43.15 -21.16 -8.10
N GLY F 135 -44.27 -21.37 -8.82
CA GLY F 135 -44.93 -22.67 -8.83
C GLY F 135 -46.05 -22.76 -7.80
N MET F 136 -46.37 -24.00 -7.44
CA MET F 136 -47.51 -24.30 -6.60
C MET F 136 -47.33 -23.86 -5.14
N ALA F 137 -48.32 -23.15 -4.61
CA ALA F 137 -48.26 -22.67 -3.24
C ALA F 137 -48.49 -23.85 -2.31
N LYS F 138 -47.46 -24.22 -1.52
CA LYS F 138 -47.54 -25.39 -0.65
C LYS F 138 -47.85 -25.04 0.82
N THR F 139 -47.43 -23.85 1.31
CA THR F 139 -47.79 -23.39 2.67
C THR F 139 -49.00 -22.44 2.64
N ARG F 140 -49.54 -22.09 3.81
CA ARG F 140 -50.71 -21.21 3.86
C ARG F 140 -50.28 -19.80 3.49
N GLU F 141 -49.16 -19.37 4.04
CA GLU F 141 -48.69 -18.00 3.87
C GLU F 141 -48.55 -17.72 2.39
N GLU F 142 -48.09 -18.71 1.61
CA GLU F 142 -47.97 -18.60 0.16
C GLU F 142 -49.35 -18.61 -0.47
N LYS F 143 -50.18 -19.58 -0.07
CA LYS F 143 -51.49 -19.78 -0.63
C LYS F 143 -52.25 -18.46 -0.52
N VAL F 144 -52.16 -17.80 0.63
CA VAL F 144 -52.83 -16.54 0.87
C VAL F 144 -52.22 -15.45 0.01
N ARG F 145 -50.89 -15.25 0.06
CA ARG F 145 -50.25 -14.24 -0.75
C ARG F 145 -50.76 -14.29 -2.20
N VAL F 146 -50.75 -15.50 -2.79
CA VAL F 146 -51.03 -15.68 -4.20
C VAL F 146 -52.50 -15.39 -4.48
N ALA F 147 -53.39 -15.94 -3.64
CA ALA F 147 -54.82 -15.70 -3.78
C ALA F 147 -55.12 -14.20 -3.79
N LEU F 148 -54.54 -13.45 -2.85
CA LEU F 148 -54.87 -12.04 -2.66
C LEU F 148 -54.44 -11.23 -3.87
N ARG F 149 -53.24 -11.51 -4.36
CA ARG F 149 -52.73 -10.92 -5.58
C ARG F 149 -53.69 -11.16 -6.73
N MET F 150 -54.11 -12.41 -6.89
CA MET F 150 -55.04 -12.75 -7.94
C MET F 150 -56.37 -12.05 -7.74
N TYR F 151 -56.88 -12.05 -6.51
CA TYR F 151 -58.15 -11.40 -6.20
C TYR F 151 -58.09 -9.95 -6.62
N GLU F 152 -57.00 -9.26 -6.26
CA GLU F 152 -56.79 -7.88 -6.67
C GLU F 152 -56.97 -7.77 -8.18
N ARG F 153 -56.22 -8.56 -8.93
CA ARG F 153 -56.23 -8.46 -10.37
C ARG F 153 -57.62 -8.76 -10.95
N LEU F 154 -58.28 -9.79 -10.44
CA LEU F 154 -59.58 -10.23 -10.96
C LEU F 154 -60.63 -9.15 -10.72
N THR F 155 -60.62 -8.51 -9.54
CA THR F 155 -61.66 -7.58 -9.14
C THR F 155 -61.39 -6.20 -9.73
N GLU F 156 -60.14 -5.79 -9.90
CA GLU F 156 -59.85 -4.42 -10.30
C GLU F 156 -59.58 -4.34 -11.80
N HIS F 157 -58.63 -5.10 -12.34
CA HIS F 157 -58.34 -5.11 -13.77
C HIS F 157 -59.45 -5.76 -14.57
N HIS F 158 -60.04 -6.88 -14.14
CA HIS F 158 -61.10 -7.54 -14.91
C HIS F 158 -62.47 -7.14 -14.44
N GLY F 159 -62.58 -6.61 -13.24
CA GLY F 159 -63.89 -6.24 -12.72
C GLY F 159 -64.83 -7.43 -12.48
N LEU F 160 -64.29 -8.60 -12.18
CA LEU F 160 -65.13 -9.72 -11.82
C LEU F 160 -65.68 -9.50 -10.41
N ARG F 161 -66.86 -10.06 -10.20
CA ARG F 161 -67.55 -9.98 -8.92
C ARG F 161 -66.96 -11.09 -8.05
N PRO F 162 -66.84 -10.89 -6.72
CA PRO F 162 -66.41 -11.95 -5.79
C PRO F 162 -67.13 -13.26 -6.00
N GLU F 163 -68.45 -13.14 -6.16
CA GLU F 163 -69.33 -14.29 -6.30
C GLU F 163 -69.00 -15.08 -7.57
N ASP F 164 -68.37 -14.50 -8.58
CA ASP F 164 -67.97 -15.22 -9.79
C ASP F 164 -66.69 -16.07 -9.63
N LEU F 165 -66.01 -16.02 -8.46
CA LEU F 165 -64.73 -16.69 -8.24
C LEU F 165 -64.82 -17.97 -7.40
N LEU F 166 -63.93 -18.93 -7.71
CA LEU F 166 -63.70 -20.14 -6.92
C LEU F 166 -62.19 -20.35 -6.74
N PHE F 167 -61.68 -20.16 -5.51
CA PHE F 167 -60.27 -20.35 -5.27
C PHE F 167 -59.98 -21.83 -4.96
N ASP F 168 -59.02 -22.41 -5.74
CA ASP F 168 -58.64 -23.82 -5.63
C ASP F 168 -57.72 -24.08 -4.46
N LEU F 169 -56.92 -23.08 -4.04
CA LEU F 169 -55.89 -23.33 -3.02
C LEU F 169 -55.16 -24.51 -3.59
N LEU F 170 -54.72 -25.53 -2.85
CA LEU F 170 -54.46 -26.77 -3.61
C LEU F 170 -54.73 -28.07 -2.82
N THR F 171 -54.96 -29.19 -3.55
CA THR F 171 -55.15 -30.45 -2.85
C THR F 171 -53.98 -31.40 -3.16
N PHE F 172 -53.12 -31.62 -2.14
CA PHE F 172 -52.00 -32.53 -2.35
C PHE F 172 -52.19 -33.88 -1.67
N PRO F 173 -51.67 -34.98 -2.24
CA PRO F 173 -51.68 -36.25 -1.55
C PRO F 173 -50.78 -36.26 -0.33
N ILE F 174 -51.31 -36.84 0.75
CA ILE F 174 -50.63 -36.96 2.02
C ILE F 174 -50.37 -38.41 2.37
N THR F 175 -50.44 -39.30 1.38
CA THR F 175 -50.63 -40.73 1.65
C THR F 175 -49.48 -41.56 1.10
N GLN F 176 -48.67 -40.96 0.23
CA GLN F 176 -47.72 -41.70 -0.55
C GLN F 176 -46.49 -41.94 0.31
N GLY F 177 -46.42 -41.33 1.50
CA GLY F 177 -45.45 -41.78 2.51
C GLY F 177 -44.22 -40.91 2.59
N ASP F 178 -43.96 -40.05 1.59
CA ASP F 178 -42.83 -39.11 1.65
C ASP F 178 -42.99 -38.10 2.79
N GLU F 179 -41.90 -37.72 3.41
CA GLU F 179 -41.96 -36.88 4.60
C GLU F 179 -42.46 -35.49 4.25
N GLU F 180 -42.16 -35.04 3.03
CA GLU F 180 -42.29 -33.65 2.65
C GLU F 180 -43.76 -33.27 2.59
N SER F 181 -44.68 -34.22 2.36
CA SER F 181 -46.05 -33.82 2.11
C SER F 181 -47.00 -34.09 3.29
N ARG F 182 -46.46 -34.26 4.49
CA ARG F 182 -47.29 -34.57 5.65
C ARG F 182 -48.30 -33.47 5.95
N PRO F 183 -47.91 -32.19 5.88
CA PRO F 183 -48.79 -31.09 6.21
C PRO F 183 -49.53 -30.33 5.13
N LEU F 184 -49.56 -30.88 3.92
CA LEU F 184 -50.03 -30.08 2.81
C LEU F 184 -51.56 -30.01 2.71
N ALA F 185 -52.24 -30.94 3.43
CA ALA F 185 -53.67 -30.82 3.57
C ALA F 185 -53.96 -29.76 4.61
N LYS F 186 -53.28 -29.86 5.74
CA LYS F 186 -53.46 -28.89 6.83
C LYS F 186 -53.28 -27.46 6.34
N GLU F 187 -52.24 -27.22 5.54
CA GLU F 187 -51.90 -25.89 5.08
C GLU F 187 -53.02 -25.31 4.23
N THR F 188 -53.62 -26.15 3.39
CA THR F 188 -54.74 -25.71 2.56
C THR F 188 -55.92 -25.31 3.46
N LEU F 189 -56.25 -26.14 4.45
CA LEU F 189 -57.38 -25.86 5.32
C LEU F 189 -57.17 -24.56 6.10
N LEU F 190 -55.98 -24.31 6.60
CA LEU F 190 -55.74 -23.06 7.30
C LEU F 190 -55.84 -21.86 6.39
N ALA F 191 -55.31 -21.95 5.19
CA ALA F 191 -55.42 -20.84 4.25
C ALA F 191 -56.87 -20.53 3.94
N MET F 192 -57.67 -21.59 3.78
CA MET F 192 -59.07 -21.44 3.42
C MET F 192 -59.77 -20.67 4.52
N GLU F 193 -59.49 -21.01 5.78
CA GLU F 193 -60.10 -20.34 6.91
C GLU F 193 -59.72 -18.88 6.88
N GLU F 194 -58.44 -18.57 6.68
CA GLU F 194 -57.96 -17.19 6.68
C GLU F 194 -58.63 -16.41 5.57
N LEU F 195 -58.67 -17.01 4.37
CA LEU F 195 -59.13 -16.31 3.18
C LEU F 195 -60.65 -16.14 3.21
N ARG F 196 -61.39 -17.06 3.84
CA ARG F 196 -62.83 -16.89 3.90
C ARG F 196 -63.12 -15.61 4.65
N GLU F 197 -62.33 -15.32 5.69
CA GLU F 197 -62.43 -14.10 6.46
C GLU F 197 -62.01 -12.88 5.64
N ARG F 198 -60.83 -12.92 5.06
CA ARG F 198 -60.30 -11.73 4.39
C ARG F 198 -60.91 -11.43 3.02
N LEU F 199 -61.54 -12.40 2.36
CA LEU F 199 -62.13 -12.21 1.05
C LEU F 199 -63.57 -12.66 1.11
N PRO F 200 -64.47 -11.86 1.73
CA PRO F 200 -65.83 -12.35 1.92
C PRO F 200 -66.47 -12.33 0.53
N GLY F 201 -67.24 -13.38 0.24
CA GLY F 201 -68.06 -13.44 -0.96
C GLY F 201 -67.47 -14.29 -2.06
N VAL F 202 -66.20 -14.65 -1.94
CA VAL F 202 -65.54 -15.54 -2.89
C VAL F 202 -65.88 -16.98 -2.50
N GLY F 203 -65.80 -17.85 -3.49
CA GLY F 203 -66.00 -19.28 -3.29
C GLY F 203 -64.67 -20.00 -3.17
N PHE F 204 -64.75 -21.27 -2.74
CA PHE F 204 -63.60 -22.14 -2.62
C PHE F 204 -63.97 -23.51 -3.17
N VAL F 205 -63.01 -24.11 -3.92
CA VAL F 205 -63.20 -25.44 -4.47
C VAL F 205 -61.92 -26.24 -4.31
N LEU F 206 -62.08 -27.57 -4.19
CA LEU F 206 -60.98 -28.50 -4.02
C LEU F 206 -61.27 -29.76 -4.83
N GLY F 207 -60.22 -30.34 -5.39
CA GLY F 207 -60.29 -31.64 -6.04
C GLY F 207 -60.06 -32.75 -5.03
N VAL F 208 -61.14 -33.10 -4.34
CA VAL F 208 -60.99 -33.68 -3.02
C VAL F 208 -60.24 -35.02 -3.08
N SER F 209 -60.50 -35.80 -4.12
CA SER F 209 -59.95 -37.15 -4.27
C SER F 209 -58.43 -37.21 -4.11
N ASN F 210 -57.72 -36.17 -4.51
CA ASN F 210 -56.28 -36.21 -4.46
C ASN F 210 -55.69 -36.45 -3.09
N VAL F 211 -56.36 -36.02 -2.03
CA VAL F 211 -55.71 -36.06 -0.74
C VAL F 211 -55.29 -37.50 -0.41
N SER F 212 -56.04 -38.47 -0.96
CA SER F 212 -55.95 -39.87 -0.53
C SER F 212 -55.12 -40.74 -1.48
N PHE F 213 -54.53 -40.14 -2.51
CA PHE F 213 -54.00 -40.89 -3.65
C PHE F 213 -53.01 -41.99 -3.26
N GLY F 214 -53.38 -43.20 -3.71
CA GLY F 214 -52.61 -44.43 -3.64
C GLY F 214 -52.82 -45.15 -2.32
N LEU F 215 -54.06 -45.14 -1.86
CA LEU F 215 -54.46 -45.94 -0.72
C LEU F 215 -55.51 -46.90 -1.31
N LYS F 216 -55.81 -47.95 -0.57
CA LYS F 216 -56.82 -48.89 -1.02
C LYS F 216 -58.15 -48.10 -1.09
N PRO F 217 -59.09 -48.54 -1.96
CA PRO F 217 -60.36 -47.87 -2.11
C PRO F 217 -61.14 -47.48 -0.88
N ARG F 218 -61.20 -48.37 0.11
CA ARG F 218 -62.04 -48.13 1.27
C ARG F 218 -61.47 -46.98 2.10
N ALA F 219 -60.13 -46.99 2.21
CA ALA F 219 -59.43 -45.98 2.99
C ALA F 219 -59.58 -44.61 2.35
N ARG F 220 -59.51 -44.58 1.02
CA ARG F 220 -59.69 -43.33 0.31
C ARG F 220 -61.07 -42.74 0.60
N ARG F 221 -62.10 -43.58 0.49
CA ARG F 221 -63.46 -43.09 0.64
C ARG F 221 -63.61 -42.37 1.97
N VAL F 222 -63.03 -42.94 3.01
CA VAL F 222 -63.11 -42.34 4.33
C VAL F 222 -62.31 -41.03 4.36
N LEU F 223 -61.03 -41.09 3.99
CA LEU F 223 -60.17 -39.91 4.08
C LEU F 223 -60.72 -38.79 3.21
N ASN F 224 -61.13 -39.11 1.97
CA ASN F 224 -61.81 -38.16 1.12
C ASN F 224 -63.00 -37.50 1.83
N SER F 225 -63.85 -38.31 2.45
CA SER F 225 -65.08 -37.81 3.01
C SER F 225 -64.82 -36.90 4.22
N VAL F 226 -63.84 -37.28 5.05
CA VAL F 226 -63.53 -36.49 6.23
C VAL F 226 -62.86 -35.17 5.82
N PHE F 227 -62.00 -35.23 4.80
CA PHE F 227 -61.35 -34.02 4.32
C PHE F 227 -62.39 -33.04 3.80
N LEU F 228 -63.33 -33.55 3.00
CA LEU F 228 -64.39 -32.76 2.41
C LEU F 228 -65.12 -32.01 3.50
N ASP F 229 -65.56 -32.73 4.53
CA ASP F 229 -66.27 -32.16 5.65
C ASP F 229 -65.42 -31.05 6.31
N GLU F 230 -64.12 -31.30 6.57
CA GLU F 230 -63.31 -30.34 7.31
C GLU F 230 -63.12 -29.07 6.52
N ALA F 231 -63.05 -29.23 5.19
CA ALA F 231 -62.92 -28.10 4.29
C ALA F 231 -64.21 -27.29 4.26
N ARG F 232 -65.34 -28.00 4.26
CA ARG F 232 -66.64 -27.37 4.30
C ARG F 232 -66.67 -26.45 5.49
N LYS F 233 -66.29 -26.99 6.64
CA LYS F 233 -66.27 -26.26 7.91
C LYS F 233 -65.49 -24.97 7.79
N ARG F 234 -64.47 -24.91 6.92
CA ARG F 234 -63.61 -23.73 6.79
C ARG F 234 -63.91 -22.95 5.51
N GLY F 235 -65.05 -23.21 4.87
CA GLY F 235 -65.61 -22.27 3.91
C GLY F 235 -65.75 -22.84 2.50
N LEU F 236 -65.57 -24.16 2.36
CA LEU F 236 -65.63 -24.75 1.03
C LEU F 236 -67.03 -24.57 0.49
N THR F 237 -67.17 -24.18 -0.78
CA THR F 237 -68.45 -23.97 -1.42
C THR F 237 -68.69 -25.02 -2.50
N ALA F 238 -67.65 -25.45 -3.20
CA ALA F 238 -67.76 -26.44 -4.24
C ALA F 238 -66.71 -27.53 -4.01
N ALA F 239 -66.90 -28.66 -4.69
CA ALA F 239 -66.00 -29.79 -4.53
C ALA F 239 -66.05 -30.67 -5.77
N ILE F 240 -64.86 -30.98 -6.28
CA ILE F 240 -64.77 -31.90 -7.39
C ILE F 240 -64.51 -33.31 -6.83
N VAL F 241 -65.60 -34.08 -6.81
CA VAL F 241 -65.67 -35.34 -6.09
C VAL F 241 -66.29 -36.39 -6.98
N ASP F 242 -66.24 -37.63 -6.50
CA ASP F 242 -67.10 -38.69 -7.01
C ASP F 242 -68.37 -38.72 -6.17
N ALA F 243 -69.45 -38.08 -6.65
CA ALA F 243 -70.64 -37.85 -5.83
C ALA F 243 -71.12 -39.15 -5.18
N GLY F 244 -70.98 -40.26 -5.92
CA GLY F 244 -71.55 -41.53 -5.50
C GLY F 244 -70.75 -42.23 -4.40
N LYS F 245 -69.60 -41.70 -4.03
CA LYS F 245 -68.72 -42.37 -3.09
C LYS F 245 -68.19 -41.38 -2.06
N ILE F 246 -69.10 -40.54 -1.53
CA ILE F 246 -68.75 -39.64 -0.41
C ILE F 246 -69.67 -40.03 0.71
N LEU F 247 -69.12 -40.38 1.85
CA LEU F 247 -69.87 -40.90 2.97
C LEU F 247 -70.12 -39.73 3.89
N PRO F 248 -71.31 -39.64 4.55
CA PRO F 248 -71.50 -38.61 5.57
C PRO F 248 -70.74 -39.12 6.80
N ILE F 249 -70.25 -38.17 7.60
CA ILE F 249 -69.40 -38.42 8.77
C ILE F 249 -70.11 -39.33 9.77
N SER F 250 -71.45 -39.22 9.79
CA SER F 250 -72.31 -40.01 10.64
C SER F 250 -72.22 -41.50 10.33
N GLN F 251 -71.72 -41.88 9.16
CA GLN F 251 -71.59 -43.29 8.76
C GLN F 251 -70.15 -43.80 8.77
N ILE F 252 -69.23 -43.04 9.39
CA ILE F 252 -67.84 -43.44 9.47
C ILE F 252 -67.54 -43.84 10.91
N PRO F 253 -67.02 -45.05 11.14
CA PRO F 253 -66.63 -45.51 12.47
C PRO F 253 -65.76 -44.54 13.25
N GLU F 254 -65.96 -44.47 14.57
CA GLU F 254 -65.44 -43.35 15.36
C GLU F 254 -63.91 -43.35 15.35
N GLU F 255 -63.36 -44.56 15.34
CA GLU F 255 -61.90 -44.75 15.32
C GLU F 255 -61.35 -44.27 13.99
N ALA F 256 -61.98 -44.70 12.90
CA ALA F 256 -61.54 -44.30 11.57
C ALA F 256 -61.64 -42.78 11.40
N TYR F 257 -62.68 -42.14 11.95
CA TYR F 257 -62.87 -40.69 11.87
C TYR F 257 -61.69 -40.02 12.54
N ALA F 258 -61.37 -40.45 13.78
CA ALA F 258 -60.27 -39.84 14.51
C ALA F 258 -58.95 -40.07 13.76
N LEU F 259 -58.75 -41.28 13.24
CA LEU F 259 -57.54 -41.58 12.50
C LEU F 259 -57.42 -40.74 11.24
N ALA F 260 -58.52 -40.47 10.57
CA ALA F 260 -58.50 -39.64 9.38
C ALA F 260 -58.09 -38.22 9.75
N LEU F 261 -58.57 -37.74 10.91
CA LEU F 261 -58.21 -36.40 11.35
C LEU F 261 -56.72 -36.36 11.71
N ASP F 262 -56.27 -37.36 12.49
CA ASP F 262 -54.86 -37.52 12.84
C ASP F 262 -54.00 -37.34 11.58
N LEU F 263 -54.41 -37.96 10.44
CA LEU F 263 -53.67 -37.94 9.19
C LEU F 263 -53.73 -36.57 8.49
N ILE F 264 -54.93 -36.00 8.42
CA ILE F 264 -55.15 -34.74 7.75
C ILE F 264 -54.38 -33.59 8.45
N TYR F 265 -54.38 -33.59 9.79
CA TYR F 265 -53.77 -32.50 10.54
C TYR F 265 -52.38 -32.89 11.07
N ASP F 266 -51.91 -34.09 10.71
CA ASP F 266 -50.55 -34.53 10.96
C ASP F 266 -50.27 -34.46 12.46
N ARG F 267 -51.09 -35.19 13.24
CA ARG F 267 -51.09 -35.12 14.69
C ARG F 267 -50.11 -36.15 15.20
N ARG F 268 -48.81 -35.96 14.91
CA ARG F 268 -47.80 -36.90 15.35
C ARG F 268 -47.67 -36.83 16.87
N LYS F 269 -47.58 -38.00 17.53
CA LYS F 269 -47.27 -38.05 18.94
C LYS F 269 -46.29 -39.20 19.14
N GLU F 270 -45.93 -39.50 20.41
CA GLU F 270 -45.20 -40.70 20.78
C GLU F 270 -45.92 -41.94 20.20
N GLY F 271 -45.19 -42.71 19.39
CA GLY F 271 -45.48 -44.13 19.16
C GLY F 271 -46.58 -44.38 18.11
N PHE F 272 -46.78 -43.40 17.21
CA PHE F 272 -47.93 -43.42 16.33
C PHE F 272 -47.56 -42.73 15.03
N ASP F 273 -47.84 -43.41 13.91
CA ASP F 273 -47.70 -42.75 12.62
C ASP F 273 -49.07 -42.66 11.98
N PRO F 274 -49.68 -41.45 11.87
CA PRO F 274 -51.09 -41.33 11.45
C PRO F 274 -51.44 -42.15 10.22
N LEU F 275 -50.62 -41.98 9.19
CA LEU F 275 -50.85 -42.58 7.90
C LEU F 275 -50.94 -44.09 8.04
N LEU F 276 -49.92 -44.67 8.65
CA LEU F 276 -49.78 -46.12 8.74
C LEU F 276 -50.90 -46.70 9.61
N ALA F 277 -51.26 -45.99 10.68
CA ALA F 277 -52.33 -46.41 11.57
C ALA F 277 -53.67 -46.38 10.86
N PHE F 278 -53.87 -45.33 10.06
CA PHE F 278 -55.08 -45.17 9.28
C PHE F 278 -55.16 -46.30 8.26
N MET F 279 -54.04 -46.68 7.63
CA MET F 279 -54.05 -47.73 6.64
C MET F 279 -54.36 -49.08 7.31
N ALA F 280 -53.70 -49.31 8.44
CA ALA F 280 -53.84 -50.53 9.20
C ALA F 280 -55.29 -50.78 9.62
N TYR F 281 -56.03 -49.72 9.94
CA TYR F 281 -57.41 -49.85 10.38
C TYR F 281 -58.26 -50.66 9.40
N PHE F 282 -58.01 -50.50 8.09
CA PHE F 282 -58.82 -51.10 7.05
C PHE F 282 -58.40 -52.55 6.82
N GLU F 283 -57.17 -52.91 7.25
CA GLU F 283 -56.75 -54.30 7.16
C GLU F 283 -57.39 -55.06 8.32
N ALA F 284 -57.48 -54.41 9.46
CA ALA F 284 -57.85 -55.01 10.73
C ALA F 284 -59.33 -55.21 10.80
N HIS F 285 -60.10 -54.15 10.52
CA HIS F 285 -61.55 -54.25 10.42
C HIS F 285 -61.88 -54.73 9.00
N LYS F 286 -62.24 -56.01 8.88
CA LYS F 286 -62.65 -56.60 7.62
C LYS F 286 -64.04 -56.11 7.22
N GLU F 287 -64.40 -56.26 5.93
CA GLU F 287 -65.75 -55.94 5.47
C GLU F 287 -66.71 -57.12 5.75
N ASP F 288 -67.97 -56.89 5.39
CA ASP F 288 -69.09 -57.83 5.42
C ASP F 288 -68.70 -59.15 4.72
N PRO F 289 -68.93 -60.34 5.33
CA PRO F 289 -68.54 -61.62 4.73
C PRO F 289 -69.02 -61.82 3.30
N GLY F 290 -70.26 -61.37 3.01
CA GLY F 290 -70.86 -61.41 1.69
C GLY F 290 -70.10 -60.56 0.66
N LYS F 291 -69.70 -59.34 1.06
CA LYS F 291 -68.92 -58.44 0.21
C LYS F 291 -67.58 -59.11 -0.12
N ARG F 292 -66.93 -59.72 0.90
CA ARG F 292 -65.63 -60.35 0.72
C ARG F 292 -65.71 -61.53 -0.22
N GLU F 293 -66.73 -62.40 -0.11
CA GLU F 293 -66.93 -63.52 -1.03
C GLU F 293 -66.97 -63.06 -2.49
N ASP F 294 -67.71 -61.98 -2.80
CA ASP F 294 -67.85 -61.44 -4.15
C ASP F 294 -66.50 -60.87 -4.63
N ALA F 295 -65.85 -60.11 -3.74
CA ALA F 295 -64.54 -59.53 -3.99
C ALA F 295 -63.53 -60.61 -4.35
N PHE F 296 -63.62 -61.75 -3.67
CA PHE F 296 -62.73 -62.90 -3.84
C PHE F 296 -62.94 -63.48 -5.23
N LEU F 297 -64.20 -63.83 -5.56
CA LEU F 297 -64.55 -64.48 -6.83
C LEU F 297 -64.20 -63.58 -8.01
N ALA F 298 -64.18 -62.27 -7.80
CA ALA F 298 -63.79 -61.31 -8.82
C ALA F 298 -62.28 -61.29 -9.11
N LEU F 299 -61.43 -61.83 -8.23
CA LEU F 299 -59.98 -61.78 -8.40
C LEU F 299 -59.53 -62.54 -9.65
N PRO F 300 -58.40 -62.17 -10.30
CA PRO F 300 -57.77 -62.98 -11.37
C PRO F 300 -57.38 -64.39 -10.88
N LEU F 301 -57.10 -65.29 -11.81
CA LEU F 301 -56.99 -66.71 -11.51
C LEU F 301 -55.84 -66.94 -10.56
N LEU F 302 -54.65 -66.42 -10.90
CA LEU F 302 -53.47 -66.76 -10.12
C LEU F 302 -53.63 -66.10 -8.74
N GLU F 303 -54.08 -64.82 -8.72
CA GLU F 303 -54.30 -64.10 -7.46
C GLU F 303 -55.33 -64.82 -6.59
N ARG F 304 -56.33 -65.48 -7.20
CA ARG F 304 -57.37 -66.18 -6.47
C ARG F 304 -56.78 -67.44 -5.80
N LEU F 305 -55.94 -68.18 -6.51
CA LEU F 305 -55.27 -69.34 -5.96
C LEU F 305 -54.46 -68.96 -4.71
N LYS F 306 -53.70 -67.87 -4.80
CA LYS F 306 -52.98 -67.36 -3.66
C LYS F 306 -53.95 -67.19 -2.50
N ARG F 307 -55.04 -66.45 -2.73
CA ARG F 307 -55.93 -66.06 -1.65
C ARG F 307 -56.60 -67.30 -1.04
N ARG F 308 -56.70 -68.39 -1.82
CA ARG F 308 -57.28 -69.64 -1.32
C ARG F 308 -56.42 -70.19 -0.19
N VAL F 309 -55.10 -70.18 -0.38
CA VAL F 309 -54.18 -70.64 0.64
C VAL F 309 -54.31 -69.77 1.89
N VAL F 310 -54.33 -68.44 1.72
CA VAL F 310 -54.31 -67.54 2.87
C VAL F 310 -55.62 -67.61 3.65
N GLU F 311 -56.75 -67.49 2.94
CA GLU F 311 -58.07 -67.45 3.55
C GLU F 311 -58.54 -68.88 3.83
N GLY F 312 -57.77 -69.89 3.39
CA GLY F 312 -58.03 -71.27 3.73
C GLY F 312 -59.26 -71.82 3.01
N ARG F 313 -59.47 -71.41 1.75
CA ARG F 313 -60.69 -71.65 0.99
C ARG F 313 -60.55 -72.91 0.16
N LYS F 314 -60.99 -74.05 0.73
CA LYS F 314 -60.78 -75.35 0.15
C LYS F 314 -61.69 -75.50 -1.07
N GLN F 315 -62.93 -74.99 -0.97
CA GLN F 315 -63.94 -75.42 -1.89
C GLN F 315 -63.81 -74.68 -3.22
N GLY F 316 -63.71 -75.41 -4.35
CA GLY F 316 -63.54 -74.82 -5.66
C GLY F 316 -62.07 -74.65 -6.04
N LEU F 317 -61.18 -75.34 -5.31
CA LEU F 317 -59.73 -75.25 -5.51
C LEU F 317 -59.36 -76.07 -6.75
N GLU F 318 -59.87 -77.30 -6.81
CA GLU F 318 -59.53 -78.22 -7.88
C GLU F 318 -60.09 -77.66 -9.18
N ALA F 319 -61.22 -76.96 -9.08
CA ALA F 319 -61.79 -76.21 -10.19
C ALA F 319 -60.78 -75.20 -10.73
N ASP F 320 -60.22 -74.39 -9.85
CA ASP F 320 -59.34 -73.28 -10.23
C ASP F 320 -57.99 -73.79 -10.76
N LEU F 321 -57.49 -74.89 -10.17
CA LEU F 321 -56.24 -75.48 -10.61
C LEU F 321 -56.43 -76.06 -12.00
N GLU F 322 -57.54 -76.80 -12.18
CA GLU F 322 -57.95 -77.32 -13.49
C GLU F 322 -57.93 -76.20 -14.52
N GLU F 323 -58.49 -75.02 -14.18
CA GLU F 323 -58.55 -73.88 -15.07
C GLU F 323 -57.17 -73.39 -15.46
N ALA F 324 -56.22 -73.36 -14.51
CA ALA F 324 -54.90 -72.80 -14.75
C ALA F 324 -54.05 -73.77 -15.57
N LEU F 325 -54.27 -75.08 -15.40
CA LEU F 325 -53.62 -76.07 -16.24
C LEU F 325 -54.15 -75.96 -17.67
N LYS F 326 -55.45 -75.59 -17.85
CA LYS F 326 -56.04 -75.41 -19.17
C LYS F 326 -55.37 -74.22 -19.87
N ALA F 327 -55.11 -73.10 -19.19
CA ALA F 327 -54.25 -72.05 -19.74
C ALA F 327 -52.79 -72.52 -19.69
N GLY F 328 -51.82 -71.71 -20.15
CA GLY F 328 -50.43 -72.17 -20.19
C GLY F 328 -49.68 -72.11 -18.85
N HIS F 329 -50.14 -72.85 -17.80
CA HIS F 329 -49.45 -72.81 -16.51
C HIS F 329 -48.94 -74.19 -16.15
N LYS F 330 -47.65 -74.24 -15.75
CA LYS F 330 -46.99 -75.48 -15.38
C LYS F 330 -47.13 -75.73 -13.87
N PRO F 331 -47.36 -76.99 -13.44
CA PRO F 331 -47.48 -77.30 -12.01
C PRO F 331 -46.42 -76.72 -11.08
N LEU F 332 -45.12 -76.91 -11.44
CA LEU F 332 -44.03 -76.42 -10.61
C LEU F 332 -44.18 -74.92 -10.41
N ASP F 333 -44.62 -74.21 -11.48
CA ASP F 333 -44.75 -72.76 -11.49
C ASP F 333 -45.89 -72.32 -10.57
N LEU F 334 -47.00 -73.08 -10.59
CA LEU F 334 -48.14 -72.80 -9.73
C LEU F 334 -47.77 -72.97 -8.25
N ILE F 335 -46.85 -73.90 -7.97
CA ILE F 335 -46.41 -74.11 -6.59
C ILE F 335 -45.43 -73.00 -6.22
N ASN F 336 -44.32 -72.89 -7.01
CA ASN F 336 -43.22 -71.99 -6.67
C ASN F 336 -43.62 -70.53 -6.85
N GLY F 337 -44.84 -70.27 -7.38
CA GLY F 337 -45.35 -68.92 -7.56
C GLY F 337 -46.50 -68.65 -6.61
N PRO F 338 -47.79 -68.70 -7.05
CA PRO F 338 -48.94 -68.23 -6.25
C PRO F 338 -49.27 -68.98 -4.97
N LEU F 339 -49.06 -70.32 -4.98
CA LEU F 339 -49.38 -71.14 -3.83
C LEU F 339 -48.41 -70.89 -2.69
N LEU F 340 -47.11 -71.04 -2.96
CA LEU F 340 -46.11 -70.84 -1.91
C LEU F 340 -46.09 -69.39 -1.45
N ALA F 341 -46.47 -68.46 -2.35
CA ALA F 341 -46.51 -67.04 -2.03
C ALA F 341 -47.61 -66.79 -1.03
N GLY F 342 -48.70 -67.56 -1.16
CA GLY F 342 -49.75 -67.54 -0.15
C GLY F 342 -49.20 -68.00 1.20
N MET F 343 -48.43 -69.07 1.15
CA MET F 343 -47.93 -69.68 2.35
C MET F 343 -46.98 -68.72 3.05
N LYS F 344 -46.20 -67.98 2.27
CA LYS F 344 -45.31 -66.96 2.81
C LYS F 344 -46.09 -65.88 3.53
N GLU F 345 -47.22 -65.42 2.90
CA GLU F 345 -48.07 -64.36 3.44
C GLU F 345 -48.62 -64.79 4.79
N VAL F 346 -49.05 -66.05 4.89
CA VAL F 346 -49.57 -66.59 6.12
C VAL F 346 -48.51 -66.45 7.19
N GLY F 347 -47.27 -66.79 6.84
CA GLY F 347 -46.10 -66.60 7.70
C GLY F 347 -46.06 -65.20 8.30
N ASP F 348 -46.06 -64.21 7.42
CA ASP F 348 -45.92 -62.81 7.80
C ASP F 348 -47.11 -62.36 8.65
N LEU F 349 -48.28 -62.89 8.38
CA LEU F 349 -49.48 -62.52 9.15
C LEU F 349 -49.40 -63.12 10.54
N PHE F 350 -48.90 -64.34 10.63
CA PHE F 350 -48.81 -65.01 11.90
C PHE F 350 -47.75 -64.36 12.75
N GLY F 351 -46.63 -64.03 12.11
CA GLY F 351 -45.51 -63.30 12.68
C GLY F 351 -45.88 -61.92 13.22
N ALA F 352 -46.87 -61.27 12.60
CA ALA F 352 -47.37 -59.97 13.03
C ALA F 352 -48.40 -60.08 14.15
N GLY F 353 -48.85 -61.28 14.47
CA GLY F 353 -49.93 -61.49 15.41
C GLY F 353 -51.31 -61.19 14.83
N LYS F 354 -51.39 -61.10 13.49
CA LYS F 354 -52.55 -60.66 12.73
C LYS F 354 -53.37 -61.85 12.24
N MET F 355 -52.92 -63.07 12.48
CA MET F 355 -53.62 -64.32 12.16
C MET F 355 -53.21 -65.34 13.22
N GLN F 356 -54.25 -66.07 13.69
CA GLN F 356 -54.06 -67.05 14.74
C GLN F 356 -53.55 -68.36 14.17
N LEU F 357 -53.07 -69.23 15.05
CA LEU F 357 -52.34 -70.42 14.64
C LEU F 357 -53.21 -71.39 13.82
N PRO F 358 -54.47 -71.69 14.21
CA PRO F 358 -55.22 -72.66 13.47
C PRO F 358 -55.38 -72.31 11.99
N PHE F 359 -55.42 -71.01 11.68
CA PHE F 359 -55.61 -70.55 10.32
C PHE F 359 -54.36 -70.86 9.51
N VAL F 360 -53.19 -70.87 10.14
CA VAL F 360 -51.94 -71.28 9.53
C VAL F 360 -52.01 -72.74 9.11
N LEU F 361 -52.56 -73.56 10.01
CA LEU F 361 -52.68 -74.98 9.74
C LEU F 361 -53.60 -75.22 8.55
N GLN F 362 -54.71 -74.47 8.52
CA GLN F 362 -55.73 -74.62 7.50
C GLN F 362 -55.18 -74.12 6.17
N ALA F 363 -54.25 -73.18 6.22
CA ALA F 363 -53.58 -72.73 5.02
C ALA F 363 -52.77 -73.89 4.48
N ALA F 364 -52.02 -74.54 5.37
CA ALA F 364 -51.17 -75.63 4.95
C ALA F 364 -52.01 -76.74 4.33
N GLU F 365 -53.20 -76.99 4.88
CA GLU F 365 -54.08 -78.01 4.35
C GLU F 365 -54.47 -77.67 2.91
N VAL F 366 -54.70 -76.39 2.62
CA VAL F 366 -55.05 -75.99 1.26
C VAL F 366 -53.86 -76.25 0.34
N MET F 367 -52.66 -75.88 0.79
CA MET F 367 -51.44 -76.08 0.03
C MET F 367 -51.25 -77.57 -0.31
N LYS F 368 -51.47 -78.46 0.68
CA LYS F 368 -51.22 -79.87 0.51
C LYS F 368 -52.21 -80.50 -0.47
N ARG F 369 -53.48 -80.12 -0.36
CA ARG F 369 -54.49 -80.53 -1.31
C ARG F 369 -54.07 -80.11 -2.69
N ALA F 370 -53.61 -78.85 -2.79
CA ALA F 370 -53.27 -78.25 -4.08
C ALA F 370 -52.15 -79.02 -4.77
N VAL F 371 -51.12 -79.36 -3.98
CA VAL F 371 -49.96 -80.06 -4.50
C VAL F 371 -50.32 -81.51 -4.83
N ALA F 372 -51.19 -82.13 -4.02
CA ALA F 372 -51.67 -83.46 -4.30
C ALA F 372 -52.36 -83.49 -5.66
N TYR F 373 -53.20 -82.51 -5.97
CA TYR F 373 -53.90 -82.46 -7.24
C TYR F 373 -52.96 -82.16 -8.40
N LEU F 374 -51.85 -81.45 -8.15
CA LEU F 374 -50.91 -81.08 -9.21
C LEU F 374 -49.87 -82.16 -9.48
N GLU F 375 -49.62 -83.06 -8.52
CA GLU F 375 -48.51 -84.01 -8.59
C GLU F 375 -48.61 -84.90 -9.84
N PRO F 376 -49.80 -85.37 -10.25
CA PRO F 376 -49.93 -86.18 -11.46
C PRO F 376 -49.61 -85.44 -12.75
N HIS F 377 -49.69 -84.11 -12.76
CA HIS F 377 -49.51 -83.35 -13.98
C HIS F 377 -48.05 -82.92 -14.13
N MET F 378 -47.15 -83.34 -13.23
CA MET F 378 -45.76 -82.90 -13.28
C MET F 378 -44.94 -83.83 -14.18
N GLU F 379 -43.86 -83.29 -14.77
CA GLU F 379 -43.07 -84.08 -15.72
C GLU F 379 -42.29 -85.15 -14.97
N LYS F 380 -42.18 -86.36 -15.55
CA LYS F 380 -41.51 -87.48 -14.90
C LYS F 380 -40.32 -87.94 -15.76
N LYS F 381 -39.15 -87.36 -15.52
CA LYS F 381 -37.95 -87.53 -16.33
C LYS F 381 -36.94 -88.43 -15.63
N GLY F 382 -36.45 -89.49 -16.32
CA GLY F 382 -35.45 -90.38 -15.77
C GLY F 382 -36.05 -91.37 -14.77
N GLU F 383 -35.36 -92.48 -14.48
CA GLU F 383 -35.83 -93.46 -13.52
C GLU F 383 -34.67 -94.22 -12.86
N GLY F 384 -34.75 -94.43 -11.55
CA GLY F 384 -33.84 -95.31 -10.81
C GLY F 384 -32.39 -94.84 -10.77
N LYS F 385 -32.15 -93.51 -10.68
CA LYS F 385 -30.80 -92.98 -10.67
C LYS F 385 -30.10 -93.15 -9.32
N GLY F 386 -30.87 -93.39 -8.26
CA GLY F 386 -30.34 -93.61 -6.92
C GLY F 386 -31.40 -93.38 -5.85
N THR F 387 -31.00 -93.41 -4.58
CA THR F 387 -31.91 -93.41 -3.45
C THR F 387 -31.52 -92.38 -2.39
N LEU F 388 -32.53 -91.76 -1.77
CA LEU F 388 -32.38 -90.76 -0.74
C LEU F 388 -33.30 -91.10 0.42
N VAL F 389 -32.78 -91.20 1.63
CA VAL F 389 -33.56 -91.21 2.84
C VAL F 389 -33.72 -89.78 3.32
N LEU F 390 -34.96 -89.37 3.48
CA LEU F 390 -35.31 -87.98 3.74
C LEU F 390 -36.21 -87.89 4.96
N ALA F 391 -35.96 -86.91 5.82
CA ALA F 391 -36.70 -86.82 7.07
C ALA F 391 -36.58 -85.44 7.67
N THR F 392 -37.60 -85.09 8.47
CA THR F 392 -37.56 -83.91 9.30
C THR F 392 -37.04 -84.32 10.65
N VAL F 393 -36.14 -83.53 11.24
CA VAL F 393 -35.40 -83.99 12.40
C VAL F 393 -36.24 -83.84 13.68
N LYS F 394 -35.67 -84.38 14.78
CA LYS F 394 -36.33 -84.41 16.08
C LYS F 394 -36.95 -83.05 16.40
N GLY F 395 -38.23 -83.12 16.78
CA GLY F 395 -38.93 -81.99 17.33
C GLY F 395 -39.40 -80.98 16.27
N ALA F 396 -39.26 -81.28 14.97
CA ALA F 396 -39.56 -80.28 13.94
C ALA F 396 -40.75 -80.75 13.14
N VAL F 397 -41.68 -79.80 12.89
CA VAL F 397 -43.02 -80.16 12.46
C VAL F 397 -43.30 -79.66 11.04
N HIS F 398 -42.55 -78.69 10.54
CA HIS F 398 -42.79 -78.16 9.22
C HIS F 398 -42.27 -79.17 8.22
N ASP F 399 -43.07 -79.44 7.19
CA ASP F 399 -42.67 -80.47 6.27
C ASP F 399 -43.14 -80.18 4.84
N ILE F 400 -43.52 -78.93 4.55
CA ILE F 400 -43.97 -78.71 3.18
C ILE F 400 -42.72 -78.65 2.31
N GLY F 401 -41.65 -78.13 2.91
CA GLY F 401 -40.38 -78.10 2.22
C GLY F 401 -39.91 -79.51 1.88
N LYS F 402 -39.77 -80.32 2.94
CA LYS F 402 -39.35 -81.69 2.79
C LYS F 402 -40.13 -82.34 1.63
N ASN F 403 -41.45 -82.20 1.66
CA ASN F 403 -42.30 -82.89 0.71
C ASN F 403 -42.09 -82.40 -0.72
N LEU F 404 -41.74 -81.13 -0.88
CA LEU F 404 -41.46 -80.66 -2.22
C LEU F 404 -40.20 -81.33 -2.74
N VAL F 405 -39.23 -81.54 -1.84
CA VAL F 405 -37.97 -82.18 -2.19
C VAL F 405 -38.27 -83.58 -2.69
N ASP F 406 -39.12 -84.30 -1.93
CA ASP F 406 -39.57 -85.65 -2.28
C ASP F 406 -40.14 -85.67 -3.70
N ILE F 407 -41.08 -84.76 -3.97
CA ILE F 407 -41.77 -84.74 -5.25
C ILE F 407 -40.77 -84.52 -6.38
N ILE F 408 -39.93 -83.50 -6.22
CA ILE F 408 -39.07 -83.06 -7.28
C ILE F 408 -38.02 -84.13 -7.59
N LEU F 409 -37.39 -84.67 -6.54
CA LEU F 409 -36.41 -85.71 -6.75
C LEU F 409 -37.06 -86.96 -7.31
N SER F 410 -38.27 -87.31 -6.79
CA SER F 410 -38.99 -88.48 -7.26
C SER F 410 -39.24 -88.36 -8.75
N ASN F 411 -39.59 -87.14 -9.19
CA ASN F 411 -39.94 -86.90 -10.58
C ASN F 411 -38.71 -86.87 -11.47
N ASN F 412 -37.52 -86.60 -10.90
CA ASN F 412 -36.29 -86.60 -11.68
C ASN F 412 -35.52 -87.92 -11.52
N GLY F 413 -36.25 -89.00 -11.15
CA GLY F 413 -35.76 -90.36 -11.27
C GLY F 413 -35.05 -90.88 -10.02
N TYR F 414 -35.33 -90.29 -8.84
CA TYR F 414 -34.75 -90.77 -7.60
C TYR F 414 -35.80 -91.50 -6.78
N ARG F 415 -35.37 -92.54 -6.07
CA ARG F 415 -36.17 -93.19 -5.05
C ARG F 415 -36.02 -92.36 -3.79
N VAL F 416 -37.14 -91.85 -3.26
CA VAL F 416 -37.09 -91.09 -2.03
C VAL F 416 -37.84 -91.86 -0.94
N VAL F 417 -37.15 -92.20 0.13
CA VAL F 417 -37.74 -92.83 1.29
C VAL F 417 -38.03 -91.77 2.36
N ASN F 418 -39.29 -91.35 2.42
CA ASN F 418 -39.71 -90.20 3.20
C ASN F 418 -40.13 -90.67 4.58
N LEU F 419 -39.31 -90.42 5.62
CA LEU F 419 -39.58 -90.93 6.95
C LEU F 419 -40.56 -90.06 7.74
N GLY F 420 -41.11 -89.02 7.14
CA GLY F 420 -42.08 -88.20 7.85
C GLY F 420 -41.34 -87.26 8.79
N ILE F 421 -41.95 -86.92 9.94
CA ILE F 421 -41.43 -85.83 10.77
C ILE F 421 -40.98 -86.33 12.13
N LYS F 422 -40.28 -85.47 12.87
CA LYS F 422 -39.83 -85.70 14.23
C LYS F 422 -38.96 -86.96 14.36
N VAL F 423 -38.25 -87.30 13.28
CA VAL F 423 -37.56 -88.56 13.15
C VAL F 423 -36.21 -88.49 13.88
N PRO F 424 -35.97 -89.38 14.86
CA PRO F 424 -34.69 -89.40 15.57
C PRO F 424 -33.62 -89.98 14.67
N ILE F 425 -32.37 -89.65 15.01
CA ILE F 425 -31.25 -90.08 14.22
C ILE F 425 -31.18 -91.61 14.17
N GLU F 426 -31.57 -92.26 15.26
CA GLU F 426 -31.61 -93.71 15.38
C GLU F 426 -32.44 -94.27 14.23
N GLU F 427 -33.67 -93.76 14.11
CA GLU F 427 -34.62 -94.24 13.13
C GLU F 427 -34.12 -93.93 11.71
N ILE F 428 -33.48 -92.77 11.51
CA ILE F 428 -32.94 -92.40 10.20
C ILE F 428 -31.92 -93.42 9.76
N LEU F 429 -30.95 -93.70 10.62
CA LEU F 429 -29.88 -94.63 10.31
C LEU F 429 -30.39 -96.08 10.15
N LYS F 430 -31.51 -96.40 10.83
CA LYS F 430 -32.14 -97.70 10.67
C LYS F 430 -32.60 -97.90 9.24
N ALA F 431 -33.18 -96.84 8.70
CA ALA F 431 -33.59 -96.77 7.30
C ALA F 431 -32.41 -96.68 6.36
N VAL F 432 -31.29 -96.10 6.79
CA VAL F 432 -30.09 -96.08 5.99
C VAL F 432 -29.64 -97.52 5.80
N GLU F 433 -29.64 -98.31 6.91
CA GLU F 433 -29.16 -99.67 6.84
C GLU F 433 -30.08 -100.47 5.93
N ALA F 434 -31.39 -100.27 6.09
CA ALA F 434 -32.38 -101.00 5.32
C ALA F 434 -32.31 -100.69 3.81
N HIS F 435 -32.30 -99.42 3.41
CA HIS F 435 -32.54 -99.03 2.02
C HIS F 435 -31.26 -98.66 1.27
N LYS F 436 -30.12 -98.66 1.97
CA LYS F 436 -28.80 -98.49 1.37
C LYS F 436 -28.82 -97.26 0.46
N PRO F 437 -29.13 -96.06 0.97
CA PRO F 437 -29.29 -94.89 0.11
C PRO F 437 -27.95 -94.28 -0.23
N HIS F 438 -27.99 -93.40 -1.23
CA HIS F 438 -26.83 -92.67 -1.71
C HIS F 438 -26.60 -91.43 -0.86
N ALA F 439 -27.66 -90.93 -0.20
CA ALA F 439 -27.52 -89.80 0.71
C ALA F 439 -28.65 -89.77 1.73
N VAL F 440 -28.47 -88.93 2.75
CA VAL F 440 -29.53 -88.67 3.71
C VAL F 440 -29.85 -87.18 3.64
N GLY F 441 -31.15 -86.88 3.66
CA GLY F 441 -31.59 -85.51 3.69
C GLY F 441 -32.28 -85.25 5.03
N MET F 442 -31.90 -84.12 5.63
CA MET F 442 -32.45 -83.74 6.92
C MET F 442 -33.04 -82.32 6.78
N SER F 443 -34.37 -82.18 6.96
CA SER F 443 -35.03 -80.87 6.94
C SER F 443 -35.24 -80.39 8.36
N GLY F 444 -35.41 -79.06 8.48
CA GLY F 444 -35.75 -78.45 9.76
C GLY F 444 -35.70 -76.94 9.65
N LEU F 445 -36.69 -76.25 10.18
CA LEU F 445 -36.83 -74.83 9.84
C LEU F 445 -36.35 -73.94 10.95
N LEU F 446 -36.62 -74.28 12.21
CA LEU F 446 -36.27 -73.38 13.29
C LEU F 446 -34.79 -73.51 13.62
N VAL F 447 -34.32 -72.59 14.46
CA VAL F 447 -32.91 -72.62 14.80
C VAL F 447 -32.64 -73.89 15.62
N LYS F 448 -33.56 -74.21 16.55
CA LYS F 448 -33.41 -75.38 17.38
C LYS F 448 -33.09 -76.61 16.52
N SER F 449 -33.74 -76.69 15.36
CA SER F 449 -33.68 -77.85 14.48
C SER F 449 -32.30 -77.96 13.83
N THR F 450 -31.58 -76.84 13.72
CA THR F 450 -30.23 -76.89 13.18
C THR F 450 -29.27 -77.50 14.21
N LEU F 451 -29.57 -77.31 15.49
CA LEU F 451 -28.73 -77.85 16.55
C LEU F 451 -28.89 -79.36 16.63
N VAL F 452 -30.12 -79.81 16.36
CA VAL F 452 -30.39 -81.22 16.21
C VAL F 452 -29.59 -81.78 15.04
N MET F 453 -29.54 -81.03 13.95
CA MET F 453 -28.77 -81.48 12.80
C MET F 453 -27.32 -81.70 13.21
N LYS F 454 -26.79 -80.78 14.02
CA LYS F 454 -25.43 -80.87 14.48
C LYS F 454 -25.26 -82.14 15.30
N GLU F 455 -26.16 -82.37 16.26
CA GLU F 455 -26.14 -83.57 17.08
C GLU F 455 -26.19 -84.81 16.19
N ASN F 456 -27.09 -84.83 15.23
CA ASN F 456 -27.25 -85.94 14.32
C ASN F 456 -25.92 -86.23 13.62
N LEU F 457 -25.23 -85.21 13.18
CA LEU F 457 -23.93 -85.41 12.55
C LEU F 457 -22.90 -85.94 13.56
N GLU F 458 -22.92 -85.41 14.78
CA GLU F 458 -22.05 -85.92 15.83
C GLU F 458 -22.27 -87.41 15.96
N TYR F 459 -23.55 -87.80 16.11
CA TYR F 459 -23.93 -89.20 16.29
C TYR F 459 -23.41 -90.05 15.13
N MET F 460 -23.68 -89.63 13.90
CA MET F 460 -23.29 -90.38 12.71
C MET F 460 -21.77 -90.54 12.63
N ARG F 461 -21.02 -89.47 12.99
CA ARG F 461 -19.56 -89.47 12.95
C ARG F 461 -19.03 -90.55 13.87
N ASP F 462 -19.65 -90.62 15.06
CA ASP F 462 -19.20 -91.47 16.14
C ASP F 462 -19.42 -92.95 15.84
N ARG F 463 -20.34 -93.25 14.91
CA ARG F 463 -20.62 -94.63 14.51
C ARG F 463 -20.11 -94.89 13.09
N GLY F 464 -19.13 -94.10 12.64
CA GLY F 464 -18.32 -94.45 11.49
C GLY F 464 -18.96 -94.13 10.14
N TYR F 465 -20.14 -93.53 10.06
CA TYR F 465 -20.77 -93.27 8.77
C TYR F 465 -19.97 -92.22 8.00
N THR F 466 -20.05 -92.27 6.65
CA THR F 466 -19.44 -91.24 5.79
C THR F 466 -20.29 -90.91 4.57
N LEU F 467 -21.51 -91.41 4.47
CA LEU F 467 -22.34 -91.15 3.31
C LEU F 467 -22.75 -89.67 3.34
N PRO F 468 -22.98 -89.04 2.17
CA PRO F 468 -23.38 -87.65 2.15
C PRO F 468 -24.67 -87.34 2.93
N VAL F 469 -24.66 -86.19 3.62
CA VAL F 469 -25.87 -85.69 4.25
C VAL F 469 -26.14 -84.30 3.67
N ILE F 470 -27.36 -84.16 3.14
CA ILE F 470 -27.82 -82.88 2.62
C ILE F 470 -28.76 -82.27 3.66
N LEU F 471 -28.39 -81.06 4.11
CA LEU F 471 -29.18 -80.36 5.12
C LEU F 471 -29.90 -79.22 4.44
N GLY F 472 -31.16 -79.00 4.86
CA GLY F 472 -31.97 -77.92 4.32
C GLY F 472 -32.89 -77.33 5.37
N GLY F 473 -33.27 -76.07 5.18
CA GLY F 473 -34.08 -75.37 6.14
C GLY F 473 -33.89 -73.88 6.01
N ALA F 474 -34.82 -73.18 6.64
CA ALA F 474 -34.82 -71.75 6.62
C ALA F 474 -33.60 -71.23 7.37
N ALA F 475 -33.56 -71.53 8.66
CA ALA F 475 -32.59 -70.94 9.54
C ALA F 475 -31.19 -71.48 9.25
N LEU F 476 -31.13 -72.55 8.44
CA LEU F 476 -29.84 -73.06 8.03
C LEU F 476 -29.20 -72.02 7.14
N THR F 477 -27.89 -71.82 7.33
CA THR F 477 -27.08 -70.95 6.48
C THR F 477 -25.93 -71.78 5.91
N ARG F 478 -25.45 -71.48 4.71
CA ARG F 478 -24.34 -72.25 4.16
C ARG F 478 -23.10 -72.15 5.06
N SER F 479 -22.87 -70.95 5.59
CA SER F 479 -21.76 -70.63 6.47
C SER F 479 -21.73 -71.59 7.66
N TYR F 480 -22.91 -71.88 8.22
CA TYR F 480 -23.06 -72.72 9.39
C TYR F 480 -22.82 -74.18 9.05
N VAL F 481 -23.32 -74.61 7.89
CA VAL F 481 -23.10 -75.98 7.46
C VAL F 481 -21.63 -76.17 7.15
N GLU F 482 -20.93 -75.14 6.65
CA GLU F 482 -19.49 -75.22 6.50
C GLU F 482 -18.82 -75.61 7.82
N GLU F 483 -19.21 -75.01 8.96
CA GLU F 483 -18.65 -75.37 10.26
C GLU F 483 -18.95 -76.82 10.59
N LEU F 484 -20.15 -77.28 10.27
CA LEU F 484 -20.50 -78.65 10.60
C LEU F 484 -19.56 -79.64 9.93
N ARG F 485 -18.88 -79.25 8.85
CA ARG F 485 -18.00 -80.17 8.15
C ARG F 485 -16.83 -80.61 9.02
N ALA F 486 -16.47 -79.81 10.03
CA ALA F 486 -15.49 -80.18 11.03
C ALA F 486 -15.92 -81.38 11.86
N ILE F 487 -17.24 -81.58 11.99
CA ILE F 487 -17.78 -82.78 12.62
C ILE F 487 -17.87 -83.92 11.60
N TYR F 488 -18.57 -83.65 10.50
CA TYR F 488 -18.89 -84.61 9.46
C TYR F 488 -18.50 -84.00 8.12
N PRO F 489 -17.46 -84.49 7.43
CA PRO F 489 -16.93 -83.77 6.29
C PRO F 489 -17.80 -83.76 5.02
N ASN F 490 -18.76 -84.69 4.91
CA ASN F 490 -19.67 -84.77 3.76
C ASN F 490 -21.04 -84.17 4.06
N VAL F 491 -21.07 -82.92 4.53
CA VAL F 491 -22.37 -82.28 4.61
C VAL F 491 -22.46 -81.31 3.42
N TYR F 492 -23.70 -81.06 2.99
CA TYR F 492 -23.96 -80.04 1.98
C TYR F 492 -25.16 -79.21 2.38
N TYR F 493 -25.07 -77.90 2.12
CA TYR F 493 -26.22 -77.00 2.28
C TYR F 493 -27.09 -77.07 1.03
N ALA F 494 -28.41 -76.99 1.23
CA ALA F 494 -29.37 -76.84 0.14
C ALA F 494 -30.36 -75.69 0.45
N GLU F 495 -30.34 -74.69 -0.44
CA GLU F 495 -31.15 -73.49 -0.33
C GLU F 495 -32.61 -73.84 -0.52
N ASP F 496 -32.86 -74.60 -1.58
CA ASP F 496 -34.18 -75.00 -2.04
C ASP F 496 -34.11 -76.43 -2.57
N ALA F 497 -35.26 -76.91 -3.03
CA ALA F 497 -35.37 -78.29 -3.48
C ALA F 497 -34.48 -78.56 -4.72
N PHE F 498 -34.30 -77.52 -5.54
CA PHE F 498 -33.58 -77.68 -6.80
C PHE F 498 -32.11 -77.93 -6.51
N GLU F 499 -31.57 -77.22 -5.50
CA GLU F 499 -30.20 -77.45 -5.06
C GLU F 499 -30.05 -78.89 -4.58
N GLY F 500 -31.05 -79.38 -3.85
CA GLY F 500 -31.08 -80.78 -3.46
C GLY F 500 -30.94 -81.70 -4.67
N LEU F 501 -31.72 -81.42 -5.72
CA LEU F 501 -31.64 -82.20 -6.95
C LEU F 501 -30.24 -82.12 -7.52
N ARG F 502 -29.67 -80.90 -7.57
CA ARG F 502 -28.37 -80.68 -8.19
C ARG F 502 -27.32 -81.50 -7.43
N LEU F 503 -27.39 -81.51 -6.10
CA LEU F 503 -26.46 -82.24 -5.25
C LEU F 503 -26.59 -83.74 -5.51
N MET F 504 -27.82 -84.25 -5.58
CA MET F 504 -28.05 -85.67 -5.82
C MET F 504 -27.50 -86.06 -7.19
N GLU F 505 -27.64 -85.15 -8.18
CA GLU F 505 -27.16 -85.39 -9.53
C GLU F 505 -25.64 -85.53 -9.52
N GLU F 506 -24.97 -84.59 -8.84
CA GLU F 506 -23.51 -84.57 -8.76
C GLU F 506 -23.05 -85.84 -8.05
N LEU F 507 -23.76 -86.23 -6.98
CA LEU F 507 -23.33 -87.30 -6.10
C LEU F 507 -23.50 -88.66 -6.76
N THR F 508 -24.54 -88.85 -7.59
CA THR F 508 -24.74 -90.11 -8.28
C THR F 508 -24.05 -90.11 -9.66
N GLY F 509 -23.51 -88.97 -10.08
CA GLY F 509 -22.69 -88.93 -11.28
C GLY F 509 -23.47 -88.72 -12.58
N HIS F 510 -24.44 -87.78 -12.54
CA HIS F 510 -25.23 -87.39 -13.69
C HIS F 510 -24.90 -85.90 -13.98
CO COB G . 12.79 44.44 37.98
N21 COB G . 12.94 45.82 39.29
N22 COB G . 11.12 45.09 37.35
N23 COB G . 12.74 42.75 37.26
N24 COB G . 14.36 44.00 38.88
C1 COB G . 13.83 45.77 40.39
C20 COB G . 13.15 45.07 41.56
C2 COB G . 14.16 47.30 40.67
C25 COB G . 14.64 47.63 42.10
C26 COB G . 15.30 47.80 39.80
C27 COB G . 15.33 49.13 39.17
O28 COB G . 14.82 50.15 39.49
N29 COB G . 16.10 49.12 38.13
C3 COB G . 12.82 47.98 40.27
C30 COB G . 11.79 48.27 41.41
C31 COB G . 11.87 49.64 42.13
C32 COB G . 10.85 49.75 43.31
O34 COB G . 11.18 49.90 44.48
N33 COB G . 9.53 49.71 43.11
C4 COB G . 12.31 46.97 39.25
C5 COB G . 11.19 47.30 38.29
C35 COB G . 10.70 48.74 38.23
C6 COB G . 10.62 46.37 37.45
C7 COB G . 9.42 46.54 36.49
C36 COB G . 8.27 47.46 36.95
C37 COB G . 10.03 47.00 35.13
C38 COB G . 9.02 47.14 34.01
O39 COB G . 8.34 46.28 33.42
N40 COB G . 8.88 48.41 33.74
C8 COB G . 8.97 45.09 36.40
C41 COB G . 7.96 44.67 37.44
C42 COB G . 6.62 44.23 36.92
C43 COB G . 5.73 43.76 38.07
O44 COB G . 4.68 43.26 37.60
N45 COB G . 6.06 43.82 39.43
C9 COB G . 10.28 44.40 36.70
C10 COB G . 10.57 43.07 36.19
C11 COB G . 11.71 42.39 36.42
C12 COB G . 11.91 41.05 35.69
C46 COB G . 10.69 40.17 35.48
C47 COB G . 12.24 41.41 34.29
C13 COB G . 13.10 40.55 36.54
C48 COB G . 12.76 39.45 37.52
C49 COB G . 12.84 38.11 36.84
C50 COB G . 12.30 37.06 37.76
O51 COB G . 12.35 37.16 39.01
N52 COB G . 11.91 35.99 37.07
C14 COB G . 13.57 41.78 37.30
C15 COB G . 14.89 41.86 37.97
C53 COB G . 15.87 40.72 37.62
C16 COB G . 15.15 42.90 38.81
C17 COB G . 16.35 43.00 39.82
C54 COB G . 17.62 43.22 39.09
C55 COB G . 16.59 41.86 40.85
C56 COB G . 16.16 40.46 40.48
C57 COB G . 16.20 39.53 41.65
O58 COB G . 15.24 38.68 41.59
N59 COB G . 17.28 39.69 42.53
C18 COB G . 15.92 44.16 40.66
C60 COB G . 16.95 45.14 41.18
C61 COB G . 17.65 44.67 42.39
O63 COB G . 17.07 43.98 43.23
N62 COB G . 18.91 45.12 42.44
C19 COB G . 14.76 44.71 39.86
C1P COB G . 17.75 38.67 43.43
C2P COB G . 16.93 38.28 44.67
C3P COB G . 17.65 37.25 45.50
O3 COB G . 16.75 39.35 45.56
O4 COB G . 15.42 40.77 47.23
O5 COB G . 14.15 39.12 45.38
P COB G . 15.36 39.50 46.39
O2 COB G . 15.37 38.40 47.49
C3R COB G . 15.94 38.40 48.80
C2R COB G . 15.04 39.06 49.85
O7R COB G . 14.10 40.12 49.36
C1R COB G . 14.38 37.82 50.52
O6R COB G . 15.30 36.69 50.38
C4R COB G . 16.05 36.88 49.23
C5R COB G . 17.46 36.26 49.29
O8R COB G . 17.70 35.52 50.45
N1B COB G . 12.91 37.54 50.14
C8B COB G . 12.11 36.68 50.82
C2B COB G . 12.15 38.06 49.14
N3B COB G . 10.87 37.56 49.17
C9B COB G . 10.76 36.73 50.21
C4B COB G . 9.78 35.93 50.75
C5B COB G . 10.05 35.06 51.85
C5M COB G . 8.98 34.14 52.48
C6B COB G . 11.37 35.03 52.44
C6M COB G . 11.72 34.19 53.65
C7B COB G . 12.35 35.84 51.89
C1A COB G . 13.86 45.14 36.51
C1 GOL H . -5.71 46.09 14.96
O1 GOL H . -4.55 45.62 15.62
C2 GOL H . -6.27 44.88 14.20
O2 GOL H . -7.49 44.34 14.80
C3 GOL H . -6.41 45.30 12.73
O3 GOL H . -7.21 44.42 11.91
CO COB I . -27.04 -11.33 -38.96
N21 COB I . -28.12 -10.32 -40.09
N22 COB I . -27.07 -10.17 -37.52
N23 COB I . -25.83 -12.56 -38.37
N24 COB I . -27.17 -12.32 -40.56
C1 COB I . -28.25 -10.48 -41.50
C20 COB I . -27.08 -9.71 -42.15
C2 COB I . -29.65 -9.92 -41.85
C25 COB I . -29.86 -9.42 -43.32
C26 COB I . -30.74 -10.90 -41.53
C27 COB I . -32.16 -10.35 -41.73
O28 COB I . -32.71 -9.58 -40.93
N29 COB I . -32.79 -10.77 -42.82
C3 COB I . -29.81 -8.81 -40.77
C30 COB I . -29.42 -7.34 -41.16
C31 COB I . -30.45 -6.40 -41.90
C32 COB I . -29.98 -4.95 -41.59
O34 COB I . -29.31 -4.15 -42.29
N33 COB I . -30.34 -4.62 -40.35
C4 COB I . -28.90 -9.35 -39.67
C5 COB I . -28.92 -8.83 -38.25
C35 COB I . -30.02 -7.87 -37.87
C6 COB I . -28.01 -9.20 -37.30
C7 COB I . -27.90 -8.70 -35.85
C36 COB I . -28.17 -7.22 -35.61
C37 COB I . -28.89 -9.61 -35.04
C38 COB I . -29.08 -9.29 -33.58
O39 COB I . -30.20 -8.96 -33.25
N40 COB I . -28.06 -9.36 -32.71
C8 COB I . -26.47 -9.11 -35.56
C41 COB I . -25.43 -8.08 -35.87
C42 COB I . -24.52 -7.52 -34.79
C43 COB I . -23.78 -6.25 -35.42
O44 COB I . -23.82 -5.26 -34.73
N45 COB I . -23.16 -6.09 -36.68
C9 COB I . -26.32 -10.23 -36.54
C10 COB I . -25.40 -11.34 -36.30
C11 COB I . -25.31 -12.43 -37.11
C12 COB I . -24.59 -13.68 -36.60
C46 COB I . -23.32 -13.50 -35.73
C47 COB I . -25.63 -14.44 -35.80
C13 COB I . -24.35 -14.33 -37.92
C48 COB I . -22.96 -14.07 -38.50
C49 COB I . -22.08 -15.26 -38.78
C50 COB I . -20.93 -14.58 -39.54
O51 COB I . -20.92 -14.05 -40.70
N52 COB I . -19.88 -14.65 -38.80
C14 COB I . -25.37 -13.64 -38.85
C15 COB I . -25.80 -14.21 -40.14
C53 COB I . -25.27 -15.60 -40.47
C16 COB I . -26.64 -13.53 -40.93
C17 COB I . -27.12 -13.96 -42.35
C54 COB I . -28.24 -14.96 -42.11
C55 COB I . -26.10 -14.53 -43.38
C56 COB I . -24.78 -13.80 -43.37
C57 COB I . -23.68 -14.40 -44.18
O58 COB I . -22.54 -14.44 -43.61
N59 COB I . -24.03 -14.64 -45.47
C18 COB I . -27.55 -12.59 -42.88
C60 COB I . -28.67 -12.64 -43.92
C61 COB I . -28.23 -12.35 -45.30
O63 COB I . -27.34 -11.52 -45.47
N62 COB I . -28.96 -13.03 -46.19
C19 COB I . -27.75 -11.86 -41.59
C1P COB I . -23.11 -15.27 -46.38
C2P COB I . -22.06 -14.34 -47.07
C3P COB I . -21.23 -15.07 -48.12
O3 COB I . -22.72 -13.23 -47.69
O4 COB I . -22.81 -10.72 -48.22
O5 COB I . -21.41 -11.63 -46.20
P COB I . -21.92 -11.82 -47.67
O2 COB I . -20.71 -11.99 -48.70
C3R COB I . -20.68 -11.84 -50.11
C2R COB I . -20.59 -10.41 -50.59
O7R COB I . -21.19 -9.45 -49.72
C1R COB I . -19.08 -10.24 -50.86
O6R COB I . -18.54 -11.53 -51.21
C4R COB I . -19.41 -12.51 -50.70
C5R COB I . -19.74 -13.54 -51.78
O8R COB I . -18.53 -13.89 -52.45
N1B COB I . -18.27 -9.47 -49.79
C8B COB I . -17.08 -8.90 -50.04
C2B COB I . -18.61 -9.15 -48.52
N3B COB I . -17.64 -8.40 -47.92
C9B COB I . -16.66 -8.21 -48.82
C4B COB I . -15.45 -7.55 -48.79
C5B COB I . -14.66 -7.51 -49.93
C5M COB I . -13.31 -6.81 -49.94
C6B COB I . -15.11 -8.19 -51.15
C6M COB I . -14.29 -8.23 -52.42
C7B COB I . -16.28 -8.87 -51.16
C1A COB I . -28.59 -12.34 -38.30
C1 GOL J . -20.35 -11.55 -13.88
O1 GOL J . -21.24 -11.73 -12.79
C2 GOL J . -20.75 -10.43 -14.85
O2 GOL J . -19.67 -9.99 -15.66
C3 GOL J . -21.89 -10.80 -15.80
O3 GOL J . -21.46 -11.14 -17.14
CO COB K . 14.16 26.48 -1.92
N21 COB K . 13.44 27.65 -0.71
N22 COB K . 12.89 26.74 -3.15
N23 COB K . 15.45 25.69 -2.90
N24 COB K . 15.45 26.57 -0.59
C1 COB K . 13.85 27.72 0.62
C20 COB K . 13.21 26.47 1.22
C2 COB K . 13.30 29.06 1.14
C25 COB K . 13.05 29.20 2.63
C26 COB K . 14.13 30.21 0.72
C27 COB K . 13.55 31.58 1.15
O28 COB K . 13.87 32.04 2.28
N29 COB K . 12.74 32.26 0.32
C3 COB K . 11.98 29.13 0.42
C30 COB K . 10.66 28.58 1.04
C31 COB K . 9.87 29.50 1.90
C32 COB K . 8.45 29.07 2.36
O34 COB K . 7.97 28.17 3.18
N33 COB K . 7.70 29.96 1.73
C4 COB K . 12.40 28.36 -0.85
C5 COB K . 11.65 28.43 -2.13
C35 COB K . 10.65 29.55 -2.26
C6 COB K . 11.88 27.62 -3.13
C7 COB K . 11.19 27.64 -4.53
C36 COB K . 9.70 27.70 -4.65
C37 COB K . 11.84 28.82 -5.25
C38 COB K . 11.13 29.30 -6.42
O39 COB K . 10.48 30.32 -6.17
N40 COB K . 11.38 28.67 -7.56
C8 COB K . 11.68 26.38 -5.18
C41 COB K . 10.65 25.25 -5.51
C42 COB K . 10.13 24.47 -4.31
C43 COB K . 9.23 23.28 -4.60
O44 COB K . 9.17 22.39 -3.60
N45 COB K . 8.67 23.39 -5.90
C9 COB K . 12.92 26.15 -4.25
C10 COB K . 14.08 25.48 -4.74
C11 COB K . 15.20 25.34 -4.15
C12 COB K . 16.30 24.62 -4.86
C46 COB K . 16.01 23.49 -5.84
C47 COB K . 16.97 25.66 -5.65
C13 COB K . 17.11 24.22 -3.67
C48 COB K . 16.95 22.77 -3.26
C49 COB K . 17.93 21.77 -3.89
C50 COB K . 17.74 20.43 -3.13
O51 COB K . 17.74 19.44 -3.78
N52 COB K . 17.65 20.31 -1.76
C14 COB K . 16.56 25.16 -2.59
C15 COB K . 17.28 25.41 -1.42
C53 COB K . 18.70 24.91 -1.38
C16 COB K . 16.71 26.09 -0.48
C17 COB K . 17.35 26.45 0.86
C54 COB K . 18.23 27.68 0.67
C55 COB K . 18.13 25.33 1.62
C56 COB K . 17.50 23.97 1.59
C57 COB K . 18.15 22.80 2.30
O58 COB K . 18.39 21.78 1.65
N59 COB K . 18.16 23.02 3.64
C18 COB K . 16.08 26.79 1.62
C60 COB K . 16.11 27.70 2.80
C61 COB K . 16.73 26.98 3.99
O63 COB K . 17.79 27.43 4.63
N62 COB K . 16.03 25.85 4.26
C19 COB K . 15.18 27.15 0.49
C1P COB K . 18.88 22.18 4.59
C2P COB K . 18.03 21.13 5.30
C3P COB K . 18.99 20.13 6.05
O3 COB K . 16.96 21.71 6.11
O4 COB K . 14.58 21.40 6.93
O5 COB K . 15.54 20.44 4.53
P COB K . 15.66 20.75 6.13
O2 COB K . 15.81 19.34 6.96
C3R COB K . 15.98 19.19 8.31
C2R COB K . 14.65 18.94 8.95
O7R COB K . 13.59 19.48 8.17
C1R COB K . 14.60 17.45 9.10
O6R COB K . 15.93 16.96 9.04
C4R COB K . 16.89 17.96 8.70
C5R COB K . 17.97 18.24 9.85
O8R COB K . 19.28 17.55 9.91
N1B COB K . 13.74 16.78 8.07
C8B COB K . 13.28 15.53 8.24
C2B COB K . 13.27 17.21 6.87
N3B COB K . 12.52 16.25 6.22
C9B COB K . 12.49 15.20 7.02
C4B COB K . 11.91 13.97 6.98
C5B COB K . 12.09 13.00 8.01
C5M COB K . 11.43 11.63 7.83
C6B COB K . 12.90 13.31 9.17
C6M COB K . 13.06 12.30 10.27
C7B COB K . 13.45 14.59 9.24
C1A COB K . 15.02 28.23 -2.58
C1 GOL L . 1.79 -2.90 4.80
O1 GOL L . 0.45 -2.48 4.45
C2 GOL L . 1.64 -4.39 5.30
O2 GOL L . 0.71 -4.57 6.47
C3 GOL L . 1.39 -5.41 4.13
O3 GOL L . -0.03 -5.53 3.83
C1 GOL M . 29.06 45.72 -17.14
O1 GOL M . 27.73 45.81 -17.64
C2 GOL M . 29.05 44.89 -15.87
O2 GOL M . 30.34 44.97 -15.28
C3 GOL M . 28.01 45.34 -14.87
O3 GOL M . 27.94 44.54 -13.68
CO COB N . 37.84 27.90 -38.03
N21 COB N . 36.23 27.89 -37.16
N22 COB N . 37.18 27.81 -39.71
N23 COB N . 39.62 28.20 -38.36
N24 COB N . 38.28 28.21 -36.21
C1 COB N . 36.05 27.68 -35.77
C20 COB N . 36.16 26.17 -35.51
C2 COB N . 34.67 28.30 -35.44
C25 COB N . 33.99 27.72 -34.19
C26 COB N . 34.74 29.78 -35.28
C27 COB N . 33.40 30.48 -35.27
O28 COB N . 32.77 30.69 -36.28
N29 COB N . 32.96 30.89 -34.12
C3 COB N . 33.93 27.97 -36.75
C30 COB N . 33.05 26.69 -36.90
C31 COB N . 31.60 26.80 -36.40
C32 COB N . 30.76 25.60 -36.61
O34 COB N . 29.89 25.75 -37.37
N33 COB N . 30.98 24.44 -36.00
C4 COB N . 35.07 27.95 -37.74
C5 COB N . 34.88 28.16 -39.19
C35 COB N . 33.57 28.69 -39.65
C6 COB N . 35.88 28.03 -40.09
C7 COB N . 35.80 28.13 -41.65
C36 COB N . 34.58 27.56 -42.30
C37 COB N . 35.93 29.56 -42.09
C38 COB N . 35.96 29.65 -43.64
O39 COB N . 36.83 29.39 -44.57
N40 COB N . 34.86 30.18 -44.04
C8 COB N . 37.02 27.28 -41.94
C41 COB N . 36.81 25.81 -42.04
C42 COB N . 37.56 25.20 -43.21
C43 COB N . 37.35 23.68 -43.24
O44 COB N . 37.31 23.48 -44.45
N45 COB N . 37.27 22.74 -42.13
C9 COB N . 37.87 27.54 -40.70
C10 COB N . 39.32 27.70 -40.74
C11 COB N . 40.04 28.11 -39.70
C12 COB N . 41.49 28.55 -39.86
C46 COB N . 42.40 27.90 -40.89
C47 COB N . 41.26 29.97 -40.31
C13 COB N . 41.96 28.35 -38.43
C48 COB N . 42.56 27.01 -38.20
C49 COB N . 44.03 26.85 -38.36
C50 COB N . 44.49 25.57 -37.66
O51 COB N . 45.46 25.14 -38.21
N52 COB N . 43.99 25.00 -36.51
C14 COB N . 40.67 28.38 -37.63
C15 COB N . 40.62 28.58 -36.24
C53 COB N . 41.91 28.98 -35.57
C16 COB N . 39.45 28.50 -35.58
C17 COB N . 39.27 28.71 -34.06
C54 COB N . 39.26 30.19 -33.78
C55 COB N . 40.25 28.05 -33.05
C56 COB N . 40.66 26.64 -33.39
C57 COB N . 41.71 26.04 -32.50
O58 COB N . 42.83 25.83 -32.90
N59 COB N . 41.27 25.72 -31.32
C18 COB N . 37.91 28.08 -33.92
C60 COB N . 37.05 28.52 -32.73
C61 COB N . 37.21 27.52 -31.63
O63 COB N . 36.90 26.34 -31.84
N62 COB N . 37.62 28.04 -30.44
C19 COB N . 37.39 28.11 -35.32
C1P COB N . 42.18 25.22 -30.31
C2P COB N . 41.85 23.76 -29.94
C3P COB N . 42.61 23.33 -28.63
O3 COB N . 40.45 23.43 -29.79
O4 COB N . 38.50 21.68 -29.89
O5 COB N . 40.58 21.93 -31.77
P COB N . 39.99 21.98 -30.21
O2 COB N . 40.78 20.85 -29.38
C3R COB N . 40.43 20.33 -28.15
C2R COB N . 39.36 19.23 -28.22
O7R COB N . 38.43 19.37 -29.40
C1R COB N . 40.17 17.96 -28.06
O6R COB N . 41.27 18.32 -27.27
C4R COB N . 41.66 19.68 -27.53
C5R COB N . 42.21 20.33 -26.25
O8R COB N . 42.78 19.40 -25.31
N1B COB N . 40.46 17.21 -29.37
C8B COB N . 40.88 15.90 -29.38
C2B COB N . 40.21 17.59 -30.65
N3B COB N . 40.50 16.56 -31.50
C9B COB N . 40.92 15.49 -30.78
C4B COB N . 41.31 14.23 -31.07
C5B COB N . 41.66 13.29 -30.09
C5M COB N . 42.15 11.92 -30.50
C6B COB N . 41.64 13.69 -28.73
C6M COB N . 42.08 12.71 -27.68
C7B COB N . 41.25 14.98 -28.41
C1A COB N . 37.63 29.95 -38.16
CO COB O . 18.45 -41.26 49.03
N21 COB O . 17.87 -39.94 50.17
N22 COB O . 17.72 -40.48 47.52
N23 COB O . 19.17 -42.77 48.35
N24 COB O . 19.12 -41.81 50.66
C1 COB O . 17.80 -40.08 51.57
C20 COB O . 16.48 -40.82 51.87
C2 COB O . 17.87 -38.64 52.13
C25 COB O . 17.20 -38.46 53.53
C26 COB O . 19.29 -38.12 52.12
C27 COB O . 19.41 -36.67 52.62
O28 COB O . 19.64 -36.45 53.81
N29 COB O . 19.28 -35.63 51.80
C3 COB O . 17.16 -37.87 51.02
C30 COB O . 15.62 -37.56 51.15
C31 COB O . 15.19 -36.39 51.96
C32 COB O . 13.74 -36.11 51.93
O34 COB O . 13.45 -35.05 51.63
N33 COB O . 12.68 -36.79 52.24
C4 COB O . 17.47 -38.77 49.82
C5 COB O . 17.32 -38.34 48.40
C35 COB O . 17.07 -36.89 48.12
C6 COB O . 17.40 -39.17 47.34
C7 COB O . 17.30 -38.86 45.83
C36 COB O . 16.38 -37.84 45.42
C37 COB O . 18.64 -38.39 45.31
C38 COB O . 18.70 -38.20 43.77
O39 COB O . 18.90 -39.10 42.94
N40 COB O . 18.58 -36.98 43.32
C8 COB O . 16.97 -40.23 45.30
C41 COB O . 15.55 -40.54 44.71
C42 COB O . 14.64 -41.33 45.59
C43 COB O . 13.47 -41.99 44.94
O44 COB O . 12.74 -42.62 45.71
N45 COB O . 13.36 -41.90 43.62
C9 COB O . 17.59 -41.07 46.41
C10 COB O . 18.27 -42.34 46.08
C11 COB O . 19.04 -43.01 46.97
C12 COB O . 19.96 -44.09 46.43
C46 COB O . 19.46 -44.94 45.30
C47 COB O . 21.21 -43.41 45.93
C13 COB O . 20.22 -44.78 47.77
C48 COB O . 19.32 -45.96 48.06
C49 COB O . 19.85 -47.27 47.55
C50 COB O . 19.01 -48.37 48.21
O51 COB O . 19.01 -49.37 47.51
N52 COB O . 18.39 -48.33 49.45
C14 COB O . 19.87 -43.71 48.82
C15 COB O . 20.33 -43.77 50.17
C53 COB O . 21.28 -44.87 50.56
C16 COB O . 19.90 -42.85 51.04
C17 COB O . 20.19 -42.84 52.58
C54 COB O . 21.60 -42.29 52.82
C55 COB O . 20.06 -44.14 53.40
C56 COB O . 18.85 -44.98 53.06
C57 COB O . 18.75 -46.32 53.69
O58 COB O . 18.66 -47.26 52.95
N59 COB O . 18.66 -46.27 55.01
C18 COB O . 19.10 -41.89 53.01
C60 COB O . 19.36 -41.08 54.26
C61 COB O . 18.94 -41.83 55.49
O63 COB O . 18.09 -42.69 55.45
N62 COB O . 19.65 -41.51 56.56
C19 COB O . 18.78 -41.19 51.73
C1P COB O . 18.63 -47.44 55.87
C2P COB O . 17.19 -47.84 56.28
C3P COB O . 17.29 -48.93 57.37
O3 COB O . 16.42 -46.77 56.87
O4 COB O . 14.16 -45.60 57.31
O5 COB O . 14.81 -47.07 55.03
P COB O . 14.85 -46.79 56.60
O2 COB O . 14.19 -48.07 57.28
C3R COB O . 13.73 -48.16 58.63
C2R COB O . 12.28 -47.69 58.77
O7R COB O . 11.87 -46.64 57.85
C1R COB O . 11.45 -48.99 58.74
O6R COB O . 12.31 -50.04 59.22
C4R COB O . 13.68 -49.65 59.07
C5R COB O . 14.42 -49.87 60.41
O8R COB O . 14.16 -51.17 60.93
N1B COB O . 10.71 -49.28 57.47
C8B COB O . 9.66 -50.15 57.40
C2B COB O . 10.82 -48.73 56.27
N3B COB O . 9.90 -49.25 55.38
C9B COB O . 9.14 -50.13 56.04
C4B COB O . 8.07 -50.90 55.70
C5B COB O . 7.46 -51.74 56.60
C5M COB O . 6.30 -52.59 56.12
C6B COB O . 7.98 -51.78 57.98
C6M COB O . 7.34 -52.75 58.97
C7B COB O . 9.05 -50.97 58.33
C1A COB O . 20.18 -40.29 48.72
C1 GOL P . 43.21 -51.18 26.76
O1 GOL P . 43.71 -51.38 28.09
C2 GOL P . 42.88 -49.73 26.66
O2 GOL P . 42.68 -49.50 28.03
C3 GOL P . 43.97 -48.79 26.23
O3 GOL P . 43.56 -47.43 26.24
CO COB Q . -44.86 -72.42 11.80
N21 COB Q . -43.59 -71.08 11.85
N22 COB Q . -44.73 -72.91 13.55
N23 COB Q . -45.93 -73.70 11.11
N24 COB Q . -44.82 -71.73 10.06
C1 COB Q . -42.95 -70.49 10.74
C20 COB Q . -41.77 -71.42 10.41
C2 COB Q . -42.54 -69.07 11.20
C25 COB Q . -41.33 -68.46 10.44
C26 COB Q . -43.72 -68.13 11.17
C27 COB Q . -43.47 -66.75 11.70
O28 COB Q . -43.15 -65.92 10.82
N29 COB Q . -43.66 -66.52 13.04
C3 COB Q . -42.25 -69.29 12.69
C30 COB Q . -40.76 -69.53 13.15
C31 COB Q . -39.81 -68.30 13.35
C32 COB Q . -38.31 -68.72 13.51
O34 COB Q . -37.53 -68.90 12.59
N33 COB Q . -37.74 -68.92 14.66
C4 COB Q . -43.17 -70.52 12.95
C5 COB Q . -43.56 -71.01 14.31
C35 COB Q . -43.29 -70.05 15.43
C6 COB Q . -44.22 -72.15 14.55
C7 COB Q . -44.68 -72.70 15.90
C36 COB Q . -43.69 -72.62 17.01
C37 COB Q . -45.97 -72.03 16.25
C38 COB Q . -46.35 -72.14 17.69
O39 COB Q . -46.87 -73.11 18.28
N40 COB Q . -46.10 -70.97 18.21
C8 COB Q . -45.07 -74.12 15.56
C41 COB Q . -44.21 -75.34 16.10
C42 COB Q . -43.00 -75.69 15.28
C43 COB Q . -42.08 -76.75 15.79
O44 COB Q . -41.35 -77.25 14.91
N45 COB Q . -42.10 -77.00 17.10
C9 COB Q . -45.21 -73.93 14.04
C10 COB Q . -46.05 -74.84 13.28
C11 COB Q . -46.47 -74.62 12.02
C12 COB Q . -47.76 -75.24 11.55
C46 COB Q . -48.00 -76.67 12.00
C47 COB Q . -48.85 -74.31 12.11
C13 COB Q . -47.58 -75.00 10.07
C48 COB Q . -47.48 -76.19 9.16
C49 COB Q . -46.54 -77.37 9.31
C50 COB Q . -46.52 -78.08 7.97
O51 COB Q . -47.25 -79.08 7.80
N52 COB Q . -45.63 -77.47 7.11
C14 COB Q . -46.50 -73.90 10.02
C15 COB Q . -46.37 -73.03 8.90
C53 COB Q . -47.32 -73.23 7.73
C16 COB Q . -45.49 -72.04 8.95
C17 COB Q . -45.10 -71.16 7.77
C54 COB Q . -46.19 -70.08 7.71
C55 COB Q . -44.90 -71.77 6.34
C56 COB Q . -44.17 -73.08 6.33
C57 COB Q . -44.04 -73.60 4.96
O58 COB Q . -44.67 -74.62 4.64
N59 COB Q . -43.14 -72.89 4.26
C18 COB Q . -43.75 -70.66 8.27
C60 COB Q . -43.16 -69.32 7.74
C61 COB Q . -42.49 -69.50 6.41
O63 COB Q . -41.81 -70.51 6.25
N62 COB Q . -42.74 -68.58 5.41
C19 COB Q . -43.94 -70.86 9.72
C1P COB Q . -42.91 -73.24 2.85
C2P COB Q . -41.65 -74.07 2.60
C3P COB Q . -41.49 -74.41 1.10
O3 COB Q . -40.53 -73.35 3.15
O4 COB Q . -38.13 -73.35 4.10
O5 COB Q . -39.96 -75.20 4.62
P COB Q . -39.28 -74.25 3.63
O2 COB Q . -38.72 -75.15 2.34
C3R COB Q . -37.76 -74.71 1.39
C2R COB Q . -36.32 -74.73 1.91
O7R COB Q . -36.18 -74.59 3.38
C1R COB Q . -35.80 -76.03 1.30
O6R COB Q . -36.51 -76.22 0.09
C4R COB Q . -37.81 -75.65 0.21
C5R COB Q . -38.26 -75.01 -1.15
O8R COB Q . -37.67 -75.66 -2.32
N1B COB Q . -35.72 -77.25 2.27
C8B COB Q . -34.99 -78.36 2.01
C2B COB Q . -36.21 -77.34 3.53
N3B COB Q . -35.83 -78.55 4.05
C9B COB Q . -35.07 -79.20 3.15
C4B COB Q . -34.41 -80.40 3.17
C5B COB Q . -33.64 -80.83 2.11
C5M COB Q . -32.94 -82.21 2.13
C6B COB Q . -33.51 -79.99 0.97
C6M COB Q . -32.69 -80.51 -0.18
C7B COB Q . -34.20 -78.76 0.98
C1A COB Q . -46.30 -71.13 12.19
C1 GOL R . -71.84 -21.98 -14.30
O1 GOL R . -71.21 -20.71 -14.14
C2 GOL R . -73.29 -21.85 -13.97
O2 GOL R . -73.98 -22.79 -14.80
C3 GOL R . -73.47 -21.98 -12.47
O3 GOL R . -74.81 -21.74 -12.11
#